data_5OLA
#
_entry.id   5OLA
#
_cell.length_a   224.530
_cell.length_b   155.550
_cell.length_c   164.190
_cell.angle_alpha   90.00
_cell.angle_beta   113.58
_cell.angle_gamma   90.00
#
_symmetry.space_group_name_H-M   'C 1 2 1'
#
loop_
_entity.id
_entity.type
_entity.pdbx_description
1 polymer 'Transcription elongation factor, mitochondrial'
2 polymer 'DNA-directed RNA polymerase, mitochondrial'
3 polymer "DNA (5'-D(P*AP*TP*GP*GP*TP*GP*TP*AP*AP*CP*GP*CP*CP*AP*GP*AP*CP*GP*AP*AP*C)-3')"
4 polymer "RNA (5'-R(P*GP*CP*GP*GP*CP*GP*CP*GP*C)-3')"
5 polymer 'DNA (30-MER)'
#
loop_
_entity_poly.entity_id
_entity_poly.type
_entity_poly.pdbx_seq_one_letter_code
_entity_poly.pdbx_strand_id
1 'polypeptide(L)'
;MPKTGREKRKSPENRFLRKLLKPDIERERLKAVNSIISIVFGTRRIAWAHLDRKLTVLDWQQSDRWSLMRGIYSSSVYLE
EISSIISKMPKADFYVLEKTGLSIQNSSLFPILLHFHIMEAMLYALLNKTFAQDGQHQVLSMNRNAVGKHFELMIGDSRT
SGKELVKQFLFDSILKADPRVFFPSDKIVHYRQMFLSTELQRVEELYDSLLQAIAFYELAVFDSQPLEHHHHHH
;
A,B,C,D
2 'polypeptide(L)'
;MGHHHHHHGEFKALTRRLQVEPRLLSKQMAGCLEDCTRQAPESPWEEQLARLLQEAPGKLSLDVEQAPSGQHSQAQLSGQ
QQRLLAFFKCCLLTDQLPLAHHLLVVHHGQRQKRKLLTLDMYNAVMLGWARQGAFKELVYVLFMVKDAGLTPDLLSYAAA
LQCMGRQDQDAGTIERCLEQMSQEGLKLQALFTAVLLSEEDRATVLKAVHKVKPTFSLPPQLPPPVNTSKLLRDVYAKDG
RVSYPKLHLPLKTLQCLFEKQLHMELASRVCVVSVEKPTLPSKEVKHARKTLKTLRDQWEKALCRALRETKNRLEREVYE
GRFSLYPFLCLLDEREVVRMLLQVLQALPAQGESFTTLARELSARTFSRHVVQRQRVSGQVQALQNHYRKYLCLLASDAE
VPEPCLPRQYWEALGAPEALREQPWPLPVQMELGKLLAEMLVQATQMPCSLDKPHRSSRLVPVLYHVYSFRNVQQIGILK
PHPAYVQLLEKAAEPTLTFEAVDVPMLCPPLPWTSPHSGAFLLSPTKLMRTVEGATQHQELLETCPPTALHGALDALTQL
GNCAWRVNGRVLDLVLQLFQAKGCPQLGVPAPPSEAPQPPEAHLPHSAAPARKAELRRELAHCQKVAREMHSLRAEALYR
LSLAQHLRDRVFWLPHNMDFRGRTYPCPPHFNHLGSDVARALLEFAQGRPLGPHGLDWLKIHLVNLTGLKKREPLRKRLA
FAEEVMDDILDSADQPLTGRKWWMGAEEPWQTLACCMEVANAVRASDPAAYVSHLPVHQDGSCNGLQHYAALGRDSVGAA
SVNLEPSDVPQDVYSGVAAQVEVFRRQDAQRGMRVAQVLEGFITRKVVKQTVMTVVYGVTRYGGRLQIEKRLRELSDFPQ
EFVWEASHYLVRQVFKSLQEMFSGTRAIQHWLTESARLISHMGSVVEWVTPLGVPVIQPYRLDSKVKQIGGGIQSITYTH
NGDISRKPNTRKQKNGFPPNFIHSLDSSHMMLTALHCYRKGLTFVSVHDCYWTHAADVSVMNQVCREQFVRLHSEPILQD
LSRFLVKRFCSEPQKILEASQLKETLQAVPKPGAFDLEQVKRSTYFFS
;
E,F
3 'polydeoxyribonucleotide'
;(DG)(DA)(DA)(DC)(DA)(DT)(DG)(DG)(DT)(DG)(DT)(DA)(DA)(DT)(DT)(DA)(DT)(DT)(DT)(DC)
(DG)(DA)(DC)(DG)(DC)(DC)(DA)(DG)(DA)(DC)(DG)(DA)(DA)(DC)
;
N,G
4 'polyribonucleotide' AGUCUGCGGCGCGC R,H
5 'polydeoxyribonucleotide'
;(DG)(DT)(DT)(DC)(DG)(DT)(DC)(DT)(DG)(DG)(DC)(DG)(DT)(DG)(DC)(DG)(DC)(DG)(DC)(DC)
(DG)(DC)(DT)(DA)(DC)(DA)(DC)(DC)(DA)(DT)(DG)(DT)(DT)(DC)
;
T,I
#
# COMPACT_ATOMS: atom_id res chain seq x y z
N PRO A 12 33.53 -2.99 34.94
CA PRO A 12 34.91 -3.18 35.40
C PRO A 12 35.94 -2.88 34.32
N GLU A 13 36.89 -3.81 34.13
CA GLU A 13 37.92 -3.59 33.11
C GLU A 13 37.33 -3.66 31.70
N ASN A 14 36.33 -4.51 31.50
CA ASN A 14 35.69 -4.62 30.18
C ASN A 14 34.97 -3.33 29.81
N ARG A 15 34.36 -2.65 30.78
CA ARG A 15 33.64 -1.42 30.50
C ARG A 15 34.58 -0.29 30.09
N PHE A 16 35.70 -0.14 30.79
CA PHE A 16 36.72 0.81 30.37
C PHE A 16 37.29 0.44 29.00
N LEU A 17 37.54 -0.85 28.78
CA LEU A 17 37.92 -1.34 27.46
C LEU A 17 36.83 -1.10 26.42
N ARG A 18 35.63 -0.72 26.83
CA ARG A 18 34.58 -0.35 25.89
C ARG A 18 34.47 1.16 25.74
N LYS A 19 34.96 1.93 26.71
CA LYS A 19 35.08 3.38 26.54
C LYS A 19 36.27 3.73 25.66
N LEU A 20 37.30 2.90 25.67
CA LEU A 20 38.53 3.22 24.93
C LEU A 20 38.51 2.76 23.48
N LEU A 21 38.19 1.48 23.24
CA LEU A 21 38.24 0.90 21.91
C LEU A 21 36.85 0.84 21.27
N LYS A 22 36.76 1.31 20.03
CA LYS A 22 35.56 1.18 19.23
C LYS A 22 35.99 0.91 17.79
N PRO A 23 35.32 0.00 17.08
CA PRO A 23 34.20 -0.83 17.54
C PRO A 23 34.69 -1.95 18.46
N ASP A 24 33.77 -2.70 19.06
CA ASP A 24 34.15 -3.76 19.98
C ASP A 24 34.84 -4.90 19.24
N ILE A 25 36.02 -5.26 19.69
CA ILE A 25 36.81 -6.35 19.11
C ILE A 25 36.99 -7.43 20.17
N GLU A 26 36.93 -8.69 19.73
CA GLU A 26 37.12 -9.81 20.65
C GLU A 26 38.48 -9.68 21.33
N ARG A 27 38.47 -9.86 22.66
CA ARG A 27 39.71 -9.69 23.42
C ARG A 27 40.76 -10.73 23.06
N GLU A 28 40.35 -11.94 22.68
CA GLU A 28 41.34 -12.96 22.29
C GLU A 28 42.07 -12.55 21.02
N ARG A 29 41.31 -12.18 19.98
CA ARG A 29 41.90 -11.74 18.72
C ARG A 29 42.70 -10.46 18.92
N LEU A 30 42.26 -9.61 19.85
CA LEU A 30 42.98 -8.37 20.11
C LEU A 30 44.32 -8.66 20.78
N LYS A 31 44.36 -9.60 21.72
CA LYS A 31 45.60 -9.96 22.39
C LYS A 31 46.49 -10.84 21.53
N ALA A 32 46.01 -11.32 20.38
CA ALA A 32 46.79 -12.16 19.49
C ALA A 32 47.43 -11.37 18.35
N VAL A 33 47.54 -10.05 18.49
CA VAL A 33 48.11 -9.21 17.44
C VAL A 33 49.62 -9.38 17.38
N ASN A 34 50.17 -9.33 16.16
CA ASN A 34 51.62 -9.33 15.97
C ASN A 34 52.21 -7.95 15.71
N SER A 35 51.46 -7.03 15.08
CA SER A 35 51.93 -5.69 14.80
C SER A 35 50.75 -4.79 14.46
N ILE A 36 50.86 -3.51 14.80
CA ILE A 36 49.82 -2.53 14.54
C ILE A 36 50.43 -1.31 13.86
N ILE A 37 49.55 -0.52 13.24
CA ILE A 37 49.90 0.79 12.69
C ILE A 37 49.01 1.82 13.36
N SER A 38 49.64 2.73 14.11
CA SER A 38 48.92 3.81 14.78
C SER A 38 48.93 5.04 13.90
N ILE A 39 47.76 5.56 13.57
CA ILE A 39 47.60 6.66 12.63
C ILE A 39 46.96 7.84 13.37
N VAL A 40 47.55 9.02 13.20
CA VAL A 40 47.01 10.27 13.70
C VAL A 40 47.08 11.29 12.58
N PHE A 41 45.95 11.94 12.30
CA PHE A 41 45.86 12.89 11.20
C PHE A 41 45.31 14.22 11.70
N GLY A 42 45.77 15.30 11.06
CA GLY A 42 45.27 16.63 11.33
C GLY A 42 44.71 17.30 10.09
N THR A 43 44.80 18.62 10.04
CA THR A 43 44.32 19.35 8.88
C THR A 43 45.38 19.53 7.81
N ARG A 44 46.67 19.39 8.16
CA ARG A 44 47.75 19.57 7.21
C ARG A 44 48.69 18.37 7.09
N ARG A 45 48.65 17.43 8.03
CA ARG A 45 49.58 16.31 8.02
C ARG A 45 48.87 15.06 8.51
N ILE A 46 49.48 13.91 8.23
CA ILE A 46 49.07 12.63 8.78
C ILE A 46 50.33 11.84 9.05
N ALA A 47 50.36 11.14 10.18
CA ALA A 47 51.55 10.40 10.57
C ALA A 47 51.12 9.04 11.09
N TRP A 48 52.00 8.06 10.92
CA TRP A 48 51.74 6.71 11.40
C TRP A 48 53.04 6.10 11.89
N ALA A 49 52.90 5.07 12.74
CA ALA A 49 54.04 4.35 13.28
C ALA A 49 53.69 2.86 13.28
N HIS A 50 54.61 2.04 12.76
CA HIS A 50 54.40 0.59 12.68
C HIS A 50 55.18 -0.07 13.80
N LEU A 51 54.46 -0.63 14.77
CA LEU A 51 55.05 -1.29 15.92
C LEU A 51 54.53 -2.72 16.03
N ASP A 52 55.44 -3.64 16.35
CA ASP A 52 55.10 -5.03 16.51
C ASP A 52 54.85 -5.34 18.00
N ARG A 53 54.55 -6.60 18.30
CA ARG A 53 54.26 -6.96 19.68
C ARG A 53 55.48 -6.88 20.57
N LYS A 54 56.68 -6.82 19.99
CA LYS A 54 57.91 -6.61 20.76
C LYS A 54 58.19 -5.14 21.00
N LEU A 55 57.22 -4.27 20.75
CA LEU A 55 57.36 -2.83 20.95
C LEU A 55 58.52 -2.26 20.13
N THR A 56 58.73 -2.80 18.95
CA THR A 56 59.77 -2.34 18.04
C THR A 56 59.17 -1.47 16.95
N VAL A 57 59.63 -0.22 16.87
CA VAL A 57 59.15 0.73 15.87
C VAL A 57 59.69 0.33 14.50
N LEU A 58 58.94 -0.50 13.77
CA LEU A 58 59.40 -0.93 12.46
C LEU A 58 59.40 0.22 11.47
N ASP A 59 58.51 1.20 11.63
CA ASP A 59 58.47 2.36 10.76
C ASP A 59 57.81 3.52 11.48
N TRP A 60 58.11 4.74 11.00
CA TRP A 60 57.58 5.95 11.62
C TRP A 60 57.82 7.17 10.72
N GLN A 61 56.77 7.65 10.05
CA GLN A 61 56.90 8.73 9.08
C GLN A 61 55.58 9.50 8.98
N GLN A 62 55.60 10.57 8.19
CA GLN A 62 54.43 11.40 7.96
C GLN A 62 54.45 11.93 6.54
N SER A 63 53.26 12.10 5.96
CA SER A 63 53.13 12.64 4.61
C SER A 63 52.76 14.12 4.72
N ASP A 64 53.77 14.93 4.99
CA ASP A 64 53.53 16.36 5.14
C ASP A 64 53.26 17.02 3.79
N ARG A 65 52.67 18.21 3.86
CA ARG A 65 52.28 19.05 2.73
C ARG A 65 51.34 18.35 1.76
N TRP A 66 50.05 18.37 2.04
CA TRP A 66 49.07 17.79 1.13
C TRP A 66 48.18 18.91 0.56
N SER A 67 47.29 18.52 -0.35
CA SER A 67 46.40 19.43 -1.04
C SER A 67 44.99 19.44 -0.45
N LEU A 68 44.78 18.76 0.69
CA LEU A 68 43.46 18.71 1.31
C LEU A 68 43.20 19.97 2.11
N MET A 69 41.98 20.07 2.64
CA MET A 69 41.46 21.25 3.37
C MET A 69 41.58 22.43 2.41
N ARG A 70 42.07 23.59 2.86
CA ARG A 70 42.26 24.75 2.00
C ARG A 70 40.97 25.21 1.32
N GLY A 71 39.83 25.01 1.99
CA GLY A 71 38.56 25.54 1.56
C GLY A 71 37.64 24.57 0.82
N ILE A 72 38.17 23.53 0.19
CA ILE A 72 37.38 22.64 -0.64
C ILE A 72 37.37 21.23 -0.04
N TYR A 73 36.22 20.56 -0.15
CA TYR A 73 36.03 19.18 0.31
C TYR A 73 35.60 18.33 -0.89
N SER A 74 36.58 17.91 -1.69
CA SER A 74 36.34 17.10 -2.87
C SER A 74 36.61 15.64 -2.52
N SER A 75 35.59 14.80 -2.64
CA SER A 75 35.77 13.40 -2.27
C SER A 75 36.77 12.69 -3.19
N SER A 76 36.84 13.10 -4.46
CA SER A 76 37.81 12.50 -5.37
C SER A 76 39.24 12.81 -4.95
N VAL A 77 39.51 14.06 -4.58
CA VAL A 77 40.85 14.42 -4.11
C VAL A 77 41.17 13.70 -2.80
N TYR A 78 40.17 13.53 -1.93
CA TYR A 78 40.38 12.76 -0.72
C TYR A 78 40.79 11.33 -1.06
N LEU A 79 40.14 10.72 -2.04
CA LEU A 79 40.52 9.36 -2.44
C LEU A 79 41.95 9.33 -2.99
N GLU A 80 42.33 10.33 -3.79
CA GLU A 80 43.68 10.38 -4.33
C GLU A 80 44.72 10.49 -3.22
N GLU A 81 44.54 11.46 -2.32
CA GLU A 81 45.52 11.69 -1.27
C GLU A 81 45.60 10.51 -0.31
N ILE A 82 44.46 10.01 0.14
CA ILE A 82 44.46 8.91 1.10
C ILE A 82 45.00 7.64 0.47
N SER A 83 44.70 7.39 -0.81
CA SER A 83 45.25 6.22 -1.48
C SER A 83 46.76 6.31 -1.58
N SER A 84 47.28 7.47 -1.99
CA SER A 84 48.73 7.64 -2.07
C SER A 84 49.39 7.56 -0.70
N ILE A 85 48.65 7.90 0.36
CA ILE A 85 49.21 7.83 1.71
C ILE A 85 49.28 6.38 2.18
N ILE A 86 48.19 5.63 1.99
CA ILE A 86 48.20 4.22 2.39
C ILE A 86 49.07 3.37 1.47
N SER A 87 49.45 3.88 0.30
CA SER A 87 50.39 3.14 -0.53
C SER A 87 51.75 3.03 0.13
N LYS A 88 52.07 3.94 1.04
CA LYS A 88 53.34 3.94 1.75
C LYS A 88 53.30 3.16 3.06
N MET A 89 52.14 2.63 3.45
CA MET A 89 52.00 1.92 4.73
C MET A 89 52.18 0.42 4.51
N PRO A 90 52.88 -0.25 5.42
CA PRO A 90 53.02 -1.70 5.32
C PRO A 90 51.77 -2.41 5.81
N LYS A 91 51.74 -3.72 5.59
CA LYS A 91 50.62 -4.53 6.06
C LYS A 91 50.71 -4.72 7.56
N ALA A 92 49.56 -4.74 8.22
CA ALA A 92 49.55 -4.89 9.66
C ALA A 92 48.30 -5.67 10.07
N ASP A 93 48.32 -6.16 11.31
CA ASP A 93 47.19 -6.91 11.84
C ASP A 93 46.03 -6.00 12.25
N PHE A 94 46.31 -4.80 12.73
CA PHE A 94 45.29 -3.85 13.13
C PHE A 94 45.74 -2.44 12.79
N TYR A 95 44.79 -1.59 12.42
CA TYR A 95 45.04 -0.18 12.13
C TYR A 95 44.28 0.66 13.15
N VAL A 96 45.01 1.38 14.00
CA VAL A 96 44.43 2.18 15.06
C VAL A 96 44.44 3.65 14.65
N LEU A 97 43.29 4.30 14.75
CA LEU A 97 43.18 5.71 14.43
C LEU A 97 42.98 6.52 15.72
N GLU A 98 43.13 7.83 15.59
CA GLU A 98 42.88 8.74 16.69
C GLU A 98 41.41 9.15 16.68
N LYS A 99 40.75 9.01 17.83
CA LYS A 99 39.38 9.45 18.04
C LYS A 99 39.40 10.73 18.86
N THR A 100 39.14 11.86 18.20
CA THR A 100 39.19 13.15 18.88
C THR A 100 37.92 13.37 19.70
N GLY A 101 37.95 14.42 20.52
CA GLY A 101 36.81 14.75 21.35
C GLY A 101 35.87 15.73 20.67
N LEU A 102 36.00 15.88 19.36
CA LEU A 102 35.14 16.78 18.61
C LEU A 102 33.71 16.24 18.56
N SER A 103 32.76 17.13 18.79
CA SER A 103 31.34 16.83 18.83
C SER A 103 30.64 17.50 17.65
N ILE A 104 29.39 17.10 17.41
CA ILE A 104 28.61 17.62 16.30
C ILE A 104 28.13 19.03 16.66
N GLN A 105 28.63 19.55 17.77
CA GLN A 105 28.33 20.90 18.23
C GLN A 105 29.49 21.80 17.83
N ASN A 106 29.59 22.97 18.47
CA ASN A 106 30.59 23.99 18.12
C ASN A 106 30.52 24.23 16.62
N SER A 107 29.52 25.02 16.20
CA SER A 107 29.24 25.20 14.78
C SER A 107 30.38 25.87 14.02
N SER A 108 31.23 26.63 14.72
CA SER A 108 32.30 27.35 14.03
C SER A 108 33.39 26.41 13.54
N LEU A 109 33.62 25.30 14.23
CA LEU A 109 34.66 24.34 13.83
C LEU A 109 34.08 23.09 13.16
N PHE A 110 32.85 23.16 12.66
CA PHE A 110 32.33 22.04 11.88
C PHE A 110 33.20 21.65 10.70
N PRO A 111 33.86 22.58 9.98
CA PRO A 111 34.76 22.15 8.89
C PRO A 111 35.78 21.10 9.31
N ILE A 112 36.33 21.19 10.51
CA ILE A 112 37.25 20.15 10.96
C ILE A 112 36.51 18.83 11.16
N LEU A 113 35.40 18.86 11.89
CA LEU A 113 34.71 17.62 12.22
C LEU A 113 34.28 16.88 10.96
N LEU A 114 34.00 17.61 9.89
CA LEU A 114 33.71 16.95 8.63
C LEU A 114 34.96 16.33 8.04
N HIS A 115 36.05 17.10 7.97
CA HIS A 115 37.31 16.63 7.41
C HIS A 115 37.74 15.32 8.06
N PHE A 116 37.87 15.33 9.38
CA PHE A 116 38.26 14.12 10.10
C PHE A 116 37.37 12.94 9.72
N HIS A 117 36.04 13.17 9.71
CA HIS A 117 35.13 12.08 9.40
C HIS A 117 35.42 11.53 8.02
N ILE A 118 35.62 12.41 7.04
CA ILE A 118 35.95 11.95 5.70
C ILE A 118 37.17 11.05 5.76
N MET A 119 38.23 11.52 6.41
CA MET A 119 39.41 10.69 6.63
C MET A 119 39.01 9.36 7.25
N GLU A 120 38.36 9.44 8.41
CA GLU A 120 37.98 8.24 9.14
C GLU A 120 37.10 7.35 8.27
N ALA A 121 36.33 7.95 7.37
CA ALA A 121 35.51 7.15 6.47
C ALA A 121 36.40 6.33 5.54
N MET A 122 37.25 7.02 4.77
CA MET A 122 37.99 6.30 3.73
C MET A 122 39.02 5.36 4.35
N LEU A 123 39.63 5.76 5.46
CA LEU A 123 40.55 4.86 6.14
C LEU A 123 39.84 3.61 6.62
N TYR A 124 38.58 3.74 7.04
CA TYR A 124 37.84 2.54 7.41
C TYR A 124 37.58 1.67 6.19
N ALA A 125 37.38 2.29 5.02
CA ALA A 125 37.02 1.53 3.83
C ALA A 125 38.24 0.96 3.11
N LEU A 126 39.34 1.71 3.08
CA LEU A 126 40.50 1.28 2.31
C LEU A 126 41.42 0.35 3.08
N LEU A 127 41.48 0.45 4.40
CA LEU A 127 42.37 -0.43 5.16
C LEU A 127 41.72 -1.75 5.56
N ASN A 128 40.38 -1.80 5.63
CA ASN A 128 39.67 -3.05 5.90
C ASN A 128 39.60 -3.85 4.61
N LYS A 129 40.73 -4.46 4.26
CA LYS A 129 40.87 -5.16 2.99
C LYS A 129 40.14 -6.50 2.96
N THR A 130 39.84 -7.06 4.13
CA THR A 130 39.17 -8.35 4.21
C THR A 130 37.78 -8.25 4.84
N PHE A 131 37.28 -7.03 5.07
CA PHE A 131 36.02 -6.87 5.78
C PHE A 131 34.82 -7.34 4.97
N ALA A 132 34.91 -7.28 3.63
CA ALA A 132 33.77 -7.67 2.80
C ALA A 132 33.45 -9.16 2.91
N GLN A 133 34.44 -9.99 3.21
CA GLN A 133 34.24 -11.44 3.28
C GLN A 133 33.99 -11.95 4.69
N ASP A 134 34.79 -11.51 5.66
CA ASP A 134 34.70 -12.03 7.01
C ASP A 134 34.01 -11.09 7.99
N GLY A 135 33.84 -9.82 7.62
CA GLY A 135 33.18 -8.87 8.51
C GLY A 135 33.92 -8.62 9.80
N GLN A 136 35.25 -8.68 9.78
CA GLN A 136 36.08 -8.45 10.95
C GLN A 136 36.76 -7.10 10.78
N HIS A 137 36.57 -6.23 11.77
CA HIS A 137 37.13 -4.89 11.70
C HIS A 137 38.64 -4.94 11.89
N GLN A 138 39.36 -4.24 11.03
CA GLN A 138 40.80 -4.06 11.17
C GLN A 138 41.19 -2.61 11.40
N VAL A 139 40.22 -1.71 11.39
CA VAL A 139 40.43 -0.29 11.67
C VAL A 139 39.68 0.03 12.97
N LEU A 140 40.40 0.65 13.90
CA LEU A 140 39.88 0.93 15.23
C LEU A 140 39.96 2.42 15.53
N SER A 141 39.19 2.84 16.54
CA SER A 141 39.17 4.23 17.02
C SER A 141 39.53 4.25 18.50
N MET A 142 40.68 4.84 18.82
CA MET A 142 41.18 4.91 20.20
C MET A 142 40.98 6.33 20.73
N ASN A 143 40.36 6.43 21.91
CA ASN A 143 40.03 7.72 22.48
C ASN A 143 41.31 8.49 22.84
N ARG A 144 41.44 9.70 22.31
CA ARG A 144 42.65 10.48 22.55
C ARG A 144 42.78 10.91 24.01
N ASN A 145 41.68 11.32 24.64
CA ASN A 145 41.74 11.75 26.02
C ASN A 145 42.18 10.62 26.94
N ALA A 146 41.74 9.40 26.65
CA ALA A 146 42.18 8.26 27.45
C ALA A 146 43.65 7.95 27.24
N VAL A 147 44.16 8.14 26.01
CA VAL A 147 45.60 8.01 25.78
C VAL A 147 46.36 9.06 26.58
N GLY A 148 45.81 10.26 26.69
CA GLY A 148 46.43 11.28 27.52
C GLY A 148 46.43 10.91 29.00
N LYS A 149 45.30 10.37 29.48
CA LYS A 149 45.24 9.96 30.88
C LYS A 149 46.19 8.81 31.16
N HIS A 150 46.45 7.97 30.15
CA HIS A 150 47.36 6.85 30.33
C HIS A 150 48.80 7.34 30.54
N PHE A 151 49.22 8.33 29.77
CA PHE A 151 50.55 8.89 29.90
C PHE A 151 50.63 10.03 30.90
N GLU A 152 49.54 10.27 31.64
CA GLU A 152 49.50 11.35 32.63
C GLU A 152 49.81 12.70 31.98
N LEU A 153 49.31 12.92 30.77
CA LEU A 153 49.52 14.17 30.07
C LEU A 153 48.33 15.11 30.18
N MET A 154 47.40 14.83 31.08
CA MET A 154 46.18 15.61 31.20
C MET A 154 46.36 16.73 32.20
N ILE A 155 45.89 17.92 31.82
CA ILE A 155 45.86 19.10 32.68
C ILE A 155 44.47 19.69 32.59
N GLY A 156 43.67 19.48 33.64
CA GLY A 156 42.28 19.89 33.62
C GLY A 156 41.49 19.09 32.62
N ASP A 157 41.01 19.76 31.58
CA ASP A 157 40.25 19.12 30.51
C ASP A 157 40.91 19.31 29.16
N SER A 158 42.23 19.49 29.14
CA SER A 158 42.97 19.65 27.90
C SER A 158 44.21 18.77 27.95
N ARG A 159 44.47 18.04 26.86
CA ARG A 159 45.64 17.18 26.79
C ARG A 159 46.87 18.02 26.51
N THR A 160 47.97 17.68 27.16
CA THR A 160 49.22 18.39 26.93
C THR A 160 50.07 17.68 25.87
N SER A 161 51.15 18.33 25.49
CA SER A 161 52.02 17.81 24.44
C SER A 161 52.79 16.59 24.93
N GLY A 162 52.78 15.53 24.13
CA GLY A 162 53.54 14.35 24.46
C GLY A 162 54.93 14.34 23.86
N LYS A 163 55.41 15.52 23.45
CA LYS A 163 56.73 15.62 22.83
C LYS A 163 57.83 15.22 23.80
N GLU A 164 57.70 15.60 25.07
CA GLU A 164 58.74 15.28 26.03
C GLU A 164 58.85 13.78 26.27
N LEU A 165 57.72 13.07 26.26
CA LEU A 165 57.77 11.62 26.45
C LEU A 165 58.45 10.92 25.27
N VAL A 166 58.16 11.39 24.04
CA VAL A 166 58.81 10.83 22.86
C VAL A 166 60.30 11.14 22.89
N LYS A 167 60.67 12.36 23.29
CA LYS A 167 62.08 12.71 23.38
C LYS A 167 62.80 11.83 24.42
N GLN A 168 62.14 11.56 25.55
CA GLN A 168 62.72 10.67 26.55
C GLN A 168 62.88 9.25 26.01
N PHE A 169 61.87 8.77 25.29
CA PHE A 169 61.96 7.44 24.69
C PHE A 169 63.09 7.37 23.68
N LEU A 170 63.40 8.49 23.03
CA LEU A 170 64.35 8.50 21.94
C LEU A 170 65.80 8.71 22.38
N PHE A 171 66.04 9.52 23.41
CA PHE A 171 67.39 9.96 23.74
C PHE A 171 67.87 9.45 25.11
N ASP A 172 67.39 8.29 25.55
CA ASP A 172 67.82 7.70 26.82
C ASP A 172 68.53 6.38 26.57
N SER A 173 69.74 6.26 27.12
CA SER A 173 70.59 5.08 27.00
C SER A 173 70.47 4.13 28.18
N ILE A 174 70.24 4.66 29.39
CA ILE A 174 70.10 3.82 30.58
C ILE A 174 68.77 3.08 30.49
N LEU A 175 67.85 3.38 31.41
CA LEU A 175 66.51 2.82 31.47
C LEU A 175 66.47 1.33 31.09
N LYS A 176 67.44 0.56 31.58
CA LYS A 176 67.50 -0.86 31.26
C LYS A 176 66.24 -1.56 31.75
N ALA A 177 65.75 -2.52 30.96
CA ALA A 177 64.53 -3.28 31.21
C ALA A 177 63.30 -2.36 31.11
N ASP A 178 62.33 -2.80 30.32
CA ASP A 178 61.10 -2.05 30.07
C ASP A 178 61.38 -0.62 29.59
N PRO A 179 62.02 -0.46 28.43
CA PRO A 179 62.15 0.89 27.86
C PRO A 179 60.85 1.41 27.26
N ARG A 180 59.77 0.61 27.30
CA ARG A 180 58.43 0.92 26.81
C ARG A 180 58.39 0.90 25.28
N VAL A 181 59.53 1.12 24.63
CA VAL A 181 59.62 1.15 23.18
C VAL A 181 61.04 0.78 22.78
N PHE A 182 61.18 0.15 21.62
CA PHE A 182 62.46 -0.24 21.08
C PHE A 182 62.64 0.35 19.69
N PHE A 183 63.85 0.81 19.38
CA PHE A 183 64.14 1.38 18.08
C PHE A 183 65.20 0.56 17.36
N PRO A 184 64.96 0.15 16.12
CA PRO A 184 65.97 -0.63 15.40
C PRO A 184 67.20 0.21 15.10
N SER A 185 68.37 -0.43 15.16
CA SER A 185 69.63 0.28 14.98
C SER A 185 69.75 0.87 13.58
N ASP A 186 69.23 0.17 12.57
CA ASP A 186 69.29 0.68 11.20
C ASP A 186 68.31 1.80 10.94
N LYS A 187 67.38 2.07 11.87
CA LYS A 187 66.39 3.11 11.68
C LYS A 187 66.40 4.16 12.77
N ILE A 188 67.07 3.91 13.90
CA ILE A 188 67.03 4.87 15.00
C ILE A 188 67.72 6.17 14.62
N VAL A 189 68.72 6.11 13.75
CA VAL A 189 69.39 7.34 13.31
C VAL A 189 68.41 8.20 12.52
N HIS A 190 67.66 7.57 11.62
CA HIS A 190 66.65 8.30 10.85
C HIS A 190 65.56 8.85 11.77
N TYR A 191 65.15 8.10 12.78
CA TYR A 191 64.13 8.58 13.70
C TYR A 191 64.62 9.80 14.46
N ARG A 192 65.83 9.72 15.01
CA ARG A 192 66.35 10.85 15.78
C ARG A 192 66.55 12.07 14.91
N GLN A 193 67.08 11.89 13.70
CA GLN A 193 67.26 13.04 12.82
C GLN A 193 65.93 13.62 12.37
N MET A 194 64.90 12.78 12.25
CA MET A 194 63.55 13.27 11.96
C MET A 194 63.02 14.10 13.11
N PHE A 195 63.16 13.59 14.34
CA PHE A 195 62.66 14.32 15.50
C PHE A 195 63.37 15.67 15.64
N LEU A 196 64.70 15.67 15.48
CA LEU A 196 65.44 16.92 15.62
C LEU A 196 65.15 17.86 14.46
N SER A 197 64.84 17.31 13.28
CA SER A 197 64.47 18.17 12.16
C SER A 197 63.08 18.75 12.32
N THR A 198 62.22 18.14 13.14
CA THR A 198 60.89 18.67 13.40
C THR A 198 60.74 19.21 14.81
N GLU A 199 61.86 19.47 15.50
CA GLU A 199 61.75 19.99 16.86
C GLU A 199 61.31 21.44 16.85
N LEU A 200 61.71 22.20 15.83
CA LEU A 200 61.35 23.61 15.79
C LEU A 200 59.91 23.83 15.36
N GLN A 201 59.31 22.84 14.71
CA GLN A 201 57.92 22.94 14.28
C GLN A 201 57.02 22.11 15.19
N ARG A 202 55.78 22.54 15.29
CA ARG A 202 54.77 21.84 16.08
C ARG A 202 54.24 20.69 15.23
N VAL A 203 54.77 19.49 15.47
CA VAL A 203 54.32 18.30 14.76
C VAL A 203 53.77 17.29 15.76
N GLU A 204 52.69 17.67 16.44
CA GLU A 204 52.14 16.83 17.51
C GLU A 204 51.53 15.52 17.00
N GLU A 205 51.14 15.43 15.73
CA GLU A 205 50.62 14.17 15.20
C GLU A 205 51.71 13.11 15.20
N LEU A 206 52.94 13.49 14.85
CA LEU A 206 54.04 12.54 14.82
C LEU A 206 54.27 11.93 16.20
N TYR A 207 54.19 12.75 17.25
CA TYR A 207 54.44 12.25 18.60
C TYR A 207 53.25 11.45 19.11
N ASP A 208 52.04 11.97 18.94
CA ASP A 208 50.85 11.32 19.47
C ASP A 208 50.53 10.01 18.75
N SER A 209 51.05 9.80 17.53
CA SER A 209 50.87 8.49 16.88
C SER A 209 51.67 7.42 17.59
N LEU A 210 52.96 7.68 17.83
CA LEU A 210 53.79 6.72 18.56
C LEU A 210 53.27 6.49 19.96
N LEU A 211 52.90 7.58 20.65
CA LEU A 211 52.33 7.44 21.98
C LEU A 211 51.03 6.63 21.94
N GLN A 212 50.25 6.79 20.88
CA GLN A 212 49.01 6.02 20.76
C GLN A 212 49.32 4.54 20.56
N ALA A 213 50.37 4.23 19.79
CA ALA A 213 50.76 2.83 19.61
C ALA A 213 51.20 2.20 20.93
N ILE A 214 52.09 2.88 21.66
CA ILE A 214 52.55 2.36 22.94
C ILE A 214 51.38 2.18 23.90
N ALA A 215 50.49 3.18 23.99
CA ALA A 215 49.33 3.09 24.86
C ALA A 215 48.41 1.94 24.47
N PHE A 216 48.24 1.71 23.17
CA PHE A 216 47.42 0.61 22.69
C PHE A 216 48.01 -0.72 23.14
N TYR A 217 49.33 -0.88 22.99
CA TYR A 217 49.95 -2.13 23.39
C TYR A 217 49.87 -2.34 24.90
N GLU A 218 50.13 -1.30 25.68
CA GLU A 218 50.14 -1.45 27.14
C GLU A 218 48.74 -1.66 27.70
N LEU A 219 47.71 -1.05 27.09
CA LEU A 219 46.36 -1.12 27.64
C LEU A 219 45.56 -2.29 27.08
N ALA A 220 45.66 -2.57 25.78
CA ALA A 220 44.82 -3.56 25.13
C ALA A 220 45.51 -4.92 24.95
N VAL A 221 46.82 -4.94 24.74
CA VAL A 221 47.52 -6.17 24.39
C VAL A 221 48.20 -6.81 25.60
N PHE A 222 48.84 -6.00 26.44
CA PHE A 222 49.60 -6.57 27.56
C PHE A 222 49.03 -6.15 28.90
N ASP A 223 47.73 -6.30 29.09
CA ASP A 223 47.09 -6.01 30.36
C ASP A 223 47.08 -7.24 31.28
N LEU B 17 29.18 20.86 -20.20
CA LEU B 17 28.84 19.43 -20.12
C LEU B 17 29.61 18.74 -18.97
N ARG B 18 30.62 19.43 -18.44
CA ARG B 18 31.38 18.98 -17.28
C ARG B 18 31.01 19.71 -16.00
N LYS B 19 30.14 20.71 -16.09
CA LYS B 19 29.69 21.41 -14.88
C LYS B 19 28.88 20.49 -13.97
N LEU B 20 28.27 19.44 -14.52
CA LEU B 20 27.47 18.52 -13.74
C LEU B 20 28.31 17.38 -13.15
N LEU B 21 29.18 16.77 -13.96
CA LEU B 21 29.95 15.62 -13.53
C LEU B 21 31.33 16.03 -13.01
N LYS B 22 31.70 15.48 -11.85
CA LYS B 22 33.00 15.65 -11.23
C LYS B 22 33.39 14.30 -10.64
N PRO B 23 34.68 13.91 -10.73
CA PRO B 23 35.79 14.64 -11.35
C PRO B 23 35.73 14.63 -12.87
N ASP B 24 36.65 15.36 -13.50
CA ASP B 24 36.66 15.45 -14.96
C ASP B 24 37.08 14.12 -15.55
N ILE B 25 36.25 13.56 -16.42
CA ILE B 25 36.54 12.32 -17.11
C ILE B 25 36.56 12.62 -18.61
N GLU B 26 37.50 12.00 -19.33
CA GLU B 26 37.57 12.19 -20.77
C GLU B 26 36.24 11.79 -21.40
N ARG B 27 35.74 12.65 -22.31
CA ARG B 27 34.43 12.40 -22.90
C ARG B 27 34.41 11.09 -23.68
N GLU B 28 35.56 10.68 -24.22
CA GLU B 28 35.65 9.38 -24.89
C GLU B 28 35.40 8.26 -23.90
N ARG B 29 35.98 8.34 -22.70
CA ARG B 29 35.76 7.31 -21.68
C ARG B 29 34.29 7.23 -21.31
N LEU B 30 33.59 8.37 -21.30
CA LEU B 30 32.17 8.38 -20.96
C LEU B 30 31.33 7.78 -22.07
N LYS B 31 31.65 8.10 -23.33
CA LYS B 31 30.84 7.61 -24.42
C LYS B 31 31.07 6.14 -24.74
N ALA B 32 32.10 5.52 -24.17
CA ALA B 32 32.37 4.10 -24.42
C ALA B 32 31.85 3.20 -23.31
N VAL B 33 30.96 3.70 -22.46
CA VAL B 33 30.48 2.95 -21.31
C VAL B 33 29.57 1.82 -21.78
N ASN B 34 29.63 0.68 -21.06
CA ASN B 34 28.72 -0.43 -21.30
C ASN B 34 27.57 -0.48 -20.30
N SER B 35 27.77 -0.04 -19.07
CA SER B 35 26.72 -0.03 -18.06
C SER B 35 27.13 0.86 -16.89
N ILE B 36 26.14 1.48 -16.24
CA ILE B 36 26.38 2.35 -15.11
C ILE B 36 25.46 1.96 -13.97
N ILE B 37 25.80 2.43 -12.78
CA ILE B 37 24.98 2.29 -11.58
C ILE B 37 24.69 3.70 -11.08
N SER B 38 23.41 4.09 -11.09
CA SER B 38 22.98 5.39 -10.60
C SER B 38 22.53 5.24 -9.17
N ILE B 39 23.17 5.97 -8.26
CA ILE B 39 22.93 5.85 -6.84
C ILE B 39 22.41 7.18 -6.30
N VAL B 40 21.30 7.13 -5.56
CA VAL B 40 20.72 8.27 -4.87
C VAL B 40 20.40 7.84 -3.45
N PHE B 41 20.87 8.60 -2.47
CA PHE B 41 20.70 8.27 -1.06
C PHE B 41 20.05 9.42 -0.32
N GLY B 42 19.27 9.09 0.70
CA GLY B 42 18.66 10.11 1.53
C GLY B 42 19.13 9.98 2.95
N THR B 43 18.29 10.34 3.91
CA THR B 43 18.68 10.21 5.30
C THR B 43 18.31 8.85 5.90
N ARG B 44 17.38 8.12 5.27
CA ARG B 44 16.96 6.83 5.80
C ARG B 44 17.10 5.68 4.82
N ARG B 45 17.28 5.94 3.53
CA ARG B 45 17.32 4.86 2.54
C ARG B 45 18.32 5.21 1.45
N ILE B 46 18.67 4.19 0.67
CA ILE B 46 19.51 4.34 -0.50
C ILE B 46 18.98 3.44 -1.61
N ALA B 47 19.04 3.93 -2.85
CA ALA B 47 18.51 3.24 -4.01
C ALA B 47 19.52 3.31 -5.15
N TRP B 48 19.49 2.30 -6.02
CA TRP B 48 20.38 2.26 -7.18
C TRP B 48 19.64 1.65 -8.36
N ALA B 49 20.15 1.95 -9.57
CA ALA B 49 19.57 1.44 -10.81
C ALA B 49 20.70 1.09 -11.77
N HIS B 50 20.63 -0.10 -12.36
CA HIS B 50 21.64 -0.60 -13.29
C HIS B 50 21.12 -0.47 -14.72
N LEU B 51 21.73 0.41 -15.50
CA LEU B 51 21.34 0.63 -16.89
C LEU B 51 22.55 0.41 -17.80
N ASP B 52 22.32 -0.26 -18.92
CA ASP B 52 23.40 -0.52 -19.87
C ASP B 52 23.43 0.56 -20.95
N ARG B 53 24.33 0.39 -21.93
CA ARG B 53 24.48 1.36 -22.99
C ARG B 53 23.29 1.40 -23.93
N LYS B 54 22.46 0.37 -23.92
CA LYS B 54 21.22 0.32 -24.70
C LYS B 54 20.02 0.87 -23.92
N LEU B 55 20.26 1.57 -22.81
CA LEU B 55 19.20 2.18 -22.00
C LEU B 55 18.19 1.13 -21.52
N THR B 56 18.70 -0.05 -21.19
CA THR B 56 17.90 -1.15 -20.65
C THR B 56 18.16 -1.21 -19.14
N VAL B 57 17.09 -1.09 -18.34
CA VAL B 57 17.23 -1.15 -16.89
C VAL B 57 17.51 -2.59 -16.46
N LEU B 58 18.80 -2.93 -16.35
CA LEU B 58 19.19 -4.29 -15.96
C LEU B 58 18.84 -4.57 -14.51
N ASP B 59 18.84 -3.54 -13.65
CA ASP B 59 18.46 -3.72 -12.26
C ASP B 59 17.96 -2.38 -11.72
N TRP B 60 17.16 -2.46 -10.66
CA TRP B 60 16.58 -1.27 -10.02
C TRP B 60 16.00 -1.64 -8.67
N GLN B 61 16.69 -1.31 -7.57
CA GLN B 61 16.27 -1.74 -6.25
C GLN B 61 16.70 -0.70 -5.21
N GLN B 62 16.20 -0.89 -4.00
CA GLN B 62 16.53 -0.05 -2.87
C GLN B 62 16.48 -0.88 -1.60
N SER B 63 17.26 -0.47 -0.62
CA SER B 63 17.33 -1.16 0.65
C SER B 63 16.38 -0.47 1.63
N ASP B 64 15.73 -1.28 2.47
CA ASP B 64 14.84 -0.74 3.48
C ASP B 64 15.59 0.20 4.41
N ARG B 65 14.84 0.89 5.26
CA ARG B 65 15.43 1.89 6.15
C ARG B 65 16.59 1.29 6.92
N TRP B 66 17.70 2.03 6.91
CA TRP B 66 18.95 1.60 7.50
C TRP B 66 19.12 2.18 8.91
N SER B 67 20.23 1.84 9.55
CA SER B 67 20.47 2.20 10.94
C SER B 67 21.33 3.46 11.09
N LEU B 68 21.67 4.14 10.00
CA LEU B 68 22.44 5.39 10.06
C LEU B 68 21.47 6.54 10.36
N MET B 69 22.02 7.75 10.55
CA MET B 69 21.22 8.92 10.91
C MET B 69 20.39 8.67 12.17
N ARG B 70 21.04 8.08 13.18
CA ARG B 70 20.39 7.84 14.45
C ARG B 70 21.05 8.65 15.56
N GLY B 71 21.58 9.82 15.20
CA GLY B 71 22.12 10.77 16.15
C GLY B 71 23.63 10.69 16.30
N ILE B 72 24.20 9.52 16.06
CA ILE B 72 25.62 9.27 16.23
C ILE B 72 26.19 8.88 14.86
N TYR B 73 27.46 9.20 14.66
CA TYR B 73 28.16 8.95 13.40
C TYR B 73 29.30 7.98 13.68
N SER B 74 28.97 6.69 13.69
CA SER B 74 29.94 5.63 13.96
C SER B 74 30.42 5.07 12.63
N SER B 75 31.72 5.17 12.36
CA SER B 75 32.27 4.73 11.09
C SER B 75 32.16 3.22 10.89
N SER B 76 32.19 2.44 11.98
CA SER B 76 32.04 1.00 11.85
C SER B 76 30.67 0.63 11.32
N VAL B 77 29.62 1.28 11.83
CA VAL B 77 28.27 1.01 11.36
C VAL B 77 28.12 1.43 9.89
N TYR B 78 28.71 2.57 9.52
CA TYR B 78 28.68 2.99 8.12
C TYR B 78 29.36 1.97 7.22
N LEU B 79 30.51 1.44 7.65
CA LEU B 79 31.20 0.44 6.85
C LEU B 79 30.38 -0.83 6.71
N GLU B 80 29.75 -1.27 7.81
CA GLU B 80 28.93 -2.47 7.73
C GLU B 80 27.76 -2.28 6.77
N GLU B 81 27.00 -1.20 6.95
CA GLU B 81 25.81 -0.98 6.14
C GLU B 81 26.16 -0.77 4.67
N ILE B 82 27.15 0.09 4.40
CA ILE B 82 27.50 0.38 3.01
C ILE B 82 28.09 -0.86 2.34
N SER B 83 28.90 -1.63 3.07
CA SER B 83 29.45 -2.86 2.49
C SER B 83 28.35 -3.86 2.17
N SER B 84 27.40 -4.04 3.08
CA SER B 84 26.29 -4.95 2.81
C SER B 84 25.42 -4.43 1.66
N ILE B 85 25.37 -3.11 1.47
CA ILE B 85 24.55 -2.55 0.40
C ILE B 85 25.23 -2.74 -0.96
N ILE B 86 26.51 -2.40 -1.07
CA ILE B 86 27.23 -2.58 -2.32
C ILE B 86 27.53 -4.04 -2.63
N SER B 87 27.39 -4.93 -1.63
CA SER B 87 27.55 -6.36 -1.91
C SER B 87 26.46 -6.89 -2.83
N LYS B 88 25.32 -6.22 -2.90
CA LYS B 88 24.21 -6.63 -3.75
C LYS B 88 24.25 -5.99 -5.13
N MET B 89 25.22 -5.12 -5.40
CA MET B 89 25.28 -4.45 -6.70
C MET B 89 26.17 -5.24 -7.66
N PRO B 90 25.78 -5.33 -8.92
CA PRO B 90 26.65 -5.96 -9.92
C PRO B 90 27.78 -5.02 -10.33
N LYS B 91 28.71 -5.58 -11.10
CA LYS B 91 29.85 -4.80 -11.59
C LYS B 91 29.41 -3.87 -12.73
N ALA B 92 29.99 -2.67 -12.76
CA ALA B 92 29.65 -1.69 -13.78
C ALA B 92 30.88 -0.86 -14.11
N ASP B 93 30.81 -0.17 -15.25
CA ASP B 93 31.93 0.65 -15.69
C ASP B 93 32.03 1.97 -14.91
N PHE B 94 30.91 2.54 -14.50
CA PHE B 94 30.91 3.77 -13.73
C PHE B 94 29.82 3.72 -12.70
N TYR B 95 30.08 4.34 -11.55
CA TYR B 95 29.12 4.47 -10.47
C TYR B 95 28.87 5.95 -10.24
N VAL B 96 27.64 6.39 -10.48
CA VAL B 96 27.28 7.81 -10.39
C VAL B 96 26.58 8.06 -9.06
N LEU B 97 27.04 9.07 -8.33
CA LEU B 97 26.42 9.49 -7.08
C LEU B 97 25.79 10.86 -7.25
N GLU B 98 24.99 11.24 -6.25
CA GLU B 98 24.39 12.57 -6.20
C GLU B 98 25.29 13.55 -5.47
N LYS B 99 25.55 14.69 -6.10
CA LYS B 99 26.24 15.81 -5.45
C LYS B 99 25.18 16.87 -5.15
N THR B 100 24.79 16.97 -3.88
CA THR B 100 23.72 17.86 -3.49
C THR B 100 24.21 19.31 -3.44
N GLY B 101 23.26 20.23 -3.30
CA GLY B 101 23.55 21.63 -3.23
C GLY B 101 23.74 22.12 -1.81
N LEU B 102 23.96 21.19 -0.89
CA LEU B 102 24.17 21.57 0.50
C LEU B 102 25.48 22.35 0.62
N SER B 103 25.45 23.43 1.39
CA SER B 103 26.63 24.27 1.56
C SER B 103 27.10 24.22 3.00
N ILE B 104 28.35 24.63 3.19
CA ILE B 104 28.97 24.61 4.51
C ILE B 104 28.54 25.84 5.30
N GLN B 105 27.58 26.58 4.74
CA GLN B 105 27.05 27.79 5.36
C GLN B 105 25.71 27.57 6.05
N ASN B 106 25.12 26.39 5.90
CA ASN B 106 23.78 26.09 6.42
C ASN B 106 23.91 25.26 7.70
N SER B 107 24.12 25.95 8.81
CA SER B 107 24.39 25.29 10.09
C SER B 107 23.23 24.40 10.53
N SER B 108 22.02 24.69 10.06
CA SER B 108 20.88 23.85 10.39
C SER B 108 20.95 22.51 9.66
N LEU B 109 21.59 22.47 8.50
CA LEU B 109 21.70 21.26 7.70
C LEU B 109 23.05 20.59 7.87
N PHE B 110 23.81 20.95 8.90
CA PHE B 110 25.07 20.27 9.17
C PHE B 110 24.94 18.77 9.42
N PRO B 111 23.93 18.27 10.14
CA PRO B 111 23.79 16.80 10.24
C PRO B 111 23.64 16.12 8.90
N ILE B 112 22.89 16.70 7.97
CA ILE B 112 22.73 16.10 6.65
C ILE B 112 24.03 16.22 5.86
N LEU B 113 24.62 17.42 5.82
CA LEU B 113 25.81 17.65 5.02
C LEU B 113 26.94 16.73 5.45
N LEU B 114 27.01 16.38 6.73
CA LEU B 114 27.99 15.41 7.16
C LEU B 114 27.65 14.02 6.63
N HIS B 115 26.40 13.59 6.83
CA HIS B 115 25.97 12.25 6.44
C HIS B 115 26.32 11.98 4.99
N PHE B 116 25.83 12.83 4.08
CA PHE B 116 26.08 12.63 2.66
C PHE B 116 27.56 12.46 2.40
N HIS B 117 28.39 13.34 2.96
CA HIS B 117 29.83 13.25 2.71
C HIS B 117 30.37 11.90 3.13
N ILE B 118 29.97 11.43 4.30
CA ILE B 118 30.42 10.12 4.75
C ILE B 118 30.06 9.07 3.71
N MET B 119 28.80 9.06 3.29
CA MET B 119 28.39 8.18 2.21
C MET B 119 29.31 8.36 1.00
N GLU B 120 29.37 9.60 0.52
CA GLU B 120 30.15 9.87 -0.68
C GLU B 120 31.60 9.47 -0.48
N ALA B 121 32.10 9.51 0.76
CA ALA B 121 33.45 9.05 1.00
C ALA B 121 33.56 7.55 0.76
N MET B 122 32.78 6.76 1.48
CA MET B 122 32.99 5.31 1.43
C MET B 122 32.67 4.76 0.06
N LEU B 123 31.63 5.28 -0.59
CA LEU B 123 31.32 4.85 -1.95
C LEU B 123 32.46 5.15 -2.90
N TYR B 124 33.16 6.27 -2.69
CA TYR B 124 34.32 6.56 -3.52
C TYR B 124 35.45 5.58 -3.25
N ALA B 125 35.60 5.13 -2.00
CA ALA B 125 36.70 4.26 -1.66
C ALA B 125 36.39 2.79 -1.95
N LEU B 126 35.14 2.38 -1.70
CA LEU B 126 34.79 0.97 -1.83
C LEU B 126 34.45 0.56 -3.25
N LEU B 127 33.95 1.49 -4.07
CA LEU B 127 33.56 1.14 -5.43
C LEU B 127 34.70 1.27 -6.44
N ASN B 128 35.69 2.12 -6.18
CA ASN B 128 36.85 2.23 -7.06
C ASN B 128 37.77 1.07 -6.78
N LYS B 129 37.39 -0.11 -7.30
CA LYS B 129 38.12 -1.33 -6.98
C LYS B 129 39.47 -1.41 -7.69
N THR B 130 39.66 -0.65 -8.76
CA THR B 130 40.90 -0.69 -9.53
C THR B 130 41.68 0.62 -9.42
N PHE B 131 41.28 1.53 -8.54
CA PHE B 131 41.93 2.83 -8.48
C PHE B 131 43.34 2.74 -7.91
N ALA B 132 43.59 1.74 -7.05
CA ALA B 132 44.91 1.63 -6.44
C ALA B 132 45.99 1.32 -7.48
N GLN B 133 45.62 0.65 -8.57
CA GLN B 133 46.59 0.23 -9.58
C GLN B 133 46.68 1.19 -10.75
N ASP B 134 45.55 1.60 -11.34
CA ASP B 134 45.56 2.43 -12.54
C ASP B 134 45.24 3.89 -12.26
N GLY B 135 44.71 4.21 -11.08
CA GLY B 135 44.42 5.59 -10.74
C GLY B 135 43.38 6.26 -11.61
N GLN B 136 42.41 5.50 -12.12
CA GLN B 136 41.33 6.01 -12.96
C GLN B 136 40.04 6.01 -12.15
N HIS B 137 39.40 7.18 -12.05
CA HIS B 137 38.18 7.30 -11.26
C HIS B 137 37.01 6.59 -11.94
N GLN B 138 36.30 5.76 -11.19
CA GLN B 138 35.07 5.13 -11.65
C GLN B 138 33.84 5.56 -10.87
N VAL B 139 33.99 6.42 -9.85
CA VAL B 139 32.88 6.95 -9.09
C VAL B 139 32.79 8.44 -9.35
N LEU B 140 31.61 8.90 -9.76
CA LEU B 140 31.39 10.29 -10.15
C LEU B 140 30.31 10.92 -9.28
N SER B 141 30.28 12.25 -9.29
CA SER B 141 29.26 13.02 -8.60
C SER B 141 28.53 13.89 -9.62
N MET B 142 27.25 13.62 -9.81
CA MET B 142 26.43 14.30 -10.79
C MET B 142 25.57 15.34 -10.10
N ASN B 143 25.58 16.55 -10.63
CA ASN B 143 24.85 17.66 -10.02
C ASN B 143 23.35 17.38 -10.07
N ARG B 144 22.71 17.39 -8.90
CA ARG B 144 21.28 17.10 -8.82
C ARG B 144 20.45 18.21 -9.47
N ASN B 145 20.85 19.47 -9.25
CA ASN B 145 20.11 20.60 -9.83
C ASN B 145 20.14 20.56 -11.35
N ALA B 146 21.26 20.15 -11.94
CA ALA B 146 21.31 20.03 -13.39
C ALA B 146 20.46 18.88 -13.89
N VAL B 147 20.36 17.79 -13.12
CA VAL B 147 19.43 16.72 -13.48
C VAL B 147 18.00 17.25 -13.44
N GLY B 148 17.69 18.13 -12.50
CA GLY B 148 16.38 18.75 -12.49
C GLY B 148 16.13 19.64 -13.68
N LYS B 149 17.14 20.44 -14.06
CA LYS B 149 16.98 21.31 -15.21
C LYS B 149 16.83 20.53 -16.51
N HIS B 150 17.45 19.34 -16.59
CA HIS B 150 17.33 18.55 -17.81
C HIS B 150 15.91 18.07 -18.02
N PHE B 151 15.24 17.59 -16.97
CA PHE B 151 13.88 17.09 -17.09
C PHE B 151 12.83 18.17 -16.87
N GLU B 152 13.24 19.44 -16.79
CA GLU B 152 12.32 20.57 -16.61
C GLU B 152 11.48 20.39 -15.36
N LEU B 153 12.11 19.90 -14.28
CA LEU B 153 11.45 19.71 -13.02
C LEU B 153 11.71 20.86 -12.05
N MET B 154 12.15 22.01 -12.54
CA MET B 154 12.53 23.12 -11.68
C MET B 154 11.35 24.06 -11.45
N ILE B 155 11.13 24.43 -10.19
CA ILE B 155 10.14 25.43 -9.84
C ILE B 155 10.78 26.39 -8.84
N GLY B 156 11.16 27.57 -9.31
CA GLY B 156 11.87 28.51 -8.47
C GLY B 156 13.23 28.03 -8.05
N ASP B 157 13.99 27.43 -8.96
CA ASP B 157 15.33 26.91 -8.68
C ASP B 157 15.30 25.85 -7.58
N SER B 158 14.19 25.11 -7.49
CA SER B 158 14.06 23.99 -6.56
C SER B 158 13.45 22.81 -7.29
N ARG B 159 14.02 21.61 -7.10
CA ARG B 159 13.53 20.43 -7.79
C ARG B 159 12.24 19.92 -7.19
N THR B 160 11.30 19.55 -8.06
CA THR B 160 10.06 18.91 -7.69
C THR B 160 10.21 17.40 -7.84
N SER B 161 9.18 16.68 -7.40
CA SER B 161 9.23 15.23 -7.47
C SER B 161 9.08 14.75 -8.91
N GLY B 162 9.95 13.85 -9.32
CA GLY B 162 9.85 13.27 -10.65
C GLY B 162 9.04 12.00 -10.64
N LYS B 163 8.21 11.85 -9.60
CA LYS B 163 7.43 10.62 -9.44
C LYS B 163 6.46 10.42 -10.59
N GLU B 164 5.82 11.50 -11.05
CA GLU B 164 4.86 11.36 -12.14
C GLU B 164 5.56 10.97 -13.44
N LEU B 165 6.76 11.49 -13.68
CA LEU B 165 7.51 11.14 -14.89
C LEU B 165 7.96 9.68 -14.87
N VAL B 166 8.41 9.21 -13.71
CA VAL B 166 8.77 7.80 -13.58
C VAL B 166 7.54 6.93 -13.75
N LYS B 167 6.40 7.37 -13.23
CA LYS B 167 5.15 6.66 -13.44
C LYS B 167 4.83 6.55 -14.92
N GLN B 168 5.09 7.63 -15.68
CA GLN B 168 4.88 7.57 -17.13
C GLN B 168 5.83 6.60 -17.80
N PHE B 169 7.10 6.59 -17.39
CA PHE B 169 8.04 5.63 -17.96
C PHE B 169 7.65 4.19 -17.64
N LEU B 170 7.01 3.97 -16.50
CA LEU B 170 6.71 2.62 -16.05
C LEU B 170 5.41 2.08 -16.61
N PHE B 171 4.40 2.92 -16.77
CA PHE B 171 3.07 2.46 -17.14
C PHE B 171 2.65 2.88 -18.54
N ASP B 172 3.08 4.05 -19.00
CA ASP B 172 2.82 4.44 -20.37
C ASP B 172 3.86 3.75 -21.25
N SER B 173 3.40 3.05 -22.28
CA SER B 173 4.34 2.33 -23.15
C SER B 173 4.68 3.15 -24.38
N ILE B 174 4.17 2.74 -25.55
CA ILE B 174 4.42 3.46 -26.79
C ILE B 174 3.64 4.77 -26.77
N LEU B 175 4.34 5.87 -26.48
CA LEU B 175 3.72 7.20 -26.49
C LEU B 175 3.73 7.81 -27.89
N LYS B 176 3.47 6.98 -28.91
CA LYS B 176 3.51 7.38 -30.32
C LYS B 176 4.75 8.25 -30.58
N ALA B 177 5.85 7.90 -29.93
CA ALA B 177 7.12 8.62 -30.01
C ALA B 177 8.19 7.81 -29.28
N ASP B 178 9.40 7.87 -29.81
CA ASP B 178 10.62 7.21 -29.33
C ASP B 178 10.69 7.13 -27.81
N PRO B 179 10.87 5.94 -27.25
CA PRO B 179 11.04 5.82 -25.79
C PRO B 179 12.40 6.33 -25.33
N ARG B 180 12.42 6.82 -24.09
CA ARG B 180 13.65 7.31 -23.46
C ARG B 180 14.37 6.24 -22.65
N VAL B 181 13.67 5.19 -22.22
CA VAL B 181 14.25 4.16 -21.38
C VAL B 181 13.51 2.87 -21.67
N PHE B 182 14.20 1.74 -21.48
CA PHE B 182 13.63 0.43 -21.76
C PHE B 182 13.66 -0.42 -20.50
N PHE B 183 12.60 -1.20 -20.30
CA PHE B 183 12.51 -2.11 -19.18
C PHE B 183 12.41 -3.53 -19.70
N PRO B 184 13.22 -4.47 -19.21
CA PRO B 184 13.15 -5.84 -19.72
C PRO B 184 11.82 -6.48 -19.38
N SER B 185 11.33 -7.31 -20.30
CA SER B 185 10.00 -7.90 -20.14
C SER B 185 9.92 -8.78 -18.90
N ASP B 186 11.00 -9.46 -18.54
CA ASP B 186 11.00 -10.31 -17.36
C ASP B 186 11.07 -9.53 -16.05
N LYS B 187 11.25 -8.21 -16.12
CA LYS B 187 11.38 -7.38 -14.93
C LYS B 187 10.34 -6.28 -14.81
N ILE B 188 9.51 -6.05 -15.84
CA ILE B 188 8.55 -4.94 -15.78
C ILE B 188 7.52 -5.17 -14.68
N VAL B 189 7.18 -6.44 -14.41
CA VAL B 189 6.22 -6.74 -13.34
C VAL B 189 6.81 -6.34 -11.99
N HIS B 190 8.06 -6.72 -11.75
CA HIS B 190 8.70 -6.36 -10.49
C HIS B 190 8.85 -4.86 -10.34
N TYR B 191 9.18 -4.16 -11.43
CA TYR B 191 9.36 -2.71 -11.35
C TYR B 191 8.04 -2.00 -11.07
N ARG B 192 6.99 -2.32 -11.82
CA ARG B 192 5.72 -1.64 -11.62
C ARG B 192 5.12 -2.01 -10.25
N GLN B 193 5.21 -3.29 -9.86
CA GLN B 193 4.70 -3.69 -8.55
C GLN B 193 5.48 -3.04 -7.42
N MET B 194 6.79 -2.82 -7.63
CA MET B 194 7.58 -2.06 -6.66
C MET B 194 7.11 -0.61 -6.59
N PHE B 195 6.84 0.00 -7.74
CA PHE B 195 6.36 1.38 -7.77
C PHE B 195 5.04 1.51 -7.03
N LEU B 196 4.09 0.62 -7.31
CA LEU B 196 2.76 0.71 -6.67
C LEU B 196 2.81 0.33 -5.20
N SER B 197 3.73 -0.54 -4.79
CA SER B 197 3.86 -0.89 -3.38
C SER B 197 4.51 0.23 -2.57
N THR B 198 5.28 1.11 -3.20
CA THR B 198 5.95 2.22 -2.54
C THR B 198 5.38 3.58 -2.93
N GLU B 199 4.17 3.63 -3.48
CA GLU B 199 3.60 4.90 -3.91
C GLU B 199 3.18 5.77 -2.72
N LEU B 200 2.77 5.14 -1.61
CA LEU B 200 2.32 5.87 -0.43
C LEU B 200 3.45 6.43 0.41
N GLN B 201 4.67 5.92 0.25
CA GLN B 201 5.83 6.35 1.03
C GLN B 201 6.73 7.28 0.24
N ARG B 202 7.50 8.09 0.97
CA ARG B 202 8.45 9.01 0.35
C ARG B 202 9.65 8.21 -0.14
N VAL B 203 9.65 7.87 -1.42
CA VAL B 203 10.78 7.14 -1.99
C VAL B 203 11.37 7.93 -3.15
N GLU B 204 11.80 9.18 -2.88
CA GLU B 204 12.34 10.02 -3.95
C GLU B 204 13.69 9.51 -4.45
N GLU B 205 14.40 8.74 -3.64
CA GLU B 205 15.66 8.17 -4.08
C GLU B 205 15.44 7.18 -5.22
N LEU B 206 14.40 6.35 -5.10
CA LEU B 206 14.12 5.37 -6.12
C LEU B 206 13.85 6.02 -7.47
N TYR B 207 13.10 7.12 -7.48
CA TYR B 207 12.79 7.78 -8.74
C TYR B 207 14.00 8.56 -9.25
N ASP B 208 14.63 9.34 -8.38
CA ASP B 208 15.73 10.18 -8.83
C ASP B 208 16.93 9.36 -9.28
N SER B 209 17.05 8.10 -8.85
CA SER B 209 18.14 7.26 -9.35
C SER B 209 17.92 6.92 -10.82
N LEU B 210 16.73 6.45 -11.17
CA LEU B 210 16.44 6.15 -12.57
C LEU B 210 16.51 7.40 -13.43
N LEU B 211 15.92 8.50 -12.94
CA LEU B 211 15.99 9.76 -13.69
C LEU B 211 17.42 10.23 -13.85
N GLN B 212 18.27 9.98 -12.86
CA GLN B 212 19.68 10.36 -12.97
C GLN B 212 20.40 9.51 -14.00
N ALA B 213 20.08 8.21 -14.07
CA ALA B 213 20.70 7.38 -15.09
C ALA B 213 20.31 7.86 -16.48
N ILE B 214 19.01 8.07 -16.70
CA ILE B 214 18.55 8.55 -18.01
C ILE B 214 19.21 9.87 -18.36
N ALA B 215 19.27 10.79 -17.39
CA ALA B 215 19.91 12.08 -17.63
C ALA B 215 21.39 11.92 -17.98
N PHE B 216 22.06 10.97 -17.33
CA PHE B 216 23.47 10.72 -17.63
C PHE B 216 23.64 10.26 -19.07
N TYR B 217 22.81 9.33 -19.51
CA TYR B 217 22.94 8.85 -20.89
C TYR B 217 22.61 9.94 -21.90
N GLU B 218 21.53 10.70 -21.66
CA GLU B 218 21.15 11.72 -22.62
C GLU B 218 22.14 12.87 -22.67
N LEU B 219 22.77 13.20 -21.56
CA LEU B 219 23.65 14.36 -21.51
C LEU B 219 25.10 14.05 -21.83
N ALA B 220 25.63 12.93 -21.32
CA ALA B 220 27.05 12.63 -21.44
C ALA B 220 27.40 11.66 -22.56
N VAL B 221 26.52 10.72 -22.89
CA VAL B 221 26.84 9.65 -23.83
C VAL B 221 26.22 9.87 -25.20
N PHE B 222 24.96 10.31 -25.27
CA PHE B 222 24.31 10.38 -26.57
C PHE B 222 23.86 11.79 -26.94
N ASP B 223 24.75 12.77 -26.83
CA ASP B 223 24.42 14.12 -27.23
C ASP B 223 24.73 14.37 -28.71
N PRO C 12 -6.78 -9.70 -32.47
CA PRO C 12 -5.82 -10.75 -32.87
C PRO C 12 -5.52 -11.73 -31.74
N GLU C 13 -4.28 -11.72 -31.26
CA GLU C 13 -3.89 -12.59 -30.15
C GLU C 13 -4.56 -12.14 -28.85
N ASN C 14 -4.50 -10.83 -28.54
CA ASN C 14 -5.10 -10.32 -27.31
C ASN C 14 -6.62 -10.48 -27.31
N ARG C 15 -7.24 -10.48 -28.49
CA ARG C 15 -8.68 -10.67 -28.57
C ARG C 15 -9.08 -12.08 -28.14
N PHE C 16 -8.40 -13.09 -28.69
CA PHE C 16 -8.64 -14.47 -28.27
C PHE C 16 -8.31 -14.67 -26.79
N LEU C 17 -7.16 -14.13 -26.36
CA LEU C 17 -6.75 -14.20 -24.96
C LEU C 17 -7.68 -13.44 -24.02
N ARG C 18 -8.57 -12.59 -24.56
CA ARG C 18 -9.56 -11.94 -23.71
C ARG C 18 -10.92 -12.62 -23.80
N LYS C 19 -11.17 -13.37 -24.88
CA LYS C 19 -12.38 -14.17 -24.94
C LYS C 19 -12.24 -15.43 -24.09
N LEU C 20 -11.01 -15.92 -23.90
CA LEU C 20 -10.78 -17.14 -23.15
C LEU C 20 -10.59 -16.89 -21.66
N LEU C 21 -9.67 -16.00 -21.28
CA LEU C 21 -9.37 -15.71 -19.88
C LEU C 21 -10.05 -14.43 -19.43
N LYS C 22 -10.65 -14.48 -18.23
CA LYS C 22 -11.22 -13.30 -17.59
C LYS C 22 -10.93 -13.39 -16.11
N PRO C 23 -10.58 -12.27 -15.46
CA PRO C 23 -10.43 -10.91 -16.01
C PRO C 23 -9.17 -10.73 -16.85
N ASP C 24 -9.05 -9.56 -17.48
CA ASP C 24 -7.92 -9.28 -18.35
C ASP C 24 -6.63 -9.18 -17.54
N ILE C 25 -5.63 -9.95 -17.93
CA ILE C 25 -4.32 -9.92 -17.30
C ILE C 25 -3.27 -9.50 -18.32
N GLU C 26 -2.34 -8.65 -17.88
CA GLU C 26 -1.23 -8.22 -18.74
C GLU C 26 -0.43 -9.42 -19.24
N ARG C 27 -0.06 -9.39 -20.51
CA ARG C 27 0.64 -10.52 -21.11
C ARG C 27 1.96 -10.81 -20.39
N GLU C 28 2.61 -9.78 -19.84
CA GLU C 28 3.85 -10.00 -19.10
C GLU C 28 3.62 -10.87 -17.87
N ARG C 29 2.61 -10.56 -17.08
CA ARG C 29 2.33 -11.38 -15.91
C ARG C 29 1.93 -12.80 -16.31
N LEU C 30 1.22 -12.96 -17.43
CA LEU C 30 0.80 -14.29 -17.83
C LEU C 30 1.98 -15.13 -18.31
N LYS C 31 2.86 -14.55 -19.10
CA LYS C 31 4.00 -15.31 -19.60
C LYS C 31 5.10 -15.49 -18.57
N ALA C 32 5.05 -14.77 -17.45
CA ALA C 32 6.06 -14.87 -16.41
C ALA C 32 5.63 -15.76 -15.24
N VAL C 33 4.63 -16.61 -15.44
CA VAL C 33 4.17 -17.45 -14.34
C VAL C 33 5.18 -18.54 -14.07
N ASN C 34 5.35 -18.89 -12.80
CA ASN C 34 6.19 -20.03 -12.42
C ASN C 34 5.39 -21.28 -12.12
N SER C 35 4.16 -21.16 -11.63
CA SER C 35 3.32 -22.31 -11.33
C SER C 35 1.86 -21.86 -11.17
N ILE C 36 0.94 -22.74 -11.54
CA ILE C 36 -0.49 -22.47 -11.45
C ILE C 36 -1.16 -23.65 -10.76
N ILE C 37 -2.36 -23.39 -10.25
CA ILE C 37 -3.23 -24.43 -9.73
C ILE C 37 -4.50 -24.41 -10.56
N SER C 38 -4.77 -25.49 -11.26
CA SER C 38 -5.97 -25.59 -12.07
C SER C 38 -7.05 -26.28 -11.25
N ILE C 39 -8.19 -25.61 -11.08
CA ILE C 39 -9.29 -26.06 -10.23
C ILE C 39 -10.52 -26.29 -11.08
N VAL C 40 -11.14 -27.45 -10.92
CA VAL C 40 -12.41 -27.79 -11.55
C VAL C 40 -13.32 -28.41 -10.50
N PHE C 41 -14.53 -27.87 -10.37
CA PHE C 41 -15.48 -28.33 -9.37
C PHE C 41 -16.82 -28.67 -10.02
N GLY C 42 -17.49 -29.66 -9.45
CA GLY C 42 -18.83 -30.06 -9.87
C GLY C 42 -19.82 -30.00 -8.72
N THR C 43 -20.83 -30.87 -8.77
CA THR C 43 -21.81 -30.92 -7.70
C THR C 43 -21.44 -31.87 -6.58
N ARG C 44 -20.54 -32.81 -6.82
CA ARG C 44 -20.16 -33.79 -5.80
C ARG C 44 -18.67 -33.81 -5.49
N ARG C 45 -17.82 -33.23 -6.33
CA ARG C 45 -16.38 -33.31 -6.13
C ARG C 45 -15.73 -32.00 -6.56
N ILE C 46 -14.49 -31.82 -6.12
CA ILE C 46 -13.63 -30.74 -6.60
C ILE C 46 -12.21 -31.29 -6.68
N ALA C 47 -11.51 -30.94 -7.75
CA ALA C 47 -10.17 -31.44 -7.98
C ALA C 47 -9.27 -30.31 -8.47
N TRP C 48 -7.99 -30.42 -8.17
CA TRP C 48 -7.02 -29.43 -8.60
C TRP C 48 -5.70 -30.11 -8.92
N ALA C 49 -4.88 -29.43 -9.71
CA ALA C 49 -3.57 -29.92 -10.08
C ALA C 49 -2.58 -28.75 -10.06
N HIS C 50 -1.42 -28.97 -9.43
CA HIS C 50 -0.39 -27.94 -9.30
C HIS C 50 0.71 -28.24 -10.33
N LEU C 51 0.85 -27.38 -11.33
CA LEU C 51 1.84 -27.53 -12.39
C LEU C 51 2.72 -26.29 -12.46
N ASP C 52 4.02 -26.51 -12.63
CA ASP C 52 4.94 -25.40 -12.75
C ASP C 52 5.16 -25.06 -14.22
N ARG C 53 6.04 -24.10 -14.49
CA ARG C 53 6.27 -23.69 -15.87
C ARG C 53 7.00 -24.75 -16.67
N LYS C 54 7.57 -25.75 -16.01
CA LYS C 54 8.18 -26.88 -16.69
C LYS C 54 7.18 -27.98 -17.00
N LEU C 55 5.88 -27.70 -16.88
CA LEU C 55 4.82 -28.68 -17.13
C LEU C 55 4.99 -29.94 -16.27
N THR C 56 5.45 -29.75 -15.04
CA THR C 56 5.63 -30.83 -14.10
C THR C 56 4.46 -30.83 -13.12
N VAL C 57 3.73 -31.95 -13.06
CA VAL C 57 2.59 -32.06 -12.16
C VAL C 57 3.09 -32.18 -10.73
N LEU C 58 3.24 -31.05 -10.04
CA LEU C 58 3.72 -31.10 -8.67
C LEU C 58 2.67 -31.71 -7.74
N ASP C 59 1.39 -31.57 -8.05
CA ASP C 59 0.35 -32.18 -7.23
C ASP C 59 -0.92 -32.38 -8.05
N TRP C 60 -1.76 -33.30 -7.60
CA TRP C 60 -2.99 -33.65 -8.30
C TRP C 60 -3.92 -34.50 -7.43
N GLN C 61 -5.00 -33.93 -6.90
CA GLN C 61 -5.86 -34.65 -5.96
C GLN C 61 -7.29 -34.11 -6.05
N GLN C 62 -8.18 -34.76 -5.29
CA GLN C 62 -9.61 -34.45 -5.26
C GLN C 62 -10.15 -34.63 -3.85
N SER C 63 -11.26 -33.94 -3.55
CA SER C 63 -11.89 -34.04 -2.22
C SER C 63 -12.99 -35.10 -2.22
N ASP C 64 -14.08 -34.81 -2.93
CA ASP C 64 -15.21 -35.71 -3.15
C ASP C 64 -16.08 -36.01 -1.93
N ARG C 65 -15.61 -35.66 -0.75
CA ARG C 65 -16.28 -36.05 0.49
C ARG C 65 -16.93 -34.86 1.19
N TRP C 66 -17.63 -34.00 0.45
CA TRP C 66 -18.24 -32.84 1.07
C TRP C 66 -19.74 -33.06 1.33
N SER C 67 -20.29 -32.17 2.14
CA SER C 67 -21.69 -32.24 2.55
C SER C 67 -22.57 -31.20 1.89
N LEU C 68 -22.03 -30.38 0.99
CA LEU C 68 -22.84 -29.38 0.32
C LEU C 68 -23.48 -29.97 -0.93
N MET C 69 -24.33 -29.17 -1.58
CA MET C 69 -25.12 -29.58 -2.74
C MET C 69 -26.01 -30.78 -2.41
N ARG C 70 -26.61 -30.74 -1.23
CA ARG C 70 -27.50 -31.79 -0.74
C ARG C 70 -28.82 -31.19 -0.31
N GLY C 71 -29.28 -30.17 -1.06
CA GLY C 71 -30.56 -29.54 -0.82
C GLY C 71 -30.50 -28.19 -0.15
N ILE C 72 -29.43 -27.91 0.58
CA ILE C 72 -29.30 -26.67 1.34
C ILE C 72 -28.13 -25.87 0.77
N TYR C 73 -28.27 -24.55 0.79
CA TYR C 73 -27.25 -23.61 0.35
C TYR C 73 -26.91 -22.72 1.54
N SER C 74 -26.08 -23.25 2.43
CA SER C 74 -25.67 -22.55 3.64
C SER C 74 -24.30 -21.93 3.40
N SER C 75 -24.22 -20.60 3.50
CA SER C 75 -22.95 -19.94 3.24
C SER C 75 -21.88 -20.33 4.26
N SER C 76 -22.29 -20.60 5.51
CA SER C 76 -21.33 -21.03 6.52
C SER C 76 -20.72 -22.39 6.18
N VAL C 77 -21.56 -23.34 5.75
CA VAL C 77 -21.03 -24.64 5.37
C VAL C 77 -20.13 -24.52 4.14
N TYR C 78 -20.49 -23.64 3.20
CA TYR C 78 -19.62 -23.39 2.06
C TYR C 78 -18.27 -22.85 2.50
N LEU C 79 -18.26 -21.93 3.47
CA LEU C 79 -17.00 -21.41 3.96
C LEU C 79 -16.17 -22.50 4.63
N GLU C 80 -16.83 -23.37 5.42
CA GLU C 80 -16.11 -24.45 6.09
C GLU C 80 -15.49 -25.42 5.09
N GLU C 81 -16.29 -25.93 4.16
CA GLU C 81 -15.81 -26.92 3.21
C GLU C 81 -14.75 -26.33 2.29
N ILE C 82 -15.01 -25.13 1.76
CA ILE C 82 -14.06 -24.53 0.84
C ILE C 82 -12.77 -24.17 1.55
N SER C 83 -12.86 -23.73 2.81
CA SER C 83 -11.65 -23.43 3.56
C SER C 83 -10.81 -24.68 3.79
N SER C 84 -11.45 -25.76 4.22
CA SER C 84 -10.70 -26.99 4.42
C SER C 84 -10.15 -27.54 3.12
N ILE C 85 -10.81 -27.24 2.00
CA ILE C 85 -10.32 -27.72 0.71
C ILE C 85 -9.09 -26.93 0.27
N ILE C 86 -9.15 -25.60 0.34
CA ILE C 86 -8.00 -24.80 -0.04
C ILE C 86 -6.88 -24.91 0.99
N SER C 87 -7.16 -25.46 2.17
CA SER C 87 -6.08 -25.68 3.13
C SER C 87 -5.05 -26.67 2.61
N LYS C 88 -5.45 -27.55 1.70
CA LYS C 88 -4.56 -28.56 1.12
C LYS C 88 -3.84 -28.09 -0.13
N MET C 89 -4.10 -26.86 -0.59
CA MET C 89 -3.46 -26.38 -1.81
C MET C 89 -2.20 -25.60 -1.48
N PRO C 90 -1.14 -25.80 -2.26
CA PRO C 90 0.08 -25.02 -2.07
C PRO C 90 -0.07 -23.63 -2.68
N LYS C 91 0.92 -22.79 -2.41
CA LYS C 91 0.92 -21.45 -2.97
C LYS C 91 1.25 -21.50 -4.45
N ALA C 92 0.61 -20.62 -5.23
CA ALA C 92 0.82 -20.57 -6.66
C ALA C 92 0.70 -19.13 -7.13
N ASP C 93 1.19 -18.88 -8.35
CA ASP C 93 1.12 -17.54 -8.92
C ASP C 93 -0.27 -17.22 -9.45
N PHE C 94 -1.00 -18.22 -9.96
CA PHE C 94 -2.35 -18.02 -10.46
C PHE C 94 -3.18 -19.25 -10.13
N TYR C 95 -4.46 -19.01 -9.88
CA TYR C 95 -5.44 -20.07 -9.62
C TYR C 95 -6.48 -20.02 -10.72
N VAL C 96 -6.54 -21.07 -11.53
CA VAL C 96 -7.42 -21.12 -12.69
C VAL C 96 -8.65 -21.96 -12.36
N LEU C 97 -9.83 -21.41 -12.60
CA LEU C 97 -11.06 -22.15 -12.38
C LEU C 97 -11.73 -22.50 -13.72
N GLU C 98 -12.68 -23.42 -13.67
CA GLU C 98 -13.47 -23.76 -14.84
C GLU C 98 -14.69 -22.85 -14.88
N LYS C 99 -14.91 -22.19 -16.03
CA LYS C 99 -16.10 -21.37 -16.27
C LYS C 99 -17.04 -22.11 -17.23
N THR C 100 -18.13 -22.65 -16.69
CA THR C 100 -19.04 -23.41 -17.52
C THR C 100 -19.90 -22.48 -18.37
N GLY C 101 -20.60 -23.06 -19.33
CA GLY C 101 -21.46 -22.30 -20.20
C GLY C 101 -22.89 -22.20 -19.69
N LEU C 102 -23.10 -22.51 -18.42
CA LEU C 102 -24.43 -22.43 -17.82
C LEU C 102 -24.89 -20.99 -17.72
N SER C 103 -26.14 -20.74 -18.11
CA SER C 103 -26.75 -19.42 -18.11
C SER C 103 -27.88 -19.35 -17.09
N ILE C 104 -28.28 -18.12 -16.78
CA ILE C 104 -29.30 -17.86 -15.77
C ILE C 104 -30.67 -18.14 -16.37
N GLN C 105 -30.71 -18.82 -17.51
CA GLN C 105 -31.99 -19.09 -18.15
C GLN C 105 -32.54 -20.46 -17.75
N ASN C 106 -31.78 -21.54 -18.00
CA ASN C 106 -32.25 -22.89 -17.68
C ASN C 106 -32.63 -22.96 -16.21
N SER C 107 -33.87 -22.54 -15.90
CA SER C 107 -34.30 -22.41 -14.51
C SER C 107 -34.27 -23.74 -13.78
N SER C 108 -34.35 -24.86 -14.51
CA SER C 108 -34.25 -26.16 -13.86
C SER C 108 -32.83 -26.40 -13.37
N LEU C 109 -31.84 -25.82 -14.05
CA LEU C 109 -30.44 -25.96 -13.66
C LEU C 109 -29.94 -24.73 -12.93
N PHE C 110 -30.84 -23.85 -12.50
CA PHE C 110 -30.41 -22.73 -11.65
C PHE C 110 -29.77 -23.19 -10.35
N PRO C 111 -30.24 -24.24 -9.68
CA PRO C 111 -29.52 -24.72 -8.48
C PRO C 111 -28.06 -25.01 -8.73
N ILE C 112 -27.76 -25.61 -9.88
CA ILE C 112 -26.38 -25.90 -10.24
C ILE C 112 -25.62 -24.60 -10.45
N LEU C 113 -26.18 -23.70 -11.26
CA LEU C 113 -25.52 -22.43 -11.56
C LEU C 113 -25.29 -21.61 -10.30
N LEU C 114 -26.19 -21.75 -9.33
CA LEU C 114 -26.00 -21.08 -8.04
C LEU C 114 -24.84 -21.72 -7.29
N HIS C 115 -24.84 -23.05 -7.21
CA HIS C 115 -23.73 -23.73 -6.55
C HIS C 115 -22.41 -23.27 -7.13
N PHE C 116 -22.28 -23.39 -8.46
CA PHE C 116 -21.06 -22.98 -9.14
C PHE C 116 -20.69 -21.55 -8.80
N HIS C 117 -21.67 -20.64 -8.85
CA HIS C 117 -21.36 -19.23 -8.56
C HIS C 117 -20.86 -19.03 -7.15
N ILE C 118 -21.50 -19.66 -6.16
CA ILE C 118 -21.03 -19.54 -4.78
C ILE C 118 -19.59 -20.05 -4.67
N MET C 119 -19.33 -21.23 -5.24
CA MET C 119 -17.96 -21.74 -5.27
C MET C 119 -17.01 -20.70 -5.83
N GLU C 120 -17.28 -20.24 -7.05
CA GLU C 120 -16.40 -19.30 -7.72
C GLU C 120 -16.22 -18.02 -6.92
N ALA C 121 -17.26 -17.60 -6.20
CA ALA C 121 -17.15 -16.42 -5.36
C ALA C 121 -16.15 -16.67 -4.24
N MET C 122 -16.37 -17.73 -3.46
CA MET C 122 -15.52 -17.94 -2.31
C MET C 122 -14.09 -18.27 -2.73
N LEU C 123 -13.90 -18.99 -3.82
CA LEU C 123 -12.55 -19.22 -4.34
C LEU C 123 -11.92 -17.92 -4.76
N TYR C 124 -12.70 -17.01 -5.35
CA TYR C 124 -12.17 -15.71 -5.74
C TYR C 124 -11.78 -14.88 -4.52
N ALA C 125 -12.50 -15.02 -3.42
CA ALA C 125 -12.23 -14.20 -2.25
C ALA C 125 -11.14 -14.78 -1.36
N LEU C 126 -11.08 -16.11 -1.29
CA LEU C 126 -10.15 -16.83 -0.42
C LEU C 126 -8.79 -17.10 -1.06
N LEU C 127 -8.73 -17.27 -2.39
CA LEU C 127 -7.45 -17.55 -3.01
C LEU C 127 -6.67 -16.30 -3.38
N ASN C 128 -7.34 -15.17 -3.59
CA ASN C 128 -6.66 -13.89 -3.83
C ASN C 128 -6.20 -13.35 -2.48
N LYS C 129 -5.11 -13.94 -1.98
CA LYS C 129 -4.66 -13.63 -0.63
C LYS C 129 -4.01 -12.26 -0.54
N THR C 130 -3.55 -11.71 -1.66
CA THR C 130 -2.89 -10.41 -1.65
C THR C 130 -3.68 -9.33 -2.38
N PHE C 131 -4.92 -9.62 -2.78
CA PHE C 131 -5.68 -8.67 -3.59
C PHE C 131 -6.09 -7.44 -2.80
N ALA C 132 -6.23 -7.56 -1.48
CA ALA C 132 -6.68 -6.43 -0.67
C ALA C 132 -5.67 -5.30 -0.65
N GLN C 133 -4.39 -5.60 -0.83
CA GLN C 133 -3.33 -4.60 -0.77
C GLN C 133 -2.89 -4.09 -2.14
N ASP C 134 -2.65 -4.99 -3.09
CA ASP C 134 -2.12 -4.60 -4.40
C ASP C 134 -3.15 -4.62 -5.51
N GLY C 135 -4.32 -5.21 -5.29
CA GLY C 135 -5.35 -5.22 -6.32
C GLY C 135 -4.97 -5.98 -7.57
N GLN C 136 -4.18 -7.04 -7.43
CA GLN C 136 -3.73 -7.86 -8.55
C GLN C 136 -4.50 -9.17 -8.52
N HIS C 137 -5.20 -9.48 -9.62
CA HIS C 137 -5.98 -10.71 -9.67
C HIS C 137 -5.08 -11.92 -9.80
N GLN C 138 -5.33 -12.92 -8.94
CA GLN C 138 -4.66 -14.21 -9.02
C GLN C 138 -5.62 -15.37 -9.30
N VAL C 139 -6.92 -15.11 -9.37
CA VAL C 139 -7.92 -16.14 -9.70
C VAL C 139 -8.54 -15.77 -11.03
N LEU C 140 -8.54 -16.72 -11.97
CA LEU C 140 -9.04 -16.53 -13.32
C LEU C 140 -10.13 -17.54 -13.64
N SER C 141 -10.91 -17.25 -14.67
CA SER C 141 -11.98 -18.12 -15.16
C SER C 141 -11.70 -18.49 -16.61
N MET C 142 -11.45 -19.77 -16.87
CA MET C 142 -11.10 -20.26 -18.19
C MET C 142 -12.28 -20.98 -18.84
N ASN C 143 -12.60 -20.59 -20.06
CA ASN C 143 -13.75 -21.11 -20.79
C ASN C 143 -13.58 -22.60 -21.10
N ARG C 144 -14.54 -23.42 -20.67
CA ARG C 144 -14.45 -24.86 -20.85
C ARG C 144 -14.52 -25.26 -22.32
N ASN C 145 -15.44 -24.64 -23.08
CA ASN C 145 -15.58 -25.02 -24.48
C ASN C 145 -14.32 -24.73 -25.27
N ALA C 146 -13.63 -23.64 -24.94
CA ALA C 146 -12.38 -23.34 -25.63
C ALA C 146 -11.30 -24.34 -25.27
N VAL C 147 -11.27 -24.79 -24.01
CA VAL C 147 -10.34 -25.86 -23.63
C VAL C 147 -10.64 -27.13 -24.41
N GLY C 148 -11.93 -27.41 -24.64
CA GLY C 148 -12.28 -28.56 -25.46
C GLY C 148 -11.82 -28.40 -26.90
N LYS C 149 -12.00 -27.19 -27.47
CA LYS C 149 -11.55 -26.95 -28.83
C LYS C 149 -10.04 -27.07 -28.92
N HIS C 150 -9.34 -26.76 -27.83
CA HIS C 150 -7.89 -26.87 -27.83
C HIS C 150 -7.45 -28.32 -27.94
N PHE C 151 -8.11 -29.23 -27.22
CA PHE C 151 -7.75 -30.64 -27.27
C PHE C 151 -8.49 -31.41 -28.35
N GLU C 152 -9.22 -30.72 -29.23
CA GLU C 152 -9.98 -31.36 -30.32
C GLU C 152 -10.97 -32.38 -29.76
N LEU C 153 -11.58 -32.05 -28.62
CA LEU C 153 -12.55 -32.93 -27.97
C LEU C 153 -13.98 -32.50 -28.26
N MET C 154 -14.19 -31.67 -29.27
CA MET C 154 -15.50 -31.12 -29.55
C MET C 154 -16.24 -32.00 -30.54
N ILE C 155 -17.52 -32.24 -30.24
CA ILE C 155 -18.43 -32.99 -31.10
C ILE C 155 -19.70 -32.15 -31.18
N GLY C 156 -19.89 -31.48 -32.32
CA GLY C 156 -21.01 -30.57 -32.44
C GLY C 156 -20.85 -29.38 -31.51
N ASP C 157 -21.69 -29.30 -30.50
CA ASP C 157 -21.62 -28.21 -29.54
C ASP C 157 -21.50 -28.74 -28.11
N SER C 158 -20.93 -29.93 -27.97
CA SER C 158 -20.74 -30.55 -26.66
C SER C 158 -19.33 -31.10 -26.55
N ARG C 159 -18.68 -30.83 -25.42
CA ARG C 159 -17.33 -31.30 -25.16
C ARG C 159 -17.37 -32.79 -24.79
N THR C 160 -16.41 -33.54 -25.28
CA THR C 160 -16.31 -34.95 -24.94
C THR C 160 -15.37 -35.16 -23.75
N SER C 161 -15.30 -36.40 -23.29
CA SER C 161 -14.48 -36.74 -22.12
C SER C 161 -13.00 -36.71 -22.46
N GLY C 162 -12.21 -36.05 -21.63
CA GLY C 162 -10.78 -36.04 -21.86
C GLY C 162 -10.05 -37.16 -21.14
N LYS C 163 -10.80 -38.19 -20.74
CA LYS C 163 -10.18 -39.29 -20.00
C LYS C 163 -9.14 -40.01 -20.84
N GLU C 164 -9.42 -40.20 -22.14
CA GLU C 164 -8.47 -40.91 -22.99
C GLU C 164 -7.18 -40.12 -23.17
N LEU C 165 -7.26 -38.79 -23.23
CA LEU C 165 -6.04 -38.01 -23.37
C LEU C 165 -5.20 -38.08 -22.10
N VAL C 166 -5.84 -38.04 -20.93
CA VAL C 166 -5.12 -38.20 -19.67
C VAL C 166 -4.50 -39.59 -19.58
N LYS C 167 -5.23 -40.61 -20.01
CA LYS C 167 -4.70 -41.96 -20.02
C LYS C 167 -3.47 -42.04 -20.93
N GLN C 168 -3.52 -41.36 -22.08
CA GLN C 168 -2.37 -41.32 -22.97
C GLN C 168 -1.19 -40.61 -22.33
N PHE C 169 -1.45 -39.49 -21.64
CA PHE C 169 -0.39 -38.77 -20.96
C PHE C 169 0.23 -39.58 -19.84
N LEU C 170 -0.54 -40.47 -19.22
CA LEU C 170 -0.12 -41.17 -18.02
C LEU C 170 0.66 -42.45 -18.29
N PHE C 171 0.28 -43.20 -19.32
CA PHE C 171 0.80 -44.55 -19.54
C PHE C 171 1.63 -44.69 -20.81
N ASP C 172 2.31 -43.64 -21.26
CA ASP C 172 3.17 -43.72 -22.43
C ASP C 172 4.62 -43.43 -22.08
N SER C 173 5.51 -44.36 -22.46
CA SER C 173 6.96 -44.28 -22.23
C SER C 173 7.73 -43.78 -23.44
N ILE C 174 7.10 -43.69 -24.61
CA ILE C 174 7.78 -43.19 -25.81
C ILE C 174 8.02 -41.70 -25.68
N LEU C 175 6.94 -40.90 -25.70
CA LEU C 175 7.01 -39.45 -25.53
C LEU C 175 7.85 -38.78 -26.62
N LYS C 176 7.62 -39.19 -27.87
CA LYS C 176 8.30 -38.72 -29.08
C LYS C 176 8.91 -37.32 -28.96
N ALA C 177 10.03 -37.25 -28.24
CA ALA C 177 10.84 -36.04 -28.00
C ALA C 177 10.20 -35.09 -26.99
N ASP C 178 9.13 -34.39 -27.37
CA ASP C 178 8.53 -33.40 -26.49
C ASP C 178 7.11 -33.78 -26.07
N PRO C 179 6.93 -34.41 -24.91
CA PRO C 179 5.56 -34.67 -24.42
C PRO C 179 4.91 -33.38 -23.94
N ARG C 180 3.59 -33.44 -23.74
CA ARG C 180 2.84 -32.28 -23.24
C ARG C 180 2.98 -32.07 -21.75
N VAL C 181 3.30 -33.11 -20.98
CA VAL C 181 3.31 -33.01 -19.53
C VAL C 181 4.32 -34.01 -18.97
N PHE C 182 4.88 -33.67 -17.81
CA PHE C 182 5.87 -34.51 -17.14
C PHE C 182 5.37 -34.85 -15.73
N PHE C 183 5.60 -36.08 -15.31
CA PHE C 183 5.17 -36.54 -14.00
C PHE C 183 6.37 -36.90 -13.15
N PRO C 184 6.45 -36.39 -11.92
CA PRO C 184 7.60 -36.71 -11.06
C PRO C 184 7.64 -38.18 -10.71
N SER C 185 8.86 -38.72 -10.63
CA SER C 185 9.04 -40.14 -10.38
C SER C 185 8.51 -40.55 -9.01
N ASP C 186 8.65 -39.67 -8.02
CA ASP C 186 8.16 -39.99 -6.67
C ASP C 186 6.65 -39.89 -6.56
N LYS C 187 5.97 -39.35 -7.56
CA LYS C 187 4.53 -39.18 -7.50
C LYS C 187 3.80 -39.86 -8.65
N ILE C 188 4.50 -40.31 -9.69
CA ILE C 188 3.79 -40.88 -10.83
C ILE C 188 3.10 -42.18 -10.43
N VAL C 189 3.66 -42.92 -9.46
CA VAL C 189 3.01 -44.15 -9.00
C VAL C 189 1.69 -43.82 -8.32
N HIS C 190 1.68 -42.79 -7.48
CA HIS C 190 0.44 -42.36 -6.82
C HIS C 190 -0.58 -41.85 -7.83
N TYR C 191 -0.12 -41.13 -8.87
CA TYR C 191 -1.05 -40.65 -9.88
C TYR C 191 -1.68 -41.80 -10.64
N ARG C 192 -0.87 -42.76 -11.08
CA ARG C 192 -1.39 -43.89 -11.83
C ARG C 192 -2.33 -44.75 -10.97
N GLN C 193 -1.96 -44.98 -9.71
CA GLN C 193 -2.84 -45.76 -8.84
C GLN C 193 -4.14 -45.01 -8.53
N MET C 194 -4.08 -43.67 -8.45
CA MET C 194 -5.30 -42.89 -8.29
C MET C 194 -6.18 -42.98 -9.53
N PHE C 195 -5.59 -42.84 -10.71
CA PHE C 195 -6.35 -42.93 -11.95
C PHE C 195 -7.03 -44.29 -12.08
N LEU C 196 -6.27 -45.36 -11.84
CA LEU C 196 -6.83 -46.69 -11.99
C LEU C 196 -7.83 -47.01 -10.89
N SER C 197 -7.67 -46.41 -9.70
CA SER C 197 -8.66 -46.61 -8.65
C SER C 197 -9.96 -45.87 -8.94
N THR C 198 -9.90 -44.82 -9.78
CA THR C 198 -11.09 -44.06 -10.15
C THR C 198 -11.45 -44.28 -11.61
N GLU C 199 -10.93 -45.35 -12.23
CA GLU C 199 -11.26 -45.60 -13.62
C GLU C 199 -12.69 -46.08 -13.76
N LEU C 200 -13.21 -46.75 -12.74
CA LEU C 200 -14.56 -47.27 -12.80
C LEU C 200 -15.61 -46.18 -12.61
N GLN C 201 -15.24 -45.05 -12.00
CA GLN C 201 -16.16 -43.94 -11.83
C GLN C 201 -15.80 -42.82 -12.80
N ARG C 202 -16.81 -42.08 -13.22
CA ARG C 202 -16.60 -40.91 -14.07
C ARG C 202 -16.18 -39.76 -13.17
N VAL C 203 -14.88 -39.49 -13.12
CA VAL C 203 -14.39 -38.40 -12.30
C VAL C 203 -13.75 -37.38 -13.23
N GLU C 204 -14.58 -36.79 -14.08
CA GLU C 204 -14.09 -35.89 -15.13
C GLU C 204 -13.53 -34.59 -14.58
N GLU C 205 -13.88 -34.18 -13.37
CA GLU C 205 -13.23 -33.00 -12.81
C GLU C 205 -11.74 -33.24 -12.63
N LEU C 206 -11.38 -34.45 -12.16
CA LEU C 206 -9.98 -34.78 -11.95
C LEU C 206 -9.20 -34.68 -13.25
N TYR C 207 -9.79 -35.13 -14.35
CA TYR C 207 -9.11 -35.09 -15.64
C TYR C 207 -9.07 -33.68 -16.19
N ASP C 208 -10.21 -32.99 -16.15
CA ASP C 208 -10.33 -31.65 -16.73
C ASP C 208 -9.49 -30.62 -15.97
N SER C 209 -9.11 -30.89 -14.72
CA SER C 209 -8.20 -29.99 -14.04
C SER C 209 -6.81 -30.04 -14.68
N LEU C 210 -6.29 -31.26 -14.87
CA LEU C 210 -4.98 -31.41 -15.51
C LEU C 210 -5.02 -30.90 -16.95
N LEU C 211 -6.06 -31.28 -17.70
CA LEU C 211 -6.18 -30.79 -19.07
C LEU C 211 -6.31 -29.27 -19.09
N GLN C 212 -6.98 -28.68 -18.09
CA GLN C 212 -7.09 -27.24 -18.04
C GLN C 212 -5.75 -26.59 -17.76
N ALA C 213 -4.94 -27.21 -16.91
CA ALA C 213 -3.60 -26.68 -16.65
C ALA C 213 -2.74 -26.71 -17.90
N ILE C 214 -2.71 -27.86 -18.58
CA ILE C 214 -1.91 -27.98 -19.81
C ILE C 214 -2.38 -26.98 -20.85
N ALA C 215 -3.70 -26.86 -21.04
CA ALA C 215 -4.23 -25.91 -22.01
C ALA C 215 -3.88 -24.47 -21.64
N PHE C 216 -3.90 -24.16 -20.34
CA PHE C 216 -3.53 -22.82 -19.88
C PHE C 216 -2.07 -22.52 -20.22
N TYR C 217 -1.18 -23.48 -19.97
CA TYR C 217 0.24 -23.24 -20.27
C TYR C 217 0.46 -23.12 -21.78
N GLU C 218 -0.17 -23.99 -22.57
CA GLU C 218 0.05 -23.96 -24.01
C GLU C 218 -0.54 -22.73 -24.67
N LEU C 219 -1.68 -22.24 -24.18
CA LEU C 219 -2.38 -21.14 -24.83
C LEU C 219 -1.93 -19.76 -24.31
N ALA C 220 -1.75 -19.63 -23.00
CA ALA C 220 -1.48 -18.33 -22.38
C ALA C 220 0.00 -18.06 -22.11
N VAL C 221 0.79 -19.10 -21.83
CA VAL C 221 2.18 -18.92 -21.40
C VAL C 221 3.15 -19.16 -22.54
N PHE C 222 2.93 -20.18 -23.36
CA PHE C 222 3.91 -20.55 -24.38
C PHE C 222 3.35 -20.42 -25.80
N ASP C 223 2.75 -19.27 -26.12
CA ASP C 223 2.26 -19.04 -27.47
C ASP C 223 3.33 -18.40 -28.36
N LEU D 17 -32.95 -17.73 20.30
CA LEU D 17 -31.81 -16.83 20.22
C LEU D 17 -30.82 -17.36 19.16
N ARG D 18 -30.91 -18.65 18.85
CA ARG D 18 -30.16 -19.27 17.78
C ARG D 18 -31.01 -19.64 16.56
N LYS D 19 -32.34 -19.58 16.68
CA LYS D 19 -33.20 -19.84 15.54
C LYS D 19 -33.17 -18.71 14.52
N LEU D 20 -32.87 -17.49 14.95
CA LEU D 20 -32.81 -16.31 14.09
C LEU D 20 -31.42 -16.13 13.49
N LEU D 21 -30.37 -16.31 14.28
CA LEU D 21 -29.00 -16.15 13.82
C LEU D 21 -28.43 -17.50 13.42
N LYS D 22 -27.77 -17.54 12.26
CA LYS D 22 -27.08 -18.74 11.81
C LYS D 22 -25.75 -18.32 11.20
N PRO D 23 -24.68 -19.11 11.43
CA PRO D 23 -24.72 -20.38 12.16
C PRO D 23 -24.86 -20.22 13.69
N ASP D 24 -25.03 -21.33 14.38
CA ASP D 24 -25.24 -21.29 15.82
C ASP D 24 -23.97 -20.83 16.51
N ILE D 25 -24.09 -19.79 17.32
CA ILE D 25 -22.97 -19.27 18.10
C ILE D 25 -23.32 -19.40 19.58
N GLU D 26 -22.34 -19.77 20.39
CA GLU D 26 -22.57 -19.90 21.83
C GLU D 26 -23.04 -18.57 22.40
N ARG D 27 -24.08 -18.63 23.23
CA ARG D 27 -24.69 -17.40 23.76
C ARG D 27 -23.70 -16.58 24.57
N GLU D 28 -22.74 -17.23 25.22
CA GLU D 28 -21.72 -16.49 25.97
C GLU D 28 -20.90 -15.62 25.03
N ARG D 29 -20.45 -16.16 23.90
CA ARG D 29 -19.70 -15.36 22.94
C ARG D 29 -20.55 -14.23 22.38
N LEU D 30 -21.86 -14.44 22.23
CA LEU D 30 -22.70 -13.38 21.72
C LEU D 30 -22.84 -12.27 22.75
N LYS D 31 -22.96 -12.62 24.03
CA LYS D 31 -23.12 -11.59 25.04
C LYS D 31 -21.82 -10.86 25.36
N ALA D 32 -20.68 -11.35 24.85
CA ALA D 32 -19.39 -10.72 25.14
C ALA D 32 -18.92 -9.80 24.03
N VAL D 33 -19.82 -9.37 23.14
CA VAL D 33 -19.42 -8.55 22.01
C VAL D 33 -19.08 -7.14 22.48
N ASN D 34 -18.07 -6.55 21.86
CA ASN D 34 -17.72 -5.16 22.08
C ASN D 34 -18.23 -4.23 20.99
N SER D 35 -18.37 -4.72 19.76
CA SER D 35 -18.88 -3.93 18.65
C SER D 35 -19.27 -4.87 17.50
N ILE D 36 -20.27 -4.45 16.73
CA ILE D 36 -20.72 -5.22 15.57
C ILE D 36 -20.82 -4.30 14.35
N ILE D 37 -20.89 -4.94 13.19
CA ILE D 37 -21.15 -4.28 11.92
C ILE D 37 -22.40 -4.92 11.35
N SER D 38 -23.47 -4.13 11.22
CA SER D 38 -24.72 -4.59 10.64
C SER D 38 -24.73 -4.22 9.17
N ILE D 39 -24.87 -5.23 8.30
CA ILE D 39 -24.78 -5.02 6.86
C ILE D 39 -26.11 -5.40 6.22
N VAL D 40 -26.63 -4.50 5.38
CA VAL D 40 -27.83 -4.74 4.59
C VAL D 40 -27.55 -4.28 3.17
N PHE D 41 -27.77 -5.15 2.20
CA PHE D 41 -27.48 -4.85 0.81
C PHE D 41 -28.72 -5.09 -0.04
N GLY D 42 -28.84 -4.31 -1.10
CA GLY D 42 -29.92 -4.47 -2.07
C GLY D 42 -29.39 -4.78 -3.45
N THR D 43 -30.09 -4.33 -4.49
CA THR D 43 -29.62 -4.56 -5.85
C THR D 43 -28.71 -3.46 -6.37
N ARG D 44 -28.77 -2.27 -5.75
CA ARG D 44 -27.97 -1.14 -6.21
C ARG D 44 -27.07 -0.53 -5.15
N ARG D 45 -27.30 -0.82 -3.86
CA ARG D 45 -26.52 -0.18 -2.81
C ARG D 45 -26.29 -1.17 -1.67
N ILE D 46 -25.35 -0.82 -0.80
CA ILE D 46 -25.07 -1.57 0.42
C ILE D 46 -24.72 -0.57 1.52
N ALA D 47 -25.20 -0.84 2.73
CA ALA D 47 -25.01 0.05 3.87
C ALA D 47 -24.60 -0.76 5.10
N TRP D 48 -23.86 -0.12 6.00
CA TRP D 48 -23.44 -0.78 7.23
C TRP D 48 -23.47 0.21 8.38
N ALA D 49 -23.56 -0.34 9.60
CA ALA D 49 -23.60 0.49 10.80
C ALA D 49 -22.75 -0.16 11.89
N HIS D 50 -21.88 0.62 12.51
CA HIS D 50 -20.97 0.13 13.54
C HIS D 50 -21.47 0.58 14.91
N LEU D 51 -21.91 -0.39 15.73
CA LEU D 51 -22.42 -0.10 17.06
C LEU D 51 -21.64 -0.88 18.12
N ASP D 52 -21.35 -0.22 19.24
CA ASP D 52 -20.63 -0.85 20.33
C ASP D 52 -21.62 -1.44 21.34
N ARG D 53 -21.09 -1.97 22.44
CA ARG D 53 -21.93 -2.61 23.45
C ARG D 53 -22.75 -1.60 24.24
N LYS D 54 -22.42 -0.31 24.17
CA LYS D 54 -23.23 0.72 24.79
C LYS D 54 -24.33 1.24 23.85
N LEU D 55 -24.62 0.53 22.77
CA LEU D 55 -25.65 0.92 21.80
C LEU D 55 -25.36 2.31 21.22
N THR D 56 -24.08 2.62 21.05
CA THR D 56 -23.63 3.87 20.47
C THR D 56 -23.22 3.61 19.03
N VAL D 57 -23.86 4.31 18.10
CA VAL D 57 -23.56 4.16 16.68
C VAL D 57 -22.19 4.78 16.38
N LEU D 58 -21.14 3.97 16.47
CA LEU D 58 -19.79 4.49 16.23
C LEU D 58 -19.57 4.86 14.77
N ASP D 59 -20.28 4.20 13.84
CA ASP D 59 -20.21 4.55 12.43
C ASP D 59 -21.50 4.11 11.75
N TRP D 60 -21.78 4.73 10.60
CA TRP D 60 -23.01 4.49 9.85
C TRP D 60 -22.88 5.08 8.45
N GLN D 61 -22.78 4.23 7.44
CA GLN D 61 -22.46 4.71 6.11
C GLN D 61 -23.14 3.81 5.08
N GLN D 62 -23.13 4.28 3.83
CA GLN D 62 -23.73 3.57 2.72
C GLN D 62 -22.93 3.87 1.46
N SER D 63 -22.99 2.95 0.51
CA SER D 63 -22.29 3.12 -0.75
C SER D 63 -23.23 3.73 -1.79
N ASP D 64 -22.64 4.32 -2.82
CA ASP D 64 -23.42 4.91 -3.90
C ASP D 64 -23.93 3.82 -4.83
N ARG D 65 -23.86 4.09 -6.13
CA ARG D 65 -24.35 3.18 -7.15
C ARG D 65 -23.18 2.40 -7.72
N TRP D 66 -23.21 1.08 -7.53
CA TRP D 66 -22.13 0.21 -7.96
C TRP D 66 -22.44 -0.38 -9.33
N SER D 67 -21.50 -1.16 -9.86
CA SER D 67 -21.61 -1.69 -11.22
C SER D 67 -22.16 -3.11 -11.27
N LEU D 68 -22.59 -3.65 -10.14
CA LEU D 68 -23.19 -4.99 -10.12
C LEU D 68 -24.66 -4.89 -10.48
N MET D 69 -25.29 -6.05 -10.64
CA MET D 69 -26.71 -6.10 -11.01
C MET D 69 -26.98 -5.30 -12.28
N ARG D 70 -26.05 -5.37 -13.23
CA ARG D 70 -26.20 -4.70 -14.51
C ARG D 70 -26.08 -5.69 -15.67
N GLY D 71 -26.58 -6.90 -15.45
CA GLY D 71 -26.70 -7.92 -16.48
C GLY D 71 -25.66 -9.01 -16.42
N ILE D 72 -24.49 -8.73 -15.85
CA ILE D 72 -23.40 -9.69 -15.82
C ILE D 72 -23.08 -10.02 -14.37
N TYR D 73 -22.67 -11.27 -14.14
CA TYR D 73 -22.29 -11.77 -12.82
C TYR D 73 -20.82 -12.14 -12.91
N SER D 74 -19.96 -11.14 -12.82
CA SER D 74 -18.52 -11.32 -12.93
C SER D 74 -17.93 -11.36 -11.52
N SER D 75 -17.33 -12.50 -11.18
CA SER D 75 -16.76 -12.66 -9.84
C SER D 75 -15.62 -11.69 -9.59
N SER D 76 -14.88 -11.31 -10.63
CA SER D 76 -13.81 -10.33 -10.46
C SER D 76 -14.38 -8.96 -10.07
N VAL D 77 -15.47 -8.56 -10.72
CA VAL D 77 -16.10 -7.29 -10.37
C VAL D 77 -16.70 -7.34 -8.97
N TYR D 78 -17.32 -8.47 -8.61
CA TYR D 78 -17.83 -8.62 -7.27
C TYR D 78 -16.72 -8.53 -6.23
N LEU D 79 -15.58 -9.18 -6.50
CA LEU D 79 -14.47 -9.12 -5.57
C LEU D 79 -13.95 -7.69 -5.44
N GLU D 80 -13.84 -6.97 -6.55
CA GLU D 80 -13.37 -5.59 -6.48
C GLU D 80 -14.32 -4.72 -5.65
N GLU D 81 -15.61 -4.77 -5.99
CA GLU D 81 -16.57 -3.92 -5.30
C GLU D 81 -16.66 -4.26 -3.82
N ILE D 82 -16.78 -5.55 -3.50
CA ILE D 82 -16.94 -5.95 -2.11
C ILE D 82 -15.68 -5.65 -1.31
N SER D 83 -14.50 -5.87 -1.91
CA SER D 83 -13.26 -5.56 -1.22
C SER D 83 -13.13 -4.07 -0.96
N SER D 84 -13.44 -3.24 -1.96
CA SER D 84 -13.40 -1.80 -1.74
C SER D 84 -14.44 -1.36 -0.73
N ILE D 85 -15.55 -2.09 -0.60
CA ILE D 85 -16.58 -1.72 0.36
C ILE D 85 -16.14 -2.04 1.78
N ILE D 86 -15.63 -3.27 1.99
CA ILE D 86 -15.15 -3.64 3.33
C ILE D 86 -13.84 -2.96 3.69
N SER D 87 -13.16 -2.34 2.72
CA SER D 87 -11.97 -1.55 3.06
C SER D 87 -12.31 -0.34 3.89
N LYS D 88 -13.54 0.16 3.83
CA LYS D 88 -13.94 1.31 4.61
C LYS D 88 -14.49 0.94 5.97
N MET D 89 -14.63 -0.35 6.28
CA MET D 89 -15.22 -0.76 7.55
C MET D 89 -14.14 -0.99 8.59
N PRO D 90 -14.38 -0.58 9.83
CA PRO D 90 -13.43 -0.90 10.91
C PRO D 90 -13.62 -2.34 11.36
N LYS D 91 -12.69 -2.80 12.19
CA LYS D 91 -12.75 -4.16 12.72
C LYS D 91 -13.83 -4.25 13.79
N ALA D 92 -14.50 -5.40 13.84
CA ALA D 92 -15.58 -5.63 14.80
C ALA D 92 -15.58 -7.09 15.22
N ASP D 93 -16.28 -7.37 16.31
CA ASP D 93 -16.34 -8.75 16.82
C ASP D 93 -17.25 -9.63 15.99
N PHE D 94 -18.31 -9.09 15.42
CA PHE D 94 -19.22 -9.85 14.58
C PHE D 94 -19.71 -8.99 13.43
N TYR D 95 -19.93 -9.63 12.29
CA TYR D 95 -20.48 -8.98 11.11
C TYR D 95 -21.80 -9.65 10.77
N VAL D 96 -22.89 -8.90 10.87
CA VAL D 96 -24.24 -9.45 10.69
C VAL D 96 -24.76 -9.10 9.30
N LEU D 97 -25.25 -10.12 8.58
CA LEU D 97 -25.84 -9.96 7.28
C LEU D 97 -27.35 -10.21 7.33
N GLU D 98 -28.03 -9.87 6.24
CA GLU D 98 -29.45 -10.14 6.10
C GLU D 98 -29.70 -11.52 5.50
N LYS D 99 -30.57 -12.29 6.14
CA LYS D 99 -31.05 -13.55 5.60
C LYS D 99 -32.48 -13.31 5.12
N THR D 100 -32.65 -13.19 3.80
CA THR D 100 -33.95 -12.88 3.24
C THR D 100 -34.82 -14.12 3.18
N GLY D 101 -36.10 -13.91 2.89
CA GLY D 101 -37.04 -15.01 2.77
C GLY D 101 -37.15 -15.50 1.35
N LEU D 102 -36.19 -15.13 0.50
CA LEU D 102 -36.20 -15.57 -0.88
C LEU D 102 -35.99 -17.07 -0.96
N SER D 103 -36.79 -17.73 -1.79
CA SER D 103 -36.71 -19.18 -1.91
C SER D 103 -36.26 -19.57 -3.31
N ILE D 104 -35.81 -20.82 -3.43
CA ILE D 104 -35.32 -21.35 -4.69
C ILE D 104 -36.51 -21.79 -5.54
N GLN D 105 -37.72 -21.47 -5.08
CA GLN D 105 -38.97 -21.81 -5.76
C GLN D 105 -39.54 -20.65 -6.56
N ASN D 106 -38.91 -19.47 -6.51
CA ASN D 106 -39.42 -18.26 -7.15
C ASN D 106 -38.55 -17.95 -8.36
N SER D 107 -38.86 -18.61 -9.49
CA SER D 107 -37.99 -18.52 -10.66
C SER D 107 -37.88 -17.10 -11.20
N SER D 108 -38.87 -16.26 -10.92
CA SER D 108 -38.81 -14.86 -11.35
C SER D 108 -37.77 -14.09 -10.55
N LEU D 109 -37.52 -14.47 -9.31
CA LEU D 109 -36.58 -13.77 -8.45
C LEU D 109 -35.22 -14.44 -8.41
N PHE D 110 -34.93 -15.33 -9.35
CA PHE D 110 -33.60 -15.94 -9.41
C PHE D 110 -32.47 -14.94 -9.57
N PRO D 111 -32.57 -13.88 -10.40
CA PRO D 111 -31.49 -12.89 -10.44
C PRO D 111 -31.17 -12.27 -9.09
N ILE D 112 -32.20 -11.96 -8.30
CA ILE D 112 -31.96 -11.43 -6.95
C ILE D 112 -31.35 -12.51 -6.06
N LEU D 113 -31.99 -13.69 -6.03
CA LEU D 113 -31.53 -14.76 -5.16
C LEU D 113 -30.10 -15.16 -5.50
N LEU D 114 -29.72 -15.04 -6.76
CA LEU D 114 -28.32 -15.28 -7.13
C LEU D 114 -27.43 -14.18 -6.59
N HIS D 115 -27.82 -12.92 -6.80
CA HIS D 115 -27.01 -11.80 -6.35
C HIS D 115 -26.73 -11.87 -4.86
N PHE D 116 -27.78 -11.93 -4.05
CA PHE D 116 -27.60 -11.92 -2.60
C PHE D 116 -26.62 -13.01 -2.16
N HIS D 117 -26.81 -14.23 -2.67
CA HIS D 117 -25.94 -15.33 -2.26
C HIS D 117 -24.49 -15.01 -2.57
N ILE D 118 -24.23 -14.50 -3.78
CA ILE D 118 -22.86 -14.14 -4.12
C ILE D 118 -22.31 -13.15 -3.09
N MET D 119 -23.08 -12.09 -2.81
CA MET D 119 -22.70 -11.16 -1.75
C MET D 119 -22.42 -11.92 -0.46
N GLU D 120 -23.42 -12.68 -0.01
CA GLU D 120 -23.28 -13.40 1.24
C GLU D 120 -22.09 -14.34 1.20
N ALA D 121 -21.76 -14.86 0.02
CA ALA D 121 -20.58 -15.70 -0.08
C ALA D 121 -19.32 -14.90 0.25
N MET D 122 -19.07 -13.82 -0.51
CA MET D 122 -17.80 -13.13 -0.36
C MET D 122 -17.69 -12.46 1.00
N LEU D 123 -18.80 -11.92 1.50
CA LEU D 123 -18.80 -11.34 2.84
C LEU D 123 -18.50 -12.40 3.89
N TYR D 124 -18.95 -13.63 3.69
CA TYR D 124 -18.56 -14.69 4.60
C TYR D 124 -17.08 -15.00 4.51
N ALA D 125 -16.50 -14.88 3.32
CA ALA D 125 -15.10 -15.24 3.15
C ALA D 125 -14.16 -14.09 3.47
N LEU D 126 -14.56 -12.86 3.13
CA LEU D 126 -13.65 -11.74 3.27
C LEU D 126 -13.63 -11.16 4.69
N LEU D 127 -14.73 -11.30 5.42
CA LEU D 127 -14.77 -10.72 6.75
C LEU D 127 -14.25 -11.65 7.84
N ASN D 128 -14.28 -12.97 7.62
CA ASN D 128 -13.76 -13.95 8.57
C ASN D 128 -12.24 -13.98 8.47
N LYS D 129 -11.61 -12.99 9.09
CA LYS D 129 -10.17 -12.83 8.97
C LYS D 129 -9.40 -13.85 9.80
N THR D 130 -10.01 -14.44 10.83
CA THR D 130 -9.34 -15.40 11.69
C THR D 130 -9.93 -16.80 11.57
N PHE D 131 -10.82 -17.02 10.60
CA PHE D 131 -11.52 -18.30 10.52
C PHE D 131 -10.60 -19.43 10.09
N ALA D 132 -9.55 -19.13 9.33
CA ALA D 132 -8.67 -20.17 8.83
C ALA D 132 -7.93 -20.87 9.96
N GLN D 133 -7.69 -20.19 11.06
CA GLN D 133 -6.92 -20.75 12.17
C GLN D 133 -7.81 -21.31 13.27
N ASP D 134 -8.81 -20.58 13.71
CA ASP D 134 -9.62 -20.98 14.85
C ASP D 134 -10.97 -21.57 14.47
N GLY D 135 -11.40 -21.39 13.22
CA GLY D 135 -12.67 -21.96 12.82
C GLY D 135 -13.85 -21.41 13.59
N GLN D 136 -13.80 -20.14 13.97
CA GLN D 136 -14.87 -19.47 14.70
C GLN D 136 -15.55 -18.48 13.76
N HIS D 137 -16.86 -18.64 13.57
CA HIS D 137 -17.58 -17.77 12.64
C HIS D 137 -17.78 -16.38 13.24
N GLN D 138 -17.46 -15.37 12.43
CA GLN D 138 -17.70 -13.97 12.78
C GLN D 138 -18.69 -13.31 11.85
N VAL D 139 -19.17 -14.02 10.83
CA VAL D 139 -20.19 -13.53 9.92
C VAL D 139 -21.45 -14.35 10.13
N LEU D 140 -22.56 -13.66 10.41
CA LEU D 140 -23.83 -14.29 10.74
C LEU D 140 -24.91 -13.86 9.77
N SER D 141 -26.00 -14.62 9.74
CA SER D 141 -27.15 -14.28 8.93
C SER D 141 -28.37 -14.11 9.83
N MET D 142 -28.89 -12.90 9.87
CA MET D 142 -30.03 -12.54 10.70
C MET D 142 -31.28 -12.46 9.85
N ASN D 143 -32.32 -13.17 10.28
CA ASN D 143 -33.55 -13.23 9.50
C ASN D 143 -34.20 -11.84 9.43
N ARG D 144 -34.39 -11.35 8.21
CA ARG D 144 -34.96 -10.02 8.04
C ARG D 144 -36.41 -9.97 8.51
N ASN D 145 -37.17 -11.02 8.21
CA ASN D 145 -38.58 -11.06 8.61
C ASN D 145 -38.74 -11.03 10.13
N ALA D 146 -37.84 -11.70 10.85
CA ALA D 146 -37.89 -11.63 12.31
C ALA D 146 -37.51 -10.26 12.82
N VAL D 147 -36.58 -9.57 12.15
CA VAL D 147 -36.28 -8.18 12.50
C VAL D 147 -37.53 -7.32 12.32
N GLY D 148 -38.32 -7.62 11.29
CA GLY D 148 -39.59 -6.92 11.12
C GLY D 148 -40.58 -7.20 12.25
N LYS D 149 -40.68 -8.47 12.67
CA LYS D 149 -41.59 -8.81 13.76
C LYS D 149 -41.16 -8.18 15.08
N HIS D 150 -39.86 -7.97 15.28
CA HIS D 150 -39.41 -7.37 16.53
C HIS D 150 -39.87 -5.93 16.65
N PHE D 151 -39.77 -5.15 15.58
CA PHE D 151 -40.18 -3.75 15.61
C PHE D 151 -41.65 -3.56 15.24
N GLU D 152 -42.41 -4.66 15.15
CA GLU D 152 -43.83 -4.62 14.82
C GLU D 152 -44.08 -3.94 13.48
N LEU D 153 -43.21 -4.20 12.52
CA LEU D 153 -43.35 -3.60 11.19
C LEU D 153 -44.02 -4.55 10.20
N MET D 154 -44.70 -5.58 10.69
CA MET D 154 -45.28 -6.59 9.82
C MET D 154 -46.72 -6.25 9.46
N ILE D 155 -47.05 -6.37 8.17
CA ILE D 155 -48.41 -6.24 7.71
C ILE D 155 -48.66 -7.38 6.73
N GLY D 156 -49.36 -8.42 7.17
CA GLY D 156 -49.61 -9.57 6.32
C GLY D 156 -48.36 -10.32 5.89
N ASP D 157 -47.50 -10.68 6.85
CA ASP D 157 -46.27 -11.42 6.58
C ASP D 157 -45.38 -10.70 5.57
N SER D 158 -45.46 -9.38 5.54
CA SER D 158 -44.60 -8.56 4.68
C SER D 158 -44.10 -7.38 5.50
N ARG D 159 -42.80 -7.11 5.41
CA ARG D 159 -42.20 -6.03 6.18
C ARG D 159 -42.52 -4.67 5.58
N THR D 160 -42.84 -3.72 6.44
CA THR D 160 -43.03 -2.33 6.05
C THR D 160 -41.74 -1.56 6.29
N SER D 161 -41.73 -0.32 5.81
CA SER D 161 -40.53 0.50 5.94
C SER D 161 -40.36 0.96 7.38
N GLY D 162 -39.14 0.81 7.91
CA GLY D 162 -38.84 1.29 9.24
C GLY D 162 -38.27 2.69 9.19
N LYS D 163 -38.51 3.39 8.08
CA LYS D 163 -37.95 4.73 7.89
C LYS D 163 -38.47 5.69 8.96
N GLU D 164 -39.76 5.60 9.29
CA GLU D 164 -40.31 6.49 10.30
C GLU D 164 -39.72 6.20 11.67
N LEU D 165 -39.45 4.93 11.97
CA LEU D 165 -38.84 4.57 13.23
C LEU D 165 -37.42 5.10 13.33
N VAL D 166 -36.67 5.03 12.22
CA VAL D 166 -35.34 5.62 12.17
C VAL D 166 -35.42 7.13 12.37
N LYS D 167 -36.45 7.76 11.80
CA LYS D 167 -36.64 9.18 12.04
C LYS D 167 -36.85 9.45 13.52
N GLN D 168 -37.61 8.57 14.20
CA GLN D 168 -37.81 8.76 15.64
C GLN D 168 -36.51 8.60 16.41
N PHE D 169 -35.72 7.56 16.10
CA PHE D 169 -34.47 7.38 16.82
C PHE D 169 -33.50 8.53 16.55
N LEU D 170 -33.55 9.11 15.36
CA LEU D 170 -32.56 10.11 14.98
C LEU D 170 -32.99 11.52 15.39
N PHE D 171 -34.28 11.83 15.30
CA PHE D 171 -34.78 13.18 15.52
C PHE D 171 -35.68 13.15 16.76
N ASP D 172 -35.04 13.11 17.92
CA ASP D 172 -35.75 13.11 19.18
C ASP D 172 -34.78 13.48 20.30
N SER D 173 -35.21 14.35 21.19
CA SER D 173 -34.37 14.78 22.30
C SER D 173 -34.66 13.85 23.49
N ILE D 174 -34.41 14.32 24.72
CA ILE D 174 -34.67 13.50 25.89
C ILE D 174 -36.18 13.34 26.03
N LEU D 175 -36.72 12.25 25.47
CA LEU D 175 -38.15 11.96 25.55
C LEU D 175 -38.55 11.34 26.89
N LYS D 176 -37.99 11.85 27.99
CA LYS D 176 -38.26 11.39 29.35
C LYS D 176 -38.15 9.87 29.50
N ALA D 177 -37.31 9.23 28.67
CA ALA D 177 -37.20 7.78 28.75
C ALA D 177 -35.96 7.32 27.98
N ASP D 178 -35.37 6.24 28.50
CA ASP D 178 -34.21 5.48 28.01
C ASP D 178 -34.16 5.40 26.49
N PRO D 179 -33.32 6.21 25.83
CA PRO D 179 -33.22 6.12 24.36
C PRO D 179 -32.56 4.83 23.88
N ARG D 180 -33.38 3.95 23.30
CA ARG D 180 -32.99 2.67 22.70
C ARG D 180 -31.63 2.64 21.99
N VAL D 181 -31.14 3.81 21.57
CA VAL D 181 -29.89 3.92 20.83
C VAL D 181 -29.28 5.29 21.15
N PHE D 182 -27.96 5.36 21.10
CA PHE D 182 -27.23 6.58 21.40
C PHE D 182 -26.40 6.99 20.19
N PHE D 183 -26.35 8.30 19.93
CA PHE D 183 -25.54 8.82 18.84
C PHE D 183 -24.50 9.77 19.38
N PRO D 184 -23.23 9.60 19.01
CA PRO D 184 -22.19 10.51 19.50
C PRO D 184 -22.40 11.91 18.97
N SER D 185 -22.08 12.90 19.81
CA SER D 185 -22.34 14.29 19.47
C SER D 185 -21.56 14.74 18.24
N ASP D 186 -20.35 14.22 18.05
CA ASP D 186 -19.54 14.61 16.90
C ASP D 186 -20.03 14.00 15.59
N LYS D 187 -20.99 13.07 15.62
CA LYS D 187 -21.47 12.40 14.42
C LYS D 187 -22.97 12.53 14.18
N ILE D 188 -23.73 13.03 15.15
CA ILE D 188 -25.18 13.12 14.99
C ILE D 188 -25.55 14.08 13.86
N VAL D 189 -24.72 15.10 13.63
CA VAL D 189 -24.98 16.04 12.55
C VAL D 189 -24.88 15.33 11.20
N HIS D 190 -23.81 14.56 11.01
CA HIS D 190 -23.62 13.82 9.78
C HIS D 190 -24.71 12.78 9.60
N TYR D 191 -25.11 12.11 10.68
CA TYR D 191 -26.15 11.08 10.58
C TYR D 191 -27.50 11.69 10.17
N ARG D 192 -27.93 12.75 10.85
CA ARG D 192 -29.24 13.33 10.53
C ARG D 192 -29.26 13.91 9.13
N GLN D 193 -28.19 14.63 8.75
CA GLN D 193 -28.12 15.21 7.42
C GLN D 193 -28.04 14.14 6.35
N MET D 194 -27.45 12.99 6.68
CA MET D 194 -27.49 11.86 5.75
C MET D 194 -28.91 11.35 5.59
N PHE D 195 -29.64 11.20 6.69
CA PHE D 195 -31.00 10.67 6.63
C PHE D 195 -31.91 11.54 5.77
N LEU D 196 -31.95 12.84 6.07
CA LEU D 196 -32.84 13.69 5.28
C LEU D 196 -32.30 13.98 3.89
N SER D 197 -30.97 13.96 3.72
CA SER D 197 -30.42 14.16 2.38
C SER D 197 -30.67 12.97 1.47
N THR D 198 -30.94 11.79 2.01
CA THR D 198 -31.24 10.61 1.21
C THR D 198 -32.70 10.17 1.31
N GLU D 199 -33.60 11.08 1.74
CA GLU D 199 -34.99 10.73 1.94
C GLU D 199 -35.76 10.53 0.64
N LEU D 200 -35.36 11.22 -0.43
CA LEU D 200 -36.11 11.12 -1.69
C LEU D 200 -35.86 9.82 -2.45
N GLN D 201 -34.77 9.12 -2.17
CA GLN D 201 -34.45 7.86 -2.83
C GLN D 201 -34.76 6.70 -1.89
N ARG D 202 -34.99 5.53 -2.49
CA ARG D 202 -35.24 4.33 -1.72
C ARG D 202 -33.91 3.83 -1.16
N VAL D 203 -33.61 4.18 0.10
CA VAL D 203 -32.40 3.70 0.75
C VAL D 203 -32.81 2.89 1.98
N GLU D 204 -33.61 1.85 1.76
CA GLU D 204 -34.07 1.04 2.88
C GLU D 204 -32.95 0.23 3.51
N GLU D 205 -31.86 -0.01 2.77
CA GLU D 205 -30.71 -0.68 3.35
C GLU D 205 -30.09 0.15 4.47
N LEU D 206 -30.03 1.47 4.27
CA LEU D 206 -29.48 2.36 5.29
C LEU D 206 -30.29 2.29 6.58
N TYR D 207 -31.61 2.24 6.48
CA TYR D 207 -32.43 2.19 7.68
C TYR D 207 -32.40 0.81 8.30
N ASP D 208 -32.62 -0.23 7.49
CA ASP D 208 -32.70 -1.59 8.00
C ASP D 208 -31.37 -2.08 8.55
N SER D 209 -30.26 -1.46 8.17
CA SER D 209 -28.98 -1.81 8.79
C SER D 209 -28.94 -1.37 10.24
N LEU D 210 -29.30 -0.10 10.50
CA LEU D 210 -29.33 0.39 11.86
C LEU D 210 -30.37 -0.37 12.68
N LEU D 211 -31.56 -0.59 12.11
CA LEU D 211 -32.58 -1.34 12.82
C LEU D 211 -32.13 -2.77 13.11
N GLN D 212 -31.37 -3.37 12.19
CA GLN D 212 -30.87 -4.71 12.42
C GLN D 212 -29.83 -4.73 13.53
N ALA D 213 -28.98 -3.70 13.59
CA ALA D 213 -28.01 -3.63 14.68
C ALA D 213 -28.73 -3.50 16.02
N ILE D 214 -29.69 -2.58 16.10
CA ILE D 214 -30.44 -2.43 17.34
C ILE D 214 -31.11 -3.74 17.72
N ALA D 215 -31.72 -4.42 16.75
CA ALA D 215 -32.38 -5.69 17.05
C ALA D 215 -31.39 -6.72 17.55
N PHE D 216 -30.19 -6.75 16.97
CA PHE D 216 -29.18 -7.70 17.42
C PHE D 216 -28.74 -7.43 18.84
N TYR D 217 -28.39 -6.17 19.16
CA TYR D 217 -27.94 -5.87 20.52
C TYR D 217 -29.05 -6.06 21.54
N GLU D 218 -30.26 -5.59 21.22
CA GLU D 218 -31.35 -5.67 22.17
C GLU D 218 -31.84 -7.09 22.36
N LEU D 219 -31.77 -7.91 21.30
CA LEU D 219 -32.32 -9.26 21.32
C LEU D 219 -31.33 -10.32 21.78
N ALA D 220 -30.07 -10.25 21.37
CA ALA D 220 -29.11 -11.31 21.63
C ALA D 220 -28.26 -11.08 22.87
N VAL D 221 -28.00 -9.83 23.21
CA VAL D 221 -27.10 -9.48 24.31
C VAL D 221 -27.89 -9.12 25.57
N PHE D 222 -29.02 -8.45 25.42
CA PHE D 222 -29.74 -7.95 26.58
C PHE D 222 -31.12 -8.61 26.70
N ASP D 223 -31.13 -9.93 26.72
CA ASP D 223 -32.38 -10.68 26.84
C ASP D 223 -32.82 -10.87 28.30
N GLN E 76 68.34 41.82 -5.18
CA GLN E 76 67.70 40.59 -4.71
C GLN E 76 67.85 40.41 -3.20
N LEU E 77 66.83 40.78 -2.44
CA LEU E 77 66.86 40.58 -0.99
C LEU E 77 66.48 39.14 -0.65
N SER E 78 67.12 38.59 0.37
CA SER E 78 66.88 37.22 0.83
C SER E 78 66.66 37.22 2.33
N GLY E 79 66.01 36.16 2.81
CA GLY E 79 65.74 36.05 4.23
C GLY E 79 66.99 35.92 5.06
N GLN E 80 67.91 35.04 4.65
CA GLN E 80 69.16 34.87 5.37
C GLN E 80 70.02 36.12 5.31
N GLN E 81 70.01 36.80 4.17
CA GLN E 81 70.70 38.09 4.05
C GLN E 81 70.09 39.12 5.00
N GLN E 82 68.76 39.10 5.13
CA GLN E 82 68.12 39.99 6.11
C GLN E 82 68.57 39.66 7.52
N ARG E 83 68.68 38.36 7.85
CA ARG E 83 69.12 37.98 9.18
C ARG E 83 70.55 38.44 9.45
N LEU E 84 71.44 38.31 8.46
CA LEU E 84 72.82 38.74 8.66
C LEU E 84 72.93 40.25 8.79
N LEU E 85 72.24 40.99 7.92
CA LEU E 85 72.29 42.45 7.99
C LEU E 85 71.74 42.96 9.32
N ALA E 86 70.60 42.41 9.74
CA ALA E 86 70.05 42.77 11.05
C ALA E 86 71.01 42.41 12.17
N PHE E 87 71.77 41.31 12.01
CA PHE E 87 72.78 40.96 12.99
C PHE E 87 73.86 42.03 13.07
N PHE E 88 74.34 42.49 11.91
CA PHE E 88 75.40 43.49 11.90
C PHE E 88 74.92 44.82 12.49
N LYS E 89 73.73 45.27 12.07
CA LYS E 89 73.20 46.52 12.61
C LYS E 89 72.96 46.43 14.11
N CYS E 90 72.41 45.30 14.58
CA CYS E 90 72.21 45.12 16.01
C CYS E 90 73.55 45.11 16.75
N CYS E 91 74.60 44.59 16.12
CA CYS E 91 75.94 44.68 16.71
C CYS E 91 76.43 46.13 16.74
N LEU E 92 76.03 46.94 15.76
CA LEU E 92 76.30 48.38 15.87
C LEU E 92 75.57 48.97 17.05
N LEU E 93 74.39 48.44 17.37
CA LEU E 93 73.64 48.96 18.51
C LEU E 93 74.25 48.55 19.83
N THR E 94 74.73 47.31 19.93
CA THR E 94 75.32 46.81 21.16
C THR E 94 76.80 47.16 21.31
N ASP E 95 77.38 47.85 20.32
CA ASP E 95 78.82 48.17 20.32
C ASP E 95 79.68 46.92 20.42
N GLN E 96 79.22 45.83 19.80
CA GLN E 96 79.98 44.58 19.77
C GLN E 96 80.67 44.42 18.42
N LEU E 97 81.56 45.37 18.12
CA LEU E 97 82.28 45.33 16.86
C LEU E 97 83.09 44.05 16.64
N PRO E 98 83.83 43.53 17.63
CA PRO E 98 84.57 42.28 17.38
C PRO E 98 83.68 41.13 16.96
N LEU E 99 82.42 41.12 17.39
CA LEU E 99 81.52 40.06 16.98
C LEU E 99 81.20 40.15 15.50
N ALA E 100 80.83 41.35 15.04
CA ALA E 100 80.53 41.55 13.63
C ALA E 100 81.76 41.30 12.76
N HIS E 101 82.94 41.71 13.22
CA HIS E 101 84.15 41.44 12.46
C HIS E 101 84.42 39.94 12.39
N HIS E 102 84.18 39.22 13.50
CA HIS E 102 84.38 37.77 13.49
C HIS E 102 83.46 37.09 12.48
N LEU E 103 82.16 37.37 12.58
CA LEU E 103 81.20 36.71 11.69
C LEU E 103 81.45 37.09 10.23
N LEU E 104 81.78 38.36 9.98
CA LEU E 104 82.00 38.80 8.61
C LEU E 104 83.27 38.19 8.02
N VAL E 105 84.33 38.08 8.82
CA VAL E 105 85.57 37.46 8.33
C VAL E 105 85.35 35.97 8.06
N VAL E 106 84.65 35.29 8.96
CA VAL E 106 84.39 33.86 8.76
C VAL E 106 83.54 33.65 7.51
N HIS E 107 82.52 34.50 7.31
CA HIS E 107 81.67 34.37 6.13
C HIS E 107 82.43 34.67 4.85
N HIS E 108 83.27 35.72 4.85
CA HIS E 108 84.01 36.06 3.65
C HIS E 108 85.09 35.02 3.34
N GLY E 109 85.60 34.33 4.36
CA GLY E 109 86.66 33.37 4.14
C GLY E 109 86.24 32.10 3.44
N GLN E 110 84.95 31.79 3.45
CA GLN E 110 84.43 30.58 2.82
C GLN E 110 83.83 30.93 1.46
N ARG E 111 84.00 30.01 0.50
CA ARG E 111 83.51 30.25 -0.85
C ARG E 111 81.99 30.37 -0.89
N GLN E 112 81.29 29.39 -0.32
CA GLN E 112 79.83 29.37 -0.40
C GLN E 112 79.18 30.43 0.49
N LYS E 113 79.87 30.89 1.54
CA LYS E 113 79.34 31.93 2.41
C LYS E 113 79.67 33.34 1.92
N ARG E 114 80.73 33.52 1.14
CA ARG E 114 81.06 34.84 0.62
C ARG E 114 79.99 35.37 -0.33
N LYS E 115 79.35 34.48 -1.08
CA LYS E 115 78.31 34.89 -2.01
C LYS E 115 77.08 35.46 -1.30
N LEU E 116 76.88 35.10 -0.03
CA LEU E 116 75.72 35.58 0.71
C LEU E 116 75.87 37.01 1.20
N LEU E 117 77.10 37.54 1.26
CA LEU E 117 77.33 38.87 1.81
C LEU E 117 77.00 39.94 0.78
N THR E 118 76.66 41.14 1.28
CA THR E 118 76.23 42.25 0.46
C THR E 118 77.04 43.50 0.83
N LEU E 119 77.07 44.45 -0.11
CA LEU E 119 77.79 45.70 0.13
C LEU E 119 77.28 46.43 1.36
N ASP E 120 75.99 46.31 1.66
CA ASP E 120 75.43 47.00 2.83
C ASP E 120 76.03 46.47 4.12
N MET E 121 76.38 45.18 4.19
CA MET E 121 76.98 44.61 5.39
C MET E 121 78.41 45.11 5.59
N TYR E 122 79.22 45.06 4.53
CA TYR E 122 80.57 45.60 4.59
C TYR E 122 80.55 47.08 4.97
N ASN E 123 79.60 47.84 4.41
CA ASN E 123 79.47 49.24 4.78
C ASN E 123 79.00 49.40 6.22
N ALA E 124 78.24 48.43 6.74
CA ALA E 124 77.81 48.50 8.12
C ALA E 124 78.99 48.33 9.07
N VAL E 125 79.76 47.25 8.90
CA VAL E 125 80.93 47.05 9.76
C VAL E 125 81.92 48.18 9.56
N MET E 126 82.06 48.65 8.32
CA MET E 126 82.93 49.79 8.02
C MET E 126 82.51 51.02 8.82
N LEU E 127 81.21 51.30 8.88
CA LEU E 127 80.72 52.43 9.65
C LEU E 127 80.92 52.20 11.15
N GLY E 128 80.89 50.94 11.59
CA GLY E 128 81.16 50.67 12.99
C GLY E 128 82.60 50.99 13.37
N TRP E 129 83.55 50.46 12.60
CA TRP E 129 84.96 50.80 12.84
C TRP E 129 85.21 52.28 12.65
N ALA E 130 84.44 52.94 11.80
CA ALA E 130 84.54 54.39 11.66
C ALA E 130 84.10 55.09 12.94
N ARG E 131 83.00 54.64 13.54
CA ARG E 131 82.55 55.25 14.79
C ARG E 131 83.51 54.97 15.93
N GLN E 132 84.21 53.84 15.89
CA GLN E 132 85.21 53.58 16.92
C GLN E 132 86.59 54.12 16.56
N GLY E 133 86.77 54.65 15.36
CA GLY E 133 88.05 55.21 14.99
C GLY E 133 89.12 54.21 14.66
N ALA E 134 88.74 53.00 14.27
CA ALA E 134 89.71 51.94 13.95
C ALA E 134 90.07 52.06 12.47
N PHE E 135 91.23 52.65 12.19
CA PHE E 135 91.65 52.80 10.79
C PHE E 135 92.08 51.47 10.20
N LYS E 136 92.82 50.68 10.96
CA LYS E 136 93.34 49.40 10.44
C LYS E 136 92.21 48.47 10.06
N GLU E 137 91.25 48.28 10.97
CA GLU E 137 90.11 47.40 10.68
C GLU E 137 89.28 47.92 9.53
N LEU E 138 89.11 49.24 9.42
CA LEU E 138 88.36 49.80 8.30
C LEU E 138 89.09 49.56 6.97
N VAL E 139 90.42 49.62 6.98
CA VAL E 139 91.17 49.28 5.76
C VAL E 139 90.99 47.80 5.43
N TYR E 140 90.96 46.94 6.46
CA TYR E 140 90.69 45.53 6.21
C TYR E 140 89.33 45.33 5.58
N VAL E 141 88.30 46.01 6.11
CA VAL E 141 86.97 45.89 5.55
C VAL E 141 86.95 46.40 4.12
N LEU E 142 87.67 47.48 3.84
CA LEU E 142 87.76 47.97 2.46
C LEU E 142 88.42 46.92 1.55
N PHE E 143 89.43 46.23 2.07
CA PHE E 143 90.03 45.13 1.31
C PHE E 143 89.01 44.05 1.01
N MET E 144 88.16 43.71 1.99
CA MET E 144 87.12 42.73 1.73
C MET E 144 86.07 43.25 0.76
N VAL E 145 85.90 44.58 0.68
CA VAL E 145 84.98 45.16 -0.30
C VAL E 145 85.53 45.00 -1.71
N LYS E 146 86.80 45.39 -1.90
CA LYS E 146 87.40 45.28 -3.23
C LYS E 146 87.65 43.82 -3.62
N ASP E 147 87.80 42.93 -2.65
CA ASP E 147 88.03 41.51 -2.90
C ASP E 147 86.73 40.72 -3.04
N ALA E 148 85.57 41.35 -2.81
CA ALA E 148 84.30 40.66 -2.94
C ALA E 148 84.06 40.13 -4.36
N GLY E 149 84.25 40.96 -5.40
CA GLY E 149 84.71 42.34 -5.37
C GLY E 149 83.67 43.37 -5.73
N LEU E 150 83.16 44.07 -4.72
CA LEU E 150 82.21 45.14 -4.92
C LEU E 150 82.94 46.49 -5.03
N THR E 151 82.18 47.56 -5.16
CA THR E 151 82.77 48.88 -5.26
C THR E 151 82.26 49.79 -4.15
N PRO E 152 83.13 50.61 -3.57
CA PRO E 152 82.68 51.50 -2.49
C PRO E 152 81.70 52.55 -2.99
N ASP E 153 80.64 52.78 -2.21
CA ASP E 153 79.60 53.73 -2.55
C ASP E 153 79.62 54.91 -1.57
N LEU E 154 78.49 55.62 -1.49
CA LEU E 154 78.43 56.82 -0.66
C LEU E 154 78.68 56.49 0.82
N LEU E 155 78.05 55.42 1.32
CA LEU E 155 78.21 55.07 2.73
C LEU E 155 79.63 54.63 3.04
N SER E 156 80.33 54.00 2.09
CA SER E 156 81.71 53.59 2.32
C SER E 156 82.62 54.79 2.50
N TYR E 157 82.57 55.74 1.56
CA TYR E 157 83.37 56.95 1.69
C TYR E 157 82.94 57.77 2.89
N ALA E 158 81.66 57.70 3.27
CA ALA E 158 81.21 58.37 4.49
C ALA E 158 81.86 57.76 5.73
N ALA E 159 81.98 56.44 5.76
CA ALA E 159 82.64 55.79 6.89
C ALA E 159 84.13 56.12 6.91
N ALA E 160 84.79 56.07 5.75
CA ALA E 160 86.21 56.41 5.70
C ALA E 160 86.45 57.84 6.17
N LEU E 161 85.67 58.79 5.64
CA LEU E 161 85.82 60.18 6.05
C LEU E 161 85.51 60.37 7.53
N GLN E 162 84.53 59.62 8.05
CA GLN E 162 84.21 59.73 9.47
C GLN E 162 85.36 59.24 10.34
N CYS E 163 85.98 58.11 9.94
CA CYS E 163 87.11 57.60 10.70
C CYS E 163 88.31 58.54 10.63
N MET E 164 88.56 59.13 9.45
CA MET E 164 89.67 60.07 9.33
C MET E 164 89.41 61.32 10.16
N GLY E 165 88.16 61.78 10.21
CA GLY E 165 87.85 62.96 11.02
C GLY E 165 87.92 62.70 12.51
N ARG E 166 87.42 61.54 12.95
CA ARG E 166 87.46 61.20 14.37
C ARG E 166 88.89 60.95 14.83
N GLN E 167 89.71 60.33 13.99
CA GLN E 167 91.10 60.06 14.32
C GLN E 167 92.04 61.22 14.01
N ASP E 168 91.53 62.31 13.43
CA ASP E 168 92.32 63.48 13.09
C ASP E 168 93.49 63.11 12.17
N GLN E 169 93.15 62.54 11.02
CA GLN E 169 94.13 62.14 10.04
C GLN E 169 94.67 63.37 9.28
N ASP E 170 95.78 63.16 8.58
CA ASP E 170 96.38 64.22 7.78
C ASP E 170 95.49 64.55 6.59
N ALA E 171 95.67 65.77 6.05
CA ALA E 171 94.83 66.20 4.94
C ALA E 171 95.15 65.47 3.64
N GLY E 172 96.29 64.76 3.58
CA GLY E 172 96.63 64.05 2.36
C GLY E 172 95.70 62.88 2.09
N THR E 173 95.44 62.06 3.12
CA THR E 173 94.56 60.91 2.95
C THR E 173 93.13 61.37 2.65
N ILE E 174 92.72 62.48 3.26
CA ILE E 174 91.38 63.01 3.00
C ILE E 174 91.29 63.55 1.57
N GLU E 175 92.34 64.20 1.10
CA GLU E 175 92.37 64.70 -0.27
C GLU E 175 92.31 63.54 -1.26
N ARG E 176 93.13 62.51 -1.02
CA ARG E 176 93.07 61.32 -1.87
C ARG E 176 91.70 60.67 -1.81
N CYS E 177 91.01 60.78 -0.69
CA CYS E 177 89.66 60.24 -0.60
C CYS E 177 88.69 61.06 -1.45
N LEU E 178 88.85 62.39 -1.46
CA LEU E 178 87.96 63.22 -2.27
C LEU E 178 88.24 63.06 -3.76
N GLU E 179 89.50 62.81 -4.14
CA GLU E 179 89.84 62.64 -5.54
C GLU E 179 89.46 61.24 -6.03
N GLN E 180 89.63 60.22 -5.19
CA GLN E 180 89.14 58.89 -5.52
C GLN E 180 87.61 58.89 -5.62
N MET E 181 86.95 59.64 -4.74
CA MET E 181 85.50 59.78 -4.82
C MET E 181 85.09 60.51 -6.10
N SER E 182 85.87 61.50 -6.52
CA SER E 182 85.58 62.19 -7.77
C SER E 182 85.82 61.27 -8.97
N GLN E 183 86.79 60.36 -8.88
CA GLN E 183 87.03 59.42 -9.96
C GLN E 183 85.96 58.35 -10.04
N GLU E 184 85.40 57.94 -8.89
CA GLU E 184 84.29 56.99 -8.88
C GLU E 184 82.98 57.62 -9.33
N GLY E 185 82.91 58.95 -9.41
CA GLY E 185 81.73 59.62 -9.89
C GLY E 185 80.76 60.07 -8.83
N LEU E 186 81.10 59.93 -7.55
CA LEU E 186 80.19 60.30 -6.47
C LEU E 186 80.30 61.79 -6.16
N LYS E 187 79.17 62.36 -5.74
CA LYS E 187 79.07 63.77 -5.39
C LYS E 187 79.23 63.96 -3.90
N LEU E 188 79.78 65.12 -3.51
CA LEU E 188 80.03 65.38 -2.09
C LEU E 188 78.74 65.64 -1.33
N GLN E 189 77.77 66.31 -1.96
CA GLN E 189 76.50 66.61 -1.28
C GLN E 189 75.60 65.39 -1.21
N ALA E 190 75.68 64.49 -2.19
CA ALA E 190 74.89 63.27 -2.18
C ALA E 190 75.22 62.39 -0.98
N LEU E 191 76.39 62.59 -0.38
CA LEU E 191 76.73 61.87 0.84
C LEU E 191 75.98 62.42 2.04
N PHE E 192 75.88 63.74 2.16
CA PHE E 192 75.14 64.34 3.26
C PHE E 192 73.62 64.28 3.05
N THR E 193 73.16 63.95 1.85
CA THR E 193 71.72 63.83 1.62
C THR E 193 71.23 62.39 1.56
N ALA E 194 72.07 61.43 1.16
CA ALA E 194 71.64 60.06 0.90
C ALA E 194 72.16 59.03 1.89
N VAL E 195 72.94 59.44 2.89
CA VAL E 195 73.56 58.53 3.84
C VAL E 195 72.92 58.72 5.21
N LEU E 196 72.70 57.61 5.92
CA LEU E 196 72.13 57.64 7.27
C LEU E 196 73.24 57.87 8.27
N LEU E 197 73.39 59.11 8.73
CA LEU E 197 74.40 59.47 9.72
C LEU E 197 73.76 60.27 10.85
N SER E 198 74.13 59.95 12.08
CA SER E 198 73.68 60.72 13.23
C SER E 198 74.38 62.08 13.26
N GLU E 199 73.87 62.98 14.11
CA GLU E 199 74.44 64.31 14.20
C GLU E 199 75.89 64.26 14.68
N GLU E 200 76.27 63.22 15.43
CA GLU E 200 77.67 63.04 15.76
C GLU E 200 78.44 62.55 14.55
N ASP E 201 77.85 61.63 13.78
CA ASP E 201 78.48 61.17 12.54
C ASP E 201 78.54 62.29 11.51
N ARG E 202 77.43 63.04 11.35
CA ARG E 202 77.44 64.19 10.47
C ARG E 202 78.48 65.23 10.91
N ALA E 203 78.62 65.41 12.22
CA ALA E 203 79.58 66.39 12.74
C ALA E 203 81.01 65.95 12.48
N THR E 204 81.30 64.66 12.64
CA THR E 204 82.66 64.18 12.39
C THR E 204 82.98 64.20 10.91
N VAL E 205 82.01 63.84 10.05
CA VAL E 205 82.25 63.90 8.62
C VAL E 205 82.44 65.34 8.16
N LEU E 206 81.64 66.26 8.70
CA LEU E 206 81.85 67.68 8.39
C LEU E 206 83.22 68.14 8.84
N LYS E 207 83.65 67.71 10.03
CA LYS E 207 84.98 68.08 10.51
C LYS E 207 86.07 67.50 9.62
N ALA E 208 85.81 66.35 9.00
CA ALA E 208 86.77 65.77 8.08
C ALA E 208 86.83 66.53 6.76
N VAL E 209 85.66 66.95 6.26
CA VAL E 209 85.64 67.67 4.99
C VAL E 209 86.25 69.06 5.16
N HIS E 210 86.02 69.70 6.30
CA HIS E 210 86.55 71.04 6.55
C HIS E 210 88.07 71.07 6.64
N LYS E 211 88.74 69.92 6.70
CA LYS E 211 90.21 69.90 6.70
C LYS E 211 90.79 70.07 5.30
N VAL E 212 90.11 69.57 4.28
CA VAL E 212 90.52 69.74 2.90
C VAL E 212 89.65 70.77 2.18
N LYS E 213 88.34 70.70 2.37
CA LYS E 213 87.40 71.67 1.83
C LYS E 213 86.76 72.47 2.97
N PRO E 214 87.44 73.50 3.48
CA PRO E 214 86.90 74.23 4.64
C PRO E 214 85.69 75.09 4.32
N THR E 215 85.50 75.50 3.06
CA THR E 215 84.35 76.31 2.67
C THR E 215 83.20 75.45 2.15
N PHE E 216 82.96 74.30 2.78
CA PHE E 216 81.85 73.42 2.42
C PHE E 216 80.73 73.61 3.44
N SER E 217 79.59 74.15 2.98
CA SER E 217 78.45 74.41 3.84
C SER E 217 77.21 73.71 3.27
N LEU E 218 76.46 73.06 4.16
CA LEU E 218 75.21 72.43 3.75
C LEU E 218 74.16 73.52 3.53
N PRO E 219 73.21 73.31 2.63
CA PRO E 219 72.21 74.36 2.35
C PRO E 219 71.31 74.60 3.54
N PRO E 220 71.35 75.81 4.13
CA PRO E 220 70.47 76.12 5.26
C PRO E 220 69.07 76.48 4.77
N GLN E 221 68.10 75.61 5.07
CA GLN E 221 66.70 75.85 4.68
C GLN E 221 65.92 76.23 5.93
N LEU E 222 65.45 77.48 5.99
CA LEU E 222 64.78 77.94 7.21
C LEU E 222 63.27 78.13 7.06
N PRO E 223 62.79 78.90 6.08
CA PRO E 223 61.35 79.19 6.03
C PRO E 223 60.55 77.95 5.69
N PRO E 224 59.45 77.71 6.40
CA PRO E 224 58.52 76.67 5.99
C PRO E 224 57.42 77.28 5.14
N PRO E 225 57.10 76.67 4.02
CA PRO E 225 56.06 77.24 3.16
C PRO E 225 54.68 77.15 3.81
N VAL E 226 53.85 78.16 3.50
CA VAL E 226 52.50 78.27 4.05
C VAL E 226 51.53 77.72 3.03
N ASN E 227 50.50 77.03 3.51
CA ASN E 227 49.57 76.38 2.60
C ASN E 227 48.81 77.44 1.80
N THR E 228 48.79 77.28 0.47
CA THR E 228 48.09 78.19 -0.41
C THR E 228 46.81 77.58 -0.96
N SER E 229 46.23 76.61 -0.25
CA SER E 229 44.97 76.03 -0.66
C SER E 229 43.87 77.09 -0.61
N LYS E 230 42.83 76.89 -1.42
CA LYS E 230 41.74 77.85 -1.46
C LYS E 230 41.06 77.97 -0.11
N LEU E 231 40.74 76.84 0.52
CA LEU E 231 40.02 76.85 1.79
C LEU E 231 40.94 77.09 2.99
N LEU E 232 42.24 76.84 2.84
CA LEU E 232 43.20 76.99 3.93
C LEU E 232 44.08 78.23 3.76
N ARG E 233 43.72 79.14 2.86
CA ARG E 233 44.55 80.32 2.64
C ARG E 233 44.55 81.23 3.86
N ASP E 234 43.36 81.56 4.36
CA ASP E 234 43.24 82.51 5.47
C ASP E 234 43.73 81.95 6.79
N VAL E 235 43.96 80.64 6.89
CA VAL E 235 44.42 80.07 8.16
C VAL E 235 45.88 80.41 8.40
N TYR E 236 46.69 80.45 7.33
CA TYR E 236 48.12 80.70 7.45
C TYR E 236 48.54 82.08 6.95
N ALA E 237 47.65 82.82 6.30
CA ALA E 237 47.97 84.17 5.84
C ALA E 237 48.18 85.09 7.04
N LYS E 238 49.24 85.91 7.00
CA LYS E 238 49.56 86.82 8.08
C LYS E 238 48.57 87.97 8.21
N ASP E 239 47.76 88.22 7.19
CA ASP E 239 46.79 89.31 7.21
C ASP E 239 45.59 88.89 8.06
N GLY E 240 45.42 89.53 9.20
CA GLY E 240 44.30 89.27 10.08
C GLY E 240 44.70 89.31 11.53
N ARG E 241 43.74 89.70 12.38
CA ARG E 241 43.94 89.75 13.83
C ARG E 241 43.67 88.37 14.40
N VAL E 242 44.72 87.68 14.84
CA VAL E 242 44.60 86.36 15.45
C VAL E 242 44.58 86.52 16.96
N SER E 243 43.74 85.74 17.62
CA SER E 243 43.65 85.71 19.07
C SER E 243 43.72 84.26 19.54
N TYR E 244 44.86 83.63 19.27
CA TYR E 244 45.02 82.21 19.59
C TYR E 244 44.89 81.97 21.08
N PRO E 245 44.13 80.97 21.51
CA PRO E 245 43.90 80.77 22.95
C PRO E 245 45.08 80.12 23.63
N LYS E 246 45.27 80.49 24.89
CA LYS E 246 46.30 79.92 25.72
C LYS E 246 45.66 79.14 26.86
N LEU E 247 46.41 78.17 27.38
CA LEU E 247 45.92 77.35 28.48
C LEU E 247 45.84 78.17 29.77
N HIS E 248 45.18 77.58 30.76
CA HIS E 248 45.04 78.22 32.06
C HIS E 248 46.20 77.94 32.99
N LEU E 249 47.06 77.01 32.65
CA LEU E 249 48.18 76.57 33.48
C LEU E 249 49.43 77.40 33.18
N PRO E 250 50.26 77.64 34.18
CA PRO E 250 51.51 78.39 33.97
C PRO E 250 52.56 77.52 33.29
N LEU E 251 53.73 78.13 33.05
CA LEU E 251 54.80 77.43 32.35
C LEU E 251 55.37 76.29 33.19
N LYS E 252 55.65 76.56 34.46
CA LYS E 252 56.27 75.55 35.31
C LYS E 252 55.34 74.35 35.49
N THR E 253 54.05 74.59 35.74
CA THR E 253 53.12 73.49 35.93
C THR E 253 53.04 72.62 34.67
N LEU E 254 53.01 73.25 33.50
CA LEU E 254 53.01 72.46 32.28
C LEU E 254 54.30 71.66 32.13
N GLN E 255 55.43 72.24 32.53
CA GLN E 255 56.68 71.50 32.46
C GLN E 255 56.65 70.30 33.39
N CYS E 256 56.05 70.45 34.57
CA CYS E 256 55.92 69.32 35.49
C CYS E 256 55.01 68.24 34.92
N LEU E 257 53.90 68.65 34.32
CA LEU E 257 53.03 67.67 33.65
C LEU E 257 53.79 66.93 32.57
N PHE E 258 54.65 67.65 31.83
CA PHE E 258 55.50 66.98 30.86
C PHE E 258 56.41 65.96 31.54
N GLU E 259 56.91 66.29 32.74
CA GLU E 259 57.77 65.33 33.43
C GLU E 259 56.99 64.10 33.87
N LYS E 260 55.73 64.28 34.28
CA LYS E 260 54.93 63.14 34.71
C LYS E 260 54.56 62.25 33.52
N GLN E 261 54.21 62.86 32.39
CA GLN E 261 53.90 62.06 31.20
C GLN E 261 55.15 61.36 30.66
N LEU E 262 56.29 62.04 30.68
CA LEU E 262 57.54 61.43 30.23
C LEU E 262 57.91 60.25 31.11
N HIS E 263 57.80 60.41 32.43
CA HIS E 263 58.06 59.28 33.33
C HIS E 263 57.10 58.14 33.05
N MET E 264 55.83 58.45 32.81
CA MET E 264 54.85 57.40 32.57
C MET E 264 55.15 56.62 31.29
N GLU E 265 55.52 57.33 30.21
CA GLU E 265 55.85 56.63 28.97
C GLU E 265 57.17 55.88 29.07
N LEU E 266 58.13 56.41 29.83
CA LEU E 266 59.38 55.68 30.03
C LEU E 266 59.14 54.40 30.82
N ALA E 267 58.13 54.38 31.68
CA ALA E 267 57.84 53.18 32.43
C ALA E 267 57.09 52.13 31.61
N SER E 268 56.41 52.53 30.53
CA SER E 268 55.67 51.63 29.63
C SER E 268 54.47 50.97 30.29
N ARG E 269 54.26 51.21 31.58
CA ARG E 269 53.14 50.63 32.29
C ARG E 269 52.47 51.67 33.18
N VAL E 270 51.16 51.52 33.35
CA VAL E 270 50.39 52.40 34.22
C VAL E 270 49.61 51.53 35.18
N CYS E 271 49.74 51.79 36.47
CA CYS E 271 49.01 51.07 37.49
C CYS E 271 47.83 51.92 37.96
N VAL E 272 46.64 51.33 37.91
CA VAL E 272 45.42 52.02 38.27
C VAL E 272 44.72 51.23 39.38
N VAL E 273 44.27 51.95 40.41
CA VAL E 273 43.56 51.30 41.51
C VAL E 273 42.20 50.83 40.99
N SER E 274 41.87 49.57 41.27
CA SER E 274 40.59 49.02 40.82
C SER E 274 39.45 49.58 41.67
N VAL E 275 38.40 50.07 40.98
CA VAL E 275 37.22 50.60 41.68
C VAL E 275 36.27 49.50 42.14
N GLU E 276 36.57 48.24 41.82
CA GLU E 276 35.74 47.15 42.28
C GLU E 276 35.97 46.92 43.77
N LYS E 277 34.90 46.58 44.49
CA LYS E 277 34.70 46.40 45.94
C LYS E 277 35.61 47.21 46.86
N PRO E 278 35.26 47.35 48.14
CA PRO E 278 36.16 48.06 49.06
C PRO E 278 37.19 47.18 49.75
N THR E 279 37.80 47.72 50.80
CA THR E 279 38.94 47.12 51.50
C THR E 279 38.58 45.83 52.24
N LEU E 280 38.68 44.69 51.55
CA LEU E 280 38.43 43.37 52.15
C LEU E 280 39.72 42.56 52.13
N PRO E 281 40.49 42.53 53.20
CA PRO E 281 41.75 41.77 53.18
C PRO E 281 41.54 40.27 53.19
N SER E 282 40.60 39.77 53.99
CA SER E 282 40.32 38.35 54.12
C SER E 282 41.54 37.55 54.60
N LYS E 283 41.32 36.27 54.89
CA LYS E 283 42.38 35.42 55.42
C LYS E 283 43.13 34.70 54.31
N GLU E 284 42.40 33.98 53.44
CA GLU E 284 43.02 33.18 52.39
C GLU E 284 43.76 34.06 51.38
N VAL E 285 43.30 35.30 51.20
CA VAL E 285 43.92 36.19 50.23
C VAL E 285 45.36 36.49 50.62
N LYS E 286 45.61 36.66 51.92
CA LYS E 286 46.98 36.96 52.37
C LYS E 286 47.92 35.81 52.04
N HIS E 287 47.51 34.58 52.33
CA HIS E 287 48.34 33.43 52.03
C HIS E 287 48.52 33.27 50.53
N ALA E 288 47.47 33.50 49.75
CA ALA E 288 47.58 33.40 48.30
C ALA E 288 48.56 34.43 47.76
N ARG E 289 48.49 35.66 48.26
CA ARG E 289 49.42 36.69 47.81
C ARG E 289 50.85 36.35 48.20
N LYS E 290 51.05 35.79 49.39
CA LYS E 290 52.39 35.39 49.80
C LYS E 290 52.95 34.30 48.89
N THR E 291 52.12 33.30 48.60
CA THR E 291 52.55 32.21 47.72
C THR E 291 52.87 32.73 46.32
N LEU E 292 52.04 33.64 45.80
CA LEU E 292 52.30 34.19 44.47
C LEU E 292 53.58 35.03 44.45
N LYS E 293 53.86 35.74 45.55
CA LYS E 293 55.09 36.54 45.61
C LYS E 293 56.31 35.63 45.63
N THR E 294 56.27 34.56 46.44
CA THR E 294 57.38 33.63 46.48
C THR E 294 57.61 32.97 45.12
N LEU E 295 56.51 32.53 44.48
CA LEU E 295 56.63 31.92 43.16
C LEU E 295 57.18 32.89 42.14
N ARG E 296 56.80 34.17 42.24
CA ARG E 296 57.30 35.17 41.29
C ARG E 296 58.77 35.45 41.52
N ASP E 297 59.25 35.40 42.76
CA ASP E 297 60.69 35.54 42.99
C ASP E 297 61.45 34.34 42.45
N GLN E 298 60.95 33.12 42.72
CA GLN E 298 61.60 31.93 42.18
C GLN E 298 61.67 31.98 40.66
N TRP E 299 60.57 32.38 40.02
CA TRP E 299 60.56 32.51 38.57
C TRP E 299 61.48 33.62 38.10
N GLU E 300 61.68 34.66 38.90
CA GLU E 300 62.65 35.69 38.53
C GLU E 300 64.06 35.12 38.48
N LYS E 301 64.44 34.37 39.52
CA LYS E 301 65.78 33.76 39.53
C LYS E 301 65.93 32.77 38.39
N ALA E 302 64.92 31.92 38.18
CA ALA E 302 65.00 30.93 37.10
C ALA E 302 65.08 31.61 35.75
N LEU E 303 64.33 32.68 35.54
CA LEU E 303 64.36 33.39 34.27
C LEU E 303 65.68 34.10 34.05
N CYS E 304 66.28 34.64 35.11
CA CYS E 304 67.60 35.26 34.98
C CYS E 304 68.64 34.23 34.58
N ARG E 305 68.67 33.10 35.30
CA ARG E 305 69.65 32.06 35.01
C ARG E 305 69.48 31.51 33.60
N ALA E 306 68.24 31.15 33.24
CA ALA E 306 67.98 30.64 31.90
C ALA E 306 68.28 31.68 30.84
N LEU E 307 68.09 32.97 31.14
CA LEU E 307 68.41 34.01 30.17
C LEU E 307 69.91 34.11 29.93
N ARG E 308 70.70 34.07 31.00
CA ARG E 308 72.15 34.13 30.83
C ARG E 308 72.67 32.88 30.14
N GLU E 309 72.13 31.71 30.48
CA GLU E 309 72.53 30.47 29.83
C GLU E 309 72.17 30.50 28.34
N THR E 310 70.99 31.02 28.01
CA THR E 310 70.60 31.14 26.61
C THR E 310 71.51 32.10 25.87
N LYS E 311 71.90 33.21 26.53
CA LYS E 311 72.85 34.13 25.90
C LYS E 311 74.19 33.46 25.65
N ASN E 312 74.62 32.58 26.58
CA ASN E 312 75.86 31.85 26.36
C ASN E 312 75.74 30.88 25.18
N ARG E 313 74.61 30.18 25.08
CA ARG E 313 74.41 29.26 23.96
C ARG E 313 74.40 29.99 22.63
N LEU E 314 73.60 31.05 22.53
CA LEU E 314 73.55 31.82 21.28
C LEU E 314 74.88 32.48 20.97
N GLU E 315 75.64 32.86 21.99
CA GLU E 315 76.97 33.40 21.76
C GLU E 315 77.90 32.33 21.17
N ARG E 316 77.85 31.10 21.69
CA ARG E 316 78.64 30.03 21.09
C ARG E 316 78.17 29.69 19.68
N GLU E 317 76.88 29.93 19.37
CA GLU E 317 76.42 29.77 18.01
C GLU E 317 76.94 30.90 17.12
N VAL E 318 77.22 32.07 17.69
CA VAL E 318 77.87 33.13 16.92
C VAL E 318 79.34 32.81 16.73
N TYR E 319 79.95 32.08 17.67
CA TYR E 319 81.33 31.66 17.50
C TYR E 319 81.51 30.84 16.23
N GLU E 320 80.46 30.17 15.78
CA GLU E 320 80.46 29.48 14.49
C GLU E 320 79.93 30.41 13.40
N GLY E 321 80.05 29.95 12.15
CA GLY E 321 79.67 30.75 11.01
C GLY E 321 78.17 30.86 10.77
N ARG E 322 77.39 30.77 11.84
CA ARG E 322 75.94 30.84 11.74
C ARG E 322 75.39 32.03 12.52
N PHE E 323 74.27 32.56 12.02
CA PHE E 323 73.61 33.70 12.64
C PHE E 323 72.73 33.24 13.81
N SER E 324 72.65 34.09 14.84
CA SER E 324 71.79 33.82 15.98
C SER E 324 71.38 35.13 16.62
N LEU E 325 70.42 35.04 17.54
CA LEU E 325 69.81 36.19 18.19
C LEU E 325 70.56 36.66 19.42
N TYR E 326 71.87 36.44 19.48
CA TYR E 326 72.62 36.82 20.68
C TYR E 326 72.65 38.33 20.90
N PRO E 327 73.03 39.17 19.92
CA PRO E 327 73.08 40.62 20.21
C PRO E 327 71.73 41.23 20.53
N PHE E 328 70.65 40.70 19.93
CA PHE E 328 69.31 41.19 20.26
C PHE E 328 69.01 40.98 21.74
N LEU E 329 69.47 39.85 22.31
CA LEU E 329 69.41 39.66 23.76
C LEU E 329 70.40 40.57 24.47
N CYS E 330 71.48 40.99 23.80
CA CYS E 330 72.38 41.96 24.39
C CYS E 330 71.88 43.40 24.25
N LEU E 331 70.64 43.60 23.75
CA LEU E 331 70.09 44.95 23.60
C LEU E 331 69.46 45.51 24.87
N LEU E 332 69.07 44.66 25.82
CA LEU E 332 68.30 45.11 26.98
C LEU E 332 69.01 44.71 28.28
N ASP E 333 68.57 45.34 29.37
CA ASP E 333 69.19 45.18 30.69
C ASP E 333 68.84 43.85 31.37
N GLU E 334 68.39 42.85 30.62
CA GLU E 334 68.09 41.53 31.15
C GLU E 334 66.99 41.58 32.21
N ARG E 335 67.20 42.35 33.28
CA ARG E 335 66.16 42.51 34.29
C ARG E 335 64.87 43.04 33.66
N GLU E 336 64.99 43.92 32.65
CA GLU E 336 63.80 44.34 31.93
C GLU E 336 63.18 43.18 31.17
N VAL E 337 64.01 42.26 30.67
CA VAL E 337 63.48 41.09 29.99
C VAL E 337 62.72 40.21 30.96
N VAL E 338 63.29 39.99 32.15
CA VAL E 338 62.63 39.14 33.12
C VAL E 338 61.34 39.77 33.60
N ARG E 339 61.35 41.07 33.85
CA ARG E 339 60.13 41.76 34.27
C ARG E 339 59.07 41.73 33.17
N MET E 340 59.50 41.81 31.91
CA MET E 340 58.55 41.73 30.81
C MET E 340 57.92 40.35 30.73
N LEU E 341 58.72 39.31 30.86
CA LEU E 341 58.19 37.96 30.83
C LEU E 341 57.26 37.70 32.01
N LEU E 342 57.63 38.17 33.21
CA LEU E 342 56.74 37.99 34.34
C LEU E 342 55.45 38.78 34.18
N GLN E 343 55.52 39.94 33.50
CA GLN E 343 54.31 40.72 33.24
C GLN E 343 53.40 40.00 32.25
N VAL E 344 53.99 39.43 31.19
CA VAL E 344 53.20 38.68 30.23
C VAL E 344 52.62 37.44 30.89
N LEU E 345 53.36 36.84 31.82
CA LEU E 345 52.87 35.68 32.55
C LEU E 345 51.72 36.05 33.48
N GLN E 346 51.78 37.24 34.09
CA GLN E 346 50.70 37.68 34.97
C GLN E 346 49.44 38.02 34.17
N ALA E 347 49.61 38.58 32.98
CA ALA E 347 48.49 38.99 32.13
C ALA E 347 48.05 37.90 31.17
N LEU E 348 48.60 36.69 31.29
CA LEU E 348 48.19 35.60 30.42
C LEU E 348 46.77 35.17 30.78
N PRO E 349 45.86 35.05 29.81
CA PRO E 349 44.51 34.59 30.11
C PRO E 349 44.50 33.14 30.56
N ALA E 350 43.46 32.81 31.33
CA ALA E 350 43.37 31.47 31.90
C ALA E 350 43.13 30.39 30.85
N GLN E 351 42.58 30.74 29.69
CA GLN E 351 42.26 29.75 28.68
C GLN E 351 43.39 29.49 27.70
N GLY E 352 44.35 30.41 27.60
CA GLY E 352 45.50 30.19 26.74
C GLY E 352 45.55 31.19 25.60
N GLU E 353 46.73 31.25 24.99
CA GLU E 353 46.98 32.13 23.86
C GLU E 353 47.72 31.37 22.78
N SER E 354 47.55 31.85 21.56
CA SER E 354 48.29 31.30 20.43
C SER E 354 49.78 31.52 20.64
N PHE E 355 50.56 30.46 20.42
CA PHE E 355 52.00 30.54 20.62
C PHE E 355 52.63 31.57 19.70
N THR E 356 52.18 31.62 18.45
CA THR E 356 52.73 32.60 17.50
C THR E 356 52.38 34.03 17.91
N THR E 357 51.14 34.28 18.32
CA THR E 357 50.77 35.61 18.78
C THR E 357 51.52 36.01 20.04
N LEU E 358 51.81 35.05 20.93
CA LEU E 358 52.63 35.33 22.10
C LEU E 358 54.04 35.74 21.67
N ALA E 359 54.59 35.04 20.66
CA ALA E 359 55.90 35.41 20.14
C ALA E 359 55.88 36.83 19.56
N ARG E 360 54.83 37.17 18.81
CA ARG E 360 54.72 38.52 18.26
C ARG E 360 54.64 39.56 19.36
N GLU E 361 53.96 39.24 20.47
CA GLU E 361 53.87 40.18 21.58
C GLU E 361 55.21 40.37 22.27
N LEU E 362 55.94 39.28 22.52
CA LEU E 362 57.24 39.39 23.17
C LEU E 362 58.24 40.14 22.30
N SER E 363 58.21 39.88 20.99
CA SER E 363 59.09 40.60 20.08
C SER E 363 58.72 42.07 19.99
N ALA E 364 57.42 42.38 19.96
CA ALA E 364 57.00 43.77 19.89
C ALA E 364 57.40 44.54 21.13
N ARG E 365 57.20 43.95 22.31
CA ARG E 365 57.57 44.64 23.54
C ARG E 365 59.08 44.75 23.67
N THR E 366 59.81 43.73 23.21
CA THR E 366 61.27 43.80 23.24
C THR E 366 61.77 44.93 22.36
N PHE E 367 61.26 45.02 21.13
CA PHE E 367 61.65 46.10 20.24
C PHE E 367 61.26 47.45 20.80
N SER E 368 60.07 47.54 21.40
CA SER E 368 59.61 48.81 21.93
C SER E 368 60.49 49.28 23.08
N ARG E 369 60.73 48.41 24.06
CA ARG E 369 61.61 48.80 25.18
C ARG E 369 63.02 49.08 24.69
N HIS E 370 63.45 48.43 23.61
CA HIS E 370 64.72 48.77 23.00
C HIS E 370 64.72 50.21 22.47
N VAL E 371 63.63 50.62 21.83
CA VAL E 371 63.53 52.00 21.35
C VAL E 371 63.53 52.97 22.53
N VAL E 372 62.84 52.61 23.61
CA VAL E 372 62.77 53.48 24.79
C VAL E 372 64.17 53.69 25.37
N GLN E 373 64.89 52.60 25.63
CA GLN E 373 66.24 52.73 26.18
C GLN E 373 67.17 53.45 25.22
N ARG E 374 66.99 53.24 23.92
CA ARG E 374 67.86 53.91 22.95
C ARG E 374 67.64 55.42 22.97
N GLN E 375 66.39 55.87 22.95
CA GLN E 375 66.13 57.30 23.07
C GLN E 375 66.60 57.82 24.42
N ARG E 376 66.55 56.99 25.45
CA ARG E 376 66.99 57.43 26.78
C ARG E 376 68.49 57.67 26.81
N VAL E 377 69.27 56.82 26.15
CA VAL E 377 70.73 56.89 26.23
C VAL E 377 71.36 57.71 25.11
N SER E 378 70.62 58.01 24.05
CA SER E 378 71.19 58.76 22.94
C SER E 378 71.02 60.26 23.06
N GLY E 379 70.42 60.73 24.17
CA GLY E 379 70.18 62.16 24.35
C GLY E 379 68.94 62.70 23.69
N GLN E 380 68.12 61.84 23.06
CA GLN E 380 66.90 62.33 22.44
C GLN E 380 65.89 62.81 23.48
N VAL E 381 65.89 62.19 24.66
CA VAL E 381 64.96 62.60 25.70
C VAL E 381 65.35 63.97 26.26
N GLN E 382 66.65 64.20 26.45
CA GLN E 382 67.09 65.50 26.97
C GLN E 382 66.84 66.61 25.96
N ALA E 383 67.17 66.35 24.68
CA ALA E 383 66.86 67.33 23.65
C ALA E 383 65.37 67.56 23.52
N LEU E 384 64.56 66.51 23.72
CA LEU E 384 63.11 66.68 23.73
C LEU E 384 62.65 67.51 24.92
N GLN E 385 63.34 67.41 26.06
CA GLN E 385 63.04 68.32 27.17
C GLN E 385 63.31 69.76 26.76
N ASN E 386 64.51 70.03 26.26
CA ASN E 386 64.85 71.40 25.88
C ASN E 386 63.92 71.94 24.80
N HIS E 387 63.42 71.06 23.92
CA HIS E 387 62.50 71.49 22.87
C HIS E 387 61.11 71.76 23.43
N TYR E 388 60.56 70.79 24.17
CA TYR E 388 59.19 70.89 24.66
C TYR E 388 59.03 72.03 25.65
N ARG E 389 60.01 72.23 26.52
CA ARG E 389 59.91 73.30 27.51
C ARG E 389 59.85 74.66 26.83
N LYS E 390 60.53 74.82 25.70
CA LYS E 390 60.40 76.07 24.95
C LYS E 390 59.14 76.10 24.11
N TYR E 391 58.61 74.94 23.72
CA TYR E 391 57.33 74.91 23.02
C TYR E 391 56.19 75.35 23.94
N LEU E 392 56.28 75.05 25.23
CA LEU E 392 55.21 75.40 26.17
C LEU E 392 55.03 76.89 26.34
N CYS E 393 55.94 77.72 25.83
CA CYS E 393 55.78 79.16 25.95
C CYS E 393 54.55 79.64 25.20
N LEU E 394 54.17 78.95 24.12
CA LEU E 394 52.98 79.33 23.36
C LEU E 394 51.70 78.94 24.07
N LEU E 395 51.71 77.83 24.80
CA LEU E 395 50.51 77.34 25.45
C LEU E 395 50.35 77.84 26.87
N ALA E 396 51.44 78.25 27.53
CA ALA E 396 51.38 78.67 28.92
C ALA E 396 50.63 79.99 29.06
N SER E 397 50.05 80.19 30.24
CA SER E 397 49.31 81.41 30.51
C SER E 397 50.22 82.57 30.89
N ASP E 398 51.27 82.28 31.67
CA ASP E 398 52.20 83.30 32.16
C ASP E 398 53.42 83.47 31.27
N ALA E 399 53.30 83.23 29.97
CA ALA E 399 54.43 83.36 29.06
C ALA E 399 53.93 83.87 27.71
N GLU E 400 54.78 84.63 27.04
CA GLU E 400 54.47 85.17 25.72
C GLU E 400 55.43 84.60 24.70
N VAL E 401 55.06 84.74 23.43
CA VAL E 401 55.90 84.33 22.32
C VAL E 401 56.23 85.58 21.51
N PRO E 402 57.31 85.55 20.74
CA PRO E 402 57.62 86.73 19.90
C PRO E 402 56.49 87.09 18.95
N GLU E 403 55.95 86.11 18.23
CA GLU E 403 54.85 86.33 17.30
C GLU E 403 53.77 85.29 17.53
N PRO E 404 52.50 85.70 17.50
CA PRO E 404 51.41 84.72 17.62
C PRO E 404 51.40 83.78 16.41
N CYS E 405 51.32 82.48 16.69
CA CYS E 405 51.39 81.48 15.64
C CYS E 405 50.75 80.19 16.16
N LEU E 406 50.60 79.24 15.24
CA LEU E 406 50.03 77.95 15.57
C LEU E 406 51.08 77.08 16.25
N PRO E 407 50.65 76.06 16.99
CA PRO E 407 51.61 75.17 17.67
C PRO E 407 52.60 74.50 16.73
N ARG E 408 52.14 74.03 15.58
CA ARG E 408 53.06 73.39 14.64
C ARG E 408 54.09 74.39 14.14
N GLN E 409 53.66 75.61 13.84
CA GLN E 409 54.59 76.63 13.35
C GLN E 409 55.65 76.96 14.38
N TYR E 410 55.23 77.14 15.65
CA TYR E 410 56.20 77.45 16.69
C TYR E 410 57.14 76.27 16.94
N TRP E 411 56.61 75.05 16.88
CA TRP E 411 57.44 73.87 17.09
C TRP E 411 58.50 73.75 16.02
N GLU E 412 58.13 73.95 14.76
CA GLU E 412 59.11 73.89 13.67
C GLU E 412 60.06 75.07 13.72
N ALA E 413 59.60 76.20 14.26
CA ALA E 413 60.47 77.37 14.37
C ALA E 413 61.50 77.21 15.49
N LEU E 414 61.21 76.39 16.49
CA LEU E 414 62.14 76.21 17.61
C LEU E 414 63.38 75.45 17.18
N GLY E 415 63.21 74.22 16.70
CA GLY E 415 64.35 73.48 16.18
C GLY E 415 64.23 73.28 14.68
N ALA E 416 63.62 72.19 14.24
CA ALA E 416 63.32 71.04 15.09
C ALA E 416 64.17 69.87 14.61
N PRO E 417 64.71 69.08 15.54
CA PRO E 417 65.52 67.93 15.10
C PRO E 417 64.70 66.79 14.52
N GLU E 418 63.52 66.52 15.08
CA GLU E 418 62.61 65.48 14.63
C GLU E 418 63.19 64.07 14.76
N ALA E 419 64.48 63.92 14.48
CA ALA E 419 65.23 62.66 14.59
C ALA E 419 64.52 61.59 13.74
N LEU E 420 64.65 60.33 14.13
CA LEU E 420 64.02 59.21 13.45
C LEU E 420 63.78 58.08 14.45
N ARG E 421 63.11 57.03 13.98
CA ARG E 421 62.85 55.83 14.77
C ARG E 421 63.56 54.65 14.13
N GLU E 422 64.06 53.74 14.96
CA GLU E 422 64.76 52.58 14.46
C GLU E 422 63.82 51.70 13.64
N GLN E 423 64.20 51.44 12.40
CA GLN E 423 63.38 50.62 11.53
C GLN E 423 63.25 49.22 12.10
N PRO E 424 62.04 48.66 12.12
CA PRO E 424 61.84 47.36 12.78
C PRO E 424 62.61 46.24 12.09
N TRP E 425 62.79 45.15 12.83
CA TRP E 425 63.50 43.98 12.33
C TRP E 425 62.67 43.25 11.27
N PRO E 426 63.32 42.41 10.45
CA PRO E 426 62.55 41.54 9.55
C PRO E 426 61.66 40.57 10.32
N LEU E 427 60.56 40.18 9.69
CA LEU E 427 59.61 39.27 10.35
C LEU E 427 60.26 37.98 10.85
N PRO E 428 61.18 37.34 10.12
CA PRO E 428 61.82 36.13 10.70
C PRO E 428 62.55 36.40 12.01
N VAL E 429 63.24 37.54 12.12
CA VAL E 429 63.93 37.86 13.36
C VAL E 429 62.92 38.00 14.49
N GLN E 430 61.82 38.71 14.22
CA GLN E 430 60.79 38.91 15.24
C GLN E 430 60.22 37.57 15.71
N MET E 431 59.85 36.71 14.77
CA MET E 431 59.26 35.43 15.14
C MET E 431 60.25 34.59 15.94
N GLU E 432 61.50 34.52 15.47
CA GLU E 432 62.49 33.69 16.15
C GLU E 432 62.75 34.19 17.56
N LEU E 433 62.87 35.51 17.74
CA LEU E 433 63.10 36.05 19.07
C LEU E 433 61.91 35.81 19.98
N GLY E 434 60.70 36.01 19.47
CA GLY E 434 59.51 35.82 20.29
C GLY E 434 59.34 34.37 20.74
N LYS E 435 59.51 33.43 19.81
CA LYS E 435 59.40 32.03 20.16
C LYS E 435 60.52 31.61 21.12
N LEU E 436 61.72 32.17 20.93
CA LEU E 436 62.82 31.90 21.85
C LEU E 436 62.45 32.34 23.27
N LEU E 437 61.97 33.57 23.42
CA LEU E 437 61.62 34.08 24.74
C LEU E 437 60.46 33.30 25.35
N ALA E 438 59.46 32.94 24.54
CA ALA E 438 58.32 32.18 25.06
C ALA E 438 58.76 30.82 25.58
N GLU E 439 59.53 30.08 24.77
CA GLU E 439 59.98 28.77 25.19
C GLU E 439 60.88 28.87 26.43
N MET E 440 61.69 29.93 26.51
CA MET E 440 62.49 30.14 27.71
C MET E 440 61.61 30.37 28.94
N LEU E 441 60.52 31.12 28.78
CA LEU E 441 59.57 31.32 29.88
C LEU E 441 58.94 29.99 30.29
N VAL E 442 58.69 29.10 29.31
CA VAL E 442 58.13 27.80 29.64
C VAL E 442 59.12 26.97 30.43
N GLN E 443 60.40 26.98 30.02
CA GLN E 443 61.39 26.13 30.66
C GLN E 443 61.74 26.62 32.07
N ALA E 444 61.75 27.95 32.27
CA ALA E 444 62.24 28.48 33.54
C ALA E 444 61.18 28.40 34.64
N THR E 445 59.93 28.67 34.31
CA THR E 445 58.87 28.76 35.32
C THR E 445 58.42 27.38 35.76
N GLN E 446 58.42 27.15 37.07
CA GLN E 446 58.01 25.88 37.65
C GLN E 446 57.31 26.14 38.97
N MET E 447 56.56 25.14 39.43
CA MET E 447 55.77 25.27 40.65
C MET E 447 55.39 23.88 41.12
N PRO E 448 55.03 23.71 42.40
CA PRO E 448 54.57 22.40 42.88
C PRO E 448 53.11 22.13 42.51
N CYS E 449 52.50 21.15 43.18
CA CYS E 449 51.09 20.81 42.97
C CYS E 449 50.15 21.76 43.70
N SER E 450 50.67 22.73 44.43
CA SER E 450 49.93 23.76 45.20
C SER E 450 49.07 23.05 46.26
N LEU E 451 47.83 23.49 46.49
CA LEU E 451 46.96 22.97 47.54
C LEU E 451 47.65 23.17 48.87
N ASP E 452 47.99 22.13 49.63
CA ASP E 452 48.67 22.29 50.91
C ASP E 452 49.41 21.02 51.32
N ARG E 456 56.92 21.42 50.50
CA ARG E 456 55.53 21.44 50.04
C ARG E 456 55.16 20.12 49.37
N SER E 457 54.70 20.19 48.13
CA SER E 457 54.28 19.01 47.40
C SER E 457 55.47 18.14 47.02
N SER E 458 55.22 16.85 46.84
CA SER E 458 56.27 15.90 46.46
C SER E 458 56.68 16.07 45.00
N ARG E 459 55.73 16.43 44.14
CA ARG E 459 55.96 16.54 42.71
C ARG E 459 55.95 18.01 42.30
N LEU E 460 56.86 18.38 41.40
CA LEU E 460 57.00 19.74 40.90
C LEU E 460 56.85 19.74 39.38
N VAL E 461 55.92 20.53 38.87
CA VAL E 461 55.57 20.54 37.45
C VAL E 461 55.69 21.97 36.91
N PRO E 462 55.83 22.12 35.60
CA PRO E 462 55.80 23.46 35.01
C PRO E 462 54.42 24.07 35.10
N VAL E 463 54.36 25.36 34.78
CA VAL E 463 53.11 26.12 34.86
C VAL E 463 52.46 26.27 33.49
N LEU E 464 53.25 26.42 32.44
CA LEU E 464 52.72 26.58 31.10
C LEU E 464 52.89 25.26 30.33
N TYR E 465 51.88 24.93 29.51
CA TYR E 465 51.88 23.68 28.76
C TYR E 465 51.39 23.93 27.34
N HIS E 466 51.93 23.15 26.42
CA HIS E 466 51.39 23.09 25.08
C HIS E 466 50.20 22.13 25.09
N VAL E 467 49.12 22.51 24.40
CA VAL E 467 47.90 21.68 24.41
C VAL E 467 47.53 21.23 23.01
N TYR E 468 47.88 22.01 22.00
CA TYR E 468 47.56 21.70 20.61
C TYR E 468 46.05 21.46 20.44
N SER E 469 45.31 22.54 20.71
CA SER E 469 43.87 22.54 20.60
C SER E 469 43.47 23.22 19.30
N PHE E 470 42.17 23.33 19.09
CA PHE E 470 41.63 24.02 17.92
C PHE E 470 41.14 25.39 18.37
N ARG E 471 41.74 26.45 17.84
CA ARG E 471 41.33 27.79 18.25
C ARG E 471 40.38 28.35 17.21
N ASN E 472 40.88 28.82 16.09
CA ASN E 472 40.04 29.28 14.99
C ASN E 472 40.23 28.37 13.79
N VAL E 473 39.20 27.58 13.48
CA VAL E 473 39.18 26.54 12.45
C VAL E 473 40.49 25.76 12.46
N GLN E 474 41.59 26.38 12.04
CA GLN E 474 42.85 25.63 11.99
C GLN E 474 43.37 25.33 13.38
N GLN E 475 43.93 24.13 13.54
CA GLN E 475 44.51 23.69 14.79
C GLN E 475 45.76 24.51 15.07
N ILE E 476 45.99 24.83 16.34
CA ILE E 476 47.13 25.67 16.69
C ILE E 476 47.57 25.31 18.10
N GLY E 477 48.87 25.45 18.35
CA GLY E 477 49.42 25.19 19.68
C GLY E 477 49.12 26.34 20.62
N ILE E 478 48.58 26.02 21.79
CA ILE E 478 48.18 27.04 22.75
C ILE E 478 48.94 26.81 24.04
N LEU E 479 49.61 27.87 24.52
CA LEU E 479 50.25 27.82 25.82
C LEU E 479 49.19 28.04 26.88
N LYS E 480 49.03 27.09 27.79
CA LYS E 480 47.96 27.16 28.76
C LYS E 480 48.52 27.13 30.18
N PRO E 481 48.05 27.98 31.09
CA PRO E 481 48.54 27.94 32.46
C PRO E 481 47.91 26.80 33.25
N HIS E 482 48.64 26.38 34.28
CA HIS E 482 48.15 25.31 35.14
C HIS E 482 46.95 25.79 35.94
N PRO E 483 45.95 24.93 36.16
CA PRO E 483 44.76 25.36 36.91
C PRO E 483 45.09 25.83 38.32
N ALA E 484 46.16 25.30 38.92
CA ALA E 484 46.57 25.78 40.23
C ALA E 484 47.04 27.22 40.16
N TYR E 485 47.71 27.60 39.08
CA TYR E 485 48.12 28.98 38.91
C TYR E 485 46.93 29.90 38.68
N VAL E 486 45.95 29.43 37.91
CA VAL E 486 44.74 30.21 37.66
C VAL E 486 43.98 30.43 38.96
N GLN E 487 43.77 29.35 39.73
CA GLN E 487 43.07 29.46 41.00
C GLN E 487 43.86 30.29 42.00
N LEU E 488 45.20 30.24 41.93
CA LEU E 488 46.02 31.08 42.78
C LEU E 488 45.81 32.56 42.46
N LEU E 489 45.81 32.91 41.17
CA LEU E 489 45.58 34.30 40.80
C LEU E 489 44.16 34.76 41.12
N GLU E 490 43.18 33.86 41.02
CA GLU E 490 41.81 34.24 41.35
C GLU E 490 41.63 34.42 42.84
N LYS E 491 42.34 33.63 43.66
CA LYS E 491 42.24 33.82 45.10
C LYS E 491 43.03 35.05 45.58
N ALA E 492 44.14 35.37 44.90
CA ALA E 492 44.93 36.52 45.32
C ALA E 492 44.13 37.81 45.21
N ALA E 493 43.33 37.94 44.15
CA ALA E 493 42.50 39.12 43.91
C ALA E 493 43.34 40.41 43.94
N GLU E 494 44.22 40.49 42.96
CA GLU E 494 45.12 41.63 42.84
C GLU E 494 44.31 42.91 42.67
N PRO E 495 44.38 43.85 43.62
CA PRO E 495 43.53 45.04 43.57
C PRO E 495 43.99 46.12 42.60
N THR E 496 44.94 45.84 41.73
CA THR E 496 45.46 46.83 40.80
C THR E 496 45.25 46.36 39.36
N LEU E 497 45.08 47.31 38.47
CA LEU E 497 44.95 47.06 37.04
C LEU E 497 46.11 47.72 36.31
N THR E 498 46.50 47.15 35.18
CA THR E 498 47.64 47.61 34.41
C THR E 498 47.19 48.06 33.03
N PHE E 499 47.60 49.26 32.64
CA PHE E 499 47.33 49.80 31.31
C PHE E 499 48.64 50.13 30.62
N GLU E 500 48.59 50.14 29.29
CA GLU E 500 49.72 50.56 28.49
C GLU E 500 49.84 52.08 28.51
N ALA E 501 51.06 52.58 28.34
CA ALA E 501 51.27 54.02 28.37
C ALA E 501 50.45 54.72 27.29
N VAL E 502 50.21 54.05 26.16
CA VAL E 502 49.45 54.64 25.07
C VAL E 502 47.95 54.46 25.21
N ASP E 503 47.50 53.71 26.22
CA ASP E 503 46.07 53.51 26.43
C ASP E 503 45.45 54.57 27.33
N VAL E 504 46.26 55.31 28.08
CA VAL E 504 45.72 56.31 29.00
C VAL E 504 45.95 57.69 28.42
N PRO E 505 45.10 58.67 28.75
CA PRO E 505 45.30 60.02 28.23
C PRO E 505 46.62 60.59 28.71
N MET E 506 47.20 61.44 27.87
CA MET E 506 48.48 62.05 28.22
C MET E 506 48.29 63.07 29.33
N LEU E 507 49.25 63.12 30.25
CA LEU E 507 49.20 64.03 31.37
C LEU E 507 49.70 65.44 31.01
N CYS E 508 50.17 65.64 29.80
CA CYS E 508 50.66 66.93 29.32
C CYS E 508 50.19 67.13 27.89
N PRO E 509 50.23 68.37 27.39
CA PRO E 509 49.83 68.63 25.99
C PRO E 509 50.63 67.79 25.02
N PRO E 510 49.98 67.14 24.05
CA PRO E 510 50.69 66.21 23.17
C PRO E 510 51.64 66.96 22.23
N LEU E 511 52.49 66.18 21.56
CA LEU E 511 53.40 66.74 20.58
C LEU E 511 52.65 67.11 19.31
N PRO E 512 52.87 68.30 18.77
CA PRO E 512 52.14 68.72 17.57
C PRO E 512 52.51 67.87 16.36
N TRP E 513 51.52 67.61 15.51
CA TRP E 513 51.73 66.82 14.31
C TRP E 513 52.50 67.63 13.28
N THR E 514 53.68 67.16 12.91
CA THR E 514 54.46 67.78 11.87
C THR E 514 54.67 66.89 10.65
N SER E 515 54.37 65.60 10.75
CA SER E 515 54.55 64.66 9.66
C SER E 515 53.72 63.42 9.94
N PRO E 516 53.43 62.61 8.92
CA PRO E 516 52.67 61.37 9.16
C PRO E 516 53.37 60.34 10.04
N HIS E 517 54.54 60.67 10.60
CA HIS E 517 55.32 59.72 11.39
C HIS E 517 55.83 60.29 12.70
N SER E 518 55.52 61.55 13.02
CA SER E 518 55.99 62.16 14.25
C SER E 518 54.87 63.00 14.85
N GLY E 519 54.30 62.53 15.95
CA GLY E 519 53.26 63.28 16.62
C GLY E 519 52.66 62.46 17.74
N ALA E 520 51.67 63.08 18.39
CA ALA E 520 50.87 62.47 19.46
C ALA E 520 51.78 62.23 20.66
N PHE E 521 52.02 60.98 21.07
CA PHE E 521 52.81 60.69 22.25
C PHE E 521 54.27 61.11 22.04
N LEU E 522 54.98 61.34 23.15
CA LEU E 522 56.34 61.87 23.06
C LEU E 522 57.35 60.81 22.64
N LEU E 523 57.26 59.59 23.17
CA LEU E 523 58.20 58.52 22.87
C LEU E 523 57.63 57.43 21.95
N SER E 524 56.37 57.03 22.14
CA SER E 524 55.75 55.99 21.32
C SER E 524 55.31 56.57 19.98
N PRO E 525 55.63 55.92 18.87
CA PRO E 525 55.15 56.42 17.57
C PRO E 525 53.67 56.17 17.41
N THR E 526 53.01 57.06 16.66
CA THR E 526 51.58 56.98 16.42
C THR E 526 51.32 57.15 14.94
N LYS E 527 50.56 56.23 14.36
CA LYS E 527 50.22 56.33 12.94
C LYS E 527 49.33 57.53 12.70
N LEU E 528 49.48 58.13 11.50
CA LEU E 528 48.62 59.27 11.18
C LEU E 528 47.25 58.82 10.70
N MET E 529 47.18 57.74 9.93
CA MET E 529 45.93 57.14 9.52
C MET E 529 45.76 55.77 10.15
N ARG E 530 44.52 55.43 10.46
CA ARG E 530 44.18 54.21 11.19
C ARG E 530 44.06 53.01 10.27
N THR E 531 45.11 52.74 9.49
CA THR E 531 45.10 51.54 8.66
C THR E 531 45.17 50.32 9.56
N VAL E 532 44.14 49.47 9.48
CA VAL E 532 44.08 48.29 10.32
C VAL E 532 45.23 47.34 9.99
N GLU E 533 45.94 46.89 11.03
CA GLU E 533 46.89 45.78 10.97
C GLU E 533 48.09 46.09 10.08
N GLY E 534 48.54 47.35 10.11
CA GLY E 534 49.71 47.76 9.37
C GLY E 534 49.57 47.62 7.86
N ALA E 535 48.57 48.29 7.28
CA ALA E 535 48.30 48.14 5.85
C ALA E 535 49.34 48.78 4.95
N THR E 536 50.23 49.62 5.49
CA THR E 536 51.34 50.25 4.76
C THR E 536 50.96 51.06 3.53
N GLN E 537 49.72 50.91 3.05
CA GLN E 537 49.29 51.54 1.80
C GLN E 537 49.21 53.06 1.91
N HIS E 538 48.41 53.55 2.85
CA HIS E 538 48.09 54.98 2.92
C HIS E 538 49.30 55.83 3.26
N GLN E 539 50.16 55.36 4.17
CA GLN E 539 51.21 56.20 4.72
C GLN E 539 52.17 56.70 3.64
N GLU E 540 52.51 55.84 2.67
CA GLU E 540 53.41 56.29 1.61
C GLU E 540 52.78 57.39 0.77
N LEU E 541 51.46 57.30 0.53
CA LEU E 541 50.78 58.38 -0.17
C LEU E 541 50.63 59.62 0.70
N LEU E 542 50.65 59.46 2.02
CA LEU E 542 50.71 60.64 2.90
C LEU E 542 52.07 61.32 2.81
N GLU E 543 53.14 60.54 2.66
CA GLU E 543 54.47 61.13 2.54
C GLU E 543 54.73 61.66 1.13
N THR E 544 53.98 61.21 0.13
CA THR E 544 54.25 61.61 -1.25
C THR E 544 53.84 63.05 -1.52
N CYS E 545 52.66 63.47 -1.06
CA CYS E 545 52.16 64.80 -1.35
C CYS E 545 53.07 65.88 -0.76
N PRO E 546 53.01 67.09 -1.28
CA PRO E 546 53.83 68.17 -0.72
C PRO E 546 53.50 68.38 0.74
N PRO E 547 54.47 68.81 1.55
CA PRO E 547 54.21 68.96 3.00
C PRO E 547 53.07 69.92 3.31
N THR E 548 53.06 71.08 2.64
CA THR E 548 52.02 72.08 2.86
C THR E 548 50.63 71.50 2.65
N ALA E 549 50.48 70.57 1.71
CA ALA E 549 49.17 70.01 1.43
C ALA E 549 48.54 69.38 2.66
N LEU E 550 49.36 68.86 3.58
CA LEU E 550 48.84 68.24 4.78
C LEU E 550 48.72 69.22 5.95
N HIS E 551 49.34 70.40 5.85
CA HIS E 551 49.43 71.31 7.00
C HIS E 551 48.10 71.45 7.71
N GLY E 552 47.03 71.68 6.94
CA GLY E 552 45.70 71.86 7.49
C GLY E 552 45.34 70.74 8.44
N ALA E 553 45.32 69.49 7.92
CA ALA E 553 45.00 68.37 8.80
C ALA E 553 45.97 68.31 9.96
N LEU E 554 47.27 68.48 9.69
CA LEU E 554 48.27 68.40 10.74
C LEU E 554 48.02 69.42 11.85
N ASP E 555 47.40 70.56 11.50
CA ASP E 555 47.06 71.52 12.54
C ASP E 555 45.79 71.12 13.28
N ALA E 556 44.77 70.66 12.54
CA ALA E 556 43.50 70.32 13.17
C ALA E 556 43.70 69.24 14.22
N LEU E 557 44.39 68.16 13.87
CA LEU E 557 44.65 67.09 14.83
C LEU E 557 45.42 67.58 16.05
N THR E 558 46.24 68.63 15.89
CA THR E 558 46.90 69.19 17.06
C THR E 558 45.89 69.91 17.95
N GLN E 559 44.99 70.70 17.34
CA GLN E 559 44.04 71.47 18.12
C GLN E 559 43.15 70.57 18.97
N LEU E 560 42.62 69.51 18.36
CA LEU E 560 41.82 68.58 19.14
C LEU E 560 42.63 67.96 20.26
N GLY E 561 43.93 67.72 20.01
CA GLY E 561 44.77 67.11 21.04
C GLY E 561 45.06 68.03 22.20
N ASN E 562 45.19 69.32 21.94
CA ASN E 562 45.53 70.29 22.97
C ASN E 562 44.36 70.67 23.87
N CYS E 563 43.20 70.05 23.68
CA CYS E 563 42.05 70.31 24.54
C CYS E 563 42.27 69.65 25.91
N ALA E 564 42.25 70.46 26.97
CA ALA E 564 42.49 69.95 28.31
C ALA E 564 41.18 69.51 28.94
N TRP E 565 41.14 68.25 29.39
CA TRP E 565 39.96 67.66 30.01
C TRP E 565 40.19 67.43 31.50
N ARG E 566 39.09 67.18 32.22
CA ARG E 566 39.15 66.83 33.63
C ARG E 566 37.92 66.02 33.99
N VAL E 567 38.01 65.30 35.11
CA VAL E 567 36.94 64.40 35.53
C VAL E 567 36.00 65.13 36.48
N ASN E 568 34.70 65.06 36.21
CA ASN E 568 33.69 65.66 37.07
C ASN E 568 33.56 64.85 38.34
N GLY E 569 34.01 65.41 39.46
CA GLY E 569 34.07 64.64 40.70
C GLY E 569 32.71 64.17 41.18
N ARG E 570 31.69 65.04 41.06
CA ARG E 570 30.35 64.65 41.49
C ARG E 570 29.84 63.46 40.69
N VAL E 571 29.90 63.55 39.36
CA VAL E 571 29.38 62.49 38.51
C VAL E 571 30.12 61.19 38.76
N LEU E 572 31.44 61.26 38.94
CA LEU E 572 32.21 60.05 39.22
C LEU E 572 31.83 59.46 40.57
N ASP E 573 31.58 60.31 41.58
CA ASP E 573 31.20 59.80 42.89
C ASP E 573 29.86 59.08 42.83
N LEU E 574 28.89 59.63 42.10
CA LEU E 574 27.59 58.97 41.99
C LEU E 574 27.71 57.67 41.19
N VAL E 575 28.35 57.73 40.02
CA VAL E 575 28.49 56.54 39.18
C VAL E 575 29.21 55.44 39.94
N LEU E 576 30.23 55.80 40.72
CA LEU E 576 30.91 54.78 41.52
C LEU E 576 30.03 54.26 42.64
N GLN E 577 29.27 55.15 43.29
CA GLN E 577 28.36 54.69 44.34
C GLN E 577 27.38 53.66 43.81
N LEU E 578 26.87 53.86 42.59
CA LEU E 578 26.00 52.85 42.01
C LEU E 578 26.78 51.60 41.60
N PHE E 579 27.99 51.79 41.08
CA PHE E 579 28.76 50.68 40.51
C PHE E 579 29.22 49.69 41.57
N GLN E 580 29.70 50.20 42.71
CA GLN E 580 30.25 49.34 43.75
C GLN E 580 29.18 48.58 44.51
N ALA E 581 27.93 49.03 44.47
CA ALA E 581 26.86 48.37 45.20
C ALA E 581 26.19 47.30 44.34
N LYS E 582 25.05 47.64 43.73
CA LYS E 582 24.30 46.69 42.93
C LYS E 582 24.26 47.06 41.45
N GLY E 583 24.72 48.25 41.09
CA GLY E 583 24.68 48.69 39.71
C GLY E 583 23.29 49.15 39.31
N CYS E 584 23.23 49.72 38.11
CA CYS E 584 21.97 50.17 37.60
C CYS E 584 21.98 50.16 36.07
N PRO E 585 21.67 49.02 35.44
CA PRO E 585 21.74 48.96 33.96
C PRO E 585 20.83 49.94 33.27
N GLN E 586 19.80 50.43 33.96
CA GLN E 586 18.91 51.42 33.37
C GLN E 586 19.62 52.74 33.12
N LEU E 587 20.68 53.02 33.89
CA LEU E 587 21.44 54.25 33.72
C LEU E 587 22.80 54.00 33.08
N GLY E 588 22.98 52.84 32.45
CA GLY E 588 24.25 52.52 31.83
C GLY E 588 25.33 52.13 32.80
N VAL E 589 24.98 51.65 33.97
CA VAL E 589 25.93 51.19 34.98
C VAL E 589 25.83 49.66 35.04
N PRO E 590 26.85 48.92 34.61
CA PRO E 590 26.74 47.46 34.60
C PRO E 590 26.60 46.91 36.01
N ALA E 591 25.77 45.84 36.15
CA ALA E 591 25.49 45.16 37.42
C ALA E 591 26.50 44.04 37.64
N PRO E 592 26.87 43.80 38.91
CA PRO E 592 27.83 42.73 39.20
C PRO E 592 27.23 41.37 38.92
N PRO E 593 28.06 40.32 38.86
CA PRO E 593 27.51 38.98 38.62
C PRO E 593 26.56 38.51 39.71
N SER E 594 26.52 39.19 40.86
CA SER E 594 25.58 38.84 41.91
C SER E 594 24.13 39.07 41.50
N GLU E 595 23.88 39.96 40.53
CA GLU E 595 22.53 40.26 40.09
C GLU E 595 22.13 39.47 38.86
N ALA E 596 22.92 38.48 38.45
CA ALA E 596 22.59 37.68 37.30
C ALA E 596 21.34 36.84 37.57
N PRO E 597 20.51 36.59 36.56
CA PRO E 597 19.30 35.80 36.78
C PRO E 597 19.63 34.35 37.10
N GLN E 598 19.05 33.85 38.17
CA GLN E 598 19.26 32.49 38.65
C GLN E 598 18.16 31.56 38.15
N PRO E 599 18.49 30.29 37.91
CA PRO E 599 17.47 29.34 37.47
C PRO E 599 16.75 28.73 38.65
N PRO E 600 15.45 29.00 38.78
CA PRO E 600 14.69 28.40 39.88
C PRO E 600 13.88 27.19 39.41
N GLU E 601 14.22 25.99 39.88
CA GLU E 601 15.29 25.77 40.85
C GLU E 601 16.31 24.78 40.27
N ALA E 602 17.15 24.20 41.12
CA ALA E 602 18.15 23.24 40.69
C ALA E 602 17.50 22.04 40.01
N HIS E 603 18.28 21.37 39.17
CA HIS E 603 17.81 20.23 38.40
C HIS E 603 17.21 19.15 39.30
N LEU E 604 16.17 18.49 38.80
CA LEU E 604 15.58 17.33 39.45
C LEU E 604 15.38 16.21 38.43
N PRO E 605 16.46 15.62 37.94
CA PRO E 605 16.38 14.46 37.05
C PRO E 605 16.39 13.16 37.85
N HIS E 606 16.08 12.04 37.18
CA HIS E 606 15.82 11.94 35.75
C HIS E 606 14.47 11.31 35.42
N SER E 607 13.72 10.93 36.46
CA SER E 607 12.47 10.19 36.25
C SER E 607 11.52 10.92 35.30
N ALA E 608 11.44 12.24 35.42
CA ALA E 608 10.62 13.05 34.52
C ALA E 608 11.19 14.45 34.49
N ALA E 609 11.38 14.99 33.29
CA ALA E 609 11.02 14.31 32.04
C ALA E 609 12.13 14.51 31.01
N PRO E 610 12.17 13.67 29.98
CA PRO E 610 13.19 13.85 28.92
C PRO E 610 13.10 15.19 28.21
N ALA E 611 11.94 15.84 28.22
CA ALA E 611 11.84 17.19 27.66
C ALA E 611 12.24 18.25 28.68
N ARG E 612 12.10 17.95 29.98
CA ARG E 612 12.47 18.92 31.01
C ARG E 612 13.98 19.05 31.13
N LYS E 613 14.73 17.99 30.79
CA LYS E 613 16.19 18.09 30.79
C LYS E 613 16.67 19.09 29.74
N ALA E 614 16.05 19.08 28.56
CA ALA E 614 16.41 20.04 27.52
C ALA E 614 15.84 21.42 27.80
N GLU E 615 14.67 21.50 28.47
CA GLU E 615 14.12 22.79 28.84
C GLU E 615 15.00 23.49 29.86
N LEU E 616 15.40 22.78 30.92
CA LEU E 616 16.33 23.35 31.89
C LEU E 616 17.71 23.52 31.29
N ARG E 617 18.07 22.71 30.29
CA ARG E 617 19.32 22.91 29.58
C ARG E 617 19.34 24.26 28.87
N ARG E 618 18.25 24.58 28.16
CA ARG E 618 18.18 25.87 27.48
C ARG E 618 18.05 27.02 28.47
N GLU E 619 17.36 26.80 29.59
CA GLU E 619 17.28 27.85 30.61
C GLU E 619 18.65 28.15 31.20
N LEU E 620 19.42 27.10 31.53
CA LEU E 620 20.78 27.31 32.01
C LEU E 620 21.63 28.00 30.96
N ALA E 621 21.43 27.67 29.68
CA ALA E 621 22.16 28.34 28.61
C ALA E 621 21.84 29.82 28.57
N HIS E 622 20.57 30.17 28.79
CA HIS E 622 20.18 31.58 28.79
C HIS E 622 20.76 32.31 29.99
N CYS E 623 20.75 31.68 31.17
CA CYS E 623 21.34 32.30 32.34
C CYS E 623 22.84 32.52 32.17
N GLN E 624 23.51 31.56 31.53
CA GLN E 624 24.95 31.69 31.30
C GLN E 624 25.23 32.77 30.25
N LYS E 625 24.36 32.89 29.24
CA LYS E 625 24.52 33.96 28.25
C LYS E 625 24.39 35.33 28.90
N VAL E 626 23.31 35.54 29.66
CA VAL E 626 23.10 36.82 30.33
C VAL E 626 24.24 37.10 31.32
N ALA E 627 24.69 36.07 32.03
CA ALA E 627 25.78 36.25 32.97
C ALA E 627 27.05 36.67 32.26
N ARG E 628 27.34 36.07 31.10
CA ARG E 628 28.55 36.41 30.36
C ARG E 628 28.49 37.84 29.83
N GLU E 629 27.36 38.22 29.21
CA GLU E 629 27.25 39.59 28.69
C GLU E 629 27.34 40.60 29.82
N MET E 630 26.71 40.31 30.96
CA MET E 630 26.84 41.16 32.13
C MET E 630 28.29 41.26 32.57
N HIS E 631 29.04 40.16 32.47
CA HIS E 631 30.45 40.20 32.82
C HIS E 631 31.24 41.07 31.84
N SER E 632 30.86 41.06 30.56
CA SER E 632 31.52 41.90 29.56
C SER E 632 31.33 43.37 29.88
N LEU E 633 30.08 43.79 30.04
CA LEU E 633 29.84 45.20 30.37
C LEU E 633 30.47 45.56 31.71
N ARG E 634 30.48 44.62 32.66
CA ARG E 634 31.07 44.90 33.96
C ARG E 634 32.57 45.14 33.85
N ALA E 635 33.27 44.36 33.02
CA ALA E 635 34.70 44.56 32.87
C ALA E 635 35.00 45.84 32.10
N GLU E 636 34.30 46.07 30.97
CA GLU E 636 34.51 47.28 30.19
C GLU E 636 34.33 48.51 31.06
N ALA E 637 33.22 48.58 31.79
CA ALA E 637 32.99 49.72 32.66
C ALA E 637 33.95 49.73 33.85
N LEU E 638 34.45 48.57 34.26
CA LEU E 638 35.44 48.55 35.33
C LEU E 638 36.71 49.27 34.89
N TYR E 639 37.18 48.98 33.67
CA TYR E 639 38.39 49.64 33.18
C TYR E 639 38.14 51.13 32.94
N ARG E 640 37.02 51.47 32.29
CA ARG E 640 36.74 52.87 31.98
C ARG E 640 36.61 53.69 33.26
N LEU E 641 35.82 53.21 34.21
CA LEU E 641 35.64 53.93 35.47
C LEU E 641 36.93 53.95 36.29
N SER E 642 37.76 52.91 36.18
CA SER E 642 39.03 52.94 36.89
C SER E 642 39.96 54.01 36.31
N LEU E 643 39.99 54.15 34.98
CA LEU E 643 40.78 55.22 34.39
C LEU E 643 40.26 56.58 34.79
N ALA E 644 38.93 56.73 34.83
CA ALA E 644 38.36 58.01 35.27
C ALA E 644 38.75 58.31 36.71
N GLN E 645 38.76 57.29 37.57
CA GLN E 645 39.13 57.52 38.97
C GLN E 645 40.60 57.90 39.09
N HIS E 646 41.47 57.24 38.32
CA HIS E 646 42.90 57.54 38.35
C HIS E 646 43.19 58.95 37.88
N LEU E 647 42.33 59.50 37.01
CA LEU E 647 42.50 60.84 36.48
C LEU E 647 41.66 61.87 37.22
N ARG E 648 41.16 61.54 38.42
CA ARG E 648 40.21 62.43 39.08
C ARG E 648 40.84 63.80 39.36
N ASP E 649 41.97 63.81 40.05
CA ASP E 649 42.63 65.05 40.44
C ASP E 649 43.71 65.46 39.46
N ARG E 650 43.58 65.07 38.21
CA ARG E 650 44.60 65.35 37.20
C ARG E 650 43.96 65.98 35.98
N VAL E 651 44.74 66.81 35.28
CA VAL E 651 44.36 67.37 33.99
C VAL E 651 45.05 66.56 32.91
N PHE E 652 44.27 66.03 31.99
CA PHE E 652 44.79 65.14 30.96
C PHE E 652 44.35 65.61 29.59
N TRP E 653 45.06 65.12 28.58
CA TRP E 653 44.81 65.44 27.18
C TRP E 653 44.56 64.17 26.38
N LEU E 654 43.76 64.31 25.32
CA LEU E 654 43.46 63.20 24.42
C LEU E 654 44.07 63.49 23.06
N PRO E 655 45.24 62.94 22.74
CA PRO E 655 45.81 63.12 21.40
C PRO E 655 44.98 62.39 20.36
N HIS E 656 44.78 63.05 19.22
CA HIS E 656 43.87 62.55 18.21
C HIS E 656 44.61 61.96 17.01
N ASN E 657 43.84 61.26 16.19
CA ASN E 657 44.33 60.50 15.06
C ASN E 657 43.28 60.54 13.97
N MET E 658 43.57 59.89 12.84
CA MET E 658 42.66 59.82 11.72
C MET E 658 42.52 58.38 11.25
N ASP E 659 41.40 58.11 10.57
CA ASP E 659 41.24 56.86 9.84
C ASP E 659 41.60 57.10 8.37
N PHE E 660 41.49 56.04 7.56
CA PHE E 660 41.90 56.12 6.16
C PHE E 660 41.08 57.13 5.37
N ARG E 661 39.86 57.42 5.79
CA ARG E 661 39.02 58.40 5.11
C ARG E 661 39.26 59.81 5.62
N GLY E 662 39.63 59.99 6.88
CA GLY E 662 39.99 61.31 7.40
C GLY E 662 39.32 61.74 8.69
N ARG E 663 38.37 60.96 9.20
CA ARG E 663 37.71 61.30 10.45
C ARG E 663 38.65 61.15 11.63
N THR E 664 38.46 62.01 12.63
CA THR E 664 39.33 62.07 13.79
C THR E 664 38.80 61.21 14.93
N TYR E 665 39.73 60.65 15.70
CA TYR E 665 39.38 59.80 16.84
C TYR E 665 40.42 59.99 17.93
N PRO E 666 40.03 60.00 19.20
CA PRO E 666 41.03 60.00 20.27
C PRO E 666 41.83 58.71 20.28
N CYS E 667 43.06 58.80 20.78
CA CYS E 667 43.92 57.62 20.84
C CYS E 667 43.66 56.76 22.07
N PRO E 668 43.52 57.30 23.28
CA PRO E 668 43.08 56.48 24.43
C PRO E 668 41.65 56.02 24.23
N PRO E 669 41.43 54.72 24.05
CA PRO E 669 40.11 54.25 23.59
C PRO E 669 39.12 54.04 24.73
N HIS E 670 39.64 53.76 25.93
CA HIS E 670 38.79 53.38 27.05
C HIS E 670 37.93 54.55 27.52
N PHE E 671 38.57 55.65 27.92
CA PHE E 671 37.90 56.80 28.51
C PHE E 671 38.17 58.00 27.60
N ASN E 672 37.12 58.46 26.91
CA ASN E 672 37.23 59.61 26.02
C ASN E 672 35.84 60.13 25.76
N HIS E 673 35.77 61.34 25.17
CA HIS E 673 34.48 61.98 24.96
C HIS E 673 33.68 61.39 23.82
N LEU E 674 34.26 60.50 23.02
CA LEU E 674 33.47 59.78 22.04
C LEU E 674 32.75 58.59 22.63
N GLY E 675 32.81 58.42 23.95
CA GLY E 675 32.23 57.26 24.61
C GLY E 675 30.73 57.37 24.81
N SER E 676 30.23 56.53 25.72
CA SER E 676 28.80 56.44 25.95
C SER E 676 28.32 57.65 26.74
N ASP E 677 27.09 57.58 27.25
CA ASP E 677 26.56 58.67 28.07
C ASP E 677 27.38 58.83 29.34
N VAL E 678 27.66 57.73 30.03
CA VAL E 678 28.42 57.81 31.28
C VAL E 678 29.80 58.39 31.03
N ALA E 679 30.45 57.94 29.95
CA ALA E 679 31.78 58.45 29.64
C ALA E 679 31.74 59.95 29.39
N ARG E 680 30.74 60.43 28.66
CA ARG E 680 30.64 61.85 28.38
C ARG E 680 30.41 62.65 29.65
N ALA E 681 29.53 62.16 30.53
CA ALA E 681 29.22 62.91 31.74
C ALA E 681 30.43 63.04 32.65
N LEU E 682 31.33 62.06 32.63
CA LEU E 682 32.50 62.13 33.48
C LEU E 682 33.50 63.18 33.00
N LEU E 683 33.39 63.65 31.76
CA LEU E 683 34.36 64.54 31.16
C LEU E 683 33.82 65.97 31.11
N GLU E 684 34.69 66.93 31.39
CA GLU E 684 34.36 68.33 31.23
C GLU E 684 35.65 69.09 30.94
N PHE E 685 35.50 70.27 30.34
CA PHE E 685 36.66 71.08 29.98
C PHE E 685 37.45 71.48 31.22
N ALA E 686 38.77 71.32 31.15
CA ALA E 686 39.60 71.68 32.29
C ALA E 686 39.65 73.19 32.47
N GLN E 687 39.77 73.93 31.37
CA GLN E 687 39.73 75.39 31.42
C GLN E 687 38.29 75.87 31.31
N GLY E 688 37.90 76.76 32.23
CA GLY E 688 36.55 77.28 32.23
C GLY E 688 36.40 78.51 31.36
N ARG E 689 35.19 79.03 31.36
CA ARG E 689 34.90 80.23 30.58
C ARG E 689 33.69 80.92 31.20
N PRO E 690 33.73 82.23 31.41
CA PRO E 690 32.57 82.91 31.97
C PRO E 690 31.38 82.83 31.01
N LEU E 691 30.20 82.59 31.59
CA LEU E 691 28.99 82.39 30.79
C LEU E 691 28.72 83.59 29.87
N GLY E 692 28.82 84.80 30.40
CA GLY E 692 28.56 85.98 29.62
C GLY E 692 27.08 86.28 29.54
N PRO E 693 26.66 86.95 28.47
CA PRO E 693 25.25 87.34 28.37
C PRO E 693 24.30 86.19 28.10
N HIS E 694 24.75 85.15 27.40
CA HIS E 694 23.87 84.05 27.05
C HIS E 694 24.40 82.69 27.47
N GLY E 695 25.44 82.66 28.31
CA GLY E 695 26.00 81.37 28.70
C GLY E 695 24.99 80.51 29.44
N LEU E 696 24.30 81.10 30.41
CA LEU E 696 23.33 80.33 31.18
C LEU E 696 22.18 79.88 30.28
N ASP E 697 21.69 80.77 29.40
CA ASP E 697 20.60 80.39 28.51
C ASP E 697 21.01 79.24 27.60
N TRP E 698 22.22 79.28 27.06
CA TRP E 698 22.69 78.18 26.23
C TRP E 698 22.88 76.90 27.05
N LEU E 699 23.19 77.02 28.34
CA LEU E 699 23.25 75.84 29.18
C LEU E 699 21.86 75.24 29.37
N LYS E 700 20.84 76.09 29.48
CA LYS E 700 19.47 75.61 29.61
C LYS E 700 19.01 74.94 28.32
N ILE E 701 19.25 75.57 27.18
CA ILE E 701 18.92 74.97 25.90
C ILE E 701 19.66 73.64 25.75
N HIS E 702 20.92 73.59 26.19
CA HIS E 702 21.69 72.35 26.11
C HIS E 702 21.13 71.28 27.03
N LEU E 703 20.59 71.67 28.19
CA LEU E 703 19.97 70.70 29.08
C LEU E 703 18.69 70.14 28.45
N VAL E 704 17.87 71.00 27.86
CA VAL E 704 16.67 70.51 27.17
C VAL E 704 17.06 69.57 26.03
N ASN E 705 18.14 69.90 25.31
CA ASN E 705 18.58 69.00 24.25
C ASN E 705 19.02 67.66 24.80
N LEU E 706 19.73 67.66 25.93
CA LEU E 706 20.17 66.40 26.52
C LEU E 706 18.99 65.57 27.00
N THR E 707 17.92 66.21 27.48
CA THR E 707 16.74 65.46 27.89
C THR E 707 16.03 64.84 26.70
N GLY E 708 16.10 65.49 25.54
CA GLY E 708 15.40 65.00 24.37
C GLY E 708 13.90 65.15 24.43
N LEU E 709 13.37 65.91 25.39
CA LEU E 709 11.93 66.06 25.52
C LEU E 709 11.35 67.07 24.54
N LYS E 710 12.16 67.99 24.02
CA LYS E 710 11.66 68.99 23.09
C LYS E 710 12.46 68.96 21.79
N LYS E 711 12.55 67.78 21.16
CA LYS E 711 13.27 67.66 19.90
C LYS E 711 12.58 68.44 18.79
N ARG E 712 11.26 68.31 18.70
CA ARG E 712 10.53 68.94 17.61
C ARG E 712 10.30 70.43 17.84
N GLU E 713 10.36 70.90 19.08
CA GLU E 713 10.02 72.28 19.35
C GLU E 713 11.16 73.22 18.96
N PRO E 714 10.85 74.48 18.64
CA PRO E 714 11.91 75.46 18.35
C PRO E 714 12.72 75.81 19.58
N LEU E 715 13.76 76.64 19.40
CA LEU E 715 14.64 76.98 20.52
C LEU E 715 13.89 77.72 21.62
N ARG E 716 13.05 78.68 21.25
CA ARG E 716 12.34 79.47 22.24
C ARG E 716 11.55 78.58 23.19
N LYS E 717 10.90 77.54 22.65
CA LYS E 717 10.14 76.64 23.51
C LYS E 717 11.04 75.71 24.32
N ARG E 718 12.26 75.44 23.85
CA ARG E 718 13.20 74.71 24.68
C ARG E 718 13.59 75.54 25.90
N LEU E 719 13.94 76.81 25.68
CA LEU E 719 14.33 77.67 26.79
C LEU E 719 13.17 77.84 27.78
N ALA E 720 11.97 78.10 27.27
CA ALA E 720 10.81 78.24 28.15
C ALA E 720 10.52 76.94 28.90
N PHE E 721 10.74 75.80 28.26
CA PHE E 721 10.55 74.51 28.93
C PHE E 721 11.56 74.34 30.06
N ALA E 722 12.81 74.74 29.84
CA ALA E 722 13.82 74.70 30.89
C ALA E 722 13.40 75.58 32.07
N GLU E 723 12.93 76.79 31.78
CA GLU E 723 12.43 77.65 32.86
C GLU E 723 11.24 77.01 33.56
N GLU E 724 10.48 76.17 32.85
CA GLU E 724 9.34 75.50 33.48
C GLU E 724 9.81 74.43 34.46
N VAL E 725 10.71 73.55 34.03
CA VAL E 725 11.14 72.44 34.87
C VAL E 725 12.39 72.84 35.65
N MET E 726 12.57 74.14 35.87
CA MET E 726 13.72 74.62 36.66
C MET E 726 13.74 73.97 38.04
N ASP E 727 12.58 73.81 38.67
CA ASP E 727 12.52 73.23 40.00
C ASP E 727 12.99 71.78 39.99
N ASP E 728 12.58 71.01 38.98
CA ASP E 728 13.05 69.63 38.85
C ASP E 728 14.53 69.56 38.50
N ILE E 729 15.04 70.57 37.80
CA ILE E 729 16.48 70.64 37.52
C ILE E 729 17.26 70.82 38.82
N LEU E 730 16.85 71.80 39.63
CA LEU E 730 17.54 72.04 40.89
C LEU E 730 17.42 70.85 41.84
N ASP E 731 16.23 70.24 41.92
CA ASP E 731 16.07 69.07 42.77
C ASP E 731 16.94 67.92 42.29
N SER E 732 17.03 67.74 40.98
CA SER E 732 17.89 66.68 40.45
C SER E 732 19.36 66.97 40.70
N ALA E 733 19.73 68.25 40.75
CA ALA E 733 21.13 68.58 41.00
C ALA E 733 21.49 68.40 42.48
N ASP E 734 20.57 68.76 43.38
CA ASP E 734 20.86 68.71 44.80
C ASP E 734 20.89 67.28 45.32
N GLN E 735 19.81 66.54 45.11
CA GLN E 735 19.68 65.15 45.55
C GLN E 735 19.52 64.27 44.32
N PRO E 736 20.62 63.81 43.73
CA PRO E 736 20.52 63.05 42.48
C PRO E 736 19.85 61.69 42.67
N LEU E 737 20.27 60.97 43.71
CA LEU E 737 19.78 59.62 43.92
C LEU E 737 18.62 59.56 44.91
N THR E 738 18.40 60.61 45.69
CA THR E 738 17.36 60.61 46.71
C THR E 738 16.20 61.56 46.43
N GLY E 739 16.34 62.44 45.44
CA GLY E 739 15.29 63.39 45.10
C GLY E 739 14.20 62.82 44.22
N ARG E 740 13.65 63.69 43.37
CA ARG E 740 12.60 63.25 42.45
C ARG E 740 13.13 62.41 41.31
N LYS E 741 14.45 62.38 41.09
CA LYS E 741 15.05 61.58 40.02
C LYS E 741 14.50 62.00 38.65
N TRP E 742 14.40 63.32 38.44
CA TRP E 742 13.91 63.82 37.15
C TRP E 742 14.94 63.61 36.04
N TRP E 743 16.23 63.64 36.38
CA TRP E 743 17.26 63.44 35.36
C TRP E 743 17.30 62.01 34.85
N MET E 744 16.91 61.05 35.70
CA MET E 744 16.96 59.65 35.31
C MET E 744 16.00 59.34 34.17
N GLY E 745 14.99 60.17 33.95
CA GLY E 745 14.06 59.99 32.86
C GLY E 745 14.47 60.57 31.53
N ALA E 746 15.53 61.38 31.52
CA ALA E 746 15.98 62.03 30.30
C ALA E 746 16.57 61.00 29.35
N GLU E 747 16.74 61.41 28.09
CA GLU E 747 17.32 60.51 27.09
C GLU E 747 18.79 60.21 27.40
N GLU E 748 19.55 61.24 27.75
CA GLU E 748 20.94 61.11 28.20
C GLU E 748 20.96 61.45 29.68
N PRO E 749 20.70 60.49 30.58
CA PRO E 749 20.51 60.80 32.00
C PRO E 749 21.71 61.43 32.69
N TRP E 750 22.88 60.85 32.49
CA TRP E 750 24.03 61.35 33.24
C TRP E 750 24.46 62.72 32.75
N GLN E 751 24.52 62.91 31.43
CA GLN E 751 24.83 64.22 30.89
C GLN E 751 23.82 65.26 31.39
N THR E 752 22.54 64.89 31.42
CA THR E 752 21.54 65.79 31.96
C THR E 752 21.80 66.10 33.42
N LEU E 753 22.31 65.12 34.17
CA LEU E 753 22.59 65.36 35.58
C LEU E 753 23.73 66.36 35.76
N ALA E 754 24.83 66.17 35.03
CA ALA E 754 25.95 67.12 35.11
C ALA E 754 25.52 68.50 34.66
N CYS E 755 24.73 68.58 33.58
CA CYS E 755 24.23 69.87 33.11
C CYS E 755 23.34 70.51 34.16
N CYS E 756 22.55 69.70 34.87
CA CYS E 756 21.72 70.22 35.94
C CYS E 756 22.57 70.80 37.06
N MET E 757 23.69 70.14 37.39
CA MET E 757 24.58 70.70 38.39
C MET E 757 25.18 72.03 37.92
N GLU E 758 25.58 72.10 36.65
CA GLU E 758 26.18 73.33 36.14
C GLU E 758 25.19 74.49 36.19
N VAL E 759 23.96 74.25 35.72
CA VAL E 759 22.94 75.31 35.73
C VAL E 759 22.57 75.70 37.16
N ALA E 760 22.51 74.71 38.06
CA ALA E 760 22.22 74.99 39.46
C ALA E 760 23.26 75.91 40.06
N ASN E 761 24.54 75.59 39.86
CA ASN E 761 25.58 76.48 40.36
C ASN E 761 25.53 77.84 39.68
N ALA E 762 25.11 77.89 38.41
CA ALA E 762 25.12 79.15 37.67
C ALA E 762 24.04 80.10 38.18
N VAL E 763 22.82 79.59 38.37
CA VAL E 763 21.71 80.46 38.79
C VAL E 763 21.87 80.93 40.23
N ARG E 764 22.60 80.18 41.04
CA ARG E 764 22.78 80.51 42.44
C ARG E 764 23.95 81.45 42.68
N ALA E 765 24.68 81.84 41.63
CA ALA E 765 25.74 82.81 41.79
C ALA E 765 25.17 84.22 41.87
N SER E 766 25.95 85.12 42.46
CA SER E 766 25.52 86.51 42.57
C SER E 766 25.39 87.17 41.20
N ASP E 767 26.34 86.90 40.30
CA ASP E 767 26.28 87.37 38.91
C ASP E 767 26.39 86.15 38.00
N PRO E 768 25.27 85.66 37.45
CA PRO E 768 25.36 84.50 36.56
C PRO E 768 26.18 84.78 35.31
N ALA E 769 26.21 86.03 34.86
CA ALA E 769 26.97 86.36 33.66
C ALA E 769 28.46 86.15 33.84
N ALA E 770 28.94 86.10 35.09
CA ALA E 770 30.35 85.92 35.36
C ALA E 770 30.69 84.52 35.83
N TYR E 771 29.70 83.64 35.97
CA TYR E 771 29.97 82.29 36.43
C TYR E 771 30.83 81.55 35.42
N VAL E 772 31.94 80.99 35.89
CA VAL E 772 32.86 80.29 35.01
C VAL E 772 32.34 78.87 34.77
N SER E 773 32.03 78.55 33.52
CA SER E 773 31.47 77.25 33.13
C SER E 773 32.52 76.38 32.48
N HIS E 774 32.50 75.10 32.83
CA HIS E 774 33.38 74.10 32.23
C HIS E 774 32.65 73.10 31.38
N LEU E 775 31.32 73.10 31.41
CA LEU E 775 30.56 72.06 30.73
C LEU E 775 30.58 72.28 29.22
N PRO E 776 30.87 71.25 28.42
CA PRO E 776 30.83 71.44 26.97
C PRO E 776 29.39 71.47 26.46
N VAL E 777 29.14 72.41 25.56
CA VAL E 777 27.85 72.52 24.87
C VAL E 777 28.02 71.94 23.48
N HIS E 778 27.05 71.10 23.08
CA HIS E 778 27.06 70.41 21.79
C HIS E 778 26.16 71.14 20.81
N GLN E 779 26.60 71.20 19.56
CA GLN E 779 25.76 71.64 18.45
C GLN E 779 25.96 70.60 17.34
N ASP E 780 24.93 69.81 17.09
CA ASP E 780 25.03 68.67 16.20
C ASP E 780 24.27 68.93 14.91
N GLY E 781 24.77 68.37 13.82
CA GLY E 781 24.06 68.45 12.55
C GLY E 781 23.13 67.27 12.36
N SER E 782 21.84 67.53 12.24
CA SER E 782 20.86 66.46 12.06
C SER E 782 21.02 65.82 10.68
N CYS E 783 21.34 64.52 10.67
CA CYS E 783 21.58 63.75 9.44
C CYS E 783 22.63 64.41 8.56
N ASN E 784 23.86 64.43 9.08
CA ASN E 784 24.93 65.18 8.44
C ASN E 784 25.25 64.63 7.04
N GLY E 785 25.14 63.31 6.87
CA GLY E 785 25.42 62.73 5.56
C GLY E 785 24.45 63.21 4.49
N LEU E 786 23.16 63.26 4.82
CA LEU E 786 22.17 63.78 3.88
C LEU E 786 22.34 65.28 3.66
N GLN E 787 22.88 65.99 4.65
CA GLN E 787 23.19 67.41 4.47
C GLN E 787 24.30 67.60 3.45
N HIS E 788 25.36 66.79 3.53
CA HIS E 788 26.45 66.92 2.55
C HIS E 788 26.03 66.42 1.17
N TYR E 789 25.22 65.37 1.10
CA TYR E 789 24.72 64.92 -0.20
C TYR E 789 23.83 65.99 -0.83
N ALA E 790 22.88 66.52 -0.06
CA ALA E 790 22.00 67.56 -0.59
C ALA E 790 22.78 68.80 -0.99
N ALA E 791 23.85 69.11 -0.25
CA ALA E 791 24.67 70.24 -0.66
C ALA E 791 25.42 69.96 -1.95
N LEU E 792 25.88 68.71 -2.13
CA LEU E 792 26.58 68.35 -3.36
C LEU E 792 25.65 68.43 -4.56
N GLY E 793 24.43 67.92 -4.41
CA GLY E 793 23.45 67.95 -5.49
C GLY E 793 22.63 69.21 -5.58
N ARG E 794 22.80 70.15 -4.64
CA ARG E 794 22.01 71.38 -4.59
C ARG E 794 20.52 71.07 -4.63
N ASP E 795 20.14 69.99 -3.95
CA ASP E 795 18.75 69.57 -3.91
C ASP E 795 17.92 70.52 -3.06
N SER E 796 16.83 71.03 -3.62
CA SER E 796 16.03 72.02 -2.91
C SER E 796 15.21 71.39 -1.80
N VAL E 797 14.39 70.38 -2.14
CA VAL E 797 13.54 69.72 -1.15
C VAL E 797 14.39 69.05 -0.08
N GLY E 798 15.47 68.40 -0.49
CA GLY E 798 16.35 67.76 0.48
C GLY E 798 16.98 68.75 1.43
N ALA E 799 17.44 69.89 0.89
CA ALA E 799 18.01 70.93 1.75
C ALA E 799 16.97 71.44 2.73
N ALA E 800 15.73 71.59 2.28
CA ALA E 800 14.66 71.98 3.21
C ALA E 800 14.41 70.92 4.26
N SER E 801 14.67 69.65 3.93
CA SER E 801 14.39 68.57 4.87
C SER E 801 15.44 68.49 5.99
N VAL E 802 16.71 68.72 5.66
CA VAL E 802 17.80 68.58 6.62
C VAL E 802 18.23 69.95 7.14
N ASN E 803 17.30 70.89 7.18
CA ASN E 803 17.50 72.19 7.82
C ASN E 803 18.59 73.01 7.15
N LEU E 804 18.75 72.87 5.83
CA LEU E 804 19.65 73.76 5.10
C LEU E 804 18.95 75.06 4.72
N GLU E 805 17.62 75.04 4.54
CA GLU E 805 16.86 76.25 4.35
C GLU E 805 16.42 76.82 5.70
N PRO E 806 16.48 78.13 5.88
CA PRO E 806 16.09 78.72 7.16
C PRO E 806 14.64 78.45 7.47
N SER E 807 14.37 78.08 8.72
CA SER E 807 13.02 77.76 9.15
C SER E 807 12.85 78.13 10.62
N ASP E 808 11.63 78.49 10.99
CA ASP E 808 11.34 78.82 12.37
C ASP E 808 11.25 77.58 13.25
N VAL E 809 11.00 76.41 12.66
CA VAL E 809 10.92 75.17 13.40
C VAL E 809 11.87 74.16 12.76
N PRO E 810 12.40 73.19 13.51
CA PRO E 810 13.30 72.20 12.91
C PRO E 810 12.55 71.22 12.02
N GLN E 811 13.10 70.99 10.83
CA GLN E 811 12.49 70.10 9.84
C GLN E 811 12.98 68.67 10.02
N ASP E 812 12.03 67.75 10.09
CA ASP E 812 12.32 66.33 10.28
C ASP E 812 12.24 65.63 8.92
N VAL E 813 13.35 65.02 8.48
CA VAL E 813 13.33 64.34 7.19
C VAL E 813 12.57 63.01 7.29
N TYR E 814 12.63 62.34 8.45
CA TYR E 814 11.96 61.06 8.59
C TYR E 814 10.45 61.22 8.52
N SER E 815 9.92 62.26 9.17
CA SER E 815 8.48 62.50 9.13
C SER E 815 8.04 62.88 7.72
N GLY E 816 8.86 63.66 7.01
CA GLY E 816 8.52 64.01 5.64
C GLY E 816 8.50 62.81 4.71
N VAL E 817 9.50 61.94 4.83
CA VAL E 817 9.49 60.70 4.04
C VAL E 817 8.28 59.86 4.38
N ALA E 818 7.93 59.78 5.67
CA ALA E 818 6.72 59.04 6.06
C ALA E 818 5.47 59.63 5.42
N ALA E 819 5.39 60.95 5.33
CA ALA E 819 4.23 61.59 4.70
C ALA E 819 4.19 61.32 3.20
N GLN E 820 5.34 61.39 2.54
CA GLN E 820 5.39 61.11 1.10
C GLN E 820 4.98 59.67 0.81
N VAL E 821 5.50 58.72 1.59
CA VAL E 821 5.08 57.33 1.46
C VAL E 821 3.59 57.20 1.77
N GLU E 822 3.06 58.04 2.65
CA GLU E 822 1.63 58.00 2.94
C GLU E 822 0.81 58.41 1.71
N VAL E 823 1.20 59.51 1.05
CA VAL E 823 0.43 59.94 -0.11
C VAL E 823 0.57 58.94 -1.26
N PHE E 824 1.75 58.31 -1.40
CA PHE E 824 1.85 57.22 -2.37
C PHE E 824 0.94 56.06 -2.00
N ARG E 825 0.80 55.78 -0.70
CA ARG E 825 -0.09 54.72 -0.24
C ARG E 825 -1.53 55.02 -0.59
N ARG E 826 -1.94 56.30 -0.47
CA ARG E 826 -3.30 56.65 -0.85
C ARG E 826 -3.50 56.56 -2.36
N GLN E 827 -2.48 56.96 -3.13
CA GLN E 827 -2.59 56.85 -4.59
C GLN E 827 -2.75 55.41 -5.03
N ASP E 828 -1.89 54.51 -4.54
CA ASP E 828 -2.04 53.10 -4.88
C ASP E 828 -3.27 52.47 -4.23
N ALA E 829 -3.78 53.04 -3.15
CA ALA E 829 -5.01 52.53 -2.55
C ALA E 829 -6.22 52.83 -3.43
N GLN E 830 -6.27 54.05 -3.99
CA GLN E 830 -7.31 54.36 -4.96
C GLN E 830 -7.08 53.67 -6.30
N ARG E 831 -5.84 53.32 -6.61
CA ARG E 831 -5.53 52.67 -7.88
C ARG E 831 -6.05 51.24 -7.93
N GLY E 832 -6.15 50.59 -6.77
CA GLY E 832 -6.57 49.19 -6.69
C GLY E 832 -5.52 48.26 -6.11
N MET E 833 -4.37 48.76 -5.67
CA MET E 833 -3.34 47.89 -5.13
C MET E 833 -3.74 47.36 -3.77
N ARG E 834 -3.66 46.03 -3.60
CA ARG E 834 -4.05 45.40 -2.35
C ARG E 834 -3.11 45.79 -1.20
N VAL E 835 -1.84 46.02 -1.50
CA VAL E 835 -0.86 46.32 -0.45
C VAL E 835 -1.17 47.66 0.20
N ALA E 836 -1.54 48.66 -0.61
CA ALA E 836 -1.80 49.98 -0.08
C ALA E 836 -3.06 50.04 0.78
N GLN E 837 -4.00 49.12 0.57
CA GLN E 837 -5.24 49.15 1.33
C GLN E 837 -5.03 48.68 2.77
N VAL E 838 -4.11 47.74 3.00
CA VAL E 838 -3.88 47.24 4.34
C VAL E 838 -2.90 48.10 5.13
N LEU E 839 -2.12 48.94 4.46
CA LEU E 839 -1.16 49.83 5.12
C LEU E 839 -1.79 51.13 5.58
N GLU E 840 -3.11 51.25 5.50
CA GLU E 840 -3.80 52.48 5.90
C GLU E 840 -3.70 52.65 7.41
N GLY E 841 -3.17 53.80 7.84
CA GLY E 841 -3.06 54.10 9.24
C GLY E 841 -1.87 53.50 9.94
N PHE E 842 -0.93 52.91 9.20
CA PHE E 842 0.26 52.32 9.79
C PHE E 842 1.55 52.96 9.31
N ILE E 843 1.51 53.84 8.31
CA ILE E 843 2.70 54.51 7.81
C ILE E 843 3.15 55.55 8.84
N THR E 844 4.13 55.20 9.65
CA THR E 844 4.60 56.07 10.73
C THR E 844 6.08 56.41 10.53
N ARG E 845 6.56 57.32 11.38
CA ARG E 845 7.95 57.76 11.30
C ARG E 845 8.90 56.65 11.73
N LYS E 846 8.55 55.90 12.78
CA LYS E 846 9.44 54.87 13.29
C LYS E 846 9.64 53.75 12.28
N VAL E 847 8.68 53.55 11.38
CA VAL E 847 8.80 52.48 10.39
C VAL E 847 9.90 52.80 9.37
N VAL E 848 10.01 54.07 8.96
CA VAL E 848 10.97 54.46 7.93
C VAL E 848 12.21 55.11 8.51
N LYS E 849 12.29 55.27 9.83
CA LYS E 849 13.41 55.99 10.44
C LYS E 849 14.74 55.30 10.16
N GLN E 850 14.84 54.01 10.51
CA GLN E 850 16.10 53.31 10.35
C GLN E 850 16.51 53.24 8.88
N THR E 851 15.54 53.04 7.98
CA THR E 851 15.84 52.94 6.56
C THR E 851 16.37 54.26 6.01
N VAL E 852 15.62 55.35 6.20
CA VAL E 852 16.05 56.66 5.69
C VAL E 852 17.40 57.04 6.28
N MET E 853 17.61 56.73 7.57
CA MET E 853 18.86 57.07 8.21
C MET E 853 20.02 56.29 7.60
N THR E 854 19.81 55.02 7.35
CA THR E 854 20.89 54.15 6.90
C THR E 854 21.05 54.13 5.38
N VAL E 855 20.21 54.87 4.66
CA VAL E 855 20.35 54.92 3.20
C VAL E 855 21.68 55.54 2.80
N VAL E 856 22.12 56.56 3.52
CA VAL E 856 23.37 57.25 3.19
C VAL E 856 24.56 56.31 3.27
N TYR E 857 24.45 55.25 4.06
CA TYR E 857 25.52 54.26 4.22
C TYR E 857 25.43 53.14 3.19
N GLY E 858 24.49 53.20 2.26
CA GLY E 858 24.39 52.21 1.20
C GLY E 858 23.24 51.23 1.28
N VAL E 859 22.14 51.56 1.98
CA VAL E 859 21.03 50.62 2.09
C VAL E 859 20.44 50.35 0.73
N THR E 860 20.28 49.07 0.39
CA THR E 860 19.64 48.66 -0.85
C THR E 860 18.17 48.29 -0.59
N ARG E 861 17.51 47.84 -1.64
CA ARG E 861 16.10 47.47 -1.51
C ARG E 861 15.92 46.26 -0.60
N TYR E 862 16.90 45.35 -0.57
CA TYR E 862 16.81 44.16 0.26
C TYR E 862 16.97 44.49 1.73
N GLY E 863 18.05 45.21 2.08
CA GLY E 863 18.26 45.57 3.47
C GLY E 863 17.19 46.50 4.00
N GLY E 864 16.75 47.46 3.18
CA GLY E 864 15.63 48.30 3.56
C GLY E 864 14.35 47.51 3.74
N ARG E 865 14.15 46.48 2.91
CA ARG E 865 13.00 45.60 3.08
C ARG E 865 13.07 44.87 4.42
N LEU E 866 14.28 44.44 4.81
CA LEU E 866 14.45 43.76 6.09
C LEU E 866 14.21 44.71 7.26
N GLN E 867 14.66 45.96 7.14
CA GLN E 867 14.41 46.93 8.19
C GLN E 867 12.93 47.23 8.33
N ILE E 868 12.23 47.38 7.20
CA ILE E 868 10.79 47.61 7.24
C ILE E 868 10.06 46.41 7.81
N GLU E 869 10.56 45.20 7.52
CA GLU E 869 10.02 44.00 8.15
C GLU E 869 10.18 44.07 9.65
N LYS E 870 11.39 44.42 10.12
CA LYS E 870 11.64 44.57 11.54
C LYS E 870 10.75 45.64 12.16
N ARG E 871 10.31 46.62 11.37
CA ARG E 871 9.43 47.67 11.87
C ARG E 871 7.96 47.36 11.70
N LEU E 872 7.62 46.27 11.01
CA LEU E 872 6.23 45.85 10.83
C LEU E 872 5.82 44.69 11.73
N ARG E 873 6.77 43.82 12.12
CA ARG E 873 6.39 42.65 12.90
C ARG E 873 6.03 42.99 14.34
N GLU E 874 6.64 44.03 14.91
CA GLU E 874 6.39 44.36 16.32
C GLU E 874 5.13 45.19 16.51
N LEU E 875 4.45 45.58 15.43
CA LEU E 875 3.27 46.43 15.56
C LEU E 875 2.09 45.69 16.17
N SER E 876 2.00 44.37 15.97
CA SER E 876 0.97 43.51 16.55
C SER E 876 -0.43 43.84 16.06
N ASP E 877 -0.74 45.13 15.91
CA ASP E 877 -2.02 45.58 15.37
C ASP E 877 -2.04 45.61 13.85
N PHE E 878 -1.13 44.88 13.21
CA PHE E 878 -0.99 44.79 11.76
C PHE E 878 -1.48 43.42 11.29
N PRO E 879 -2.14 43.35 10.15
CA PRO E 879 -2.70 42.06 9.68
C PRO E 879 -1.63 41.00 9.50
N GLN E 880 -1.78 39.91 10.27
CA GLN E 880 -0.94 38.71 10.27
C GLN E 880 0.50 38.96 9.82
N GLU E 881 0.98 38.16 8.87
CA GLU E 881 2.30 38.38 8.31
C GLU E 881 2.27 39.52 7.29
N PHE E 882 1.68 39.28 6.11
CA PHE E 882 1.65 40.22 5.00
C PHE E 882 2.97 40.98 4.85
N VAL E 883 4.07 40.36 5.28
CA VAL E 883 5.35 41.04 5.36
C VAL E 883 5.94 41.28 3.97
N TRP E 884 5.78 40.31 3.07
CA TRP E 884 6.41 40.43 1.75
C TRP E 884 5.82 41.59 0.95
N GLU E 885 4.50 41.66 0.84
CA GLU E 885 3.89 42.72 0.06
C GLU E 885 4.11 44.08 0.70
N ALA E 886 3.92 44.18 2.01
CA ALA E 886 4.05 45.47 2.68
C ALA E 886 5.50 45.95 2.70
N SER E 887 6.44 45.04 2.92
CA SER E 887 7.85 45.45 2.98
C SER E 887 8.40 45.77 1.60
N HIS E 888 8.04 44.98 0.59
CA HIS E 888 8.50 45.26 -0.77
C HIS E 888 7.90 46.55 -1.29
N TYR E 889 6.58 46.72 -1.14
CA TYR E 889 5.94 47.95 -1.59
C TYR E 889 6.43 49.16 -0.80
N LEU E 890 6.64 49.00 0.50
CA LEU E 890 7.10 50.11 1.32
C LEU E 890 8.55 50.49 1.02
N VAL E 891 9.40 49.52 0.71
CA VAL E 891 10.77 49.88 0.34
C VAL E 891 10.80 50.50 -1.04
N ARG E 892 9.92 50.07 -1.94
CA ARG E 892 9.83 50.73 -3.25
C ARG E 892 9.32 52.16 -3.12
N GLN E 893 8.38 52.40 -2.18
CA GLN E 893 7.83 53.73 -2.01
C GLN E 893 8.76 54.65 -1.22
N VAL E 894 9.56 54.10 -0.30
CA VAL E 894 10.58 54.90 0.36
C VAL E 894 11.69 55.26 -0.62
N PHE E 895 12.11 54.30 -1.45
CA PHE E 895 13.12 54.61 -2.46
C PHE E 895 12.61 55.64 -3.45
N LYS E 896 11.33 55.52 -3.86
CA LYS E 896 10.76 56.51 -4.77
C LYS E 896 10.63 57.88 -4.10
N SER E 897 10.20 57.89 -2.84
CA SER E 897 10.07 59.14 -2.11
C SER E 897 11.42 59.84 -2.00
N LEU E 898 12.48 59.07 -1.74
CA LEU E 898 13.82 59.65 -1.73
C LEU E 898 14.27 60.02 -3.14
N GLN E 899 13.72 59.38 -4.17
CA GLN E 899 14.00 59.79 -5.54
C GLN E 899 13.35 61.13 -5.87
N GLU E 900 12.27 61.51 -5.18
CA GLU E 900 11.69 62.83 -5.39
C GLU E 900 12.31 63.89 -4.50
N MET E 901 12.51 63.58 -3.21
CA MET E 901 13.09 64.55 -2.29
C MET E 901 14.59 64.73 -2.55
N PHE E 902 15.29 63.65 -2.89
CA PHE E 902 16.74 63.65 -3.08
C PHE E 902 17.10 63.06 -4.44
N SER E 903 16.64 63.72 -5.51
CA SER E 903 16.95 63.25 -6.86
C SER E 903 18.44 63.35 -7.14
N GLY E 904 19.03 64.52 -6.88
CA GLY E 904 20.45 64.69 -7.11
C GLY E 904 21.30 63.82 -6.22
N THR E 905 20.84 63.56 -5.00
CA THR E 905 21.57 62.71 -4.08
C THR E 905 21.70 61.29 -4.64
N ARG E 906 20.57 60.68 -5.02
CA ARG E 906 20.63 59.34 -5.59
C ARG E 906 21.38 59.32 -6.91
N ALA E 907 21.31 60.40 -7.69
CA ALA E 907 22.10 60.49 -8.92
C ALA E 907 23.59 60.48 -8.62
N ILE E 908 24.01 61.19 -7.57
CA ILE E 908 25.42 61.24 -7.20
C ILE E 908 25.88 59.91 -6.62
N GLN E 909 25.03 59.28 -5.80
CA GLN E 909 25.39 57.97 -5.25
C GLN E 909 25.58 56.93 -6.35
N HIS E 910 24.66 56.90 -7.33
CA HIS E 910 24.83 55.97 -8.44
C HIS E 910 26.04 56.33 -9.29
N TRP E 911 26.33 57.64 -9.43
CA TRP E 911 27.49 58.07 -10.21
C TRP E 911 28.79 57.61 -9.57
N LEU E 912 28.93 57.82 -8.26
CA LEU E 912 30.12 57.36 -7.56
C LEU E 912 30.20 55.84 -7.57
N THR E 913 29.05 55.17 -7.45
CA THR E 913 29.04 53.71 -7.44
C THR E 913 29.55 53.16 -8.77
N GLU E 914 29.01 53.65 -9.89
CA GLU E 914 29.45 53.18 -11.20
C GLU E 914 30.91 53.55 -11.45
N SER E 915 31.32 54.76 -11.07
CA SER E 915 32.70 55.17 -11.27
C SER E 915 33.65 54.23 -10.54
N ALA E 916 33.33 53.90 -9.29
CA ALA E 916 34.15 52.93 -8.56
C ALA E 916 34.07 51.54 -9.18
N ARG E 917 32.94 51.19 -9.77
CA ARG E 917 32.83 49.90 -10.44
C ARG E 917 33.82 49.79 -11.58
N LEU E 918 33.89 50.80 -12.45
CA LEU E 918 34.81 50.74 -13.57
C LEU E 918 36.25 50.91 -13.11
N ILE E 919 36.51 51.90 -12.25
CA ILE E 919 37.87 52.16 -11.78
C ILE E 919 38.45 50.92 -11.12
N SER E 920 37.69 50.31 -10.20
CA SER E 920 38.19 49.10 -9.55
C SER E 920 38.17 47.90 -10.47
N HIS E 921 37.30 47.89 -11.48
CA HIS E 921 37.32 46.82 -12.46
C HIS E 921 38.57 46.84 -13.32
N MET E 922 39.21 48.01 -13.46
CA MET E 922 40.48 48.07 -14.17
C MET E 922 41.66 47.57 -13.36
N GLY E 923 41.42 47.06 -12.14
CA GLY E 923 42.50 46.51 -11.35
C GLY E 923 43.28 47.53 -10.53
N SER E 924 42.63 48.60 -10.11
CA SER E 924 43.27 49.63 -9.30
C SER E 924 42.30 50.10 -8.22
N VAL E 925 42.83 50.32 -7.02
CA VAL E 925 42.00 50.81 -5.92
C VAL E 925 41.62 52.28 -6.16
N VAL E 926 40.52 52.69 -5.53
CA VAL E 926 40.00 54.05 -5.68
C VAL E 926 40.79 54.98 -4.77
N GLU E 927 41.34 56.05 -5.36
CA GLU E 927 42.10 57.06 -4.65
C GLU E 927 41.52 58.43 -4.98
N TRP E 928 41.48 59.32 -3.99
CA TRP E 928 41.06 60.69 -4.26
C TRP E 928 41.69 61.62 -3.23
N VAL E 929 41.45 62.91 -3.40
CA VAL E 929 42.02 63.94 -2.54
C VAL E 929 40.89 64.84 -2.05
N THR E 930 40.84 65.07 -0.75
CA THR E 930 39.83 65.95 -0.17
C THR E 930 40.13 67.40 -0.55
N PRO E 931 39.13 68.28 -0.42
CA PRO E 931 39.38 69.71 -0.70
C PRO E 931 40.46 70.34 0.18
N LEU E 932 40.92 69.66 1.23
CA LEU E 932 41.98 70.17 2.09
C LEU E 932 43.34 69.57 1.76
N GLY E 933 43.41 68.69 0.77
CA GLY E 933 44.68 68.12 0.35
C GLY E 933 45.07 66.83 1.04
N VAL E 934 44.11 66.05 1.52
CA VAL E 934 44.39 64.81 2.23
C VAL E 934 44.11 63.65 1.29
N PRO E 935 45.08 62.78 1.03
CA PRO E 935 44.84 61.64 0.12
C PRO E 935 44.13 60.50 0.84
N VAL E 936 43.11 59.96 0.19
CA VAL E 936 42.31 58.86 0.72
C VAL E 936 42.36 57.71 -0.27
N ILE E 937 42.64 56.52 0.24
CA ILE E 937 42.73 55.29 -0.56
C ILE E 937 41.87 54.23 0.11
N GLN E 938 41.25 53.40 -0.68
CA GLN E 938 40.49 52.31 -0.07
C GLN E 938 41.33 51.05 -0.04
N PRO E 939 41.37 50.34 1.09
CA PRO E 939 42.27 49.18 1.23
C PRO E 939 41.66 47.83 0.87
N TYR E 940 40.48 47.78 0.24
CA TYR E 940 39.79 46.53 -0.03
C TYR E 940 40.52 45.75 -1.13
N ARG E 941 41.16 44.65 -0.75
CA ARG E 941 41.84 43.78 -1.69
C ARG E 941 41.50 42.32 -1.37
N LEU E 942 41.84 41.43 -2.29
CA LEU E 942 41.56 40.01 -2.14
C LEU E 942 42.82 39.20 -2.41
N ASP E 943 43.07 38.20 -1.58
CA ASP E 943 44.23 37.35 -1.74
C ASP E 943 44.01 36.32 -2.86
N SER E 965 50.91 40.64 -6.82
CA SER E 965 50.35 41.35 -5.66
C SER E 965 48.90 40.94 -5.44
N ARG E 966 48.25 41.60 -4.48
CA ARG E 966 46.86 41.30 -4.15
C ARG E 966 45.92 42.09 -5.06
N LYS E 967 44.95 41.39 -5.65
CA LYS E 967 44.00 42.00 -6.58
C LYS E 967 42.93 42.78 -5.81
N PRO E 968 42.49 43.92 -6.33
CA PRO E 968 41.50 44.73 -5.62
C PRO E 968 40.16 44.04 -5.52
N ASN E 969 39.55 44.15 -4.33
CA ASN E 969 38.19 43.63 -4.09
C ASN E 969 37.19 44.68 -4.56
N THR E 970 36.76 44.53 -5.82
CA THR E 970 35.94 45.55 -6.48
C THR E 970 34.57 45.74 -5.83
N ARG E 971 34.06 44.74 -5.11
CA ARG E 971 32.75 44.86 -4.50
C ARG E 971 32.76 45.85 -3.35
N LYS E 972 33.70 45.68 -2.41
CA LYS E 972 33.80 46.64 -1.31
C LYS E 972 34.24 48.02 -1.79
N GLN E 973 34.98 48.10 -2.91
CA GLN E 973 35.32 49.38 -3.48
C GLN E 973 34.08 50.11 -3.98
N LYS E 974 33.28 49.43 -4.81
CA LYS E 974 32.11 50.07 -5.40
C LYS E 974 31.03 50.37 -4.38
N ASN E 975 30.90 49.51 -3.36
CA ASN E 975 29.89 49.77 -2.33
C ASN E 975 30.37 50.76 -1.28
N GLY E 976 31.68 50.84 -1.07
CA GLY E 976 32.23 51.71 -0.06
C GLY E 976 32.66 53.09 -0.49
N PHE E 977 32.75 53.36 -1.80
CA PHE E 977 33.26 54.66 -2.23
C PHE E 977 32.38 55.82 -1.82
N PRO E 978 31.07 55.83 -2.07
CA PRO E 978 30.25 56.99 -1.71
C PRO E 978 30.29 57.31 -0.23
N PRO E 979 30.01 56.35 0.68
CA PRO E 979 30.01 56.74 2.10
C PRO E 979 31.36 57.25 2.56
N ASN E 980 32.46 56.66 2.08
CA ASN E 980 33.77 57.15 2.46
C ASN E 980 33.99 58.56 1.95
N PHE E 981 33.50 58.87 0.75
CA PHE E 981 33.66 60.22 0.22
C PHE E 981 32.88 61.23 1.08
N ILE E 982 31.64 60.91 1.41
CA ILE E 982 30.85 61.81 2.24
C ILE E 982 31.52 61.99 3.60
N HIS E 983 32.03 60.91 4.16
CA HIS E 983 32.73 61.00 5.45
C HIS E 983 33.96 61.89 5.35
N SER E 984 34.70 61.80 4.24
CA SER E 984 35.83 62.70 4.05
C SER E 984 35.36 64.15 3.94
N LEU E 985 34.17 64.39 3.38
CA LEU E 985 33.67 65.75 3.29
C LEU E 985 33.33 66.31 4.66
N ASP E 986 32.56 65.57 5.47
CA ASP E 986 32.24 66.09 6.79
C ASP E 986 33.47 66.21 7.67
N SER E 987 34.47 65.37 7.43
CA SER E 987 35.75 65.54 8.11
C SER E 987 36.41 66.86 7.72
N SER E 988 36.40 67.19 6.42
CA SER E 988 36.97 68.47 5.99
C SER E 988 36.22 69.64 6.61
N HIS E 989 34.89 69.56 6.63
CA HIS E 989 34.08 70.61 7.26
C HIS E 989 34.45 70.78 8.73
N MET E 990 34.56 69.66 9.45
CA MET E 990 34.90 69.72 10.86
C MET E 990 36.27 70.35 11.07
N MET E 991 37.24 69.98 10.24
CA MET E 991 38.58 70.54 10.40
C MET E 991 38.61 72.03 10.11
N LEU E 992 37.89 72.47 9.08
CA LEU E 992 37.81 73.91 8.80
C LEU E 992 37.17 74.66 9.97
N THR E 993 36.08 74.13 10.52
CA THR E 993 35.45 74.73 11.69
C THR E 993 36.43 74.82 12.85
N ALA E 994 37.24 73.77 13.04
CA ALA E 994 38.20 73.77 14.14
C ALA E 994 39.25 74.86 13.97
N LEU E 995 39.82 74.97 12.76
CA LEU E 995 40.86 75.96 12.53
C LEU E 995 40.32 77.37 12.69
N HIS E 996 39.20 77.67 12.02
CA HIS E 996 38.68 79.03 12.10
C HIS E 996 38.15 79.38 13.49
N CYS E 997 37.71 78.39 14.26
CA CYS E 997 37.38 78.65 15.66
C CYS E 997 38.63 78.90 16.48
N TYR E 998 39.72 78.22 16.15
CA TYR E 998 40.99 78.47 16.85
C TYR E 998 41.49 79.88 16.57
N ARG E 999 41.27 80.40 15.35
CA ARG E 999 41.66 81.78 15.08
C ARG E 999 40.91 82.77 15.95
N LYS E 1000 39.75 82.40 16.49
CA LYS E 1000 38.98 83.25 17.38
C LYS E 1000 39.17 82.92 18.84
N GLY E 1001 40.04 81.98 19.18
CA GLY E 1001 40.35 81.72 20.57
C GLY E 1001 39.34 80.87 21.30
N LEU E 1002 38.65 79.97 20.62
CA LEU E 1002 37.64 79.11 21.22
C LEU E 1002 38.23 77.74 21.52
N THR E 1003 37.66 77.08 22.52
CA THR E 1003 38.00 75.69 22.81
C THR E 1003 37.06 74.79 22.01
N PHE E 1004 37.62 73.98 21.11
CA PHE E 1004 36.83 73.21 20.17
C PHE E 1004 37.15 71.73 20.29
N VAL E 1005 36.11 70.91 20.45
CA VAL E 1005 36.23 69.47 20.26
C VAL E 1005 35.08 69.01 19.39
N SER E 1006 35.22 67.81 18.84
CA SER E 1006 34.23 67.34 17.86
C SER E 1006 34.06 65.85 17.93
N VAL E 1007 32.82 65.41 17.70
CA VAL E 1007 32.48 64.01 17.46
C VAL E 1007 31.94 63.94 16.05
N HIS E 1008 32.84 63.99 15.07
CA HIS E 1008 32.50 63.86 13.65
C HIS E 1008 31.56 64.97 13.18
N ASP E 1009 30.30 64.96 13.62
CA ASP E 1009 29.35 66.00 13.26
C ASP E 1009 28.74 66.69 14.47
N CYS E 1010 29.26 66.45 15.67
CA CYS E 1010 28.80 67.14 16.88
C CYS E 1010 29.90 68.07 17.32
N TYR E 1011 29.66 69.38 17.23
CA TYR E 1011 30.68 70.38 17.53
C TYR E 1011 30.48 70.89 18.95
N TRP E 1012 31.47 70.68 19.80
CA TRP E 1012 31.41 71.05 21.20
C TRP E 1012 32.33 72.25 21.46
N THR E 1013 31.82 73.21 22.25
CA THR E 1013 32.58 74.37 22.68
C THR E 1013 32.04 74.87 24.02
N HIS E 1014 32.58 76.00 24.48
CA HIS E 1014 32.09 76.63 25.70
C HIS E 1014 30.73 77.28 25.48
N ALA E 1015 29.95 77.35 26.55
CA ALA E 1015 28.63 77.96 26.45
C ALA E 1015 28.73 79.42 26.05
N ALA E 1016 29.86 80.07 26.35
CA ALA E 1016 30.02 81.48 26.03
C ALA E 1016 30.25 81.72 24.56
N ASP E 1017 30.62 80.69 23.80
CA ASP E 1017 31.05 80.87 22.42
C ASP E 1017 30.17 80.12 21.42
N VAL E 1018 29.07 79.52 21.88
CA VAL E 1018 28.22 78.74 20.98
C VAL E 1018 27.78 79.59 19.80
N SER E 1019 27.28 80.80 20.08
CA SER E 1019 26.80 81.67 19.01
C SER E 1019 27.89 81.94 17.97
N VAL E 1020 29.15 81.98 18.39
CA VAL E 1020 30.23 82.18 17.43
C VAL E 1020 30.45 80.91 16.61
N MET E 1021 30.46 79.76 17.29
CA MET E 1021 30.76 78.50 16.61
C MET E 1021 29.74 78.23 15.51
N ASN E 1022 28.45 78.38 15.83
CA ASN E 1022 27.41 78.19 14.82
C ASN E 1022 27.57 79.15 13.65
N GLN E 1023 28.19 80.31 13.88
CA GLN E 1023 28.44 81.22 12.77
C GLN E 1023 29.62 80.76 11.92
N VAL E 1024 30.63 80.14 12.55
CA VAL E 1024 31.73 79.57 11.78
C VAL E 1024 31.27 78.27 11.12
N CYS E 1025 30.59 77.41 11.89
CA CYS E 1025 30.18 76.10 11.39
C CYS E 1025 29.44 76.22 10.07
N ARG E 1026 28.49 77.17 9.98
CA ARG E 1026 27.79 77.37 8.72
C ARG E 1026 28.72 77.98 7.67
N GLU E 1027 29.47 79.01 8.05
CA GLU E 1027 30.32 79.71 7.08
C GLU E 1027 31.22 78.75 6.32
N GLN E 1028 32.04 77.99 7.06
CA GLN E 1028 32.92 77.02 6.43
C GLN E 1028 32.14 76.05 5.56
N PHE E 1029 30.99 75.58 6.06
CA PHE E 1029 30.16 74.70 5.25
C PHE E 1029 29.83 75.35 3.91
N VAL E 1030 29.35 76.60 3.94
CA VAL E 1030 29.05 77.31 2.71
C VAL E 1030 30.30 77.46 1.86
N ARG E 1031 31.45 77.69 2.49
CA ARG E 1031 32.69 77.82 1.75
C ARG E 1031 33.18 76.48 1.22
N LEU E 1032 32.77 75.37 1.83
CA LEU E 1032 33.22 74.06 1.36
C LEU E 1032 32.52 73.68 0.07
N HIS E 1033 31.18 73.58 0.11
CA HIS E 1033 30.43 73.15 -1.05
C HIS E 1033 30.33 74.23 -2.12
N SER E 1034 30.79 75.46 -1.84
CA SER E 1034 30.83 76.47 -2.87
C SER E 1034 31.86 76.13 -3.94
N GLU E 1035 32.89 75.37 -3.58
CA GLU E 1035 33.88 74.95 -4.56
C GLU E 1035 33.38 73.74 -5.36
N PRO E 1036 33.77 73.64 -6.63
CA PRO E 1036 33.30 72.50 -7.43
C PRO E 1036 33.90 71.19 -6.97
N ILE E 1037 33.30 70.61 -5.92
CA ILE E 1037 33.83 69.36 -5.37
C ILE E 1037 33.69 68.23 -6.37
N LEU E 1038 32.50 68.09 -6.97
CA LEU E 1038 32.27 67.02 -7.93
C LEU E 1038 33.07 67.24 -9.20
N GLN E 1039 33.27 68.49 -9.61
CA GLN E 1039 34.08 68.78 -10.79
C GLN E 1039 35.55 68.45 -10.55
N ASP E 1040 36.09 68.89 -9.42
CA ASP E 1040 37.48 68.60 -9.09
C ASP E 1040 37.70 67.10 -8.92
N LEU E 1041 36.73 66.41 -8.33
CA LEU E 1041 36.83 64.95 -8.20
C LEU E 1041 36.81 64.27 -9.56
N SER E 1042 35.91 64.71 -10.45
CA SER E 1042 35.82 64.09 -11.77
C SER E 1042 37.09 64.32 -12.58
N ARG E 1043 37.55 65.57 -12.65
CA ARG E 1043 38.78 65.86 -13.38
C ARG E 1043 39.97 65.16 -12.75
N PHE E 1044 39.98 65.03 -11.42
CA PHE E 1044 41.07 64.30 -10.78
C PHE E 1044 41.08 62.83 -11.19
N LEU E 1045 39.91 62.18 -11.15
CA LEU E 1045 39.85 60.77 -11.55
C LEU E 1045 40.15 60.59 -13.04
N VAL E 1046 39.83 61.59 -13.86
CA VAL E 1046 40.18 61.52 -15.28
C VAL E 1046 41.70 61.60 -15.46
N LYS E 1047 42.36 62.51 -14.72
CA LYS E 1047 43.80 62.63 -14.84
C LYS E 1047 44.53 61.44 -14.21
N ARG E 1048 43.91 60.79 -13.24
CA ARG E 1048 44.55 59.71 -12.50
C ARG E 1048 44.36 58.35 -13.16
N PHE E 1049 43.12 58.01 -13.50
CA PHE E 1049 42.84 56.67 -14.00
C PHE E 1049 42.58 56.61 -15.49
N CYS E 1050 42.22 57.72 -16.13
CA CYS E 1050 42.04 57.77 -17.57
C CYS E 1050 43.26 58.35 -18.26
N SER E 1051 44.46 58.03 -17.75
CA SER E 1051 45.70 58.52 -18.35
C SER E 1051 46.63 57.41 -18.81
N GLU E 1052 46.44 56.18 -18.34
CA GLU E 1052 47.29 55.07 -18.76
C GLU E 1052 46.90 54.66 -20.17
N PRO E 1053 47.80 54.80 -21.16
CA PRO E 1053 47.44 54.48 -22.55
C PRO E 1053 47.37 53.00 -22.88
N GLN E 1054 47.44 52.12 -21.89
CA GLN E 1054 47.35 50.68 -22.15
C GLN E 1054 45.99 50.32 -22.74
N LYS E 1055 44.96 50.23 -21.91
CA LYS E 1055 43.62 49.96 -22.39
C LYS E 1055 42.95 51.26 -22.79
N ILE E 1056 42.43 51.32 -24.02
CA ILE E 1056 41.68 52.49 -24.48
C ILE E 1056 40.17 52.29 -24.37
N LEU E 1057 39.69 51.04 -24.30
CA LEU E 1057 38.26 50.81 -24.14
C LEU E 1057 37.77 51.31 -22.79
N GLU E 1058 38.42 50.87 -21.70
CA GLU E 1058 38.04 51.32 -20.37
C GLU E 1058 38.45 52.77 -20.12
N ALA E 1059 39.47 53.26 -20.83
CA ALA E 1059 39.82 54.67 -20.70
C ALA E 1059 38.75 55.56 -21.33
N SER E 1060 38.07 55.05 -22.36
CA SER E 1060 37.04 55.82 -23.06
C SER E 1060 35.68 55.69 -22.40
N GLN E 1061 35.32 54.48 -21.94
CA GLN E 1061 34.08 54.34 -21.19
C GLN E 1061 34.19 54.98 -19.81
N LEU E 1062 35.35 54.82 -19.16
CA LEU E 1062 35.56 55.44 -17.86
C LEU E 1062 35.66 56.95 -17.99
N LYS E 1063 36.37 57.45 -19.00
CA LYS E 1063 36.37 58.88 -19.24
C LYS E 1063 34.98 59.39 -19.61
N GLU E 1064 34.15 58.51 -20.19
CA GLU E 1064 32.77 58.88 -20.51
C GLU E 1064 31.96 59.04 -19.23
N THR E 1065 32.10 58.11 -18.28
CA THR E 1065 31.28 58.18 -17.07
C THR E 1065 31.80 59.24 -16.09
N LEU E 1066 33.11 59.40 -15.99
CA LEU E 1066 33.68 60.38 -15.06
C LEU E 1066 33.31 61.79 -15.46
N GLN E 1067 33.36 62.09 -16.76
CA GLN E 1067 32.99 63.41 -17.25
C GLN E 1067 31.48 63.64 -17.24
N ALA E 1068 30.68 62.62 -16.96
CA ALA E 1068 29.23 62.77 -16.86
C ALA E 1068 28.83 63.19 -15.45
N VAL E 1069 29.33 64.35 -15.04
CA VAL E 1069 29.05 64.87 -13.70
C VAL E 1069 27.59 65.32 -13.64
N PRO E 1070 26.82 64.92 -12.63
CA PRO E 1070 25.42 65.35 -12.55
C PRO E 1070 25.32 66.87 -12.37
N LYS E 1071 24.33 67.45 -13.04
CA LYS E 1071 24.14 68.90 -12.96
C LYS E 1071 23.53 69.28 -11.60
N PRO E 1072 23.97 70.39 -11.02
CA PRO E 1072 23.46 70.78 -9.70
C PRO E 1072 22.01 71.25 -9.80
N GLY E 1073 21.39 71.38 -8.63
CA GLY E 1073 20.01 71.82 -8.51
C GLY E 1073 19.86 73.32 -8.42
N ALA E 1074 18.71 73.74 -7.91
CA ALA E 1074 18.38 75.16 -7.82
C ALA E 1074 18.59 75.75 -6.44
N PHE E 1075 18.96 74.92 -5.45
CA PHE E 1075 19.10 75.40 -4.09
C PHE E 1075 20.26 76.40 -3.97
N ASP E 1076 19.99 77.49 -3.26
CA ASP E 1076 21.01 78.51 -3.00
C ASP E 1076 21.73 78.15 -1.71
N LEU E 1077 23.05 77.95 -1.81
CA LEU E 1077 23.83 77.50 -0.66
C LEU E 1077 23.91 78.56 0.44
N GLU E 1078 23.86 79.85 0.06
CA GLU E 1078 24.00 80.92 1.05
C GLU E 1078 22.92 80.85 2.12
N GLN E 1079 21.77 80.27 1.80
CA GLN E 1079 20.70 80.16 2.79
C GLN E 1079 21.16 79.43 4.04
N VAL E 1080 22.15 78.55 3.91
CA VAL E 1080 22.66 77.80 5.06
C VAL E 1080 23.17 78.75 6.16
N LYS E 1081 23.64 79.94 5.78
CA LYS E 1081 24.13 80.88 6.78
C LYS E 1081 23.02 81.39 7.69
N ARG E 1082 21.77 81.33 7.25
CA ARG E 1082 20.64 81.82 8.02
C ARG E 1082 19.78 80.71 8.59
N SER E 1083 20.18 79.46 8.43
CA SER E 1083 19.43 78.32 8.96
C SER E 1083 19.72 78.15 10.45
N THR E 1084 18.70 78.31 11.29
CA THR E 1084 18.89 78.19 12.73
C THR E 1084 19.17 76.75 13.14
N TYR E 1085 18.44 75.79 12.57
CA TYR E 1085 18.52 74.41 13.02
C TYR E 1085 19.40 73.55 12.12
N PHE E 1086 20.26 74.17 11.32
CA PHE E 1086 21.25 73.41 10.58
C PHE E 1086 22.17 72.65 11.54
N PHE E 1087 22.64 73.33 12.58
CA PHE E 1087 23.39 72.71 13.68
C PHE E 1087 22.72 73.16 14.97
N SER E 1088 21.94 72.27 15.59
CA SER E 1088 21.21 72.60 16.80
C SER E 1088 21.08 71.40 17.71
N GLN I 76 -24.92 -63.52 6.87
CA GLN I 76 -24.30 -62.29 6.36
C GLN I 76 -24.01 -62.37 4.86
N LEU I 77 -24.88 -61.79 4.06
CA LEU I 77 -24.65 -61.73 2.62
C LEU I 77 -23.69 -60.59 2.29
N SER I 78 -22.84 -60.82 1.28
CA SER I 78 -21.86 -59.83 0.84
C SER I 78 -21.94 -59.66 -0.67
N GLY I 79 -21.45 -58.52 -1.15
CA GLY I 79 -21.48 -58.26 -2.58
C GLY I 79 -20.62 -59.23 -3.36
N GLN I 80 -19.38 -59.45 -2.90
CA GLN I 80 -18.50 -60.39 -3.58
C GLN I 80 -19.05 -61.81 -3.48
N GLN I 81 -19.65 -62.15 -2.34
CA GLN I 81 -20.31 -63.45 -2.20
C GLN I 81 -21.45 -63.58 -3.20
N GLN I 82 -22.21 -62.50 -3.40
CA GLN I 82 -23.25 -62.51 -4.42
C GLN I 82 -22.66 -62.74 -5.81
N ARG I 83 -21.53 -62.09 -6.11
CA ARG I 83 -20.91 -62.28 -7.41
C ARG I 83 -20.46 -63.72 -7.61
N LEU I 84 -19.88 -64.33 -6.57
CA LEU I 84 -19.42 -65.71 -6.70
C LEU I 84 -20.59 -66.67 -6.84
N LEU I 85 -21.63 -66.49 -6.03
CA LEU I 85 -22.80 -67.38 -6.12
C LEU I 85 -23.45 -67.26 -7.48
N ALA I 86 -23.64 -66.04 -7.98
CA ALA I 86 -24.18 -65.85 -9.32
C ALA I 86 -23.27 -66.46 -10.38
N PHE I 87 -21.95 -66.45 -10.15
CA PHE I 87 -21.03 -67.11 -11.07
C PHE I 87 -21.27 -68.61 -11.10
N PHE I 88 -21.42 -69.22 -9.93
CA PHE I 88 -21.60 -70.68 -9.88
C PHE I 88 -22.94 -71.08 -10.51
N LYS I 89 -24.03 -70.40 -10.12
CA LYS I 89 -25.32 -70.74 -10.70
C LYS I 89 -25.32 -70.49 -12.20
N CYS I 90 -24.71 -69.39 -12.64
CA CYS I 90 -24.61 -69.12 -14.07
C CYS I 90 -23.84 -70.21 -14.79
N CYS I 91 -22.82 -70.77 -14.14
CA CYS I 91 -22.12 -71.91 -14.71
C CYS I 91 -22.99 -73.16 -14.75
N LEU I 92 -23.90 -73.32 -13.78
CA LEU I 92 -24.90 -74.38 -13.90
C LEU I 92 -25.78 -74.15 -15.12
N LEU I 93 -26.03 -72.88 -15.47
CA LEU I 93 -26.86 -72.59 -16.63
C LEU I 93 -26.11 -72.84 -17.93
N THR I 94 -24.82 -72.49 -17.97
CA THR I 94 -24.01 -72.67 -19.17
C THR I 94 -23.41 -74.06 -19.29
N ASP I 95 -23.65 -74.94 -18.32
CA ASP I 95 -23.08 -76.29 -18.28
C ASP I 95 -21.56 -76.25 -18.33
N GLN I 96 -20.97 -75.23 -17.72
CA GLN I 96 -19.52 -75.11 -17.63
C GLN I 96 -19.05 -75.52 -16.23
N LEU I 97 -19.35 -76.78 -15.89
CA LEU I 97 -18.97 -77.30 -14.58
C LEU I 97 -17.47 -77.22 -14.31
N PRO I 98 -16.58 -77.61 -15.22
CA PRO I 98 -15.15 -77.50 -14.90
C PRO I 98 -14.70 -76.10 -14.54
N LEU I 99 -15.39 -75.08 -15.08
CA LEU I 99 -15.04 -73.71 -14.76
C LEU I 99 -15.41 -73.36 -13.33
N ALA I 100 -16.65 -73.68 -12.94
CA ALA I 100 -17.08 -73.40 -11.57
C ALA I 100 -16.29 -74.21 -10.55
N HIS I 101 -16.01 -75.48 -10.88
CA HIS I 101 -15.20 -76.29 -9.99
C HIS I 101 -13.78 -75.75 -9.89
N HIS I 102 -13.23 -75.27 -11.00
CA HIS I 102 -11.89 -74.67 -10.98
C HIS I 102 -11.86 -73.46 -10.06
N LEU I 103 -12.79 -72.53 -10.24
CA LEU I 103 -12.79 -71.33 -9.39
C LEU I 103 -13.03 -71.70 -7.93
N LEU I 104 -13.87 -72.70 -7.68
CA LEU I 104 -14.15 -73.12 -6.31
C LEU I 104 -12.91 -73.73 -5.66
N VAL I 105 -12.15 -74.52 -6.42
CA VAL I 105 -10.92 -75.11 -5.91
C VAL I 105 -9.88 -74.02 -5.61
N VAL I 106 -9.73 -73.07 -6.53
CA VAL I 106 -8.74 -72.01 -6.31
C VAL I 106 -9.11 -71.17 -5.10
N HIS I 107 -10.39 -70.83 -4.96
CA HIS I 107 -10.81 -70.04 -3.80
C HIS I 107 -10.65 -70.82 -2.51
N HIS I 108 -11.01 -72.10 -2.51
CA HIS I 108 -10.89 -72.91 -1.31
C HIS I 108 -9.43 -73.12 -0.93
N GLY I 109 -8.53 -73.11 -1.91
CA GLY I 109 -7.13 -73.36 -1.65
C GLY I 109 -6.41 -72.24 -0.93
N GLN I 110 -6.96 -71.03 -0.96
CA GLN I 110 -6.35 -69.88 -0.33
C GLN I 110 -7.00 -69.62 1.02
N ARG I 111 -6.20 -69.17 1.99
CA ARG I 111 -6.73 -68.95 3.34
C ARG I 111 -7.77 -67.85 3.35
N GLN I 112 -7.43 -66.69 2.78
CA GLN I 112 -8.35 -65.55 2.83
C GLN I 112 -9.54 -65.72 1.89
N LYS I 113 -9.41 -66.53 0.85
CA LYS I 113 -10.51 -66.78 -0.07
C LYS I 113 -11.41 -67.92 0.39
N ARG I 114 -10.90 -68.85 1.20
CA ARG I 114 -11.73 -69.94 1.70
C ARG I 114 -12.85 -69.41 2.60
N LYS I 115 -12.59 -68.35 3.36
CA LYS I 115 -13.61 -67.77 4.21
C LYS I 115 -14.74 -67.15 3.42
N LEU I 116 -14.50 -66.77 2.16
CA LEU I 116 -15.51 -66.14 1.35
C LEU I 116 -16.55 -67.13 0.82
N LEU I 117 -16.24 -68.42 0.78
CA LEU I 117 -17.14 -69.41 0.22
C LEU I 117 -18.25 -69.77 1.21
N THR I 118 -19.39 -70.21 0.67
CA THR I 118 -20.57 -70.52 1.47
C THR I 118 -21.08 -71.90 1.10
N LEU I 119 -21.85 -72.50 2.03
CA LEU I 119 -22.44 -73.81 1.78
C LEU I 119 -23.28 -73.83 0.52
N ASP I 120 -23.94 -72.70 0.20
CA ASP I 120 -24.79 -72.65 -0.98
C ASP I 120 -23.98 -72.83 -2.26
N MET I 121 -22.75 -72.33 -2.28
CA MET I 121 -21.89 -72.48 -3.45
C MET I 121 -21.44 -73.93 -3.62
N TYR I 122 -20.98 -74.54 -2.52
CA TYR I 122 -20.61 -75.95 -2.55
C TYR I 122 -21.79 -76.82 -3.02
N ASN I 123 -22.99 -76.51 -2.54
CA ASN I 123 -24.17 -77.24 -3.00
C ASN I 123 -24.48 -76.92 -4.46
N ALA I 124 -24.10 -75.74 -4.94
CA ALA I 124 -24.32 -75.42 -6.35
C ALA I 124 -23.44 -76.29 -7.24
N VAL I 125 -22.13 -76.27 -7.00
CA VAL I 125 -21.24 -77.11 -7.81
C VAL I 125 -21.59 -78.57 -7.63
N MET I 126 -21.94 -78.95 -6.39
CA MET I 126 -22.37 -80.31 -6.11
C MET I 126 -23.58 -80.70 -6.97
N LEU I 127 -24.56 -79.82 -7.07
CA LEU I 127 -25.72 -80.10 -7.90
C LEU I 127 -25.34 -80.16 -9.37
N GLY I 128 -24.33 -79.38 -9.78
CA GLY I 128 -23.88 -79.47 -11.15
C GLY I 128 -23.28 -80.82 -11.49
N TRP I 129 -22.33 -81.29 -10.66
CA TRP I 129 -21.78 -82.61 -10.88
C TRP I 129 -22.84 -83.70 -10.74
N ALA I 130 -23.88 -83.45 -9.93
CA ALA I 130 -24.99 -84.39 -9.86
C ALA I 130 -25.75 -84.45 -11.17
N ARG I 131 -26.01 -83.30 -11.79
CA ARG I 131 -26.71 -83.29 -13.06
C ARG I 131 -25.87 -83.93 -14.15
N GLN I 132 -24.54 -83.82 -14.07
CA GLN I 132 -23.70 -84.47 -15.06
C GLN I 132 -23.33 -85.90 -14.69
N GLY I 133 -23.69 -86.35 -13.50
CA GLY I 133 -23.40 -87.72 -13.09
C GLY I 133 -21.96 -87.96 -12.71
N ALA I 134 -21.22 -86.93 -12.32
CA ALA I 134 -19.82 -87.07 -11.95
C ALA I 134 -19.75 -87.36 -10.45
N PHE I 135 -19.55 -88.64 -10.11
CA PHE I 135 -19.52 -89.03 -8.71
C PHE I 135 -18.23 -88.56 -8.03
N LYS I 136 -17.09 -88.73 -8.69
CA LYS I 136 -15.80 -88.38 -8.09
C LYS I 136 -15.72 -86.90 -7.75
N GLU I 137 -16.09 -86.04 -8.71
CA GLU I 137 -16.03 -84.60 -8.46
C GLU I 137 -16.95 -84.22 -7.30
N LEU I 138 -18.09 -84.90 -7.20
CA LEU I 138 -18.98 -84.67 -6.05
C LEU I 138 -18.31 -85.09 -4.76
N VAL I 139 -17.49 -86.14 -4.79
CA VAL I 139 -16.74 -86.50 -3.60
C VAL I 139 -15.74 -85.42 -3.23
N TYR I 140 -15.11 -84.80 -4.24
CA TYR I 140 -14.20 -83.69 -3.97
C TYR I 140 -14.93 -82.52 -3.31
N VAL I 141 -16.09 -82.16 -3.86
CA VAL I 141 -16.86 -81.05 -3.30
C VAL I 141 -17.29 -81.37 -1.88
N LEU I 142 -17.70 -82.62 -1.63
CA LEU I 142 -18.04 -83.02 -0.27
C LEU I 142 -16.84 -82.89 0.66
N PHE I 143 -15.65 -83.23 0.18
CA PHE I 143 -14.45 -83.03 0.99
C PHE I 143 -14.24 -81.56 1.33
N MET I 144 -14.47 -80.68 0.37
CA MET I 144 -14.36 -79.25 0.66
C MET I 144 -15.46 -78.77 1.60
N VAL I 145 -16.59 -79.48 1.64
CA VAL I 145 -17.63 -79.17 2.62
C VAL I 145 -17.16 -79.56 4.02
N LYS I 146 -16.65 -80.77 4.17
CA LYS I 146 -16.21 -81.24 5.48
C LYS I 146 -14.97 -80.51 5.97
N ASP I 147 -14.16 -79.99 5.05
CA ASP I 147 -12.94 -79.25 5.40
C ASP I 147 -13.19 -77.77 5.60
N ALA I 148 -14.39 -77.28 5.32
CA ALA I 148 -14.70 -75.87 5.49
C ALA I 148 -14.52 -75.40 6.95
N GLY I 149 -15.12 -76.10 7.92
CA GLY I 149 -15.89 -77.32 7.80
C GLY I 149 -17.37 -77.15 8.06
N LEU I 150 -18.14 -77.18 6.97
CA LEU I 150 -19.59 -77.09 7.07
C LEU I 150 -20.19 -78.48 7.16
N THR I 151 -21.52 -78.54 7.19
CA THR I 151 -22.24 -79.80 7.26
C THR I 151 -23.22 -79.90 6.10
N PRO I 152 -23.35 -81.08 5.49
CA PRO I 152 -24.30 -81.22 4.37
C PRO I 152 -25.74 -81.07 4.85
N ASP I 153 -26.54 -80.36 4.05
CA ASP I 153 -27.93 -80.09 4.37
C ASP I 153 -28.85 -80.79 3.37
N LEU I 154 -30.09 -80.31 3.25
CA LEU I 154 -31.08 -80.96 2.40
C LEU I 154 -30.64 -80.97 0.94
N LEU I 155 -30.15 -79.83 0.44
CA LEU I 155 -29.74 -79.74 -0.95
C LEU I 155 -28.53 -80.63 -1.23
N SER I 156 -27.65 -80.80 -0.25
CA SER I 156 -26.49 -81.66 -0.44
C SER I 156 -26.90 -83.11 -0.62
N TYR I 157 -27.72 -83.64 0.30
CA TYR I 157 -28.21 -85.00 0.16
C TYR I 157 -29.07 -85.14 -1.08
N ALA I 158 -29.74 -84.07 -1.50
CA ALA I 158 -30.48 -84.11 -2.76
C ALA I 158 -29.54 -84.29 -3.94
N ALA I 159 -28.38 -83.61 -3.90
CA ALA I 159 -27.40 -83.76 -4.99
C ALA I 159 -26.79 -85.16 -4.99
N ALA I 160 -26.42 -85.67 -3.82
CA ALA I 160 -25.88 -87.02 -3.74
C ALA I 160 -26.89 -88.04 -4.25
N LEU I 161 -28.14 -87.94 -3.79
CA LEU I 161 -29.18 -88.86 -4.26
C LEU I 161 -29.40 -88.72 -5.76
N GLN I 162 -29.28 -87.50 -6.29
CA GLN I 162 -29.44 -87.29 -7.72
C GLN I 162 -28.33 -87.98 -8.51
N CYS I 163 -27.08 -87.88 -8.02
CA CYS I 163 -25.99 -88.55 -8.71
C CYS I 163 -26.14 -90.07 -8.63
N MET I 164 -26.59 -90.58 -7.48
CA MET I 164 -26.80 -92.01 -7.35
C MET I 164 -27.92 -92.49 -8.29
N GLY I 165 -28.98 -91.69 -8.44
CA GLY I 165 -30.05 -92.08 -9.33
C GLY I 165 -29.64 -92.03 -10.80
N ARG I 166 -28.90 -91.00 -11.20
CA ARG I 166 -28.47 -90.90 -12.59
C ARG I 166 -27.46 -91.98 -12.92
N GLN I 167 -26.56 -92.30 -12.00
CA GLN I 167 -25.57 -93.35 -12.23
C GLN I 167 -26.10 -94.73 -11.89
N ASP I 168 -27.32 -94.83 -11.35
CA ASP I 168 -27.94 -96.10 -10.98
C ASP I 168 -27.04 -96.88 -10.01
N GLN I 169 -26.75 -96.24 -8.88
CA GLN I 169 -25.93 -96.85 -7.85
C GLN I 169 -26.74 -97.91 -7.08
N ASP I 170 -26.02 -98.71 -6.29
CA ASP I 170 -26.68 -99.73 -5.50
C ASP I 170 -27.51 -99.10 -4.39
N ALA I 171 -28.49 -99.87 -3.91
CA ALA I 171 -29.42 -99.37 -2.92
C ALA I 171 -28.81 -99.25 -1.52
N GLY I 172 -27.62 -99.83 -1.29
CA GLY I 172 -27.04 -99.79 0.04
C GLY I 172 -26.64 -98.39 0.48
N THR I 173 -25.95 -97.66 -0.40
CA THR I 173 -25.56 -96.30 -0.07
C THR I 173 -26.77 -95.40 0.10
N ILE I 174 -27.83 -95.65 -0.68
CA ILE I 174 -29.04 -94.85 -0.53
C ILE I 174 -29.72 -95.15 0.80
N GLU I 175 -29.75 -96.42 1.20
CA GLU I 175 -30.35 -96.77 2.49
C GLU I 175 -29.57 -96.19 3.66
N ARG I 176 -28.24 -96.36 3.65
CA ARG I 176 -27.44 -95.76 4.71
C ARG I 176 -27.55 -94.24 4.71
N CYS I 177 -27.76 -93.65 3.52
CA CYS I 177 -27.95 -92.21 3.45
C CYS I 177 -29.28 -91.79 4.06
N LEU I 178 -30.33 -92.58 3.84
CA LEU I 178 -31.63 -92.27 4.43
C LEU I 178 -31.63 -92.48 5.93
N GLU I 179 -30.84 -93.44 6.43
CA GLU I 179 -30.79 -93.66 7.87
C GLU I 179 -29.94 -92.60 8.56
N GLN I 180 -28.83 -92.17 7.95
CA GLN I 180 -28.07 -91.06 8.49
C GLN I 180 -28.89 -89.78 8.45
N MET I 181 -29.66 -89.57 7.38
CA MET I 181 -30.53 -88.41 7.30
C MET I 181 -31.63 -88.49 8.36
N SER I 182 -32.15 -89.68 8.63
CA SER I 182 -33.15 -89.84 9.68
C SER I 182 -32.56 -89.57 11.06
N GLN I 183 -31.29 -89.93 11.26
CA GLN I 183 -30.64 -89.63 12.53
C GLN I 183 -30.34 -88.15 12.66
N GLU I 184 -30.05 -87.46 11.55
CA GLU I 184 -29.84 -86.03 11.58
C GLU I 184 -31.13 -85.25 11.81
N GLY I 185 -32.29 -85.91 11.69
CA GLY I 185 -33.56 -85.25 11.96
C GLY I 185 -34.25 -84.64 10.77
N LEU I 186 -33.73 -84.84 9.57
CA LEU I 186 -34.33 -84.26 8.38
C LEU I 186 -35.47 -85.15 7.88
N LYS I 187 -36.48 -84.52 7.30
CA LYS I 187 -37.63 -85.24 6.75
C LYS I 187 -37.47 -85.45 5.26
N LEU I 188 -38.03 -86.56 4.76
CA LEU I 188 -37.89 -86.88 3.35
C LEU I 188 -38.73 -85.95 2.49
N GLN I 189 -39.91 -85.55 2.98
CA GLN I 189 -40.80 -84.70 2.21
C GLN I 189 -40.31 -83.26 2.17
N ALA I 190 -39.62 -82.81 3.23
CA ALA I 190 -39.09 -81.46 3.27
C ALA I 190 -38.06 -81.23 2.17
N LEU I 191 -37.48 -82.30 1.62
CA LEU I 191 -36.55 -82.16 0.50
C LEU I 191 -37.30 -81.85 -0.78
N PHE I 192 -38.40 -82.54 -1.04
CA PHE I 192 -39.17 -82.28 -2.25
C PHE I 192 -40.07 -81.05 -2.13
N THR I 193 -40.28 -80.51 -0.93
CA THR I 193 -41.09 -79.31 -0.78
C THR I 193 -40.30 -78.04 -0.56
N ALA I 194 -39.09 -78.12 0.02
CA ALA I 194 -38.35 -76.93 0.41
C ALA I 194 -37.11 -76.67 -0.43
N VAL I 195 -36.82 -77.50 -1.42
CA VAL I 195 -35.62 -77.36 -2.24
C VAL I 195 -36.03 -77.02 -3.65
N LEU I 196 -35.28 -76.10 -4.27
CA LEU I 196 -35.50 -75.68 -5.65
C LEU I 196 -34.76 -76.65 -6.57
N LEU I 197 -35.51 -77.58 -7.16
CA LEU I 197 -34.97 -78.59 -8.06
C LEU I 197 -35.78 -78.61 -9.35
N SER I 198 -35.09 -78.73 -10.47
CA SER I 198 -35.79 -78.87 -11.74
C SER I 198 -36.49 -80.23 -11.84
N GLU I 199 -37.38 -80.35 -12.83
CA GLU I 199 -38.13 -81.58 -12.98
C GLU I 199 -37.22 -82.76 -13.30
N GLU I 200 -36.06 -82.51 -13.92
CA GLU I 200 -35.11 -83.58 -14.12
C GLU I 200 -34.42 -83.95 -12.80
N ASP I 201 -34.09 -82.94 -11.98
CA ASP I 201 -33.52 -83.21 -10.67
C ASP I 201 -34.54 -83.90 -9.75
N ARG I 202 -35.77 -83.40 -9.74
CA ARG I 202 -36.82 -84.07 -8.97
C ARG I 202 -37.03 -85.50 -9.44
N ALA I 203 -36.97 -85.71 -10.76
CA ALA I 203 -37.22 -87.05 -11.30
C ALA I 203 -36.10 -88.01 -10.94
N THR I 204 -34.84 -87.57 -11.01
CA THR I 204 -33.74 -88.46 -10.66
C THR I 204 -33.70 -88.74 -9.17
N VAL I 205 -33.98 -87.73 -8.33
CA VAL I 205 -34.01 -87.97 -6.89
C VAL I 205 -35.17 -88.89 -6.52
N LEU I 206 -36.32 -88.71 -7.17
CA LEU I 206 -37.44 -89.63 -6.97
C LEU I 206 -37.06 -91.05 -7.40
N LYS I 207 -36.38 -91.18 -8.53
CA LYS I 207 -35.97 -92.51 -8.98
C LYS I 207 -34.97 -93.15 -8.02
N ALA I 208 -34.16 -92.34 -7.33
CA ALA I 208 -33.23 -92.90 -6.34
C ALA I 208 -33.97 -93.32 -5.07
N VAL I 209 -34.93 -92.50 -4.61
CA VAL I 209 -35.64 -92.84 -3.38
C VAL I 209 -36.55 -94.04 -3.59
N HIS I 210 -37.17 -94.14 -4.78
CA HIS I 210 -38.09 -95.24 -5.06
C HIS I 210 -37.39 -96.59 -5.11
N LYS I 211 -36.06 -96.63 -5.11
CA LYS I 211 -35.34 -97.91 -5.07
C LYS I 211 -35.31 -98.50 -3.66
N VAL I 212 -35.28 -97.65 -2.64
CA VAL I 212 -35.30 -98.10 -1.25
C VAL I 212 -36.67 -97.90 -0.61
N LYS I 213 -37.29 -96.74 -0.84
CA LYS I 213 -38.65 -96.48 -0.35
C LYS I 213 -39.58 -96.37 -1.55
N PRO I 214 -40.06 -97.48 -2.11
CA PRO I 214 -40.91 -97.39 -3.29
C PRO I 214 -42.31 -96.86 -3.01
N THR I 215 -42.79 -96.99 -1.78
CA THR I 215 -44.10 -96.46 -1.40
C THR I 215 -44.00 -95.08 -0.80
N PHE I 216 -43.11 -94.26 -1.33
CA PHE I 216 -42.96 -92.86 -0.94
C PHE I 216 -43.64 -92.05 -2.02
N SER I 217 -44.75 -91.42 -1.67
CA SER I 217 -45.55 -90.65 -2.60
C SER I 217 -45.70 -89.24 -2.07
N LEU I 218 -45.59 -88.26 -2.97
CA LEU I 218 -45.71 -86.87 -2.58
C LEU I 218 -47.15 -86.56 -2.19
N PRO I 219 -47.36 -85.58 -1.31
CA PRO I 219 -48.70 -85.22 -0.89
C PRO I 219 -49.48 -84.69 -2.09
N PRO I 220 -50.64 -85.28 -2.37
CA PRO I 220 -51.40 -84.87 -3.56
C PRO I 220 -51.87 -83.43 -3.44
N GLN I 221 -51.39 -82.60 -4.36
CA GLN I 221 -51.69 -81.17 -4.39
C GLN I 221 -52.82 -80.88 -5.38
N LEU I 222 -53.89 -81.66 -5.25
CA LEU I 222 -55.04 -81.61 -6.16
C LEU I 222 -56.34 -81.00 -5.62
N PRO I 223 -56.45 -80.54 -4.36
CA PRO I 223 -57.75 -80.02 -3.91
C PRO I 223 -58.07 -78.70 -4.58
N PRO I 224 -59.31 -78.53 -5.03
CA PRO I 224 -59.73 -77.24 -5.57
C PRO I 224 -60.50 -76.43 -4.53
N PRO I 225 -60.20 -75.13 -4.40
CA PRO I 225 -60.96 -74.32 -3.44
C PRO I 225 -61.91 -73.36 -4.15
N VAL I 226 -63.17 -73.31 -3.71
CA VAL I 226 -64.19 -72.44 -4.30
C VAL I 226 -64.43 -71.25 -3.37
N ASN I 227 -64.59 -70.07 -3.96
CA ASN I 227 -64.82 -68.87 -3.16
C ASN I 227 -66.21 -68.89 -2.55
N THR I 228 -66.28 -68.67 -1.23
CA THR I 228 -67.54 -68.62 -0.51
C THR I 228 -67.91 -67.21 -0.07
N SER I 229 -67.40 -66.19 -0.77
CA SER I 229 -67.73 -64.81 -0.43
C SER I 229 -69.22 -64.56 -0.66
N LYS I 230 -69.77 -63.60 0.07
CA LYS I 230 -71.20 -63.29 -0.06
C LYS I 230 -71.54 -62.85 -1.47
N LEU I 231 -70.74 -61.95 -2.04
CA LEU I 231 -71.02 -61.43 -3.38
C LEU I 231 -70.54 -62.36 -4.48
N LEU I 232 -69.59 -63.24 -4.18
CA LEU I 232 -69.03 -64.15 -5.17
C LEU I 232 -69.51 -65.59 -4.98
N ARG I 233 -70.52 -65.81 -4.13
CA ARG I 233 -70.98 -67.17 -3.89
C ARG I 233 -71.64 -67.76 -5.14
N ASP I 234 -72.57 -67.03 -5.73
CA ASP I 234 -73.32 -67.54 -6.87
C ASP I 234 -72.49 -67.61 -8.14
N VAL I 235 -71.31 -66.99 -8.17
CA VAL I 235 -70.48 -67.02 -9.37
C VAL I 235 -69.82 -68.38 -9.53
N TYR I 236 -69.42 -69.00 -8.42
CA TYR I 236 -68.73 -70.28 -8.44
C TYR I 236 -69.58 -71.45 -7.99
N ALA I 237 -70.77 -71.22 -7.45
CA ALA I 237 -71.63 -72.32 -7.06
C ALA I 237 -72.09 -73.09 -8.29
N LYS I 238 -72.03 -74.42 -8.22
CA LYS I 238 -72.42 -75.26 -9.35
C LYS I 238 -73.92 -75.24 -9.60
N ASP I 239 -74.71 -74.80 -8.62
CA ASP I 239 -76.16 -74.74 -8.76
C ASP I 239 -76.52 -73.53 -9.59
N GLY I 240 -77.05 -73.76 -10.79
CA GLY I 240 -77.47 -72.69 -11.67
C GLY I 240 -77.18 -73.03 -13.12
N ARG I 241 -77.99 -72.46 -14.01
CA ARG I 241 -77.82 -72.66 -15.44
C ARG I 241 -76.79 -71.66 -15.95
N VAL I 242 -75.63 -72.17 -16.32
CA VAL I 242 -74.56 -71.35 -16.88
C VAL I 242 -74.61 -71.46 -18.39
N SER I 243 -74.43 -70.33 -19.07
CA SER I 243 -74.36 -70.30 -20.53
C SER I 243 -73.13 -69.52 -20.96
N TYR I 244 -71.96 -70.02 -20.59
CA TYR I 244 -70.71 -69.30 -20.84
C TYR I 244 -70.49 -69.15 -22.34
N PRO I 245 -70.10 -67.96 -22.80
CA PRO I 245 -69.96 -67.72 -24.23
C PRO I 245 -68.68 -68.29 -24.79
N LYS I 246 -68.76 -68.72 -26.04
CA LYS I 246 -67.58 -69.20 -26.75
C LYS I 246 -67.26 -68.24 -27.89
N LEU I 247 -65.99 -68.25 -28.29
CA LEU I 247 -65.53 -67.39 -29.38
C LEU I 247 -66.10 -67.86 -30.71
N HIS I 248 -65.92 -67.03 -31.73
CA HIS I 248 -66.39 -67.39 -33.07
C HIS I 248 -65.37 -68.20 -33.86
N LEU I 249 -64.17 -68.31 -33.40
CA LEU I 249 -63.13 -68.99 -34.15
C LEU I 249 -63.11 -70.47 -33.79
N PRO I 250 -62.74 -71.33 -34.73
CA PRO I 250 -62.61 -72.76 -34.45
C PRO I 250 -61.32 -73.04 -33.67
N LEU I 251 -61.10 -74.32 -33.36
CA LEU I 251 -59.95 -74.72 -32.55
C LEU I 251 -58.64 -74.51 -33.32
N LYS I 252 -58.59 -74.96 -34.57
CA LYS I 252 -57.35 -74.88 -35.34
C LYS I 252 -56.91 -73.43 -35.54
N THR I 253 -57.85 -72.55 -35.88
CA THR I 253 -57.51 -71.15 -36.08
C THR I 253 -56.96 -70.53 -34.81
N LEU I 254 -57.58 -70.83 -33.67
CA LEU I 254 -57.06 -70.31 -32.40
C LEU I 254 -55.65 -70.84 -32.15
N GLN I 255 -55.40 -72.10 -32.49
CA GLN I 255 -54.06 -72.65 -32.32
C GLN I 255 -53.05 -71.92 -33.20
N CYS I 256 -53.43 -71.56 -34.43
CA CYS I 256 -52.51 -70.80 -35.27
C CYS I 256 -52.25 -69.42 -34.70
N LEU I 257 -53.30 -68.75 -34.22
CA LEU I 257 -53.08 -67.45 -33.59
C LEU I 257 -52.13 -67.59 -32.41
N PHE I 258 -52.26 -68.67 -31.63
CA PHE I 258 -51.32 -68.91 -30.55
C PHE I 258 -49.90 -69.06 -31.08
N GLU I 259 -49.73 -69.71 -32.23
CA GLU I 259 -48.40 -69.85 -32.78
C GLU I 259 -47.83 -68.49 -33.19
N LYS I 260 -48.69 -67.62 -33.73
CA LYS I 260 -48.22 -66.30 -34.15
C LYS I 260 -47.84 -65.43 -32.96
N GLN I 261 -48.63 -65.50 -31.88
CA GLN I 261 -48.28 -64.74 -30.68
C GLN I 261 -47.03 -65.29 -30.01
N LEU I 262 -46.88 -66.63 -29.99
CA LEU I 262 -45.68 -67.23 -29.42
C LEU I 262 -44.44 -66.83 -30.20
N HIS I 263 -44.52 -66.88 -31.54
CA HIS I 263 -43.40 -66.43 -32.35
C HIS I 263 -43.08 -64.97 -32.08
N MET I 264 -44.12 -64.13 -31.95
CA MET I 264 -43.89 -62.71 -31.73
C MET I 264 -43.20 -62.45 -30.39
N GLU I 265 -43.62 -63.14 -29.33
CA GLU I 265 -42.96 -62.92 -28.04
C GLU I 265 -41.56 -63.52 -28.02
N LEU I 266 -41.33 -64.63 -28.74
CA LEU I 266 -39.98 -65.17 -28.84
C LEU I 266 -39.05 -64.24 -29.61
N ALA I 267 -39.60 -63.44 -30.53
CA ALA I 267 -38.79 -62.50 -31.28
C ALA I 267 -38.47 -61.24 -30.49
N SER I 268 -39.29 -60.90 -29.48
CA SER I 268 -39.08 -59.76 -28.60
C SER I 268 -39.17 -58.40 -29.32
N ARG I 269 -39.34 -58.43 -30.63
CA ARG I 269 -39.44 -57.21 -31.43
C ARG I 269 -40.55 -57.37 -32.45
N VAL I 270 -41.21 -56.26 -32.77
CA VAL I 270 -42.26 -56.22 -33.78
C VAL I 270 -41.94 -55.09 -34.74
N CYS I 271 -41.94 -55.40 -36.04
CA CYS I 271 -41.73 -54.40 -37.07
C CYS I 271 -43.06 -54.00 -37.67
N VAL I 272 -43.34 -52.70 -37.68
CA VAL I 272 -44.58 -52.15 -38.21
C VAL I 272 -44.23 -51.14 -39.29
N VAL I 273 -44.92 -51.22 -40.43
CA VAL I 273 -44.67 -50.27 -41.50
C VAL I 273 -45.21 -48.91 -41.08
N SER I 274 -44.39 -47.87 -41.21
CA SER I 274 -44.81 -46.54 -40.83
C SER I 274 -45.78 -45.97 -41.87
N VAL I 275 -46.90 -45.44 -41.38
CA VAL I 275 -47.89 -44.81 -42.27
C VAL I 275 -47.54 -43.38 -42.60
N GLU I 276 -46.47 -42.84 -42.04
CA GLU I 276 -46.06 -41.47 -42.32
C GLU I 276 -45.42 -41.34 -43.70
N LYS I 277 -45.74 -40.22 -44.37
CA LYS I 277 -45.29 -39.79 -45.70
C LYS I 277 -44.72 -40.91 -46.56
N PRO I 278 -45.57 -41.72 -47.20
CA PRO I 278 -45.06 -42.73 -48.13
C PRO I 278 -44.78 -42.11 -49.49
N THR I 279 -43.57 -41.57 -49.67
CA THR I 279 -43.23 -40.80 -50.85
C THR I 279 -42.42 -41.60 -51.86
N LEU I 280 -41.50 -40.94 -52.55
CA LEU I 280 -40.62 -41.59 -53.53
C LEU I 280 -39.18 -41.48 -53.07
N PRO I 281 -38.63 -42.50 -52.42
CA PRO I 281 -37.23 -42.45 -51.97
C PRO I 281 -36.28 -42.58 -53.14
N SER I 282 -35.47 -41.55 -53.37
CA SER I 282 -34.56 -41.55 -54.50
C SER I 282 -33.34 -40.69 -54.20
N LYS I 283 -32.36 -40.77 -55.10
CA LYS I 283 -31.09 -40.04 -54.99
C LYS I 283 -30.43 -40.22 -53.63
N GLU I 284 -30.54 -39.18 -52.79
CA GLU I 284 -29.83 -39.19 -51.52
C GLU I 284 -30.34 -40.26 -50.57
N VAL I 285 -31.63 -40.62 -50.66
CA VAL I 285 -32.16 -41.61 -49.74
C VAL I 285 -31.54 -42.98 -50.01
N LYS I 286 -31.40 -43.35 -51.29
CA LYS I 286 -30.80 -44.64 -51.63
C LYS I 286 -29.34 -44.69 -51.20
N HIS I 287 -28.59 -43.62 -51.50
CA HIS I 287 -27.18 -43.57 -51.14
C HIS I 287 -27.00 -43.61 -49.62
N ALA I 288 -27.85 -42.88 -48.89
CA ALA I 288 -27.76 -42.88 -47.43
C ALA I 288 -28.07 -44.25 -46.87
N ARG I 289 -29.09 -44.93 -47.40
CA ARG I 289 -29.40 -46.27 -46.93
C ARG I 289 -28.24 -47.22 -47.23
N LYS I 290 -27.59 -47.07 -48.38
CA LYS I 290 -26.45 -47.92 -48.71
C LYS I 290 -25.31 -47.68 -47.72
N THR I 291 -25.01 -46.42 -47.43
CA THR I 291 -23.94 -46.11 -46.48
C THR I 291 -24.25 -46.65 -45.10
N LEU I 292 -25.51 -46.50 -44.65
CA LEU I 292 -25.90 -47.00 -43.33
C LEU I 292 -25.83 -48.51 -43.26
N LYS I 293 -26.19 -49.20 -44.36
CA LYS I 293 -26.10 -50.66 -44.36
C LYS I 293 -24.65 -51.13 -44.30
N THR I 294 -23.76 -50.48 -45.06
CA THR I 294 -22.36 -50.84 -45.00
C THR I 294 -21.78 -50.59 -43.60
N LEU I 295 -22.09 -49.44 -43.02
CA LEU I 295 -21.59 -49.13 -41.67
C LEU I 295 -22.14 -50.11 -40.65
N ARG I 296 -23.41 -50.52 -40.81
CA ARG I 296 -23.98 -51.47 -39.86
C ARG I 296 -23.36 -52.85 -39.99
N ASP I 297 -22.96 -53.24 -41.20
CA ASP I 297 -22.24 -54.49 -41.35
C ASP I 297 -20.86 -54.40 -40.72
N GLN I 298 -20.15 -53.29 -40.95
CA GLN I 298 -18.84 -53.10 -40.33
C GLN I 298 -18.95 -53.15 -38.81
N TRP I 299 -19.95 -52.46 -38.25
CA TRP I 299 -20.14 -52.49 -36.81
C TRP I 299 -20.53 -53.87 -36.32
N GLU I 300 -21.22 -54.64 -37.15
CA GLU I 300 -21.56 -56.01 -36.75
C GLU I 300 -20.29 -56.84 -36.61
N LYS I 301 -19.41 -56.78 -37.61
CA LYS I 301 -18.16 -57.53 -37.52
C LYS I 301 -17.28 -57.06 -36.36
N ALA I 302 -17.15 -55.74 -36.19
CA ALA I 302 -16.31 -55.22 -35.12
C ALA I 302 -16.86 -55.62 -33.75
N LEU I 303 -18.19 -55.59 -33.59
CA LEU I 303 -18.78 -55.97 -32.32
C LEU I 303 -18.62 -57.47 -32.05
N CYS I 304 -18.71 -58.29 -33.08
CA CYS I 304 -18.47 -59.73 -32.90
C CYS I 304 -17.04 -59.97 -32.45
N ARG I 305 -16.08 -59.36 -33.14
CA ARG I 305 -14.68 -59.57 -32.79
C ARG I 305 -14.40 -59.08 -31.38
N ALA I 306 -14.82 -57.87 -31.05
CA ALA I 306 -14.58 -57.32 -29.72
C ALA I 306 -15.27 -58.16 -28.65
N LEU I 307 -16.44 -58.74 -28.96
CA LEU I 307 -17.10 -59.59 -27.99
C LEU I 307 -16.30 -60.86 -27.75
N ARG I 308 -15.78 -61.47 -28.82
CA ARG I 308 -15.00 -62.69 -28.65
C ARG I 308 -13.71 -62.43 -27.87
N GLU I 309 -13.04 -61.31 -28.16
CA GLU I 309 -11.83 -60.98 -27.41
C GLU I 309 -12.15 -60.68 -25.94
N THR I 310 -13.27 -60.00 -25.69
CA THR I 310 -13.65 -59.72 -24.30
C THR I 310 -13.97 -61.01 -23.56
N LYS I 311 -14.65 -61.95 -24.22
CA LYS I 311 -14.92 -63.23 -23.58
C LYS I 311 -13.63 -64.00 -23.31
N ASN I 312 -12.64 -63.88 -24.21
CA ASN I 312 -11.36 -64.54 -23.97
C ASN I 312 -10.65 -63.91 -22.77
N ARG I 313 -10.69 -62.59 -22.65
CA ARG I 313 -10.05 -61.92 -21.51
C ARG I 313 -10.72 -62.34 -20.20
N LEU I 314 -12.05 -62.24 -20.13
CA LEU I 314 -12.75 -62.63 -18.91
C LEU I 314 -12.57 -64.11 -18.60
N GLU I 315 -12.45 -64.94 -19.63
CA GLU I 315 -12.18 -66.35 -19.43
C GLU I 315 -10.80 -66.56 -18.81
N ARG I 316 -9.79 -65.85 -19.32
CA ARG I 316 -8.46 -65.95 -18.72
C ARG I 316 -8.44 -65.39 -17.30
N GLU I 317 -9.32 -64.42 -16.99
CA GLU I 317 -9.44 -63.97 -15.60
C GLU I 317 -10.13 -65.02 -14.73
N VAL I 318 -10.95 -65.89 -15.33
CA VAL I 318 -11.49 -67.02 -14.56
C VAL I 318 -10.43 -68.10 -14.38
N TYR I 319 -9.49 -68.21 -15.33
CA TYR I 319 -8.38 -69.15 -15.15
C TYR I 319 -7.57 -68.82 -13.91
N GLU I 320 -7.55 -67.55 -13.50
CA GLU I 320 -6.96 -67.12 -12.24
C GLU I 320 -8.02 -67.13 -11.15
N GLY I 321 -7.57 -66.87 -9.91
CA GLY I 321 -8.48 -66.92 -8.77
C GLY I 321 -9.41 -65.74 -8.60
N ARG I 322 -9.78 -65.08 -9.70
CA ARG I 322 -10.65 -63.91 -9.65
C ARG I 322 -11.94 -64.16 -10.43
N PHE I 323 -13.01 -63.54 -9.96
CA PHE I 323 -14.32 -63.63 -10.59
C PHE I 323 -14.43 -62.68 -11.77
N SER I 324 -15.18 -63.10 -12.79
CA SER I 324 -15.43 -62.26 -13.94
C SER I 324 -16.76 -62.65 -14.57
N LEU I 325 -17.24 -61.81 -15.49
CA LEU I 325 -18.53 -61.99 -16.12
C LEU I 325 -18.49 -62.89 -17.33
N TYR I 326 -17.53 -63.82 -17.38
CA TYR I 326 -17.41 -64.69 -18.56
C TYR I 326 -18.63 -65.58 -18.78
N PRO I 327 -19.12 -66.33 -17.79
CA PRO I 327 -20.28 -67.21 -18.06
C PRO I 327 -21.53 -66.44 -18.42
N PHE I 328 -21.69 -65.24 -17.87
CA PHE I 328 -22.84 -64.42 -18.22
C PHE I 328 -22.84 -64.07 -19.69
N LEU I 329 -21.67 -63.78 -20.26
CA LEU I 329 -21.57 -63.64 -21.71
C LEU I 329 -21.75 -64.98 -22.41
N CYS I 330 -21.44 -66.07 -21.72
CA CYS I 330 -21.70 -67.40 -22.26
C CYS I 330 -23.14 -67.84 -22.10
N LEU I 331 -24.04 -66.96 -21.62
CA LEU I 331 -25.44 -67.33 -21.46
C LEU I 331 -26.23 -67.22 -22.76
N LEU I 332 -25.77 -66.42 -23.72
CA LEU I 332 -26.52 -66.13 -24.92
C LEU I 332 -25.71 -66.46 -26.15
N ASP I 333 -26.41 -66.58 -27.29
CA ASP I 333 -25.82 -67.02 -28.55
C ASP I 333 -24.98 -65.94 -29.23
N GLU I 334 -24.49 -64.94 -28.49
CA GLU I 334 -23.64 -63.89 -29.04
C GLU I 334 -24.34 -63.10 -30.15
N ARG I 335 -24.83 -63.80 -31.18
CA ARG I 335 -25.58 -63.10 -32.23
C ARG I 335 -26.77 -62.35 -31.63
N GLU I 336 -27.41 -62.93 -30.61
CA GLU I 336 -28.44 -62.18 -29.90
C GLU I 336 -27.86 -60.99 -29.16
N VAL I 337 -26.64 -61.11 -28.64
CA VAL I 337 -26.01 -59.98 -27.97
C VAL I 337 -25.69 -58.88 -28.97
N VAL I 338 -25.15 -59.25 -30.14
CA VAL I 338 -24.81 -58.23 -31.13
C VAL I 338 -26.06 -57.58 -31.69
N ARG I 339 -27.10 -58.37 -31.95
CA ARG I 339 -28.36 -57.78 -32.44
C ARG I 339 -28.98 -56.88 -31.39
N MET I 340 -28.85 -57.24 -30.10
CA MET I 340 -29.37 -56.38 -29.06
C MET I 340 -28.61 -55.06 -29.01
N LEU I 341 -27.28 -55.13 -29.10
CA LEU I 341 -26.48 -53.90 -29.09
C LEU I 341 -26.80 -53.03 -30.30
N LEU I 342 -26.92 -53.63 -31.48
CA LEU I 342 -27.27 -52.85 -32.65
C LEU I 342 -28.66 -52.27 -32.54
N GLN I 343 -29.58 -52.98 -31.86
CA GLN I 343 -30.91 -52.44 -31.66
C GLN I 343 -30.87 -51.22 -30.74
N VAL I 344 -30.09 -51.30 -29.67
CA VAL I 344 -29.96 -50.16 -28.76
C VAL I 344 -29.27 -49.00 -29.47
N LEU I 345 -28.32 -49.29 -30.35
CA LEU I 345 -27.67 -48.22 -31.09
C LEU I 345 -28.61 -47.57 -32.10
N GLN I 346 -29.45 -48.37 -32.75
CA GLN I 346 -30.38 -47.83 -33.74
C GLN I 346 -31.50 -47.04 -33.07
N ALA I 347 -31.96 -47.50 -31.91
CA ALA I 347 -33.04 -46.85 -31.19
C ALA I 347 -32.54 -45.82 -30.18
N LEU I 348 -31.26 -45.55 -30.16
CA LEU I 348 -30.72 -44.55 -29.25
C LEU I 348 -31.16 -43.16 -29.68
N PRO I 349 -31.65 -42.33 -28.78
CA PRO I 349 -32.05 -40.97 -29.17
C PRO I 349 -30.85 -40.15 -29.60
N ALA I 350 -31.11 -39.17 -30.47
CA ALA I 350 -30.06 -38.36 -31.05
C ALA I 350 -29.40 -37.45 -30.02
N GLN I 351 -30.10 -37.12 -28.94
CA GLN I 351 -29.57 -36.23 -27.92
C GLN I 351 -28.81 -36.97 -26.83
N GLY I 352 -29.00 -38.28 -26.72
CA GLY I 352 -28.27 -39.06 -25.74
C GLY I 352 -29.16 -39.70 -24.68
N GLU I 353 -28.59 -40.68 -23.98
CA GLU I 353 -29.30 -41.41 -22.95
C GLU I 353 -28.39 -41.50 -21.73
N SER I 354 -29.00 -41.64 -20.56
CA SER I 354 -28.23 -41.80 -19.33
C SER I 354 -27.39 -43.07 -19.39
N PHE I 355 -26.10 -42.93 -19.10
CA PHE I 355 -25.20 -44.08 -19.16
C PHE I 355 -25.62 -45.17 -18.18
N THR I 356 -26.01 -44.77 -16.97
CA THR I 356 -26.49 -45.75 -15.99
C THR I 356 -27.78 -46.41 -16.47
N THR I 357 -28.71 -45.61 -17.00
CA THR I 357 -29.94 -46.17 -17.54
C THR I 357 -29.67 -47.04 -18.75
N LEU I 358 -28.65 -46.69 -19.54
CA LEU I 358 -28.26 -47.54 -20.66
C LEU I 358 -27.74 -48.89 -20.18
N ALA I 359 -26.92 -48.88 -19.12
CA ALA I 359 -26.44 -50.14 -18.56
C ALA I 359 -27.59 -50.97 -18.00
N ARG I 360 -28.53 -50.33 -17.30
CA ARG I 360 -29.68 -51.06 -16.79
C ARG I 360 -30.50 -51.65 -17.93
N GLU I 361 -30.60 -50.94 -19.05
CA GLU I 361 -31.33 -51.47 -20.19
C GLU I 361 -30.62 -52.68 -20.78
N LEU I 362 -29.29 -52.61 -20.94
CA LEU I 362 -28.56 -53.75 -21.51
C LEU I 362 -28.62 -54.96 -20.60
N SER I 363 -28.52 -54.76 -19.29
CA SER I 363 -28.65 -55.88 -18.36
C SER I 363 -30.05 -56.45 -18.38
N ALA I 364 -31.06 -55.58 -18.44
CA ALA I 364 -32.44 -56.05 -18.45
C ALA I 364 -32.74 -56.86 -19.71
N ARG I 365 -32.29 -56.38 -20.87
CA ARG I 365 -32.53 -57.09 -22.11
C ARG I 365 -31.73 -58.39 -22.16
N THR I 366 -30.50 -58.36 -21.65
CA THR I 366 -29.71 -59.58 -21.62
C THR I 366 -30.36 -60.63 -20.73
N PHE I 367 -30.75 -60.24 -19.52
CA PHE I 367 -31.42 -61.18 -18.63
C PHE I 367 -32.74 -61.67 -19.22
N SER I 368 -33.49 -60.77 -19.84
CA SER I 368 -34.80 -61.14 -20.39
C SER I 368 -34.66 -62.14 -21.54
N ARG I 369 -33.83 -61.81 -22.54
CA ARG I 369 -33.62 -62.76 -23.65
C ARG I 369 -33.00 -64.05 -23.17
N HIS I 370 -32.19 -63.99 -22.10
CA HIS I 370 -31.68 -65.22 -21.52
C HIS I 370 -32.81 -66.07 -20.96
N VAL I 371 -33.77 -65.44 -20.28
CA VAL I 371 -34.93 -66.17 -19.76
C VAL I 371 -35.73 -66.77 -20.90
N VAL I 372 -35.87 -66.03 -22.00
CA VAL I 372 -36.61 -66.54 -23.15
C VAL I 372 -35.96 -67.80 -23.70
N GLN I 373 -34.65 -67.74 -23.95
CA GLN I 373 -33.96 -68.94 -24.45
C GLN I 373 -34.03 -70.08 -23.45
N ARG I 374 -34.01 -69.77 -22.15
CA ARG I 374 -34.09 -70.82 -21.14
C ARG I 374 -35.43 -71.53 -21.20
N GLN I 375 -36.53 -70.76 -21.29
CA GLN I 375 -37.84 -71.38 -21.47
C GLN I 375 -37.91 -72.16 -22.77
N ARG I 376 -37.18 -71.72 -23.80
CA ARG I 376 -37.17 -72.44 -25.06
C ARG I 376 -36.49 -73.81 -24.91
N VAL I 377 -35.38 -73.86 -24.16
CA VAL I 377 -34.57 -75.08 -24.08
C VAL I 377 -34.94 -75.99 -22.92
N SER I 378 -35.71 -75.51 -21.95
CA SER I 378 -36.10 -76.35 -20.81
C SER I 378 -37.40 -77.09 -21.06
N GLY I 379 -37.99 -76.92 -22.25
CA GLY I 379 -39.24 -77.56 -22.59
C GLY I 379 -40.47 -76.85 -22.08
N GLN I 380 -40.34 -75.67 -21.48
CA GLN I 380 -41.52 -74.96 -20.98
C GLN I 380 -42.40 -74.48 -22.13
N VAL I 381 -41.81 -74.14 -23.27
CA VAL I 381 -42.61 -73.69 -24.39
C VAL I 381 -43.45 -74.83 -24.96
N GLN I 382 -42.84 -76.02 -25.08
CA GLN I 382 -43.59 -77.16 -25.59
C GLN I 382 -44.70 -77.58 -24.62
N ALA I 383 -44.39 -77.61 -23.33
CA ALA I 383 -45.43 -77.91 -22.33
C ALA I 383 -46.52 -76.84 -22.34
N LEU I 384 -46.14 -75.59 -22.60
CA LEU I 384 -47.15 -74.54 -22.73
C LEU I 384 -48.01 -74.76 -23.98
N GLN I 385 -47.44 -75.32 -25.04
CA GLN I 385 -48.26 -75.72 -26.18
C GLN I 385 -49.27 -76.78 -25.77
N ASN I 386 -48.79 -77.87 -25.17
CA ASN I 386 -49.70 -78.95 -24.81
C ASN I 386 -50.77 -78.49 -23.84
N HIS I 387 -50.47 -77.52 -22.99
CA HIS I 387 -51.46 -77.00 -22.06
C HIS I 387 -52.46 -76.11 -22.78
N TYR I 388 -51.96 -75.13 -23.53
CA TYR I 388 -52.81 -74.12 -24.16
C TYR I 388 -53.74 -74.75 -25.20
N ARG I 389 -53.23 -75.70 -25.99
CA ARG I 389 -54.07 -76.29 -27.02
C ARG I 389 -55.26 -77.02 -26.43
N LYS I 390 -55.10 -77.62 -25.25
CA LYS I 390 -56.26 -78.21 -24.61
C LYS I 390 -57.10 -77.18 -23.86
N TYR I 391 -56.50 -76.06 -23.46
CA TYR I 391 -57.29 -75.00 -22.87
C TYR I 391 -58.24 -74.37 -23.88
N LEU I 392 -57.83 -74.30 -25.16
CA LEU I 392 -58.67 -73.67 -26.17
C LEU I 392 -59.97 -74.41 -26.43
N CYS I 393 -60.13 -75.64 -25.93
CA CYS I 393 -61.39 -76.35 -26.14
C CYS I 393 -62.57 -75.63 -25.49
N LEU I 394 -62.31 -74.87 -24.42
CA LEU I 394 -63.37 -74.09 -23.77
C LEU I 394 -63.73 -72.87 -24.59
N LEU I 395 -62.75 -72.26 -25.26
CA LEU I 395 -63.01 -71.04 -26.01
C LEU I 395 -63.38 -71.29 -27.46
N ALA I 396 -63.02 -72.45 -28.01
CA ALA I 396 -63.29 -72.71 -29.42
C ALA I 396 -64.78 -72.89 -29.68
N SER I 397 -65.18 -72.58 -30.91
CA SER I 397 -66.57 -72.73 -31.31
C SER I 397 -66.92 -74.18 -31.65
N ASP I 398 -65.99 -74.89 -32.30
CA ASP I 398 -66.20 -76.27 -32.71
C ASP I 398 -65.68 -77.28 -31.68
N ALA I 399 -65.69 -76.93 -30.40
CA ALA I 399 -65.20 -77.84 -29.37
C ALA I 399 -66.02 -77.67 -28.10
N GLU I 400 -66.16 -78.76 -27.37
CA GLU I 400 -66.87 -78.78 -26.11
C GLU I 400 -65.91 -79.18 -24.99
N VAL I 401 -66.31 -78.91 -23.77
CA VAL I 401 -65.56 -79.31 -22.59
C VAL I 401 -66.44 -80.25 -21.78
N PRO I 402 -65.83 -81.09 -20.92
CA PRO I 402 -66.65 -81.97 -20.09
C PRO I 402 -67.65 -81.21 -19.23
N GLU I 403 -67.20 -80.15 -18.54
CA GLU I 403 -68.07 -79.36 -17.69
C GLU I 403 -67.89 -77.90 -18.02
N PRO I 404 -69.00 -77.15 -18.10
CA PRO I 404 -68.89 -75.70 -18.31
C PRO I 404 -68.26 -75.03 -17.09
N CYS I 405 -67.26 -74.19 -17.36
CA CYS I 405 -66.50 -73.56 -16.28
C CYS I 405 -65.79 -72.34 -16.83
N LEU I 406 -65.17 -71.59 -15.91
CA LEU I 406 -64.42 -70.40 -16.28
C LEU I 406 -63.06 -70.79 -16.84
N PRO I 407 -62.43 -69.88 -17.60
CA PRO I 407 -61.10 -70.19 -18.14
C PRO I 407 -60.06 -70.52 -17.08
N ARG I 408 -60.06 -69.79 -15.96
CA ARG I 408 -59.11 -70.08 -14.89
C ARG I 408 -59.33 -71.47 -14.31
N GLN I 409 -60.59 -71.83 -14.08
CA GLN I 409 -60.90 -73.14 -13.51
C GLN I 409 -60.46 -74.27 -14.44
N TYR I 410 -60.76 -74.13 -15.75
CA TYR I 410 -60.36 -75.16 -16.70
C TYR I 410 -58.85 -75.21 -16.84
N TRP I 411 -58.19 -74.06 -16.79
CA TRP I 411 -56.74 -74.05 -16.92
C TRP I 411 -56.08 -74.76 -15.74
N GLU I 412 -56.51 -74.46 -14.51
CA GLU I 412 -55.92 -75.11 -13.34
C GLU I 412 -56.33 -76.58 -13.23
N ALA I 413 -57.52 -76.93 -13.69
CA ALA I 413 -57.90 -78.33 -13.64
C ALA I 413 -57.18 -79.13 -14.71
N LEU I 414 -56.79 -78.49 -15.80
CA LEU I 414 -56.13 -79.18 -16.90
C LEU I 414 -54.70 -79.57 -16.54
N GLY I 415 -53.86 -78.56 -16.28
CA GLY I 415 -52.48 -78.73 -15.87
C GLY I 415 -52.23 -78.20 -14.47
N ALA I 416 -52.03 -76.88 -14.42
CA ALA I 416 -51.66 -76.05 -13.27
C ALA I 416 -50.24 -76.32 -12.80
N PRO I 417 -49.24 -76.41 -13.72
CA PRO I 417 -47.86 -76.60 -13.25
C PRO I 417 -47.31 -75.30 -12.67
N GLU I 418 -47.72 -74.17 -13.24
CA GLU I 418 -47.30 -72.83 -12.83
C GLU I 418 -45.82 -72.58 -13.10
N ALA I 419 -44.98 -73.62 -12.99
CA ALA I 419 -43.53 -73.54 -13.20
C ALA I 419 -42.96 -72.53 -12.20
N LEU I 420 -41.89 -71.84 -12.55
CA LEU I 420 -41.28 -70.87 -11.65
C LEU I 420 -40.66 -69.75 -12.48
N ARG I 421 -40.18 -68.73 -11.79
CA ARG I 421 -39.49 -67.62 -12.43
C ARG I 421 -38.05 -67.56 -11.93
N GLU I 422 -37.12 -67.32 -12.84
CA GLU I 422 -35.72 -67.20 -12.46
C GLU I 422 -35.51 -65.91 -11.68
N GLN I 423 -35.01 -66.02 -10.44
CA GLN I 423 -34.77 -64.82 -9.66
C GLN I 423 -33.66 -63.99 -10.29
N PRO I 424 -33.85 -62.67 -10.40
CA PRO I 424 -32.85 -61.84 -11.09
C PRO I 424 -31.52 -61.82 -10.36
N TRP I 425 -30.49 -61.39 -11.10
CA TRP I 425 -29.15 -61.33 -10.55
C TRP I 425 -29.05 -60.24 -9.49
N PRO I 426 -28.02 -60.29 -8.64
CA PRO I 426 -27.76 -59.17 -7.74
C PRO I 426 -27.44 -57.90 -8.50
N LEU I 427 -27.76 -56.76 -7.87
CA LEU I 427 -27.54 -55.47 -8.51
C LEU I 427 -26.10 -55.26 -8.98
N PRO I 428 -25.05 -55.65 -8.24
CA PRO I 428 -23.69 -55.48 -8.78
C PRO I 428 -23.46 -56.22 -10.08
N VAL I 429 -24.00 -57.42 -10.22
CA VAL I 429 -23.84 -58.16 -11.46
C VAL I 429 -24.52 -57.42 -12.61
N GLN I 430 -25.73 -56.93 -12.37
CA GLN I 430 -26.46 -56.21 -13.40
C GLN I 430 -25.71 -54.96 -13.84
N MET I 431 -25.26 -54.15 -12.89
CA MET I 431 -24.57 -52.92 -13.26
C MET I 431 -23.27 -53.24 -13.99
N GLU I 432 -22.48 -54.19 -13.49
CA GLU I 432 -21.19 -54.50 -14.11
C GLU I 432 -21.38 -55.04 -15.53
N LEU I 433 -22.34 -55.94 -15.72
CA LEU I 433 -22.57 -56.47 -17.06
C LEU I 433 -23.07 -55.39 -18.01
N GLY I 434 -23.99 -54.55 -17.54
CA GLY I 434 -24.51 -53.50 -18.40
C GLY I 434 -23.44 -52.50 -18.82
N LYS I 435 -22.64 -52.05 -17.85
CA LYS I 435 -21.56 -51.12 -18.19
C LYS I 435 -20.52 -51.79 -19.09
N LEU I 436 -20.28 -53.09 -18.90
CA LEU I 436 -19.36 -53.81 -19.77
C LEU I 436 -19.87 -53.79 -21.21
N LEU I 437 -21.13 -54.16 -21.42
CA LEU I 437 -21.68 -54.20 -22.78
C LEU I 437 -21.73 -52.81 -23.40
N ALA I 438 -22.10 -51.80 -22.62
CA ALA I 438 -22.18 -50.45 -23.16
C ALA I 438 -20.80 -49.95 -23.59
N GLU I 439 -19.81 -50.08 -22.71
CA GLU I 439 -18.47 -49.62 -23.05
C GLU I 439 -17.92 -50.39 -24.25
N MET I 440 -18.23 -51.68 -24.34
CA MET I 440 -17.81 -52.44 -25.52
C MET I 440 -18.46 -51.87 -26.79
N LEU I 441 -19.74 -51.50 -26.69
CA LEU I 441 -20.40 -50.91 -27.85
C LEU I 441 -19.76 -49.58 -28.23
N VAL I 442 -19.32 -48.80 -27.25
CA VAL I 442 -18.66 -47.54 -27.56
C VAL I 442 -17.32 -47.77 -28.23
N GLN I 443 -16.55 -48.74 -27.73
CA GLN I 443 -15.21 -48.97 -28.26
C GLN I 443 -15.23 -49.59 -29.65
N ALA I 444 -16.22 -50.45 -29.93
CA ALA I 444 -16.20 -51.19 -31.19
C ALA I 444 -16.68 -50.36 -32.37
N THR I 445 -17.70 -49.54 -32.16
CA THR I 445 -18.34 -48.81 -33.26
C THR I 445 -17.48 -47.61 -33.68
N GLN I 446 -17.18 -47.54 -34.97
CA GLN I 446 -16.43 -46.44 -35.54
C GLN I 446 -16.95 -46.15 -36.94
N MET I 447 -16.64 -44.96 -37.44
CA MET I 447 -17.14 -44.49 -38.73
C MET I 447 -16.27 -43.33 -39.17
N PRO I 448 -16.27 -43.01 -40.48
CA PRO I 448 -15.52 -41.84 -40.94
C PRO I 448 -16.28 -40.56 -40.67
N CYS I 449 -15.55 -39.52 -40.25
CA CYS I 449 -16.16 -38.22 -39.95
C CYS I 449 -16.42 -37.38 -41.19
N SER I 450 -16.03 -37.87 -42.38
CA SER I 450 -16.17 -37.09 -43.60
C SER I 450 -17.46 -37.38 -44.36
N LEU I 451 -17.91 -38.65 -44.35
CA LEU I 451 -19.08 -39.10 -45.14
C LEU I 451 -18.78 -38.83 -46.61
N ASP I 452 -19.53 -37.98 -47.29
CA ASP I 452 -19.29 -37.69 -48.71
C ASP I 452 -17.97 -36.96 -48.91
N ARG I 456 -12.57 -43.33 -48.30
CA ARG I 456 -11.41 -42.52 -48.65
C ARG I 456 -11.19 -41.36 -47.67
N SER I 457 -11.88 -41.39 -46.53
CA SER I 457 -11.75 -40.32 -45.54
C SER I 457 -10.39 -40.40 -44.85
N SER I 458 -9.89 -39.23 -44.40
CA SER I 458 -8.60 -39.20 -43.74
C SER I 458 -8.67 -39.70 -42.30
N ARG I 459 -9.74 -39.36 -41.58
CA ARG I 459 -9.86 -39.69 -40.16
C ARG I 459 -11.01 -40.66 -39.92
N LEU I 460 -10.80 -41.57 -38.96
CA LEU I 460 -11.80 -42.54 -38.52
C LEU I 460 -12.03 -42.30 -37.04
N VAL I 461 -13.29 -42.04 -36.66
CA VAL I 461 -13.61 -41.63 -35.30
C VAL I 461 -14.67 -42.57 -34.75
N PRO I 462 -14.79 -42.66 -33.42
CA PRO I 462 -15.86 -43.45 -32.83
C PRO I 462 -17.23 -42.82 -33.08
N VAL I 463 -18.27 -43.60 -32.76
CA VAL I 463 -19.64 -43.18 -32.98
C VAL I 463 -20.28 -42.62 -31.72
N LEU I 464 -20.00 -43.24 -30.58
CA LEU I 464 -20.54 -42.80 -29.30
C LEU I 464 -19.45 -42.09 -28.50
N TYR I 465 -19.84 -41.02 -27.77
CA TYR I 465 -18.92 -40.22 -26.98
C TYR I 465 -19.52 -39.90 -25.62
N HIS I 466 -18.66 -39.83 -24.61
CA HIS I 466 -19.02 -39.34 -23.27
C HIS I 466 -18.97 -37.81 -23.25
N VAL I 467 -19.95 -37.18 -22.63
CA VAL I 467 -19.99 -35.72 -22.69
C VAL I 467 -20.00 -35.11 -21.29
N TYR I 468 -20.50 -35.89 -20.33
CA TYR I 468 -20.65 -35.44 -18.94
C TYR I 468 -21.51 -34.17 -18.89
N SER I 469 -22.79 -34.34 -19.17
CA SER I 469 -23.70 -33.22 -19.26
C SER I 469 -24.56 -33.08 -18.00
N PHE I 470 -25.47 -32.09 -18.01
CA PHE I 470 -26.43 -31.88 -16.94
C PHE I 470 -27.78 -32.42 -17.39
N ARG I 471 -28.27 -33.46 -16.71
CA ARG I 471 -29.53 -34.08 -17.08
C ARG I 471 -30.66 -33.62 -16.17
N ASN I 472 -30.75 -34.22 -14.98
CA ASN I 472 -31.77 -33.90 -14.00
C ASN I 472 -31.05 -33.26 -12.82
N VAL I 473 -31.14 -31.93 -12.73
CA VAL I 473 -30.43 -31.17 -11.71
C VAL I 473 -28.97 -31.63 -11.66
N GLN I 474 -28.72 -32.76 -11.01
CA GLN I 474 -27.36 -33.24 -10.82
C GLN I 474 -26.78 -33.76 -12.14
N GLN I 475 -25.52 -33.44 -12.38
CA GLN I 475 -24.84 -33.77 -13.63
C GLN I 475 -24.45 -35.24 -13.70
N ILE I 476 -24.46 -35.78 -14.93
CA ILE I 476 -24.12 -37.17 -15.19
C ILE I 476 -23.57 -37.27 -16.61
N GLY I 477 -22.69 -38.25 -16.83
CA GLY I 477 -22.15 -38.49 -18.16
C GLY I 477 -23.13 -39.31 -18.99
N ILE I 478 -23.41 -38.81 -20.20
CA ILE I 478 -24.35 -39.46 -21.11
C ILE I 478 -23.65 -39.72 -22.44
N LEU I 479 -23.84 -40.92 -22.97
CA LEU I 479 -23.31 -41.26 -24.29
C LEU I 479 -24.14 -40.62 -25.39
N LYS I 480 -23.48 -39.87 -26.28
CA LYS I 480 -24.06 -39.11 -27.36
C LYS I 480 -23.50 -39.57 -28.71
N PRO I 481 -24.37 -39.76 -29.70
CA PRO I 481 -23.91 -40.16 -31.02
C PRO I 481 -23.34 -38.99 -31.81
N HIS I 482 -22.48 -39.34 -32.77
CA HIS I 482 -21.87 -38.35 -33.62
C HIS I 482 -22.93 -37.71 -34.53
N PRO I 483 -22.84 -36.40 -34.77
CA PRO I 483 -23.84 -35.74 -35.61
C PRO I 483 -23.90 -36.29 -37.03
N ALA I 484 -22.78 -36.82 -37.55
CA ALA I 484 -22.82 -37.44 -38.87
C ALA I 484 -23.70 -38.69 -38.85
N TYR I 485 -23.67 -39.43 -37.75
CA TYR I 485 -24.53 -40.61 -37.61
C TYR I 485 -26.00 -40.22 -37.49
N VAL I 486 -26.28 -39.14 -36.75
CA VAL I 486 -27.66 -38.67 -36.62
C VAL I 486 -28.20 -38.21 -37.96
N GLN I 487 -27.42 -37.38 -38.68
CA GLN I 487 -27.85 -36.91 -39.99
C GLN I 487 -27.97 -38.06 -40.97
N LEU I 488 -27.12 -39.09 -40.83
CA LEU I 488 -27.24 -40.28 -41.69
C LEU I 488 -28.56 -40.98 -41.42
N LEU I 489 -28.91 -41.17 -40.15
CA LEU I 489 -30.16 -41.85 -39.83
C LEU I 489 -31.38 -41.03 -40.26
N GLU I 490 -31.29 -39.69 -40.19
CA GLU I 490 -32.41 -38.86 -40.61
C GLU I 490 -32.54 -38.79 -42.13
N LYS I 491 -31.42 -38.89 -42.86
CA LYS I 491 -31.50 -38.92 -44.32
C LYS I 491 -31.95 -40.28 -44.84
N ALA I 492 -31.60 -41.37 -44.14
CA ALA I 492 -32.04 -42.69 -44.60
C ALA I 492 -33.55 -42.83 -44.54
N ALA I 493 -34.18 -42.26 -43.52
CA ALA I 493 -35.63 -42.29 -43.33
C ALA I 493 -36.17 -43.72 -43.39
N GLU I 494 -35.75 -44.49 -42.39
CA GLU I 494 -36.14 -45.89 -42.29
C GLU I 494 -37.65 -45.99 -42.17
N PRO I 495 -38.33 -46.63 -43.12
CA PRO I 495 -39.79 -46.65 -43.13
C PRO I 495 -40.44 -47.62 -42.16
N THR I 496 -39.69 -48.20 -41.22
CA THR I 496 -40.23 -49.16 -40.29
C THR I 496 -40.06 -48.67 -38.86
N LEU I 497 -40.99 -49.07 -38.00
CA LEU I 497 -40.95 -48.79 -36.59
C LEU I 497 -40.88 -50.10 -35.82
N THR I 498 -40.27 -50.06 -34.64
CA THR I 498 -40.08 -51.25 -33.82
C THR I 498 -40.79 -51.08 -32.49
N PHE I 499 -41.58 -52.08 -32.10
CA PHE I 499 -42.27 -52.11 -30.82
C PHE I 499 -41.84 -53.34 -30.03
N GLU I 500 -41.97 -53.25 -28.72
CA GLU I 500 -41.71 -54.40 -27.85
C GLU I 500 -42.88 -55.38 -27.91
N ALA I 501 -42.57 -56.65 -27.68
CA ALA I 501 -43.60 -57.69 -27.75
C ALA I 501 -44.71 -57.43 -26.76
N VAL I 502 -44.41 -56.80 -25.63
CA VAL I 502 -45.42 -56.53 -24.62
C VAL I 502 -46.19 -55.25 -24.86
N ASP I 503 -45.81 -54.44 -25.84
CA ASP I 503 -46.51 -53.20 -26.12
C ASP I 503 -47.67 -53.34 -27.10
N VAL I 504 -47.72 -54.44 -27.84
CA VAL I 504 -48.75 -54.62 -28.87
C VAL I 504 -49.76 -55.63 -28.38
N PRO I 505 -51.01 -55.56 -28.84
CA PRO I 505 -52.01 -56.53 -28.40
C PRO I 505 -51.63 -57.95 -28.79
N MET I 506 -52.02 -58.90 -27.94
CA MET I 506 -51.73 -60.30 -28.22
C MET I 506 -52.60 -60.79 -29.37
N LEU I 507 -52.01 -61.61 -30.23
CA LEU I 507 -52.70 -62.15 -31.39
C LEU I 507 -53.55 -63.38 -31.06
N CYS I 508 -53.56 -63.83 -29.81
CA CYS I 508 -54.34 -64.98 -29.37
C CYS I 508 -54.90 -64.66 -27.99
N PRO I 509 -55.91 -65.42 -27.54
CA PRO I 509 -56.46 -65.22 -26.19
C PRO I 509 -55.38 -65.29 -25.12
N PRO I 510 -55.36 -64.34 -24.19
CA PRO I 510 -54.27 -64.30 -23.20
C PRO I 510 -54.34 -65.46 -22.23
N LEU I 511 -53.26 -65.61 -21.45
CA LEU I 511 -53.23 -66.64 -20.42
C LEU I 511 -54.11 -66.23 -19.25
N PRO I 512 -54.99 -67.10 -18.77
CA PRO I 512 -55.87 -66.70 -17.66
C PRO I 512 -55.08 -66.45 -16.39
N TRP I 513 -55.54 -65.47 -15.61
CA TRP I 513 -54.89 -65.12 -14.36
C TRP I 513 -55.17 -66.20 -13.31
N THR I 514 -54.11 -66.83 -12.81
CA THR I 514 -54.24 -67.81 -11.75
C THR I 514 -53.55 -67.41 -10.45
N SER I 515 -52.67 -66.41 -10.48
CA SER I 515 -51.92 -65.95 -9.32
C SER I 515 -51.39 -64.56 -9.64
N PRO I 516 -50.99 -63.80 -8.63
CA PRO I 516 -50.46 -62.46 -8.89
C PRO I 516 -49.15 -62.43 -9.65
N HIS I 517 -48.68 -63.59 -10.09
CA HIS I 517 -47.40 -63.67 -10.77
C HIS I 517 -47.39 -64.49 -12.05
N SER I 518 -48.54 -65.00 -12.49
CA SER I 518 -48.60 -65.80 -13.72
C SER I 518 -49.86 -65.43 -14.48
N GLY I 519 -49.70 -64.74 -15.61
CA GLY I 519 -50.84 -64.39 -16.43
C GLY I 519 -50.44 -63.47 -17.56
N ALA I 520 -51.47 -63.06 -18.32
CA ALA I 520 -51.38 -62.10 -19.43
C ALA I 520 -50.54 -62.73 -20.54
N PHE I 521 -49.37 -62.18 -20.86
CA PHE I 521 -48.55 -62.65 -21.97
C PHE I 521 -48.03 -64.06 -21.69
N LEU I 522 -47.64 -64.75 -22.77
CA LEU I 522 -47.27 -66.17 -22.68
C LEU I 522 -45.90 -66.37 -22.02
N LEU I 523 -44.91 -65.58 -22.40
CA LEU I 523 -43.55 -65.71 -21.90
C LEU I 523 -43.13 -64.61 -20.93
N SER I 524 -43.50 -63.36 -21.19
CA SER I 524 -43.11 -62.24 -20.34
C SER I 524 -44.00 -62.17 -19.11
N PRO I 525 -43.44 -62.04 -17.91
CA PRO I 525 -44.27 -61.89 -16.71
C PRO I 525 -44.89 -60.50 -16.67
N THR I 526 -46.05 -60.41 -16.01
CA THR I 526 -46.79 -59.16 -15.87
C THR I 526 -47.23 -58.99 -14.42
N LYS I 527 -46.96 -57.83 -13.85
CA LYS I 527 -47.38 -57.54 -12.48
C LYS I 527 -48.90 -57.51 -12.38
N LEU I 528 -49.42 -57.91 -11.22
CA LEU I 528 -50.88 -57.86 -11.04
C LEU I 528 -51.36 -56.47 -10.65
N MET I 529 -50.57 -55.74 -9.87
CA MET I 529 -50.88 -54.36 -9.51
C MET I 529 -49.92 -53.43 -10.22
N ARG I 530 -50.41 -52.26 -10.60
CA ARG I 530 -49.60 -51.31 -11.37
C ARG I 530 -48.76 -50.42 -10.45
N THR I 531 -48.05 -51.03 -9.52
CA THR I 531 -47.12 -50.28 -8.68
C THR I 531 -45.96 -49.81 -9.54
N VAL I 532 -45.72 -48.50 -9.56
CA VAL I 532 -44.64 -47.96 -10.39
C VAL I 532 -43.30 -48.52 -9.94
N GLU I 533 -43.12 -48.71 -8.63
CA GLU I 533 -42.02 -49.49 -8.09
C GLU I 533 -42.38 -49.87 -6.66
N GLY I 534 -41.46 -50.58 -6.00
CA GLY I 534 -41.64 -51.01 -4.62
C GLY I 534 -42.80 -51.97 -4.49
N ALA I 535 -42.77 -53.03 -5.30
CA ALA I 535 -43.86 -54.00 -5.37
C ALA I 535 -43.92 -54.91 -4.15
N THR I 536 -42.90 -54.87 -3.28
CA THR I 536 -42.89 -55.72 -2.10
C THR I 536 -44.20 -55.65 -1.33
N GLN I 537 -44.67 -54.44 -1.05
CA GLN I 537 -45.84 -54.29 -0.19
C GLN I 537 -47.09 -54.82 -0.87
N HIS I 538 -47.46 -54.24 -2.02
CA HIS I 538 -48.74 -54.61 -2.62
C HIS I 538 -48.74 -56.06 -3.06
N GLN I 539 -47.68 -56.47 -3.77
CA GLN I 539 -47.66 -57.82 -4.32
C GLN I 539 -47.59 -58.86 -3.20
N GLU I 540 -46.79 -58.58 -2.16
CA GLU I 540 -46.71 -59.53 -1.06
C GLU I 540 -48.04 -59.64 -0.34
N LEU I 541 -48.77 -58.53 -0.23
CA LEU I 541 -50.10 -58.62 0.35
C LEU I 541 -51.09 -59.32 -0.57
N LEU I 542 -50.83 -59.32 -1.88
CA LEU I 542 -51.62 -60.15 -2.78
C LEU I 542 -51.31 -61.63 -2.59
N GLU I 543 -50.05 -61.96 -2.30
CA GLU I 543 -49.69 -63.36 -2.09
C GLU I 543 -50.04 -63.86 -0.70
N THR I 544 -50.24 -62.95 0.27
CA THR I 544 -50.48 -63.37 1.64
C THR I 544 -51.90 -63.91 1.82
N CYS I 545 -52.89 -63.22 1.26
CA CYS I 545 -54.29 -63.62 1.44
C CYS I 545 -54.55 -65.01 0.86
N PRO I 546 -55.61 -65.68 1.32
CA PRO I 546 -55.93 -66.99 0.78
C PRO I 546 -56.18 -66.90 -0.71
N PRO I 547 -55.87 -67.97 -1.46
CA PRO I 547 -56.05 -67.91 -2.93
C PRO I 547 -57.47 -67.57 -3.35
N THR I 548 -58.46 -68.19 -2.70
CA THR I 548 -59.84 -67.95 -3.04
C THR I 548 -60.22 -66.48 -2.97
N ALA I 549 -59.60 -65.73 -2.06
CA ALA I 549 -59.94 -64.32 -1.91
C ALA I 549 -59.73 -63.55 -3.22
N LEU I 550 -58.78 -63.98 -4.05
CA LEU I 550 -58.51 -63.30 -5.30
C LEU I 550 -59.31 -63.87 -6.48
N HIS I 551 -59.92 -65.05 -6.30
CA HIS I 551 -60.55 -65.74 -7.43
C HIS I 551 -61.40 -64.79 -8.26
N GLY I 552 -62.18 -63.94 -7.60
CA GLY I 552 -63.01 -62.98 -8.30
C GLY I 552 -62.24 -62.12 -9.27
N ALA I 553 -61.30 -61.32 -8.76
CA ALA I 553 -60.54 -60.40 -9.62
C ALA I 553 -59.82 -61.17 -10.71
N LEU I 554 -59.14 -62.26 -10.35
CA LEU I 554 -58.39 -63.04 -11.32
C LEU I 554 -59.28 -63.52 -12.46
N ASP I 555 -60.57 -63.77 -12.20
CA ASP I 555 -61.46 -64.15 -13.28
C ASP I 555 -61.88 -62.93 -14.10
N ALA I 556 -62.20 -61.82 -13.43
CA ALA I 556 -62.63 -60.64 -14.15
C ALA I 556 -61.56 -60.20 -15.15
N LEU I 557 -60.32 -60.08 -14.68
CA LEU I 557 -59.21 -59.71 -15.55
C LEU I 557 -59.03 -60.68 -16.70
N THR I 558 -59.39 -61.95 -16.51
CA THR I 558 -59.35 -62.88 -17.63
C THR I 558 -60.46 -62.56 -18.62
N GLN I 559 -61.67 -62.31 -18.12
CA GLN I 559 -62.80 -62.06 -19.00
C GLN I 559 -62.54 -60.85 -19.89
N LEU I 560 -62.07 -59.75 -19.31
CA LEU I 560 -61.76 -58.58 -20.13
C LEU I 560 -60.67 -58.89 -21.15
N GLY I 561 -59.73 -59.77 -20.80
CA GLY I 561 -58.66 -60.08 -21.74
C GLY I 561 -59.11 -60.92 -22.91
N ASN I 562 -60.08 -61.82 -22.69
CA ASN I 562 -60.54 -62.72 -23.74
C ASN I 562 -61.47 -62.05 -24.74
N CYS I 563 -61.72 -60.74 -24.62
CA CYS I 563 -62.55 -60.04 -25.60
C CYS I 563 -61.77 -59.85 -26.89
N ALA I 564 -62.32 -60.35 -28.00
CA ALA I 564 -61.65 -60.29 -29.30
C ALA I 564 -61.99 -58.99 -30.00
N TRP I 565 -60.97 -58.22 -30.36
CA TRP I 565 -61.14 -56.94 -31.02
C TRP I 565 -60.69 -57.02 -32.48
N ARG I 566 -61.08 -56.01 -33.25
CA ARG I 566 -60.64 -55.89 -34.64
C ARG I 566 -60.71 -54.42 -35.06
N VAL I 567 -59.97 -54.11 -36.12
CA VAL I 567 -59.81 -52.75 -36.60
C VAL I 567 -60.85 -52.47 -37.69
N ASN I 568 -61.57 -51.34 -37.55
CA ASN I 568 -62.56 -50.94 -38.54
C ASN I 568 -61.84 -50.41 -39.78
N GLY I 569 -61.91 -51.18 -40.88
CA GLY I 569 -61.15 -50.83 -42.06
C GLY I 569 -61.55 -49.50 -42.65
N ARG I 570 -62.85 -49.19 -42.68
CA ARG I 570 -63.30 -47.93 -43.24
C ARG I 570 -62.76 -46.75 -42.44
N VAL I 571 -62.95 -46.78 -41.13
CA VAL I 571 -62.49 -45.68 -40.29
C VAL I 571 -60.99 -45.52 -40.40
N LEU I 572 -60.25 -46.62 -40.47
CA LEU I 572 -58.80 -46.55 -40.62
C LEU I 572 -58.40 -45.95 -41.96
N ASP I 573 -59.14 -46.29 -43.03
CA ASP I 573 -58.85 -45.72 -44.34
C ASP I 573 -59.06 -44.21 -44.34
N LEU I 574 -60.15 -43.75 -43.70
CA LEU I 574 -60.43 -42.32 -43.67
C LEU I 574 -59.41 -41.58 -42.81
N VAL I 575 -59.17 -42.08 -41.59
CA VAL I 575 -58.22 -41.43 -40.70
C VAL I 575 -56.84 -41.38 -41.34
N LEU I 576 -56.45 -42.45 -42.05
CA LEU I 576 -55.17 -42.45 -42.73
C LEU I 576 -55.16 -41.47 -43.90
N GLN I 577 -56.25 -41.41 -44.66
CA GLN I 577 -56.33 -40.45 -45.77
C GLN I 577 -56.14 -39.02 -45.27
N LEU I 578 -56.70 -38.71 -44.10
CA LEU I 578 -56.45 -37.38 -43.53
C LEU I 578 -55.03 -37.25 -43.01
N PHE I 579 -54.51 -38.32 -42.40
CA PHE I 579 -53.22 -38.23 -41.72
C PHE I 579 -52.08 -38.05 -42.70
N GLN I 580 -52.10 -38.80 -43.80
CA GLN I 580 -51.00 -38.76 -44.76
C GLN I 580 -50.99 -37.48 -45.59
N ALA I 581 -52.12 -36.80 -45.70
CA ALA I 581 -52.20 -35.58 -46.50
C ALA I 581 -51.85 -34.35 -45.68
N LYS I 582 -52.88 -33.66 -45.18
CA LYS I 582 -52.69 -32.42 -44.44
C LYS I 582 -53.05 -32.52 -42.96
N GLY I 583 -53.66 -33.62 -42.52
CA GLY I 583 -54.14 -33.74 -41.16
C GLY I 583 -55.46 -33.00 -40.97
N CYS I 584 -56.05 -33.19 -39.79
CA CYS I 584 -57.32 -32.53 -39.43
C CYS I 584 -57.38 -32.45 -37.93
N PRO I 585 -56.81 -31.39 -37.35
CA PRO I 585 -56.85 -31.24 -35.87
C PRO I 585 -58.26 -31.11 -35.32
N GLN I 586 -59.23 -30.70 -36.14
CA GLN I 586 -60.60 -30.60 -35.66
C GLN I 586 -61.17 -31.97 -35.35
N LEU I 587 -60.66 -33.02 -35.98
CA LEU I 587 -61.13 -34.39 -35.73
C LEU I 587 -60.11 -35.20 -34.95
N GLY I 588 -59.15 -34.55 -34.31
CA GLY I 588 -58.14 -35.25 -33.55
C GLY I 588 -57.09 -35.96 -34.38
N VAL I 589 -56.82 -35.47 -35.58
CA VAL I 589 -55.80 -36.02 -36.46
C VAL I 589 -54.64 -35.01 -36.49
N PRO I 590 -53.48 -35.33 -35.92
CA PRO I 590 -52.39 -34.36 -35.89
C PRO I 590 -51.90 -34.03 -37.29
N ALA I 591 -51.54 -32.73 -37.50
CA ALA I 591 -51.06 -32.20 -38.77
C ALA I 591 -49.55 -32.33 -38.86
N PRO I 592 -49.03 -32.56 -40.07
CA PRO I 592 -47.58 -32.71 -40.25
C PRO I 592 -46.88 -31.39 -40.00
N PRO I 593 -45.55 -31.40 -39.83
CA PRO I 593 -44.82 -30.15 -39.61
C PRO I 593 -44.94 -29.16 -40.77
N SER I 594 -45.44 -29.60 -41.92
CA SER I 594 -45.65 -28.68 -43.04
C SER I 594 -46.74 -27.67 -42.74
N GLU I 595 -47.64 -27.95 -41.81
CA GLU I 595 -48.72 -27.04 -41.46
C GLU I 595 -48.41 -26.19 -40.24
N ALA I 596 -47.17 -26.22 -39.76
CA ALA I 596 -46.79 -25.42 -38.62
C ALA I 596 -46.84 -23.93 -38.96
N PRO I 597 -47.20 -23.08 -37.99
CA PRO I 597 -47.26 -21.64 -38.26
C PRO I 597 -45.88 -21.06 -38.52
N GLN I 598 -45.76 -20.32 -39.60
CA GLN I 598 -44.52 -19.69 -40.00
C GLN I 598 -44.48 -18.25 -39.52
N PRO I 599 -43.29 -17.75 -39.20
CA PRO I 599 -43.16 -16.36 -38.76
C PRO I 599 -43.01 -15.42 -39.94
N PRO I 600 -43.99 -14.53 -40.15
CA PRO I 600 -43.86 -13.57 -41.25
C PRO I 600 -43.41 -12.19 -40.79
N GLU I 601 -42.20 -11.78 -41.16
CA GLU I 601 -41.32 -12.57 -42.01
C GLU I 601 -39.97 -12.75 -41.30
N ALA I 602 -38.94 -13.15 -42.03
CA ALA I 602 -37.61 -13.33 -41.45
C ALA I 602 -37.10 -12.02 -40.87
N HIS I 603 -36.16 -12.14 -39.94
CA HIS I 603 -35.61 -10.97 -39.25
C HIS I 603 -35.00 -9.97 -40.24
N LEU I 604 -35.16 -8.69 -39.92
CA LEU I 604 -34.52 -7.60 -40.66
C LEU I 604 -33.89 -6.61 -39.67
N PRO I 605 -32.83 -7.01 -39.00
CA PRO I 605 -32.14 -6.12 -38.06
C PRO I 605 -31.05 -5.33 -38.78
N HIS I 606 -30.52 -4.30 -38.10
CA HIS I 606 -30.83 -3.94 -36.71
C HIS I 606 -31.31 -2.51 -36.55
N SER I 607 -31.40 -1.78 -37.66
CA SER I 607 -31.72 -0.36 -37.60
C SER I 607 -32.98 -0.08 -36.80
N ALA I 608 -34.00 -0.93 -36.94
CA ALA I 608 -35.22 -0.80 -36.16
C ALA I 608 -35.88 -2.16 -36.08
N ALA I 609 -36.27 -2.57 -34.87
CA ALA I 609 -36.10 -1.77 -33.66
C ALA I 609 -35.65 -2.67 -32.50
N PRO I 610 -35.08 -2.09 -31.45
CA PRO I 610 -34.71 -2.91 -30.28
C PRO I 610 -35.87 -3.63 -29.63
N ALA I 611 -37.10 -3.11 -29.79
CA ALA I 611 -38.28 -3.83 -29.32
C ALA I 611 -38.78 -4.85 -30.33
N ARG I 612 -38.52 -4.63 -31.61
CA ARG I 612 -38.96 -5.57 -32.63
C ARG I 612 -38.15 -6.86 -32.59
N LYS I 613 -36.90 -6.79 -32.12
CA LYS I 613 -36.12 -8.01 -31.94
C LYS I 613 -36.75 -8.92 -30.90
N ALA I 614 -37.26 -8.33 -29.81
CA ALA I 614 -37.95 -9.10 -28.79
C ALA I 614 -39.35 -9.51 -29.23
N GLU I 615 -40.01 -8.70 -30.06
CA GLU I 615 -41.31 -9.07 -30.60
C GLU I 615 -41.21 -10.30 -31.51
N LEU I 616 -40.25 -10.28 -32.44
CA LEU I 616 -40.00 -11.45 -33.27
C LEU I 616 -39.42 -12.60 -32.45
N ARG I 617 -38.74 -12.29 -31.35
CA ARG I 617 -38.30 -13.33 -30.42
C ARG I 617 -39.49 -14.09 -29.85
N ARG I 618 -40.51 -13.35 -29.39
CA ARG I 618 -41.70 -14.00 -28.85
C ARG I 618 -42.51 -14.71 -29.93
N GLU I 619 -42.54 -14.16 -31.14
CA GLU I 619 -43.24 -14.82 -32.24
C GLU I 619 -42.58 -16.15 -32.59
N LEU I 620 -41.25 -16.14 -32.70
CA LEU I 620 -40.52 -17.39 -32.92
C LEU I 620 -40.73 -18.37 -31.78
N ALA I 621 -40.78 -17.88 -30.55
CA ALA I 621 -41.01 -18.76 -29.40
C ALA I 621 -42.38 -19.42 -29.49
N HIS I 622 -43.41 -18.67 -29.89
CA HIS I 622 -44.74 -19.24 -30.01
C HIS I 622 -44.80 -20.24 -31.15
N CYS I 623 -44.17 -19.90 -32.28
CA CYS I 623 -44.16 -20.81 -33.42
C CYS I 623 -43.44 -22.12 -33.08
N GLN I 624 -42.35 -22.03 -32.32
CA GLN I 624 -41.62 -23.23 -31.92
C GLN I 624 -42.40 -24.05 -30.90
N LYS I 625 -43.15 -23.39 -30.00
CA LYS I 625 -44.00 -24.10 -29.05
C LYS I 625 -45.07 -24.90 -29.77
N VAL I 626 -45.79 -24.24 -30.68
CA VAL I 626 -46.84 -24.93 -31.43
C VAL I 626 -46.24 -26.05 -32.28
N ALA I 627 -45.07 -25.80 -32.89
CA ALA I 627 -44.44 -26.82 -33.72
C ALA I 627 -44.05 -28.04 -32.89
N ARG I 628 -43.51 -27.82 -31.69
CA ARG I 628 -43.10 -28.94 -30.85
C ARG I 628 -44.31 -29.76 -30.38
N GLU I 629 -45.36 -29.08 -29.91
CA GLU I 629 -46.54 -29.82 -29.47
C GLU I 629 -47.15 -30.59 -30.63
N MET I 630 -47.16 -29.98 -31.81
CA MET I 630 -47.62 -30.67 -33.01
C MET I 630 -46.76 -31.89 -33.31
N HIS I 631 -45.47 -31.80 -33.04
CA HIS I 631 -44.60 -32.96 -33.25
C HIS I 631 -44.92 -34.08 -32.26
N SER I 632 -45.25 -33.72 -31.01
CA SER I 632 -45.61 -34.71 -30.00
C SER I 632 -46.86 -35.47 -30.40
N LEU I 633 -47.94 -34.73 -30.70
CA LEU I 633 -49.17 -35.38 -31.13
C LEU I 633 -48.95 -36.16 -32.42
N ARG I 634 -48.09 -35.66 -33.30
CA ARG I 634 -47.82 -36.35 -34.57
C ARG I 634 -47.14 -37.68 -34.33
N ALA I 635 -46.19 -37.74 -33.39
CA ALA I 635 -45.52 -39.01 -33.12
C ALA I 635 -46.46 -39.99 -32.40
N GLU I 636 -47.18 -39.51 -31.38
CA GLU I 636 -48.12 -40.37 -30.66
C GLU I 636 -49.14 -40.98 -31.62
N ALA I 637 -49.77 -40.14 -32.43
CA ALA I 637 -50.74 -40.66 -33.39
C ALA I 637 -50.07 -41.48 -34.49
N LEU I 638 -48.80 -41.21 -34.80
CA LEU I 638 -48.10 -42.04 -35.77
C LEU I 638 -47.99 -43.47 -35.26
N TYR I 639 -47.59 -43.63 -34.00
CA TYR I 639 -47.48 -44.98 -33.45
C TYR I 639 -48.85 -45.64 -33.34
N ARG I 640 -49.84 -44.90 -32.83
CA ARG I 640 -51.16 -45.51 -32.63
C ARG I 640 -51.76 -45.95 -33.96
N LEU I 641 -51.73 -45.06 -34.96
CA LEU I 641 -52.27 -45.41 -36.28
C LEU I 641 -51.46 -46.50 -36.96
N SER I 642 -50.14 -46.55 -36.71
CA SER I 642 -49.34 -47.61 -37.30
C SER I 642 -49.67 -48.98 -36.71
N LEU I 643 -49.88 -49.03 -35.38
CA LEU I 643 -50.33 -50.30 -34.78
C LEU I 643 -51.70 -50.69 -35.30
N ALA I 644 -52.59 -49.71 -35.47
CA ALA I 644 -53.89 -50.02 -36.05
C ALA I 644 -53.74 -50.57 -37.45
N GLN I 645 -52.83 -50.02 -38.24
CA GLN I 645 -52.63 -50.50 -39.60
C GLN I 645 -52.06 -51.91 -39.60
N HIS I 646 -51.09 -52.19 -38.72
CA HIS I 646 -50.53 -53.53 -38.66
C HIS I 646 -51.57 -54.55 -38.24
N LEU I 647 -52.57 -54.13 -37.47
CA LEU I 647 -53.61 -55.02 -37.00
C LEU I 647 -54.87 -55.00 -37.87
N ARG I 648 -54.76 -54.48 -39.09
CA ARG I 648 -55.96 -54.31 -39.90
C ARG I 648 -56.63 -55.65 -40.19
N ASP I 649 -55.87 -56.61 -40.73
CA ASP I 649 -56.41 -57.91 -41.10
C ASP I 649 -56.21 -58.96 -40.02
N ARG I 650 -56.16 -58.54 -38.75
CA ARG I 650 -55.87 -59.45 -37.65
C ARG I 650 -56.91 -59.28 -36.56
N VAL I 651 -57.16 -60.38 -35.83
CA VAL I 651 -57.97 -60.37 -34.63
C VAL I 651 -57.01 -60.40 -33.45
N PHE I 652 -57.11 -59.43 -32.55
CA PHE I 652 -56.18 -59.29 -31.45
C PHE I 652 -56.94 -59.16 -30.13
N TRP I 653 -56.22 -59.40 -29.04
CA TRP I 653 -56.76 -59.35 -27.68
C TRP I 653 -55.97 -58.36 -26.85
N LEU I 654 -56.65 -57.77 -25.86
CA LEU I 654 -56.02 -56.83 -24.93
C LEU I 654 -55.99 -57.44 -23.53
N PRO I 655 -54.86 -58.00 -23.10
CA PRO I 655 -54.78 -58.52 -21.72
C PRO I 655 -54.82 -57.39 -20.72
N HIS I 656 -55.56 -57.60 -19.64
CA HIS I 656 -55.81 -56.53 -18.68
C HIS I 656 -55.01 -56.72 -17.39
N ASN I 657 -54.99 -55.63 -16.63
CA ASN I 657 -54.17 -55.48 -15.44
C ASN I 657 -54.94 -54.61 -14.44
N MET I 658 -54.34 -54.37 -13.29
CA MET I 658 -54.94 -53.53 -12.25
C MET I 658 -53.92 -52.51 -11.75
N ASP I 659 -54.43 -51.42 -11.19
CA ASP I 659 -53.59 -50.49 -10.45
C ASP I 659 -53.69 -50.79 -8.96
N PHE I 660 -52.95 -50.03 -8.14
CA PHE I 660 -52.88 -50.32 -6.71
C PHE I 660 -54.24 -50.18 -6.03
N ARG I 661 -55.15 -49.40 -6.59
CA ARG I 661 -56.48 -49.24 -6.02
C ARG I 661 -57.46 -50.31 -6.46
N GLY I 662 -57.31 -50.85 -7.68
CA GLY I 662 -58.13 -51.94 -8.16
C GLY I 662 -58.78 -51.78 -9.53
N ARG I 663 -58.67 -50.60 -10.12
CA ARG I 663 -59.23 -50.36 -11.45
C ARG I 663 -58.43 -51.09 -12.52
N THR I 664 -59.12 -51.54 -13.55
CA THR I 664 -58.51 -52.34 -14.61
C THR I 664 -58.05 -51.47 -15.77
N TYR I 665 -56.95 -51.90 -16.40
CA TYR I 665 -56.40 -51.19 -17.55
C TYR I 665 -55.81 -52.19 -18.54
N PRO I 666 -55.97 -51.98 -19.84
CA PRO I 666 -55.29 -52.84 -20.80
C PRO I 666 -53.79 -52.66 -20.71
N CYS I 667 -53.06 -53.71 -21.07
CA CYS I 667 -51.60 -53.68 -21.00
C CYS I 667 -50.97 -53.01 -22.22
N PRO I 668 -51.38 -53.31 -23.46
CA PRO I 668 -50.89 -52.52 -24.60
C PRO I 668 -51.37 -51.08 -24.52
N PRO I 669 -50.47 -50.14 -24.33
CA PRO I 669 -50.90 -48.77 -23.99
C PRO I 669 -51.20 -47.92 -25.21
N HIS I 670 -50.56 -48.23 -26.34
CA HIS I 670 -50.67 -47.37 -27.51
C HIS I 670 -52.08 -47.39 -28.09
N PHE I 671 -52.55 -48.58 -28.48
CA PHE I 671 -53.84 -48.74 -29.15
C PHE I 671 -54.74 -49.62 -28.29
N ASN I 672 -55.77 -49.03 -27.73
CA ASN I 672 -56.71 -49.77 -26.88
C ASN I 672 -57.98 -48.94 -26.79
N HIS I 673 -59.04 -49.57 -26.27
CA HIS I 673 -60.34 -48.92 -26.23
C HIS I 673 -60.45 -47.86 -25.15
N LEU I 674 -59.47 -47.75 -24.25
CA LEU I 674 -59.44 -46.64 -23.31
C LEU I 674 -58.83 -45.40 -23.90
N GLY I 675 -58.51 -45.41 -25.19
CA GLY I 675 -57.87 -44.28 -25.85
C GLY I 675 -58.82 -43.16 -26.19
N SER I 676 -58.38 -42.31 -27.10
CA SER I 676 -59.14 -41.12 -27.47
C SER I 676 -60.31 -41.52 -28.36
N ASP I 677 -60.95 -40.53 -28.98
CA ASP I 677 -62.07 -40.81 -29.89
C ASP I 677 -61.61 -41.63 -31.08
N VAL I 678 -60.50 -41.23 -31.70
CA VAL I 678 -60.01 -41.94 -32.87
C VAL I 678 -59.68 -43.38 -32.51
N ALA I 679 -59.02 -43.58 -31.37
CA ALA I 679 -58.66 -44.93 -30.96
C ALA I 679 -59.90 -45.79 -30.74
N ARG I 680 -60.93 -45.23 -30.11
CA ARG I 680 -62.14 -46.01 -29.88
C ARG I 680 -62.82 -46.36 -31.19
N ALA I 681 -62.91 -45.39 -32.10
CA ALA I 681 -63.62 -45.64 -33.35
C ALA I 681 -62.96 -46.72 -34.19
N LEU I 682 -61.63 -46.84 -34.10
CA LEU I 682 -60.93 -47.86 -34.87
C LEU I 682 -61.21 -49.26 -34.35
N LEU I 683 -61.75 -49.40 -33.15
CA LEU I 683 -61.92 -50.70 -32.51
C LEU I 683 -63.38 -51.13 -32.56
N GLU I 684 -63.61 -52.42 -32.82
CA GLU I 684 -64.94 -53.00 -32.75
C GLU I 684 -64.81 -54.47 -32.41
N PHE I 685 -65.89 -55.05 -31.89
CA PHE I 685 -65.87 -56.45 -31.48
C PHE I 685 -65.59 -57.35 -32.68
N ALA I 686 -64.66 -58.30 -32.51
CA ALA I 686 -64.35 -59.22 -33.60
C ALA I 686 -65.51 -60.17 -33.85
N GLN I 687 -66.10 -60.70 -32.78
CA GLN I 687 -67.27 -61.55 -32.88
C GLN I 687 -68.52 -60.69 -32.85
N GLY I 688 -69.42 -60.92 -33.81
CA GLY I 688 -70.65 -60.16 -33.92
C GLY I 688 -71.77 -60.76 -33.12
N ARG I 689 -72.94 -60.12 -33.23
CA ARG I 689 -74.16 -60.55 -32.54
C ARG I 689 -75.38 -60.03 -33.30
N PRO I 690 -76.38 -60.86 -33.56
CA PRO I 690 -77.57 -60.39 -34.27
C PRO I 690 -78.30 -59.35 -33.43
N LEU I 691 -78.75 -58.28 -34.10
CA LEU I 691 -79.37 -57.15 -33.42
C LEU I 691 -80.55 -57.60 -32.57
N GLY I 692 -81.42 -58.42 -33.13
CA GLY I 692 -82.60 -58.88 -32.43
C GLY I 692 -83.70 -57.86 -32.50
N PRO I 693 -84.59 -57.86 -31.49
CA PRO I 693 -85.74 -56.95 -31.54
C PRO I 693 -85.38 -55.50 -31.29
N HIS I 694 -84.36 -55.20 -30.50
CA HIS I 694 -84.05 -53.82 -30.15
C HIS I 694 -82.60 -53.44 -30.45
N GLY I 695 -81.87 -54.27 -31.21
CA GLY I 695 -80.48 -53.95 -31.49
C GLY I 695 -80.33 -52.65 -32.27
N LEU I 696 -81.12 -52.48 -33.32
CA LEU I 696 -81.03 -51.28 -34.14
C LEU I 696 -81.46 -50.04 -33.36
N ASP I 697 -82.54 -50.14 -32.57
CA ASP I 697 -82.98 -48.99 -31.79
C ASP I 697 -81.92 -48.57 -30.78
N TRP I 698 -81.26 -49.52 -30.14
CA TRP I 698 -80.17 -49.20 -29.22
C TRP I 698 -78.96 -48.65 -29.97
N LEU I 699 -78.75 -49.06 -31.22
CA LEU I 699 -77.68 -48.45 -32.00
C LEU I 699 -77.99 -46.99 -32.31
N LYS I 700 -79.27 -46.67 -32.57
CA LYS I 700 -79.64 -45.28 -32.82
C LYS I 700 -79.51 -44.45 -31.55
N ILE I 701 -80.00 -44.97 -30.42
CA ILE I 701 -79.83 -44.28 -29.15
C ILE I 701 -78.36 -44.07 -28.85
N HIS I 702 -77.54 -45.07 -29.15
CA HIS I 702 -76.10 -44.96 -28.94
C HIS I 702 -75.48 -43.92 -29.88
N LEU I 703 -76.03 -43.77 -31.09
CA LEU I 703 -75.56 -42.74 -32.01
C LEU I 703 -75.89 -41.35 -31.48
N VAL I 704 -77.11 -41.16 -30.98
CA VAL I 704 -77.49 -39.89 -30.39
C VAL I 704 -76.61 -39.58 -29.18
N ASN I 705 -76.29 -40.61 -28.38
CA ASN I 705 -75.41 -40.41 -27.24
C ASN I 705 -74.01 -39.99 -27.70
N LEU I 706 -73.50 -40.60 -28.77
CA LEU I 706 -72.18 -40.21 -29.28
C LEU I 706 -72.18 -38.79 -29.82
N THR I 707 -73.29 -38.34 -30.41
CA THR I 707 -73.34 -36.95 -30.88
C THR I 707 -73.34 -35.98 -29.72
N GLY I 708 -73.93 -36.37 -28.59
CA GLY I 708 -74.03 -35.48 -27.45
C GLY I 708 -75.03 -34.37 -27.61
N LEU I 709 -75.88 -34.42 -28.64
CA LEU I 709 -76.85 -33.36 -28.87
C LEU I 709 -78.10 -33.51 -28.00
N LYS I 710 -78.38 -34.71 -27.50
CA LYS I 710 -79.57 -34.90 -26.69
C LYS I 710 -79.22 -35.45 -25.32
N LYS I 711 -78.33 -34.75 -24.61
CA LYS I 711 -77.92 -35.20 -23.28
C LYS I 711 -79.09 -35.14 -22.29
N ARG I 712 -79.83 -34.03 -22.28
CA ARG I 712 -80.88 -33.85 -21.30
C ARG I 712 -82.17 -34.58 -21.66
N GLU I 713 -82.36 -34.93 -22.92
CA GLU I 713 -83.63 -35.51 -23.33
C GLU I 713 -83.73 -36.98 -22.92
N PRO I 714 -84.96 -37.49 -22.71
CA PRO I 714 -85.13 -38.91 -22.40
C PRO I 714 -84.80 -39.81 -23.59
N LEU I 715 -84.83 -41.12 -23.37
CA LEU I 715 -84.44 -42.05 -24.43
C LEU I 715 -85.36 -41.96 -25.63
N ARG I 716 -86.67 -41.87 -25.38
CA ARG I 716 -87.62 -41.85 -26.49
C ARG I 716 -87.32 -40.71 -27.45
N LYS I 717 -86.98 -39.53 -26.91
CA LYS I 717 -86.67 -38.40 -27.78
C LYS I 717 -85.31 -38.55 -28.46
N ARG I 718 -84.40 -39.30 -27.87
CA ARG I 718 -83.15 -39.61 -28.58
C ARG I 718 -83.44 -40.47 -29.79
N LEU I 719 -84.25 -41.52 -29.61
CA LEU I 719 -84.59 -42.39 -30.74
C LEU I 719 -85.33 -41.61 -31.83
N ALA I 720 -86.32 -40.80 -31.43
CA ALA I 720 -87.06 -40.01 -32.41
C ALA I 720 -86.14 -39.02 -33.13
N PHE I 721 -85.18 -38.45 -32.40
CA PHE I 721 -84.23 -37.53 -33.03
C PHE I 721 -83.36 -38.24 -34.06
N ALA I 722 -82.92 -39.47 -33.74
CA ALA I 722 -82.18 -40.27 -34.70
C ALA I 722 -83.01 -40.53 -35.95
N GLU I 723 -84.29 -40.89 -35.77
CA GLU I 723 -85.16 -41.06 -36.92
C GLU I 723 -85.33 -39.76 -37.70
N GLU I 724 -85.18 -38.61 -37.02
CA GLU I 724 -85.28 -37.34 -37.72
C GLU I 724 -84.05 -37.08 -38.59
N VAL I 725 -82.86 -37.27 -38.04
CA VAL I 725 -81.64 -36.97 -38.80
C VAL I 725 -81.13 -38.22 -39.49
N MET I 726 -82.02 -39.18 -39.75
CA MET I 726 -81.64 -40.41 -40.44
C MET I 726 -81.00 -40.12 -41.80
N ASP I 727 -81.52 -39.13 -42.53
CA ASP I 727 -80.98 -38.82 -43.85
C ASP I 727 -79.54 -38.33 -43.74
N ASP I 728 -79.25 -37.47 -42.76
CA ASP I 728 -77.88 -37.03 -42.54
C ASP I 728 -76.99 -38.16 -42.04
N ILE I 729 -77.56 -39.13 -41.32
CA ILE I 729 -76.80 -40.30 -40.91
C ILE I 729 -76.35 -41.09 -42.13
N LEU I 730 -77.28 -41.40 -43.03
CA LEU I 730 -76.91 -42.15 -44.23
C LEU I 730 -75.93 -41.37 -45.10
N ASP I 731 -76.15 -40.05 -45.24
CA ASP I 731 -75.20 -39.25 -46.02
C ASP I 731 -73.82 -39.26 -45.40
N SER I 732 -73.75 -39.18 -44.07
CA SER I 732 -72.45 -39.24 -43.42
C SER I 732 -71.81 -40.61 -43.58
N ALA I 733 -72.61 -41.67 -43.66
CA ALA I 733 -72.05 -43.01 -43.81
C ALA I 733 -71.54 -43.26 -45.22
N ASP I 734 -72.26 -42.79 -46.24
CA ASP I 734 -71.90 -43.10 -47.62
C ASP I 734 -70.67 -42.30 -48.06
N GLN I 735 -70.74 -40.96 -47.95
CA GLN I 735 -69.64 -40.06 -48.35
C GLN I 735 -69.19 -39.31 -47.11
N PRO I 736 -68.26 -39.86 -46.35
CA PRO I 736 -67.84 -39.21 -45.09
C PRO I 736 -67.11 -37.90 -45.32
N LEU I 737 -66.18 -37.89 -46.27
CA LEU I 737 -65.35 -36.72 -46.50
C LEU I 737 -65.86 -35.81 -47.60
N THR I 738 -66.78 -36.30 -48.44
CA THR I 738 -67.29 -35.52 -49.55
C THR I 738 -68.77 -35.14 -49.43
N GLY I 739 -69.48 -35.72 -48.46
CA GLY I 739 -70.90 -35.42 -48.28
C GLY I 739 -71.13 -34.14 -47.49
N ARG I 740 -72.22 -34.13 -46.73
CA ARG I 740 -72.55 -32.97 -45.91
C ARG I 740 -71.66 -32.85 -44.69
N LYS I 741 -70.92 -33.90 -44.32
CA LYS I 741 -70.04 -33.87 -43.16
C LYS I 741 -70.83 -33.58 -41.89
N TRP I 742 -71.98 -34.24 -41.74
CA TRP I 742 -72.80 -34.04 -40.55
C TRP I 742 -72.18 -34.67 -39.31
N TRP I 743 -71.41 -35.76 -39.48
CA TRP I 743 -70.78 -36.44 -38.36
C TRP I 743 -69.66 -35.61 -37.75
N MET I 744 -69.03 -34.74 -38.54
CA MET I 744 -67.91 -33.96 -38.03
C MET I 744 -68.34 -32.97 -36.94
N GLY I 745 -69.62 -32.66 -36.83
CA GLY I 745 -70.05 -31.73 -35.80
C GLY I 745 -70.34 -32.35 -34.46
N ALA I 746 -70.41 -33.68 -34.38
CA ALA I 746 -70.76 -34.34 -33.13
C ALA I 746 -69.63 -34.18 -32.11
N GLU I 747 -69.96 -34.51 -30.86
CA GLU I 747 -68.96 -34.45 -29.81
C GLU I 747 -67.88 -35.51 -30.02
N GLU I 748 -68.28 -36.73 -30.35
CA GLU I 748 -67.34 -37.80 -30.67
C GLU I 748 -67.45 -38.08 -32.17
N PRO I 749 -66.70 -37.37 -33.00
CA PRO I 749 -67.00 -37.43 -34.45
C PRO I 749 -66.72 -38.79 -35.08
N TRP I 750 -65.59 -39.42 -34.79
CA TRP I 750 -65.25 -40.68 -35.45
C TRP I 750 -66.15 -41.83 -34.96
N GLN I 751 -66.35 -41.94 -33.65
CA GLN I 751 -67.27 -42.94 -33.12
C GLN I 751 -68.66 -42.75 -33.73
N THR I 752 -69.10 -41.50 -33.85
CA THR I 752 -70.39 -41.24 -34.50
C THR I 752 -70.38 -41.70 -35.94
N LEU I 753 -69.23 -41.56 -36.63
CA LEU I 753 -69.15 -41.98 -38.03
C LEU I 753 -69.29 -43.49 -38.15
N ALA I 754 -68.52 -44.24 -37.35
CA ALA I 754 -68.62 -45.70 -37.38
C ALA I 754 -70.01 -46.15 -37.01
N CYS I 755 -70.61 -45.50 -36.01
CA CYS I 755 -71.97 -45.83 -35.60
C CYS I 755 -72.95 -45.56 -36.74
N CYS I 756 -72.73 -44.50 -37.50
CA CYS I 756 -73.57 -44.20 -38.64
C CYS I 756 -73.44 -45.28 -39.72
N MET I 757 -72.21 -45.78 -39.93
CA MET I 757 -72.03 -46.87 -40.88
C MET I 757 -72.79 -48.12 -40.42
N GLU I 758 -72.70 -48.44 -39.13
CA GLU I 758 -73.38 -49.62 -38.61
C GLU I 758 -74.89 -49.50 -38.77
N VAL I 759 -75.45 -48.36 -38.39
CA VAL I 759 -76.89 -48.16 -38.51
C VAL I 759 -77.32 -48.19 -39.96
N ALA I 760 -76.49 -47.63 -40.86
CA ALA I 760 -76.82 -47.65 -42.28
C ALA I 760 -76.90 -49.08 -42.80
N ASN I 761 -75.90 -49.90 -42.49
CA ASN I 761 -75.93 -51.29 -42.92
C ASN I 761 -77.10 -52.04 -42.29
N ALA I 762 -77.51 -51.66 -41.07
CA ALA I 762 -78.60 -52.35 -40.40
C ALA I 762 -79.94 -52.02 -41.05
N VAL I 763 -80.19 -50.73 -41.32
CA VAL I 763 -81.47 -50.33 -41.90
C VAL I 763 -81.57 -50.76 -43.35
N ARG I 764 -80.43 -50.91 -44.03
CA ARG I 764 -80.48 -51.31 -45.43
C ARG I 764 -80.51 -52.82 -45.63
N ALA I 765 -80.48 -53.61 -44.57
CA ALA I 765 -80.62 -55.05 -44.70
C ALA I 765 -82.08 -55.43 -44.90
N SER I 766 -82.30 -56.61 -45.48
CA SER I 766 -83.66 -57.10 -45.71
C SER I 766 -84.38 -57.39 -44.40
N ASP I 767 -83.68 -57.98 -43.43
CA ASP I 767 -84.21 -58.21 -42.09
C ASP I 767 -83.23 -57.58 -41.10
N PRO I 768 -83.53 -56.37 -40.61
CA PRO I 768 -82.61 -55.75 -39.63
C PRO I 768 -82.47 -56.55 -38.36
N ALA I 769 -83.50 -57.30 -37.98
CA ALA I 769 -83.44 -58.06 -36.73
C ALA I 769 -82.37 -59.14 -36.76
N ALA I 770 -81.94 -59.57 -37.94
CA ALA I 770 -80.94 -60.62 -38.07
C ALA I 770 -79.57 -60.09 -38.44
N TYR I 771 -79.44 -58.79 -38.65
CA TYR I 771 -78.15 -58.21 -39.02
C TYR I 771 -77.16 -58.39 -37.90
N VAL I 772 -76.03 -58.99 -38.20
CA VAL I 772 -75.00 -59.25 -37.19
C VAL I 772 -74.20 -57.97 -36.98
N SER I 773 -74.27 -57.42 -35.77
CA SER I 773 -73.61 -56.17 -35.44
C SER I 773 -72.34 -56.44 -34.63
N HIS I 774 -71.30 -55.67 -34.93
CA HIS I 774 -70.04 -55.74 -34.19
C HIS I 774 -69.76 -54.50 -33.36
N LEU I 775 -70.54 -53.44 -33.52
CA LEU I 775 -70.22 -52.18 -32.86
C LEU I 775 -70.54 -52.27 -31.36
N PRO I 776 -69.61 -51.89 -30.49
CA PRO I 776 -69.91 -51.89 -29.05
C PRO I 776 -70.80 -50.73 -28.67
N VAL I 777 -71.80 -51.02 -27.84
CA VAL I 777 -72.69 -50.01 -27.28
C VAL I 777 -72.23 -49.70 -25.87
N HIS I 778 -72.18 -48.41 -25.54
CA HIS I 778 -71.73 -47.93 -24.24
C HIS I 778 -72.94 -47.58 -23.38
N GLN I 779 -72.84 -47.91 -22.10
CA GLN I 779 -73.78 -47.42 -21.08
C GLN I 779 -72.94 -46.91 -19.93
N ASP I 780 -72.94 -45.61 -19.72
CA ASP I 780 -72.04 -44.98 -18.76
C ASP I 780 -72.84 -44.49 -17.56
N GLY I 781 -72.20 -44.51 -16.40
CA GLY I 781 -72.78 -43.94 -15.20
C GLY I 781 -72.40 -42.49 -15.03
N SER I 782 -73.39 -41.60 -15.04
CA SER I 782 -73.12 -40.17 -14.91
C SER I 782 -72.60 -39.85 -13.51
N CYS I 783 -71.36 -39.37 -13.43
CA CYS I 783 -70.67 -39.06 -12.18
C CYS I 783 -70.70 -40.26 -11.22
N ASN I 784 -69.97 -41.31 -11.63
CA ASN I 784 -70.04 -42.58 -10.93
C ASN I 784 -69.55 -42.47 -9.48
N GLY I 785 -68.57 -41.61 -9.23
CA GLY I 785 -68.09 -41.44 -7.87
C GLY I 785 -69.16 -40.89 -6.93
N LEU I 786 -69.92 -39.90 -7.39
CA LEU I 786 -71.02 -39.36 -6.59
C LEU I 786 -72.15 -40.37 -6.44
N GLN I 787 -72.31 -41.28 -7.41
CA GLN I 787 -73.29 -42.35 -7.28
C GLN I 787 -72.89 -43.31 -6.16
N HIS I 788 -71.60 -43.66 -6.10
CA HIS I 788 -71.14 -44.56 -5.04
C HIS I 788 -71.17 -43.88 -3.67
N TYR I 789 -70.84 -42.59 -3.61
CA TYR I 789 -70.93 -41.86 -2.36
C TYR I 789 -72.37 -41.77 -1.88
N ALA I 790 -73.29 -41.39 -2.78
CA ALA I 790 -74.70 -41.32 -2.40
C ALA I 790 -75.24 -42.68 -1.97
N ALA I 791 -74.76 -43.76 -2.59
CA ALA I 791 -75.19 -45.08 -2.16
C ALA I 791 -74.63 -45.43 -0.79
N LEU I 792 -73.39 -45.02 -0.51
CA LEU I 792 -72.79 -45.28 0.80
C LEU I 792 -73.53 -44.52 1.90
N GLY I 793 -73.82 -43.25 1.67
CA GLY I 793 -74.50 -42.47 2.66
C GLY I 793 -76.01 -42.57 2.63
N ARG I 794 -76.58 -43.30 1.67
CA ARG I 794 -78.02 -43.41 1.50
C ARG I 794 -78.67 -42.03 1.46
N ASP I 795 -77.98 -41.08 0.85
CA ASP I 795 -78.46 -39.71 0.76
C ASP I 795 -79.61 -39.61 -0.23
N SER I 796 -80.73 -39.03 0.21
CA SER I 796 -81.94 -39.00 -0.59
C SER I 796 -81.81 -38.00 -1.75
N VAL I 797 -81.51 -36.74 -1.43
CA VAL I 797 -81.37 -35.71 -2.47
C VAL I 797 -80.21 -36.07 -3.40
N GLY I 798 -79.10 -36.54 -2.85
CA GLY I 798 -77.97 -36.91 -3.68
C GLY I 798 -78.30 -38.05 -4.63
N ALA I 799 -78.97 -39.09 -4.12
CA ALA I 799 -79.39 -40.19 -4.98
C ALA I 799 -80.33 -39.71 -6.08
N ALA I 800 -81.22 -38.76 -5.76
CA ALA I 800 -82.06 -38.19 -6.80
C ALA I 800 -81.24 -37.39 -7.80
N SER I 801 -80.10 -36.86 -7.38
CA SER I 801 -79.28 -36.04 -8.27
C SER I 801 -78.48 -36.87 -9.27
N VAL I 802 -77.96 -38.03 -8.84
CA VAL I 802 -77.09 -38.84 -9.68
C VAL I 802 -77.85 -40.03 -10.23
N ASN I 803 -79.16 -39.86 -10.43
CA ASN I 803 -80.00 -40.84 -11.13
C ASN I 803 -80.06 -42.17 -10.40
N LEU I 804 -80.00 -42.15 -9.07
CA LEU I 804 -80.24 -43.37 -8.31
C LEU I 804 -81.73 -43.60 -8.08
N GLU I 805 -82.52 -42.52 -8.04
CA GLU I 805 -83.96 -42.68 -8.00
C GLU I 805 -84.51 -42.72 -9.43
N PRO I 806 -85.49 -43.59 -9.70
CA PRO I 806 -86.06 -43.67 -11.04
C PRO I 806 -86.70 -42.35 -11.45
N SER I 807 -86.45 -41.94 -12.69
CA SER I 807 -86.98 -40.69 -13.21
C SER I 807 -87.22 -40.83 -14.71
N ASP I 808 -88.23 -40.10 -15.19
CA ASP I 808 -88.53 -40.12 -16.62
C ASP I 808 -87.52 -39.33 -17.43
N VAL I 809 -86.81 -38.40 -16.81
CA VAL I 809 -85.79 -37.61 -17.49
C VAL I 809 -84.48 -37.74 -16.70
N PRO I 810 -83.32 -37.64 -17.36
CA PRO I 810 -82.07 -37.74 -16.61
C PRO I 810 -81.83 -36.51 -15.76
N GLN I 811 -81.43 -36.74 -14.51
CA GLN I 811 -81.19 -35.67 -13.57
C GLN I 811 -79.75 -35.20 -13.63
N ASP I 812 -79.58 -33.89 -13.76
CA ASP I 812 -78.27 -33.26 -13.85
C ASP I 812 -77.92 -32.67 -12.49
N VAL I 813 -76.82 -33.14 -11.90
CA VAL I 813 -76.41 -32.63 -10.59
C VAL I 813 -75.85 -31.22 -10.72
N TYR I 814 -75.18 -30.92 -11.84
CA TYR I 814 -74.57 -29.60 -12.00
C TYR I 814 -75.63 -28.52 -12.08
N SER I 815 -76.73 -28.77 -12.80
CA SER I 815 -77.81 -27.78 -12.89
C SER I 815 -78.49 -27.59 -11.54
N GLY I 816 -78.68 -28.67 -10.78
CA GLY I 816 -79.28 -28.55 -9.46
C GLY I 816 -78.41 -27.75 -8.50
N VAL I 817 -77.10 -28.02 -8.51
CA VAL I 817 -76.18 -27.23 -7.69
C VAL I 817 -76.22 -25.78 -8.11
N ALA I 818 -76.26 -25.51 -9.42
CA ALA I 818 -76.35 -24.13 -9.89
C ALA I 818 -77.60 -23.44 -9.38
N ALA I 819 -78.73 -24.17 -9.36
CA ALA I 819 -79.97 -23.57 -8.86
C ALA I 819 -79.89 -23.31 -7.37
N GLN I 820 -79.30 -24.24 -6.62
CA GLN I 820 -79.15 -24.04 -5.17
C GLN I 820 -78.26 -22.84 -4.86
N VAL I 821 -77.14 -22.71 -5.57
CA VAL I 821 -76.30 -21.52 -5.42
C VAL I 821 -77.05 -20.27 -5.84
N GLU I 822 -77.98 -20.39 -6.78
CA GLU I 822 -78.79 -19.24 -7.17
C GLU I 822 -79.70 -18.80 -6.02
N VAL I 823 -80.38 -19.75 -5.37
CA VAL I 823 -81.28 -19.36 -4.29
C VAL I 823 -80.48 -18.82 -3.09
N PHE I 824 -79.29 -19.38 -2.84
CA PHE I 824 -78.44 -18.80 -1.82
C PHE I 824 -78.02 -17.38 -2.19
N ARG I 825 -77.75 -17.15 -3.49
CA ARG I 825 -77.36 -15.83 -3.95
C ARG I 825 -78.47 -14.82 -3.77
N ARG I 826 -79.72 -15.23 -4.01
CA ARG I 826 -80.84 -14.31 -3.79
C ARG I 826 -81.05 -14.05 -2.30
N GLN I 827 -80.86 -15.08 -1.46
CA GLN I 827 -81.00 -14.89 -0.02
C GLN I 827 -79.98 -13.88 0.50
N ASP I 828 -78.71 -14.06 0.16
CA ASP I 828 -77.69 -13.10 0.57
C ASP I 828 -77.83 -11.77 -0.13
N ALA I 829 -78.48 -11.73 -1.30
CA ALA I 829 -78.71 -10.45 -1.98
C ALA I 829 -79.75 -9.63 -1.24
N GLN I 830 -80.83 -10.27 -0.77
CA GLN I 830 -81.78 -9.57 0.08
C GLN I 830 -81.21 -9.30 1.47
N ARG I 831 -80.23 -10.09 1.90
CA ARG I 831 -79.64 -9.88 3.22
C ARG I 831 -78.80 -8.61 3.26
N GLY I 832 -78.25 -8.19 2.13
CA GLY I 832 -77.38 -7.02 2.07
C GLY I 832 -75.96 -7.31 1.64
N MET I 833 -75.61 -8.56 1.30
CA MET I 833 -74.25 -8.89 0.93
C MET I 833 -73.92 -8.30 -0.44
N ARG I 834 -72.78 -7.62 -0.51
CA ARG I 834 -72.37 -6.98 -1.76
C ARG I 834 -72.04 -8.00 -2.84
N VAL I 835 -71.48 -9.15 -2.47
CA VAL I 835 -71.08 -10.15 -3.46
C VAL I 835 -72.30 -10.76 -4.14
N ALA I 836 -73.37 -11.03 -3.39
CA ALA I 836 -74.54 -11.67 -3.95
C ALA I 836 -75.32 -10.76 -4.90
N GLN I 837 -75.19 -9.44 -4.75
CA GLN I 837 -75.92 -8.52 -5.61
C GLN I 837 -75.31 -8.45 -6.99
N VAL I 838 -73.99 -8.57 -7.10
CA VAL I 838 -73.31 -8.47 -8.39
C VAL I 838 -73.32 -9.79 -9.16
N LEU I 839 -73.58 -10.91 -8.49
CA LEU I 839 -73.64 -12.24 -9.12
C LEU I 839 -74.99 -12.55 -9.74
N GLU I 840 -75.89 -11.57 -9.82
CA GLU I 840 -77.22 -11.79 -10.38
C GLU I 840 -77.11 -12.08 -11.88
N GLY I 841 -77.66 -13.20 -12.31
CA GLY I 841 -77.64 -13.57 -13.71
C GLY I 841 -76.37 -14.24 -14.19
N PHE I 842 -75.46 -14.61 -13.29
CA PHE I 842 -74.22 -15.28 -13.67
C PHE I 842 -74.07 -16.68 -13.10
N ILE I 843 -74.95 -17.11 -12.21
CA ILE I 843 -74.87 -18.45 -11.64
C ILE I 843 -75.29 -19.46 -12.70
N THR I 844 -74.32 -20.07 -13.39
CA THR I 844 -74.58 -21.00 -14.47
C THR I 844 -73.99 -22.36 -14.17
N ARG I 845 -74.29 -23.31 -15.05
CA ARG I 845 -73.78 -24.66 -14.88
C ARG I 845 -72.27 -24.75 -15.12
N LYS I 846 -71.78 -24.05 -16.15
CA LYS I 846 -70.37 -24.15 -16.51
C LYS I 846 -69.46 -23.60 -15.42
N VAL I 847 -69.97 -22.67 -14.59
CA VAL I 847 -69.15 -22.10 -13.52
C VAL I 847 -68.85 -23.15 -12.45
N VAL I 848 -69.83 -23.98 -12.11
CA VAL I 848 -69.69 -24.96 -11.04
C VAL I 848 -69.40 -26.37 -11.54
N LYS I 849 -69.32 -26.56 -12.86
CA LYS I 849 -69.14 -27.91 -13.41
C LYS I 849 -67.85 -28.55 -12.95
N GLN I 850 -66.71 -27.89 -13.19
CA GLN I 850 -65.41 -28.47 -12.85
C GLN I 850 -65.28 -28.69 -11.34
N THR I 851 -65.77 -27.74 -10.54
CA THR I 851 -65.66 -27.87 -9.09
C THR I 851 -66.48 -29.05 -8.56
N VAL I 852 -67.78 -29.06 -8.87
CA VAL I 852 -68.64 -30.14 -8.39
C VAL I 852 -68.14 -31.49 -8.88
N MET I 853 -67.68 -31.55 -10.13
CA MET I 853 -67.19 -32.81 -10.67
C MET I 853 -65.93 -33.27 -9.96
N THR I 854 -65.02 -32.36 -9.68
CA THR I 854 -63.72 -32.71 -9.11
C THR I 854 -63.74 -32.77 -7.60
N VAL I 855 -64.88 -32.52 -6.96
CA VAL I 855 -64.95 -32.59 -5.50
C VAL I 855 -64.64 -34.00 -4.99
N VAL I 856 -65.11 -35.02 -5.72
CA VAL I 856 -64.92 -36.41 -5.30
C VAL I 856 -63.45 -36.77 -5.21
N TYR I 857 -62.60 -36.07 -5.97
CA TYR I 857 -61.16 -36.32 -5.96
C TYR I 857 -60.43 -35.54 -4.88
N GLY I 858 -61.14 -34.79 -4.05
CA GLY I 858 -60.55 -34.07 -2.94
C GLY I 858 -60.45 -32.56 -3.08
N VAL I 859 -61.29 -31.93 -3.92
CA VAL I 859 -61.22 -30.49 -4.11
C VAL I 859 -61.57 -29.78 -2.81
N THR I 860 -60.71 -28.85 -2.39
CA THR I 860 -60.95 -28.02 -1.23
C THR I 860 -61.50 -26.67 -1.68
N ARG I 861 -61.73 -25.78 -0.70
CA ARG I 861 -62.26 -24.47 -1.01
C ARG I 861 -61.28 -23.63 -1.82
N TYR I 862 -59.98 -23.86 -1.65
CA TYR I 862 -58.96 -23.09 -2.37
C TYR I 862 -58.95 -23.46 -3.85
N GLY I 863 -58.84 -24.75 -4.17
CA GLY I 863 -58.83 -25.17 -5.56
C GLY I 863 -60.13 -24.88 -6.26
N GLY I 864 -61.25 -25.10 -5.57
CA GLY I 864 -62.55 -24.73 -6.14
C GLY I 864 -62.66 -23.24 -6.38
N ARG I 865 -62.07 -22.43 -5.49
CA ARG I 865 -62.04 -20.99 -5.70
C ARG I 865 -61.25 -20.64 -6.95
N LEU I 866 -60.14 -21.34 -7.19
CA LEU I 866 -59.35 -21.07 -8.39
C LEU I 866 -60.10 -21.47 -9.65
N GLN I 867 -60.81 -22.60 -9.61
CA GLN I 867 -61.61 -23.03 -10.75
C GLN I 867 -62.74 -22.05 -11.04
N ILE I 868 -63.43 -21.58 -10.00
CA ILE I 868 -64.49 -20.61 -10.18
C ILE I 868 -63.93 -19.30 -10.71
N GLU I 869 -62.72 -18.92 -10.28
CA GLU I 869 -62.05 -17.76 -10.86
C GLU I 869 -61.83 -17.96 -12.35
N LYS I 870 -61.33 -19.13 -12.74
CA LYS I 870 -61.16 -19.44 -14.15
C LYS I 870 -62.48 -19.37 -14.91
N ARG I 871 -63.60 -19.63 -14.23
CA ARG I 871 -64.91 -19.57 -14.88
C ARG I 871 -65.57 -18.20 -14.79
N LEU I 872 -64.98 -17.27 -14.05
CA LEU I 872 -65.51 -15.91 -13.92
C LEU I 872 -64.74 -14.90 -14.76
N ARG I 873 -63.46 -15.17 -15.07
CA ARG I 873 -62.70 -14.18 -15.82
C ARG I 873 -63.09 -14.13 -17.30
N GLU I 874 -63.57 -15.25 -17.86
CA GLU I 874 -63.85 -15.30 -19.29
C GLU I 874 -65.19 -14.71 -19.70
N LEU I 875 -66.06 -14.35 -18.74
CA LEU I 875 -67.40 -13.88 -19.10
C LEU I 875 -67.37 -12.50 -19.75
N SER I 876 -66.38 -11.67 -19.41
CA SER I 876 -66.19 -10.34 -19.99
C SER I 876 -67.31 -9.37 -19.61
N ASP I 877 -68.56 -9.85 -19.59
CA ASP I 877 -69.68 -9.04 -19.16
C ASP I 877 -69.87 -9.08 -17.65
N PHE I 878 -68.86 -9.55 -16.91
CA PHE I 878 -68.82 -9.64 -15.46
C PHE I 878 -67.80 -8.66 -14.88
N PRO I 879 -68.11 -8.01 -13.77
CA PRO I 879 -67.14 -7.06 -13.19
C PRO I 879 -65.86 -7.77 -12.82
N GLN I 880 -64.76 -7.36 -13.45
CA GLN I 880 -63.46 -7.98 -13.18
C GLN I 880 -62.86 -7.55 -11.85
N GLU I 881 -63.53 -6.66 -11.11
CA GLU I 881 -63.07 -6.28 -9.77
C GLU I 881 -63.40 -7.38 -8.76
N PHE I 882 -64.69 -7.62 -8.54
CA PHE I 882 -65.20 -8.56 -7.55
C PHE I 882 -64.76 -10.00 -7.76
N VAL I 883 -63.69 -10.24 -8.51
CA VAL I 883 -63.37 -11.62 -8.91
C VAL I 883 -62.93 -12.44 -7.69
N TRP I 884 -62.11 -11.85 -6.81
CA TRP I 884 -61.63 -12.56 -5.64
C TRP I 884 -62.78 -12.88 -4.68
N GLU I 885 -63.58 -11.87 -4.33
CA GLU I 885 -64.70 -12.08 -3.41
C GLU I 885 -65.75 -12.99 -4.03
N ALA I 886 -66.04 -12.81 -5.32
CA ALA I 886 -67.04 -13.66 -5.96
C ALA I 886 -66.58 -15.10 -6.04
N SER I 887 -65.28 -15.33 -6.26
CA SER I 887 -64.80 -16.71 -6.33
C SER I 887 -64.78 -17.36 -4.95
N HIS I 888 -64.39 -16.60 -3.92
CA HIS I 888 -64.38 -17.13 -2.56
C HIS I 888 -65.81 -17.42 -2.08
N TYR I 889 -66.71 -16.46 -2.28
CA TYR I 889 -68.09 -16.63 -1.88
C TYR I 889 -68.77 -17.74 -2.66
N LEU I 890 -68.47 -17.86 -3.95
CA LEU I 890 -69.08 -18.90 -4.77
C LEU I 890 -68.55 -20.28 -4.41
N VAL I 891 -67.28 -20.41 -4.05
CA VAL I 891 -66.81 -21.73 -3.62
C VAL I 891 -67.39 -22.08 -2.25
N ARG I 892 -67.59 -21.08 -1.39
CA ARG I 892 -68.24 -21.35 -0.11
C ARG I 892 -69.71 -21.77 -0.31
N GLN I 893 -70.38 -21.17 -1.31
CA GLN I 893 -71.78 -21.52 -1.58
C GLN I 893 -71.92 -22.85 -2.31
N VAL I 894 -70.94 -23.22 -3.13
CA VAL I 894 -70.96 -24.55 -3.72
C VAL I 894 -70.71 -25.60 -2.65
N PHE I 895 -69.75 -25.34 -1.76
CA PHE I 895 -69.51 -26.28 -0.66
C PHE I 895 -70.73 -26.40 0.25
N LYS I 896 -71.42 -25.28 0.52
CA LYS I 896 -72.63 -25.33 1.33
C LYS I 896 -73.75 -26.08 0.62
N SER I 897 -73.93 -25.81 -0.68
CA SER I 897 -74.96 -26.50 -1.44
C SER I 897 -74.71 -28.01 -1.43
N LEU I 898 -73.45 -28.42 -1.58
CA LEU I 898 -73.14 -29.83 -1.48
C LEU I 898 -73.28 -30.34 -0.05
N GLN I 899 -73.15 -29.46 0.94
CA GLN I 899 -73.42 -29.84 2.33
C GLN I 899 -74.90 -30.10 2.58
N GLU I 900 -75.78 -29.50 1.77
CA GLU I 900 -77.19 -29.81 1.87
C GLU I 900 -77.60 -31.00 1.00
N MET I 901 -77.13 -31.05 -0.24
CA MET I 901 -77.48 -32.15 -1.13
C MET I 901 -76.79 -33.44 -0.73
N PHE I 902 -75.55 -33.36 -0.27
CA PHE I 902 -74.74 -34.53 0.06
C PHE I 902 -74.19 -34.40 1.49
N SER I 903 -75.08 -34.36 2.47
CA SER I 903 -74.65 -34.26 3.87
C SER I 903 -73.91 -35.52 4.30
N GLY I 904 -74.50 -36.69 4.03
CA GLY I 904 -73.86 -37.94 4.38
C GLY I 904 -72.59 -38.20 3.59
N THR I 905 -72.55 -37.75 2.34
CA THR I 905 -71.35 -37.93 1.52
C THR I 905 -70.18 -37.15 2.12
N ARG I 906 -70.36 -35.86 2.36
CA ARG I 906 -69.30 -35.06 2.95
C ARG I 906 -68.96 -35.52 4.38
N ALA I 907 -69.95 -36.05 5.11
CA ALA I 907 -69.65 -36.64 6.42
C ALA I 907 -68.75 -37.85 6.27
N ILE I 908 -68.98 -38.67 5.24
CA ILE I 908 -68.14 -39.85 5.01
C ILE I 908 -66.74 -39.43 4.54
N GLN I 909 -66.66 -38.43 3.68
CA GLN I 909 -65.36 -37.94 3.23
C GLN I 909 -64.55 -37.40 4.40
N HIS I 910 -65.19 -36.63 5.29
CA HIS I 910 -64.49 -36.11 6.47
C HIS I 910 -64.09 -37.25 7.40
N TRP I 911 -64.93 -38.29 7.50
CA TRP I 911 -64.61 -39.43 8.35
C TRP I 911 -63.39 -40.19 7.84
N LEU I 912 -63.35 -40.47 6.54
CA LEU I 912 -62.19 -41.13 5.96
C LEU I 912 -60.95 -40.24 6.06
N THR I 913 -61.12 -38.93 5.89
CA THR I 913 -59.99 -38.01 5.95
C THR I 913 -59.35 -38.04 7.34
N GLU I 914 -60.16 -37.90 8.38
CA GLU I 914 -59.62 -37.94 9.74
C GLU I 914 -59.06 -39.33 10.08
N SER I 915 -59.76 -40.39 9.67
CA SER I 915 -59.29 -41.74 9.96
C SER I 915 -57.92 -41.98 9.36
N ALA I 916 -57.75 -41.63 8.09
CA ALA I 916 -56.44 -41.78 7.46
C ALA I 916 -55.42 -40.83 8.09
N ARG I 917 -55.87 -39.67 8.54
CA ARG I 917 -54.97 -38.72 9.20
C ARG I 917 -54.36 -39.34 10.45
N LEU I 918 -55.19 -39.94 11.31
CA LEU I 918 -54.65 -40.54 12.52
C LEU I 918 -53.89 -41.82 12.22
N ILE I 919 -54.45 -42.69 11.38
CA ILE I 919 -53.81 -43.97 11.06
C ILE I 919 -52.41 -43.73 10.50
N SER I 920 -52.30 -42.85 9.51
CA SER I 920 -50.98 -42.55 8.96
C SER I 920 -50.13 -41.70 9.90
N HIS I 921 -50.77 -40.97 10.82
CA HIS I 921 -49.99 -40.24 11.84
C HIS I 921 -49.31 -41.19 12.81
N MET I 922 -49.84 -42.40 12.98
CA MET I 922 -49.17 -43.40 13.81
C MET I 922 -47.99 -44.07 13.10
N GLY I 923 -47.64 -43.65 11.89
CA GLY I 923 -46.50 -44.21 11.20
C GLY I 923 -46.75 -45.48 10.43
N SER I 924 -47.97 -45.66 9.91
CA SER I 924 -48.31 -46.83 9.14
C SER I 924 -49.16 -46.42 7.94
N VAL I 925 -48.90 -47.06 6.80
CA VAL I 925 -49.68 -46.75 5.61
C VAL I 925 -51.10 -47.32 5.75
N VAL I 926 -52.03 -46.73 5.00
CA VAL I 926 -53.43 -47.13 5.04
C VAL I 926 -53.63 -48.35 4.15
N GLU I 927 -54.22 -49.40 4.73
CA GLU I 927 -54.53 -50.64 4.03
C GLU I 927 -56.00 -50.96 4.23
N TRP I 928 -56.64 -51.52 3.21
CA TRP I 928 -58.01 -52.00 3.36
C TRP I 928 -58.25 -53.11 2.37
N VAL I 929 -59.45 -53.70 2.43
CA VAL I 929 -59.84 -54.82 1.60
C VAL I 929 -61.18 -54.50 0.96
N THR I 930 -61.28 -54.70 -0.36
CA THR I 930 -62.53 -54.48 -1.07
C THR I 930 -63.55 -55.57 -0.73
N PRO I 931 -64.83 -55.33 -1.02
CA PRO I 931 -65.85 -56.38 -0.78
C PRO I 931 -65.60 -57.66 -1.55
N LEU I 932 -64.69 -57.67 -2.51
CA LEU I 932 -64.35 -58.87 -3.28
C LEU I 932 -63.08 -59.55 -2.79
N GLY I 933 -62.44 -59.02 -1.76
CA GLY I 933 -61.26 -59.64 -1.20
C GLY I 933 -59.94 -59.22 -1.80
N VAL I 934 -59.86 -58.02 -2.36
CA VAL I 934 -58.65 -57.53 -2.99
C VAL I 934 -57.99 -56.54 -2.04
N PRO I 935 -56.73 -56.75 -1.65
CA PRO I 935 -56.07 -55.83 -0.71
C PRO I 935 -55.53 -54.60 -1.43
N VAL I 936 -55.79 -53.43 -0.85
CA VAL I 936 -55.34 -52.16 -1.40
C VAL I 936 -54.49 -51.46 -0.33
N ILE I 937 -53.32 -50.98 -0.75
CA ILE I 937 -52.39 -50.27 0.13
C ILE I 937 -51.99 -48.98 -0.56
N GLN I 938 -51.79 -47.94 0.22
CA GLN I 938 -51.32 -46.70 -0.39
C GLN I 938 -49.82 -46.58 -0.26
N PRO I 939 -49.11 -46.23 -1.33
CA PRO I 939 -47.64 -46.23 -1.30
C PRO I 939 -47.00 -44.90 -0.94
N TYR I 940 -47.74 -43.93 -0.42
CA TYR I 940 -47.20 -42.60 -0.15
C TYR I 940 -46.23 -42.65 1.03
N ARG I 941 -44.94 -42.48 0.73
CA ARG I 941 -43.89 -42.46 1.75
C ARG I 941 -42.95 -41.31 1.43
N LEU I 942 -42.07 -41.01 2.39
CA LEU I 942 -41.11 -39.93 2.25
C LEU I 942 -39.71 -40.43 2.58
N ASP I 943 -38.75 -40.04 1.76
CA ASP I 943 -37.36 -40.44 1.98
C ASP I 943 -36.73 -39.62 3.10
N SER I 965 -36.57 -47.65 7.34
CA SER I 965 -37.44 -47.64 6.17
C SER I 965 -37.96 -46.23 5.90
N ARG I 966 -38.85 -46.13 4.93
CA ARG I 966 -39.43 -44.85 4.52
C ARG I 966 -40.64 -44.52 5.39
N LYS I 967 -40.65 -43.30 5.94
CA LYS I 967 -41.75 -42.88 6.79
C LYS I 967 -42.97 -42.51 5.96
N PRO I 968 -44.18 -42.84 6.41
CA PRO I 968 -45.37 -42.57 5.60
C PRO I 968 -45.62 -41.08 5.44
N ASN I 969 -45.95 -40.68 4.21
CA ASN I 969 -46.33 -39.30 3.91
C ASN I 969 -47.82 -39.16 4.19
N THR I 970 -48.14 -38.76 5.43
CA THR I 970 -49.52 -38.76 5.89
C THR I 970 -50.41 -37.78 5.12
N ARG I 971 -49.83 -36.77 4.48
CA ARG I 971 -50.65 -35.81 3.75
C ARG I 971 -51.28 -36.47 2.53
N LYS I 972 -50.46 -37.11 1.69
CA LYS I 972 -51.01 -37.82 0.53
C LYS I 972 -51.85 -39.02 0.95
N GLN I 973 -51.58 -39.59 2.12
CA GLN I 973 -52.43 -40.67 2.63
C GLN I 973 -53.83 -40.15 2.94
N LYS I 974 -53.91 -39.09 3.74
CA LYS I 974 -55.23 -38.58 4.15
C LYS I 974 -55.96 -37.93 2.99
N ASN I 975 -55.24 -37.32 2.04
CA ASN I 975 -55.92 -36.71 0.91
C ASN I 975 -56.28 -37.72 -0.17
N GLY I 976 -55.53 -38.81 -0.27
CA GLY I 976 -55.76 -39.82 -1.28
C GLY I 976 -56.62 -40.98 -0.86
N PHE I 977 -56.90 -41.12 0.45
CA PHE I 977 -57.66 -42.28 0.90
C PHE I 977 -59.09 -42.30 0.36
N PRO I 978 -59.89 -41.24 0.49
CA PRO I 978 -61.28 -41.30 -0.01
C PRO I 978 -61.34 -41.61 -1.50
N PRO I 979 -60.63 -40.87 -2.37
CA PRO I 979 -60.77 -41.18 -3.81
C PRO I 979 -60.33 -42.59 -4.15
N ASN I 980 -59.25 -43.07 -3.54
CA ASN I 980 -58.82 -44.43 -3.82
C ASN I 980 -59.85 -45.45 -3.36
N PHE I 981 -60.49 -45.19 -2.21
CA PHE I 981 -61.52 -46.11 -1.74
C PHE I 981 -62.72 -46.15 -2.69
N ILE I 982 -63.21 -44.97 -3.09
CA ILE I 982 -64.34 -44.92 -4.01
C ILE I 982 -63.98 -45.61 -5.32
N HIS I 983 -62.77 -45.37 -5.81
CA HIS I 983 -62.34 -46.04 -7.03
C HIS I 983 -62.32 -47.56 -6.86
N SER I 984 -61.89 -48.05 -5.69
CA SER I 984 -61.96 -49.49 -5.46
C SER I 984 -63.40 -49.98 -5.45
N LEU I 985 -64.33 -49.14 -4.99
CA LEU I 985 -65.73 -49.53 -5.00
C LEU I 985 -66.27 -49.67 -6.42
N ASP I 986 -66.05 -48.66 -7.27
CA ASP I 986 -66.54 -48.77 -8.64
C ASP I 986 -65.84 -49.89 -9.39
N SER I 987 -64.59 -50.19 -9.02
CA SER I 987 -63.91 -51.36 -9.57
C SER I 987 -64.63 -52.64 -9.16
N SER I 988 -65.04 -52.75 -7.89
CA SER I 988 -65.77 -53.93 -7.45
C SER I 988 -67.10 -54.06 -8.19
N HIS I 989 -67.82 -52.94 -8.35
CA HIS I 989 -69.08 -52.96 -9.09
C HIS I 989 -68.86 -53.42 -10.52
N MET I 990 -67.84 -52.87 -11.18
CA MET I 990 -67.54 -53.26 -12.55
C MET I 990 -67.21 -54.75 -12.65
N MET I 991 -66.42 -55.26 -11.71
CA MET I 991 -66.06 -56.68 -11.77
C MET I 991 -67.28 -57.57 -11.55
N LEU I 992 -68.15 -57.19 -10.60
CA LEU I 992 -69.36 -57.97 -10.37
C LEU I 992 -70.25 -57.99 -11.61
N THR I 993 -70.46 -56.83 -12.23
CA THR I 993 -71.21 -56.79 -13.47
C THR I 993 -70.57 -57.67 -14.54
N ALA I 994 -69.24 -57.64 -14.63
CA ALA I 994 -68.55 -58.41 -15.67
C ALA I 994 -68.75 -59.91 -15.46
N LEU I 995 -68.56 -60.39 -14.23
CA LEU I 995 -68.71 -61.83 -13.97
C LEU I 995 -70.14 -62.28 -14.20
N HIS I 996 -71.11 -61.57 -13.62
CA HIS I 996 -72.49 -62.01 -13.76
C HIS I 996 -72.99 -61.88 -15.19
N CYS I 997 -72.41 -60.95 -15.97
CA CYS I 997 -72.72 -60.89 -17.38
C CYS I 997 -72.12 -62.07 -18.14
N TYR I 998 -70.93 -62.52 -17.70
CA TYR I 998 -70.33 -63.70 -18.33
C TYR I 998 -71.14 -64.96 -18.06
N ARG I 999 -71.76 -65.06 -16.88
CA ARG I 999 -72.63 -66.21 -16.62
C ARG I 999 -73.85 -66.23 -17.53
N LYS I 1000 -74.23 -65.09 -18.10
CA LYS I 1000 -75.35 -64.99 -19.02
C LYS I 1000 -74.92 -64.96 -20.49
N GLY I 1001 -73.62 -65.09 -20.76
CA GLY I 1001 -73.15 -65.21 -22.13
C GLY I 1001 -73.03 -63.92 -22.90
N LEU I 1002 -72.77 -62.80 -22.23
CA LEU I 1002 -72.62 -61.52 -22.90
C LEU I 1002 -71.15 -61.21 -23.09
N THR I 1003 -70.85 -60.41 -24.10
CA THR I 1003 -69.51 -59.88 -24.28
C THR I 1003 -69.41 -58.53 -23.58
N PHE I 1004 -68.52 -58.43 -22.60
CA PHE I 1004 -68.43 -57.27 -21.71
C PHE I 1004 -67.02 -56.69 -21.76
N VAL I 1005 -66.93 -55.38 -21.97
CA VAL I 1005 -65.70 -54.64 -21.74
C VAL I 1005 -66.06 -53.39 -20.95
N SER I 1006 -65.05 -52.76 -20.37
CA SER I 1006 -65.34 -51.65 -19.48
C SER I 1006 -64.24 -50.60 -19.54
N VAL I 1007 -64.65 -49.35 -19.41
CA VAL I 1007 -63.74 -48.24 -19.15
C VAL I 1007 -64.13 -47.67 -17.80
N HIS I 1008 -63.72 -48.34 -16.73
CA HIS I 1008 -63.92 -47.91 -15.36
C HIS I 1008 -65.41 -47.80 -14.99
N ASP I 1009 -66.14 -46.84 -15.55
CA ASP I 1009 -67.57 -46.71 -15.29
C ASP I 1009 -68.39 -46.71 -16.58
N CYS I 1010 -67.78 -47.05 -17.71
CA CYS I 1010 -68.49 -47.15 -18.99
C CYS I 1010 -68.57 -48.62 -19.35
N TYR I 1011 -69.77 -49.18 -19.31
CA TYR I 1011 -69.97 -50.61 -19.55
C TYR I 1011 -70.39 -50.81 -21.00
N TRP I 1012 -69.55 -51.50 -21.76
CA TRP I 1012 -69.78 -51.74 -23.19
C TRP I 1012 -70.15 -53.19 -23.42
N THR I 1013 -71.16 -53.41 -24.28
CA THR I 1013 -71.59 -54.75 -24.67
C THR I 1013 -72.19 -54.69 -26.06
N HIS I 1014 -72.71 -55.84 -26.52
CA HIS I 1014 -73.37 -55.89 -27.81
C HIS I 1014 -74.72 -55.19 -27.76
N ALA I 1015 -75.15 -54.67 -28.92
CA ALA I 1015 -76.43 -53.98 -28.98
C ALA I 1015 -77.59 -54.91 -28.65
N ALA I 1016 -77.41 -56.22 -28.86
CA ALA I 1016 -78.49 -57.15 -28.60
C ALA I 1016 -78.72 -57.38 -27.12
N ASP I 1017 -77.75 -57.04 -26.28
CA ASP I 1017 -77.80 -57.44 -24.88
C ASP I 1017 -77.76 -56.25 -23.91
N VAL I 1018 -77.88 -55.03 -24.43
CA VAL I 1018 -77.83 -53.85 -23.58
C VAL I 1018 -78.89 -53.93 -22.48
N SER I 1019 -80.13 -54.25 -22.86
CA SER I 1019 -81.20 -54.36 -21.87
C SER I 1019 -80.88 -55.36 -20.78
N VAL I 1020 -80.12 -56.42 -21.10
CA VAL I 1020 -79.72 -57.38 -20.08
C VAL I 1020 -78.66 -56.79 -19.16
N MET I 1021 -77.67 -56.11 -19.75
CA MET I 1021 -76.56 -55.59 -18.96
C MET I 1021 -77.05 -54.61 -17.90
N ASN I 1022 -77.92 -53.68 -18.30
CA ASN I 1022 -78.49 -52.72 -17.37
C ASN I 1022 -79.25 -53.39 -16.24
N GLN I 1023 -79.78 -54.59 -16.48
CA GLN I 1023 -80.44 -55.32 -15.41
C GLN I 1023 -79.43 -55.93 -14.46
N VAL I 1024 -78.27 -56.36 -14.99
CA VAL I 1024 -77.20 -56.86 -14.13
C VAL I 1024 -76.51 -55.69 -13.44
N CYS I 1025 -76.15 -54.66 -14.22
CA CYS I 1025 -75.38 -53.53 -13.70
C CYS I 1025 -76.02 -52.95 -12.45
N ARG I 1026 -77.33 -52.74 -12.48
CA ARG I 1026 -78.03 -52.24 -11.31
C ARG I 1026 -78.08 -53.30 -10.21
N GLU I 1027 -78.42 -54.54 -10.58
CA GLU I 1027 -78.57 -55.60 -9.59
C GLU I 1027 -77.32 -55.71 -8.72
N GLN I 1028 -76.17 -55.95 -9.36
CA GLN I 1028 -74.92 -56.04 -8.62
C GLN I 1028 -74.68 -54.79 -7.80
N PHE I 1029 -74.95 -53.61 -8.36
CA PHE I 1029 -74.80 -52.38 -7.59
C PHE I 1029 -75.62 -52.44 -6.32
N VAL I 1030 -76.90 -52.80 -6.44
CA VAL I 1030 -77.76 -52.91 -5.25
C VAL I 1030 -77.20 -53.96 -4.29
N ARG I 1031 -76.68 -55.07 -4.83
CA ARG I 1031 -76.12 -56.11 -3.98
C ARG I 1031 -74.79 -55.69 -3.38
N LEU I 1032 -74.09 -54.74 -3.99
CA LEU I 1032 -72.80 -54.33 -3.46
C LEU I 1032 -73.00 -53.48 -2.21
N HIS I 1033 -73.68 -52.35 -2.35
CA HIS I 1033 -73.88 -51.44 -1.23
C HIS I 1033 -74.88 -51.96 -0.21
N SER I 1034 -75.57 -53.07 -0.50
CA SER I 1034 -76.43 -53.66 0.50
C SER I 1034 -75.64 -54.22 1.67
N GLU I 1035 -74.39 -54.61 1.44
CA GLU I 1035 -73.56 -55.09 2.52
C GLU I 1035 -72.96 -53.94 3.31
N PRO I 1036 -72.75 -54.13 4.63
CA PRO I 1036 -72.20 -53.03 5.46
C PRO I 1036 -70.76 -52.73 5.11
N ILE I 1037 -70.56 -51.93 4.06
CA ILE I 1037 -69.21 -51.61 3.61
C ILE I 1037 -68.49 -50.77 4.66
N LEU I 1038 -69.16 -49.73 5.16
CA LEU I 1038 -68.53 -48.85 6.13
C LEU I 1038 -68.30 -49.56 7.47
N GLN I 1039 -69.22 -50.47 7.85
CA GLN I 1039 -69.04 -51.21 9.09
C GLN I 1039 -67.87 -52.19 8.97
N ASP I 1040 -67.82 -52.96 7.87
CA ASP I 1040 -66.71 -53.90 7.67
C ASP I 1040 -65.38 -53.17 7.59
N LEU I 1041 -65.35 -52.00 6.94
CA LEU I 1041 -64.14 -51.21 6.88
C LEU I 1041 -63.73 -50.72 8.26
N SER I 1042 -64.69 -50.24 9.05
CA SER I 1042 -64.36 -49.71 10.37
C SER I 1042 -63.84 -50.82 11.29
N ARG I 1043 -64.55 -51.94 11.36
CA ARG I 1043 -64.11 -53.04 12.20
C ARG I 1043 -62.77 -53.59 11.73
N PHE I 1044 -62.54 -53.59 10.42
CA PHE I 1044 -61.24 -54.03 9.90
C PHE I 1044 -60.12 -53.11 10.36
N LEU I 1045 -60.31 -51.81 10.21
CA LEU I 1045 -59.27 -50.87 10.63
C LEU I 1045 -59.07 -50.90 12.14
N VAL I 1046 -60.13 -51.17 12.91
CA VAL I 1046 -60.00 -51.29 14.36
C VAL I 1046 -59.19 -52.53 14.73
N LYS I 1047 -59.44 -53.65 14.06
CA LYS I 1047 -58.68 -54.85 14.35
C LYS I 1047 -57.25 -54.76 13.84
N ARG I 1048 -57.01 -53.93 12.83
CA ARG I 1048 -55.69 -53.86 12.18
C ARG I 1048 -54.76 -52.88 12.87
N PHE I 1049 -55.22 -51.66 13.13
CA PHE I 1049 -54.34 -50.60 13.63
C PHE I 1049 -54.52 -50.29 15.11
N CYS I 1050 -55.62 -50.70 15.71
CA CYS I 1050 -55.87 -50.49 17.14
C CYS I 1050 -55.52 -51.71 17.98
N SER I 1051 -54.37 -52.35 17.67
CA SER I 1051 -53.91 -53.54 18.39
C SER I 1051 -52.61 -53.35 19.16
N GLU I 1052 -51.85 -52.29 18.91
CA GLU I 1052 -50.60 -52.04 19.63
C GLU I 1052 -50.88 -51.62 21.08
N PRO I 1053 -50.43 -52.40 22.07
CA PRO I 1053 -50.83 -52.11 23.46
C PRO I 1053 -50.08 -50.92 24.08
N GLN I 1054 -49.34 -50.19 23.25
CA GLN I 1054 -48.64 -48.98 23.68
C GLN I 1054 -48.04 -48.27 22.47
N LYS I 1055 -48.46 -47.03 22.20
CA LYS I 1055 -49.37 -46.28 23.07
C LYS I 1055 -50.85 -46.55 22.80
N ILE I 1056 -51.63 -46.66 23.89
CA ILE I 1056 -53.07 -46.89 23.80
C ILE I 1056 -53.84 -45.58 23.71
N LEU I 1057 -53.20 -44.44 23.98
CA LEU I 1057 -53.89 -43.16 23.82
C LEU I 1057 -54.30 -42.94 22.37
N GLU I 1058 -53.35 -43.09 21.43
CA GLU I 1058 -53.68 -42.95 20.02
C GLU I 1058 -54.54 -44.10 19.52
N ALA I 1059 -54.41 -45.27 20.14
CA ALA I 1059 -55.28 -46.40 19.80
C ALA I 1059 -56.71 -46.16 20.26
N SER I 1060 -56.89 -45.37 21.31
CA SER I 1060 -58.20 -45.08 21.89
C SER I 1060 -58.89 -43.91 21.20
N GLN I 1061 -58.14 -42.87 20.85
CA GLN I 1061 -58.73 -41.80 20.05
C GLN I 1061 -58.98 -42.29 18.62
N LEU I 1062 -58.07 -43.10 18.08
CA LEU I 1062 -58.27 -43.68 16.76
C LEU I 1062 -59.41 -44.68 16.77
N LYS I 1063 -59.50 -45.51 17.82
CA LYS I 1063 -60.65 -46.39 17.95
C LYS I 1063 -61.94 -45.60 18.14
N GLU I 1064 -61.84 -44.41 18.73
CA GLU I 1064 -63.02 -43.55 18.88
C GLU I 1064 -63.49 -43.03 17.54
N THR I 1065 -62.56 -42.59 16.68
CA THR I 1065 -62.96 -42.02 15.40
C THR I 1065 -63.37 -43.11 14.41
N LEU I 1066 -62.68 -44.26 14.42
CA LEU I 1066 -63.00 -45.32 13.48
C LEU I 1066 -64.39 -45.89 13.73
N GLN I 1067 -64.76 -46.06 15.00
CA GLN I 1067 -66.08 -46.55 15.34
C GLN I 1067 -67.17 -45.49 15.18
N ALA I 1068 -66.80 -44.24 14.91
CA ALA I 1068 -67.77 -43.16 14.69
C ALA I 1068 -68.21 -43.14 13.22
N VAL I 1069 -68.80 -44.25 12.81
CA VAL I 1069 -69.27 -44.39 11.42
C VAL I 1069 -70.50 -43.51 11.22
N PRO I 1070 -70.55 -42.70 10.16
CA PRO I 1070 -71.71 -41.85 9.93
C PRO I 1070 -72.99 -42.66 9.71
N LYS I 1071 -74.10 -42.16 10.26
CA LYS I 1071 -75.37 -42.86 10.15
C LYS I 1071 -75.92 -42.73 8.73
N PRO I 1072 -76.52 -43.78 8.19
CA PRO I 1072 -77.02 -43.72 6.82
C PRO I 1072 -78.24 -42.81 6.70
N GLY I 1073 -78.60 -42.51 5.45
CA GLY I 1073 -79.73 -41.68 5.14
C GLY I 1073 -81.01 -42.46 4.98
N ALA I 1074 -81.97 -41.84 4.30
CA ALA I 1074 -83.29 -42.43 4.13
C ALA I 1074 -83.50 -43.06 2.76
N PHE I 1075 -82.54 -42.94 1.85
CA PHE I 1075 -82.73 -43.47 0.50
C PHE I 1075 -82.79 -44.99 0.52
N ASP I 1076 -83.76 -45.53 -0.23
CA ASP I 1076 -83.91 -46.97 -0.40
C ASP I 1076 -83.09 -47.42 -1.60
N LEU I 1077 -82.15 -48.34 -1.38
CA LEU I 1077 -81.24 -48.73 -2.44
C LEU I 1077 -81.95 -49.47 -3.57
N GLU I 1078 -83.04 -50.19 -3.25
CA GLU I 1078 -83.75 -50.97 -4.27
C GLU I 1078 -84.23 -50.11 -5.42
N GLN I 1079 -84.45 -48.81 -5.17
CA GLN I 1079 -84.89 -47.91 -6.24
C GLN I 1079 -83.95 -47.94 -7.43
N VAL I 1080 -82.66 -48.22 -7.19
CA VAL I 1080 -81.68 -48.25 -8.28
C VAL I 1080 -82.07 -49.26 -9.35
N LYS I 1081 -82.78 -50.32 -8.97
CA LYS I 1081 -83.17 -51.32 -9.95
C LYS I 1081 -84.15 -50.78 -10.97
N ARG I 1082 -84.87 -49.71 -10.65
CA ARG I 1082 -85.88 -49.15 -11.55
C ARG I 1082 -85.46 -47.83 -12.17
N SER I 1083 -84.23 -47.39 -11.94
CA SER I 1083 -83.75 -46.14 -12.52
C SER I 1083 -83.32 -46.37 -13.96
N THR I 1084 -84.01 -45.70 -14.90
CA THR I 1084 -83.67 -45.88 -16.30
C THR I 1084 -82.33 -45.24 -16.64
N TYR I 1085 -82.06 -44.04 -16.11
CA TYR I 1085 -80.90 -43.26 -16.50
C TYR I 1085 -79.76 -43.38 -15.49
N PHE I 1086 -79.79 -44.39 -14.63
CA PHE I 1086 -78.65 -44.67 -13.75
C PHE I 1086 -77.41 -44.96 -14.57
N PHE I 1087 -77.54 -45.80 -15.58
CA PHE I 1087 -76.49 -46.06 -16.57
C PHE I 1087 -77.12 -45.89 -17.95
N SER I 1088 -76.85 -44.76 -18.59
CA SER I 1088 -77.43 -44.45 -19.89
C SER I 1088 -76.47 -43.61 -20.72
#